data_1JNV
#
_entry.id   1JNV
#
_cell.length_a   180.683
_cell.length_b   197.517
_cell.length_c   237.896
_cell.angle_alpha   90.00
_cell.angle_beta   90.00
_cell.angle_gamma   90.00
#
_symmetry.space_group_name_H-M   'C 2 2 21'
#
loop_
_entity.id
_entity.type
_entity.pdbx_description
1 polymer 'ATP SYNTHASE ALPHA CHAIN'
2 polymer 'ATP SYNTHASE BETA CHAIN'
3 polymer 'ATP SYNTHASE EPSILON CHAIN'
4 polymer 'ATP SYNTHASE GAMMA CHAIN'
#
loop_
_entity_poly.entity_id
_entity_poly.type
_entity_poly.pdbx_seq_one_letter_code
_entity_poly.pdbx_strand_id
1 'polypeptide(L)'
;(UNK)(UNK)(UNK)(UNK)(UNK)(UNK)(UNK)(UNK)(UNK)(UNK)(UNK)(UNK)(UNK)(UNK)(UNK)(UNK)
(UNK)(UNK)(UNK)(UNK)(UNK)(UNK)(UNK)(UNK)(UNK)(UNK)(UNK)(UNK)(UNK)(UNK)(UNK)(UNK)
(UNK)(UNK)(UNK)(UNK)(UNK)(UNK)(UNK)(UNK)(UNK)(UNK)(UNK)(UNK)(UNK)(UNK)(UNK)(UNK)
(UNK)(UNK)(UNK)(UNK)(UNK)(UNK)(UNK)(UNK)(UNK)(UNK)(UNK)(UNK)(UNK)(UNK)(UNK)(UNK)
(UNK)(UNK)(UNK)(UNK)(UNK)(UNK)(UNK)(UNK)(UNK)(UNK)(UNK)(UNK)(UNK)(UNK)(UNK)(UNK)
(UNK)(UNK)(UNK)(UNK)(UNK)(UNK)(UNK)(UNK)(UNK)(UNK)(UNK)(UNK)(UNK)(UNK)(UNK)(UNK)
(UNK)(UNK)(UNK)(UNK)(UNK)(UNK)(UNK)(UNK)(UNK)(UNK)(UNK)(UNK)(UNK)(UNK)(UNK)(UNK)
(UNK)(UNK)(UNK)(UNK)(UNK)(UNK)(UNK)(UNK)(UNK)(UNK)(UNK)(UNK)(UNK)(UNK)(UNK)(UNK)
(UNK)(UNK)(UNK)(UNK)(UNK)(UNK)(UNK)(UNK)(UNK)(UNK)(UNK)(UNK)(UNK)(UNK)(UNK)(UNK)
(UNK)(UNK)(UNK)(UNK)(UNK)(UNK)(UNK)(UNK)(UNK)(UNK)(UNK)(UNK)(UNK)(UNK)(UNK)(UNK)
(UNK)(UNK)(UNK)(UNK)(UNK)(UNK)(UNK)(UNK)(UNK)(UNK)(UNK)(UNK)(UNK)(UNK)(UNK)(UNK)
(UNK)(UNK)(UNK)(UNK)(UNK)(UNK)(UNK)(UNK)(UNK)(UNK)(UNK)(UNK)(UNK)(UNK)(UNK)(UNK)
(UNK)(UNK)(UNK)(UNK)(UNK)(UNK)(UNK)(UNK)(UNK)(UNK)(UNK)(UNK)(UNK)(UNK)(UNK)(UNK)
(UNK)(UNK)(UNK)(UNK)(UNK)(UNK)(UNK)(UNK)(UNK)(UNK)(UNK)(UNK)(UNK)(UNK)(UNK)(UNK)
(UNK)(UNK)(UNK)(UNK)(UNK)(UNK)(UNK)(UNK)(UNK)(UNK)(UNK)(UNK)(UNK)(UNK)(UNK)(UNK)
(UNK)(UNK)(UNK)(UNK)(UNK)(UNK)(UNK)(UNK)(UNK)(UNK)(UNK)(UNK)(UNK)(UNK)(UNK)(UNK)
(UNK)(UNK)(UNK)(UNK)(UNK)(UNK)(UNK)(UNK)(UNK)(UNK)(UNK)(UNK)(UNK)(UNK)(UNK)(UNK)
(UNK)(UNK)(UNK)(UNK)(UNK)(UNK)(UNK)(UNK)(UNK)(UNK)(UNK)(UNK)(UNK)(UNK)(UNK)(UNK)
(UNK)(UNK)(UNK)(UNK)(UNK)(UNK)(UNK)(UNK)(UNK)(UNK)(UNK)(UNK)(UNK)(UNK)(UNK)(UNK)
(UNK)(UNK)(UNK)(UNK)(UNK)(UNK)(UNK)(UNK)(UNK)(UNK)(UNK)(UNK)(UNK)(UNK)(UNK)(UNK)
(UNK)(UNK)(UNK)(UNK)(UNK)(UNK)(UNK)(UNK)(UNK)(UNK)(UNK)(UNK)(UNK)(UNK)(UNK)(UNK)
(UNK)(UNK)(UNK)(UNK)(UNK)(UNK)(UNK)(UNK)(UNK)(UNK)(UNK)(UNK)(UNK)(UNK)(UNK)(UNK)
(UNK)(UNK)(UNK)(UNK)(UNK)(UNK)(UNK)(UNK)(UNK)(UNK)(UNK)(UNK)(UNK)(UNK)(UNK)(UNK)
(UNK)(UNK)(UNK)(UNK)(UNK)(UNK)(UNK)(UNK)(UNK)(UNK)(UNK)(UNK)(UNK)(UNK)(UNK)(UNK)
(UNK)(UNK)(UNK)(UNK)(UNK)(UNK)(UNK)(UNK)(UNK)(UNK)(UNK)(UNK)(UNK)(UNK)(UNK)(UNK)
(UNK)(UNK)(UNK)(UNK)(UNK)(UNK)(UNK)(UNK)(UNK)(UNK)(UNK)(UNK)(UNK)(UNK)(UNK)(UNK)
(UNK)(UNK)(UNK)(UNK)(UNK)(UNK)(UNK)(UNK)(UNK)(UNK)(UNK)(UNK)(UNK)(UNK)(UNK)(UNK)
(UNK)(UNK)(UNK)(UNK)(UNK)(UNK)(UNK)(UNK)(UNK)(UNK)(UNK)(UNK)(UNK)(UNK)(UNK)(UNK)
(UNK)(UNK)(UNK)(UNK)(UNK)(UNK)(UNK)(UNK)(UNK)(UNK)(UNK)(UNK)(UNK)(UNK)(UNK)(UNK)
(UNK)(UNK)(UNK)(UNK)(UNK)(UNK)(UNK)(UNK)(UNK)(UNK)(UNK)(UNK)(UNK)(UNK)(UNK)(UNK)
(UNK)(UNK)(UNK)(UNK)(UNK)(UNK)(UNK)(UNK)(UNK)(UNK)(UNK)(UNK)
;
A,B,C
2 'polypeptide(L)'
;(UNK)(UNK)(UNK)(UNK)(UNK)(UNK)(UNK)(UNK)(UNK)(UNK)(UNK)(UNK)(UNK)(UNK)(UNK)(UNK)
(UNK)(UNK)(UNK)(UNK)(UNK)(UNK)(UNK)(UNK)(UNK)(UNK)(UNK)(UNK)(UNK)(UNK)(UNK)(UNK)
(UNK)(UNK)(UNK)(UNK)(UNK)(UNK)(UNK)(UNK)(UNK)(UNK)(UNK)(UNK)(UNK)(UNK)(UNK)(UNK)
(UNK)(UNK)(UNK)(UNK)(UNK)(UNK)(UNK)(UNK)(UNK)(UNK)(UNK)(UNK)(UNK)(UNK)(UNK)(UNK)
(UNK)(UNK)(UNK)(UNK)(UNK)(UNK)(UNK)(UNK)(UNK)(UNK)(UNK)(UNK)(UNK)(UNK)(UNK)(UNK)
(UNK)(UNK)(UNK)(UNK)(UNK)(UNK)(UNK)(UNK)(UNK)(UNK)(UNK)(UNK)(UNK)(UNK)(UNK)(UNK)
(UNK)(UNK)(UNK)(UNK)(UNK)(UNK)(UNK)(UNK)(UNK)(UNK)(UNK)(UNK)(UNK)(UNK)(UNK)(UNK)
(UNK)(UNK)(UNK)(UNK)(UNK)(UNK)(UNK)(UNK)(UNK)(UNK)(UNK)(UNK)(UNK)(UNK)(UNK)(UNK)
(UNK)(UNK)(UNK)(UNK)(UNK)(UNK)(UNK)(UNK)(UNK)(UNK)(UNK)(UNK)(UNK)(UNK)(UNK)(UNK)
(UNK)(UNK)(UNK)(UNK)(UNK)(UNK)(UNK)(UNK)(UNK)(UNK)(UNK)(UNK)(UNK)(UNK)(UNK)(UNK)
(UNK)(UNK)(UNK)(UNK)(UNK)(UNK)(UNK)(UNK)(UNK)(UNK)(UNK)(UNK)(UNK)(UNK)(UNK)(UNK)
(UNK)(UNK)(UNK)(UNK)(UNK)(UNK)(UNK)(UNK)(UNK)(UNK)(UNK)(UNK)(UNK)(UNK)(UNK)(UNK)
(UNK)(UNK)(UNK)(UNK)(UNK)(UNK)(UNK)(UNK)(UNK)(UNK)(UNK)(UNK)(UNK)(UNK)(UNK)(UNK)
(UNK)(UNK)(UNK)(UNK)(UNK)(UNK)(UNK)(UNK)(UNK)(UNK)(UNK)(UNK)(UNK)(UNK)(UNK)(UNK)
(UNK)(UNK)(UNK)(UNK)(UNK)(UNK)(UNK)(UNK)(UNK)(UNK)(UNK)(UNK)(UNK)(UNK)(UNK)(UNK)
(UNK)(UNK)(UNK)(UNK)(UNK)(UNK)(UNK)(UNK)(UNK)(UNK)(UNK)(UNK)(UNK)(UNK)(UNK)(UNK)
(UNK)(UNK)(UNK)(UNK)(UNK)(UNK)(UNK)(UNK)(UNK)(UNK)(UNK)(UNK)(UNK)(UNK)(UNK)(UNK)
(UNK)(UNK)(UNK)(UNK)(UNK)(UNK)(UNK)(UNK)(UNK)(UNK)(UNK)(UNK)(UNK)(UNK)(UNK)(UNK)
(UNK)(UNK)(UNK)(UNK)(UNK)(UNK)(UNK)(UNK)(UNK)(UNK)(UNK)(UNK)(UNK)(UNK)(UNK)(UNK)
(UNK)(UNK)(UNK)(UNK)(UNK)(UNK)(UNK)(UNK)(UNK)(UNK)(UNK)(UNK)(UNK)(UNK)(UNK)(UNK)
(UNK)(UNK)(UNK)(UNK)(UNK)(UNK)(UNK)(UNK)(UNK)(UNK)(UNK)(UNK)(UNK)(UNK)(UNK)(UNK)
(UNK)(UNK)(UNK)(UNK)(UNK)(UNK)(UNK)(UNK)(UNK)(UNK)(UNK)(UNK)(UNK)(UNK)(UNK)(UNK)
(UNK)(UNK)(UNK)(UNK)(UNK)(UNK)(UNK)(UNK)(UNK)(UNK)(UNK)(UNK)(UNK)(UNK)(UNK)(UNK)
(UNK)(UNK)(UNK)(UNK)(UNK)(UNK)(UNK)(UNK)(UNK)(UNK)(UNK)(UNK)(UNK)(UNK)(UNK)(UNK)
(UNK)(UNK)(UNK)(UNK)(UNK)(UNK)(UNK)(UNK)(UNK)(UNK)(UNK)(UNK)(UNK)(UNK)(UNK)(UNK)
(UNK)(UNK)(UNK)(UNK)(UNK)(UNK)(UNK)(UNK)(UNK)(UNK)(UNK)(UNK)(UNK)(UNK)(UNK)(UNK)
(UNK)(UNK)(UNK)(UNK)(UNK)(UNK)(UNK)(UNK)(UNK)(UNK)(UNK)(UNK)(UNK)(UNK)(UNK)(UNK)
(UNK)(UNK)(UNK)(UNK)(UNK)(UNK)(UNK)(UNK)(UNK)(UNK)(UNK)(UNK)(UNK)(UNK)(UNK)(UNK)
(UNK)(UNK)(UNK)(UNK)(UNK)(UNK)(UNK)(UNK)(UNK)(UNK)(UNK)(UNK)(UNK)(UNK)(UNK)(UNK)
(UNK)(UNK)(UNK)
;
D,E,F
3 'polypeptide(L)'
;(UNK)(UNK)(UNK)(UNK)(UNK)(UNK)(UNK)(UNK)(UNK)(UNK)(UNK)(UNK)(UNK)(UNK)(UNK)(UNK)
(UNK)(UNK)(UNK)(UNK)(UNK)(UNK)(UNK)(UNK)(UNK)(UNK)(UNK)(UNK)(UNK)(UNK)(UNK)(UNK)
(UNK)(UNK)(UNK)(UNK)(UNK)(UNK)(UNK)(UNK)(UNK)(UNK)(UNK)(UNK)(UNK)(UNK)(UNK)(UNK)
(UNK)(UNK)(UNK)(UNK)(UNK)(UNK)(UNK)(UNK)(UNK)(UNK)(UNK)(UNK)(UNK)(UNK)(UNK)(UNK)
(UNK)(UNK)(UNK)(UNK)(UNK)(UNK)(UNK)(UNK)(UNK)(UNK)(UNK)(UNK)(UNK)(UNK)(UNK)(UNK)
(UNK)(UNK)(UNK)(UNK)(UNK)(UNK)(UNK)(UNK)(UNK)(UNK)(UNK)(UNK)(UNK)(UNK)(UNK)(UNK)
(UNK)(UNK)(UNK)(UNK)(UNK)(UNK)(UNK)(UNK)(UNK)(UNK)(UNK)(UNK)(UNK)(UNK)(UNK)(UNK)
(UNK)(UNK)(UNK)(UNK)(UNK)(UNK)(UNK)(UNK)(UNK)(UNK)(UNK)(UNK)(UNK)(UNK)(UNK)(UNK)
(UNK)(UNK)(UNK)(UNK)(UNK)(UNK)(UNK)
;
Y
4 'polypeptide(L)'
;(UNK)(UNK)(UNK)(UNK)(UNK)(UNK)(UNK)(UNK)(UNK)(UNK)(UNK)(UNK)(UNK)(UNK)(UNK)(UNK)
(UNK)(UNK)(UNK)(UNK)(UNK)(UNK)(UNK)(UNK)(UNK)(UNK)(UNK)(UNK)(UNK)(UNK)(UNK)(UNK)
(UNK)(UNK)(UNK)(UNK)(UNK)(UNK)(UNK)(UNK)(UNK)(UNK)(UNK)(UNK)(UNK)(UNK)(UNK)(UNK)
(UNK)(UNK)(UNK)(UNK)(UNK)(UNK)(UNK)(UNK)(UNK)(UNK)(UNK)(UNK)(UNK)(UNK)(UNK)(UNK)
(UNK)(UNK)(UNK)(UNK)(UNK)(UNK)(UNK)(UNK)(UNK)(UNK)(UNK)(UNK)(UNK)(UNK)(UNK)(UNK)
(UNK)(UNK)(UNK)(UNK)(UNK)(UNK)(UNK)(UNK)(UNK)(UNK)(UNK)(UNK)(UNK)(UNK)(UNK)(UNK)
(UNK)(UNK)(UNK)(UNK)(UNK)(UNK)(UNK)(UNK)(UNK)(UNK)(UNK)(UNK)(UNK)(UNK)(UNK)(UNK)
(UNK)(UNK)(UNK)(UNK)(UNK)(UNK)(UNK)(UNK)(UNK)(UNK)(UNK)(UNK)(UNK)(UNK)(UNK)(UNK)
(UNK)(UNK)(UNK)(UNK)(UNK)(UNK)(UNK)(UNK)(UNK)(UNK)(UNK)(UNK)(UNK)(UNK)(UNK)(UNK)
(UNK)(UNK)(UNK)(UNK)(UNK)(UNK)(UNK)(UNK)(UNK)(UNK)(UNK)(UNK)(UNK)(UNK)(UNK)(UNK)
(UNK)(UNK)(UNK)(UNK)(UNK)(UNK)(UNK)(UNK)(UNK)(UNK)(UNK)(UNK)(UNK)(UNK)(UNK)(UNK)
(UNK)(UNK)(UNK)(UNK)(UNK)(UNK)(UNK)(UNK)(UNK)(UNK)(UNK)(UNK)(UNK)(UNK)(UNK)(UNK)
(UNK)(UNK)(UNK)(UNK)(UNK)(UNK)(UNK)(UNK)(UNK)(UNK)(UNK)(UNK)(UNK)(UNK)(UNK)(UNK)
(UNK)(UNK)(UNK)(UNK)(UNK)(UNK)(UNK)(UNK)(UNK)(UNK)(UNK)(UNK)(UNK)(UNK)(UNK)(UNK)
(UNK)(UNK)(UNK)(UNK)(UNK)(UNK)(UNK)(UNK)(UNK)(UNK)(UNK)(UNK)(UNK)(UNK)(UNK)(UNK)
(UNK)(UNK)(UNK)(UNK)(UNK)(UNK)(UNK)(UNK)(UNK)(UNK)(UNK)(UNK)(UNK)(UNK)(UNK)(UNK)
(UNK)(UNK)(UNK)(UNK)(UNK)(UNK)(UNK)(UNK)(UNK)(UNK)(UNK)(UNK)(UNK)(UNK)(UNK)(UNK)
(UNK)(UNK)(UNK)(UNK)(UNK)(UNK)(UNK)(UNK)(UNK)(UNK)(UNK)(UNK)(UNK)(UNK)(UNK)
;
Z
#
# COMPACT_ATOMS: atom_id res chain seq x y z
N UNK A 6 40.94 -20.71 37.54
CA UNK A 6 41.41 -20.74 36.15
C UNK A 6 40.43 -20.03 35.23
N UNK A 7 40.71 -18.81 34.80
CA UNK A 7 39.77 -18.13 33.91
C UNK A 7 40.15 -18.33 32.46
N UNK A 8 41.15 -19.19 32.24
CA UNK A 8 41.55 -19.35 30.84
C UNK A 8 40.84 -20.51 30.15
N UNK A 9 40.69 -21.58 30.93
CA UNK A 9 40.05 -22.75 30.33
C UNK A 9 38.68 -22.97 30.92
N UNK A 10 38.34 -22.13 31.91
CA UNK A 10 36.98 -22.31 32.44
C UNK A 10 36.35 -20.96 32.75
N UNK A 11 35.02 -20.92 32.89
CA UNK A 11 34.40 -19.63 33.21
C UNK A 11 33.30 -19.81 34.25
N UNK A 12 32.74 -18.69 34.69
CA UNK A 12 31.66 -18.69 35.66
C UNK A 12 30.47 -17.93 35.03
N UNK A 13 29.26 -18.44 35.22
CA UNK A 13 28.07 -17.77 34.66
C UNK A 13 27.81 -16.47 35.42
N UNK A 14 27.67 -15.37 34.67
CA UNK A 14 27.39 -14.08 35.30
C UNK A 14 25.88 -13.88 35.39
N UNK A 15 25.16 -14.39 34.38
CA UNK A 15 23.72 -14.26 34.31
C UNK A 15 23.20 -15.27 33.29
N UNK A 16 22.01 -15.77 33.52
CA UNK A 16 21.41 -16.74 32.60
C UNK A 16 19.92 -16.47 32.39
N UNK A 17 19.51 -16.42 31.12
CA UNK A 17 18.11 -16.16 30.83
C UNK A 17 17.83 -16.29 29.33
N UNK A 18 16.58 -16.64 29.04
CA UNK A 18 16.10 -16.81 27.68
C UNK A 18 17.09 -17.64 26.88
N UNK A 19 17.69 -18.63 27.54
CA UNK A 19 18.62 -19.52 26.91
C UNK A 19 19.98 -18.96 26.53
N UNK A 20 20.27 -17.75 26.96
CA UNK A 20 21.58 -17.15 26.66
C UNK A 20 22.37 -17.18 27.96
N UNK A 21 23.58 -17.72 27.93
CA UNK A 21 24.37 -17.76 29.17
C UNK A 21 25.46 -16.71 29.00
N UNK A 22 25.77 -15.95 30.04
CA UNK A 22 26.83 -14.93 29.81
C UNK A 22 27.95 -15.31 30.77
N UNK A 23 28.96 -15.99 30.20
CA UNK A 23 30.07 -16.47 30.97
C UNK A 23 31.25 -15.51 31.04
N UNK A 24 31.81 -15.45 32.23
CA UNK A 24 32.98 -14.68 32.57
C UNK A 24 34.18 -15.64 32.56
N UNK A 25 35.26 -15.34 31.85
CA UNK A 25 36.41 -16.25 31.83
C UNK A 25 36.41 -16.94 30.47
N UNK A 26 36.80 -18.20 30.38
CA UNK A 26 36.83 -18.89 29.08
C UNK A 26 37.70 -18.12 28.08
N UNK A 27 38.75 -17.50 28.60
CA UNK A 27 39.62 -16.71 27.76
C UNK A 27 40.14 -17.41 26.54
N UNK A 28 40.25 -18.73 26.58
CA UNK A 28 40.78 -19.38 25.39
C UNK A 28 39.76 -19.89 24.40
N UNK A 29 38.45 -19.77 24.62
CA UNK A 29 37.52 -20.30 23.65
C UNK A 29 37.57 -19.74 22.23
N UNK A 30 37.31 -20.64 21.28
CA UNK A 30 37.29 -20.23 19.88
C UNK A 30 35.83 -19.94 19.54
N UNK A 31 35.56 -19.21 18.48
CA UNK A 31 34.22 -18.89 18.02
C UNK A 31 33.44 -20.16 17.70
N UNK A 32 32.18 -20.28 18.09
CA UNK A 32 31.39 -21.46 17.85
C UNK A 32 31.88 -22.72 18.59
N UNK A 33 32.68 -22.65 19.62
CA UNK A 33 33.17 -23.84 20.31
C UNK A 33 32.13 -24.40 21.27
N UNK A 34 32.12 -25.73 21.41
CA UNK A 34 31.17 -26.36 22.33
C UNK A 34 31.69 -26.28 23.75
N UNK A 35 30.88 -25.80 24.69
CA UNK A 35 31.44 -25.75 26.06
C UNK A 35 30.49 -26.51 26.95
N UNK A 36 30.84 -26.72 28.22
CA UNK A 36 29.95 -27.49 29.09
C UNK A 36 29.67 -26.87 30.44
N UNK A 37 28.40 -26.79 30.79
CA UNK A 37 27.99 -26.22 32.09
C UNK A 37 28.08 -27.33 33.13
N UNK A 38 28.30 -26.96 34.39
CA UNK A 38 28.38 -27.94 35.47
C UNK A 38 27.33 -29.04 35.25
N UNK A 39 26.06 -28.70 35.36
CA UNK A 39 24.95 -29.59 35.20
C UNK A 39 25.06 -30.61 34.10
N UNK A 40 25.96 -30.44 33.13
CA UNK A 40 26.11 -31.42 32.03
C UNK A 40 25.60 -30.88 30.71
N UNK A 41 24.84 -29.79 30.78
CA UNK A 41 24.32 -29.20 29.55
C UNK A 41 25.47 -28.65 28.72
N UNK A 42 25.32 -28.80 27.40
CA UNK A 42 26.28 -28.25 26.47
C UNK A 42 25.76 -26.84 26.09
N UNK A 43 26.61 -26.11 25.41
CA UNK A 43 26.31 -24.76 24.93
C UNK A 43 27.37 -24.46 23.85
N UNK A 44 27.07 -23.54 22.95
CA UNK A 44 27.99 -23.18 21.88
C UNK A 44 28.32 -21.69 21.99
N UNK A 45 29.59 -21.31 21.95
CA UNK A 45 29.96 -19.91 22.06
C UNK A 45 29.78 -19.13 20.77
N UNK A 46 28.69 -18.34 20.71
CA UNK A 46 28.43 -17.56 19.49
C UNK A 46 28.92 -16.13 19.54
N UNK A 47 29.06 -15.56 20.73
CA UNK A 47 29.51 -14.19 20.89
C UNK A 47 30.75 -14.17 21.78
N UNK A 48 31.89 -13.85 21.21
CA UNK A 48 33.11 -13.75 22.04
C UNK A 48 33.29 -12.24 22.16
N UNK A 49 32.94 -11.74 23.33
CA UNK A 49 33.01 -10.32 23.64
C UNK A 49 34.21 -10.05 24.56
N UNK A 50 34.59 -8.79 24.61
CA UNK A 50 35.67 -8.28 25.40
C UNK A 50 35.60 -8.77 26.83
N UNK A 51 34.46 -8.51 27.44
CA UNK A 51 34.28 -8.91 28.84
C UNK A 51 33.45 -10.13 29.10
N UNK A 52 33.10 -10.95 28.10
CA UNK A 52 32.30 -12.13 28.39
C UNK A 52 32.05 -12.98 27.15
N UNK A 53 31.53 -14.18 27.40
CA UNK A 53 31.18 -15.10 26.33
C UNK A 53 29.65 -15.29 26.35
N UNK A 54 28.94 -14.91 25.29
CA UNK A 54 27.46 -15.12 25.31
C UNK A 54 27.30 -16.57 24.81
N UNK A 55 26.92 -17.49 25.67
CA UNK A 55 26.81 -18.89 25.27
C UNK A 55 25.35 -19.27 25.02
N UNK A 56 25.11 -19.99 23.96
CA UNK A 56 23.82 -20.48 23.48
C UNK A 56 23.57 -21.83 24.12
N UNK A 57 22.70 -21.89 25.14
CA UNK A 57 22.45 -23.12 25.86
C UNK A 57 21.68 -24.18 25.13
N UNK A 58 22.24 -25.41 25.06
CA UNK A 58 21.56 -26.50 24.36
C UNK A 58 20.60 -27.26 25.26
N UNK A 59 19.61 -26.61 25.85
CA UNK A 59 18.68 -27.29 26.73
C UNK A 59 17.96 -26.30 27.64
N UNK A 60 17.33 -26.83 28.68
CA UNK A 60 16.55 -26.00 29.62
C UNK A 60 17.47 -25.19 30.50
N UNK A 61 17.29 -23.88 30.52
CA UNK A 61 18.18 -23.06 31.33
C UNK A 61 17.77 -23.04 32.79
N UNK A 62 17.11 -24.10 33.20
CA UNK A 62 16.66 -24.22 34.60
C UNK A 62 17.84 -24.81 35.32
N UNK A 63 18.62 -25.60 34.58
CA UNK A 63 19.79 -26.26 35.10
C UNK A 63 21.05 -25.41 35.12
N UNK A 64 20.90 -24.09 34.98
CA UNK A 64 22.07 -23.24 35.01
C UNK A 64 21.83 -22.08 35.94
N UNK A 65 22.79 -21.75 36.80
CA UNK A 65 22.56 -20.63 37.69
C UNK A 65 23.77 -19.70 37.62
N UNK A 66 23.53 -18.51 38.18
CA UNK A 66 24.66 -17.54 38.22
C UNK A 66 25.79 -18.30 38.95
N UNK A 67 27.03 -18.14 38.50
CA UNK A 67 28.12 -18.83 39.17
C UNK A 67 28.35 -20.21 38.64
N UNK A 68 27.40 -20.89 38.02
CA UNK A 68 27.75 -22.25 37.52
C UNK A 68 29.10 -22.19 36.79
N UNK A 69 29.90 -23.26 36.92
CA UNK A 69 31.20 -23.28 36.26
C UNK A 69 31.08 -23.83 34.85
N UNK A 70 31.66 -23.11 33.90
CA UNK A 70 31.61 -23.59 32.50
C UNK A 70 33.01 -24.00 32.07
N UNK A 71 33.17 -25.13 31.39
CA UNK A 71 34.50 -25.56 30.96
C UNK A 71 34.52 -25.71 29.44
N UNK A 72 35.68 -25.56 28.85
CA UNK A 72 35.81 -25.71 27.40
C UNK A 72 35.85 -27.18 27.03
N UNK A 73 35.52 -27.51 25.79
CA UNK A 73 35.62 -28.93 25.39
C UNK A 73 36.83 -28.97 24.43
N UNK A 74 37.07 -27.80 23.84
CA UNK A 74 38.17 -27.69 22.87
C UNK A 74 37.67 -28.21 21.51
N UNK A 75 36.67 -29.07 21.50
CA UNK A 75 36.11 -29.67 20.29
C UNK A 75 35.06 -28.86 19.57
N UNK A 76 35.07 -28.87 18.23
CA UNK A 76 33.98 -28.08 17.57
C UNK A 76 32.92 -29.09 17.23
N UNK A 77 31.70 -28.65 16.95
CA UNK A 77 30.56 -29.53 16.66
C UNK A 77 30.73 -30.45 15.48
N UNK A 78 29.83 -31.70 16.31
CA UNK A 78 29.81 -32.75 15.28
C UNK A 78 28.65 -33.71 15.55
N UNK A 79 28.24 -34.52 14.57
CA UNK A 79 27.13 -35.43 14.88
C UNK A 79 27.33 -36.81 14.30
N UNK A 80 26.59 -37.79 14.80
CA UNK A 80 26.63 -39.16 14.36
C UNK A 80 26.36 -39.14 12.86
N UNK A 81 26.70 -40.22 12.18
CA UNK A 81 26.43 -40.22 10.73
C UNK A 81 26.51 -41.63 10.17
N UNK A 82 25.98 -41.81 8.97
CA UNK A 82 25.98 -43.09 8.30
C UNK A 82 24.66 -43.86 8.34
N UNK A 83 24.67 -45.03 7.72
CA UNK A 83 23.58 -45.97 7.59
C UNK A 83 22.85 -46.43 8.84
N UNK A 84 23.45 -46.37 10.04
CA UNK A 84 22.66 -46.83 11.18
C UNK A 84 21.57 -45.83 11.55
N UNK A 85 21.66 -44.57 11.16
CA UNK A 85 20.60 -43.62 11.54
C UNK A 85 19.30 -43.90 10.81
N UNK A 86 19.32 -44.63 9.70
CA UNK A 86 18.11 -44.90 8.94
C UNK A 86 16.97 -45.42 9.79
N UNK A 87 15.73 -45.02 9.52
CA UNK A 87 14.60 -45.46 10.31
C UNK A 87 14.69 -45.00 11.76
N UNK A 88 15.41 -43.90 12.01
CA UNK A 88 15.49 -43.41 13.38
C UNK A 88 14.95 -41.98 13.49
N UNK A 89 14.58 -41.62 14.71
CA UNK A 89 14.09 -40.27 15.01
C UNK A 89 15.07 -39.70 16.04
N UNK A 90 15.89 -38.78 15.56
CA UNK A 90 16.91 -38.11 16.32
C UNK A 90 16.72 -36.61 16.49
N UNK A 91 17.25 -36.10 17.62
CA UNK A 91 17.13 -34.66 17.87
C UNK A 91 18.14 -33.89 17.03
N UNK A 92 18.36 -32.60 17.20
CA UNK A 92 19.32 -31.85 16.40
C UNK A 92 20.76 -32.28 16.69
N UNK A 93 20.99 -32.92 17.85
CA UNK A 93 22.37 -33.34 18.11
C UNK A 93 22.61 -34.77 17.71
N UNK A 94 21.66 -35.43 17.06
CA UNK A 94 21.83 -36.82 16.63
C UNK A 94 21.40 -37.79 17.73
N UNK A 95 20.93 -37.29 18.88
CA UNK A 95 20.47 -38.18 19.94
C UNK A 95 19.15 -38.86 19.54
N UNK A 96 18.97 -40.12 19.91
CA UNK A 96 17.71 -40.79 19.55
C UNK A 96 16.56 -40.36 20.45
N UNK A 97 15.43 -40.00 19.83
CA UNK A 97 14.24 -39.56 20.56
C UNK A 97 13.00 -40.41 20.30
N UNK A 98 13.17 -41.51 19.56
CA UNK A 98 12.09 -42.44 19.25
C UNK A 98 12.08 -43.59 20.30
N UNK A 99 12.93 -43.41 21.31
CA UNK A 99 13.04 -44.35 22.40
C UNK A 99 13.30 -45.76 21.93
N UNK A 100 13.90 -45.92 20.76
CA UNK A 100 14.17 -47.28 20.29
C UNK A 100 15.59 -47.70 20.64
N UNK A 101 16.31 -47.05 21.53
CA UNK A 101 17.69 -47.56 21.78
C UNK A 101 18.70 -46.71 21.03
N UNK A 102 19.94 -46.81 21.42
CA UNK A 102 21.03 -46.04 20.85
C UNK A 102 21.25 -46.31 19.37
N UNK A 103 21.66 -45.23 18.71
CA UNK A 103 22.01 -45.32 17.28
C UNK A 103 23.45 -45.88 17.25
N UNK A 104 23.65 -46.96 16.49
CA UNK A 104 25.01 -47.55 16.50
C UNK A 104 25.98 -46.82 15.59
N UNK A 105 26.16 -45.52 15.72
CA UNK A 105 27.01 -44.79 14.82
C UNK A 105 28.52 -44.82 14.98
N UNK A 106 29.15 -45.27 13.88
CA UNK A 106 30.61 -45.32 13.82
C UNK A 106 31.19 -43.94 13.50
N UNK A 107 30.91 -43.47 12.30
CA UNK A 107 31.40 -42.17 11.88
C UNK A 107 30.63 -41.02 12.51
N UNK A 108 31.34 -39.94 12.79
CA UNK A 108 30.75 -38.72 13.34
C UNK A 108 31.18 -37.57 12.42
N UNK A 109 30.28 -36.77 11.91
CA UNK A 109 30.69 -35.67 11.02
C UNK A 109 30.44 -34.33 11.70
N UNK A 110 31.16 -33.31 11.26
CA UNK A 110 30.99 -31.97 11.82
C UNK A 110 29.79 -31.31 11.14
N UNK A 111 28.92 -30.69 11.91
CA UNK A 111 27.73 -30.08 11.33
C UNK A 111 28.00 -28.95 10.36
N UNK A 112 28.88 -28.02 10.69
CA UNK A 112 29.05 -26.96 9.67
C UNK A 112 30.30 -27.19 8.86
N UNK A 113 30.23 -27.63 7.62
CA UNK A 113 31.45 -27.79 6.82
C UNK A 113 31.24 -26.97 5.56
N UNK A 114 32.27 -26.66 4.79
CA UNK A 114 32.07 -25.87 3.57
C UNK A 114 31.50 -26.72 2.46
N UNK A 115 30.69 -26.13 1.57
CA UNK A 115 30.15 -26.92 0.45
C UNK A 115 31.29 -27.41 -0.45
N UNK A 116 31.08 -28.47 -1.20
CA UNK A 116 32.07 -28.98 -2.13
C UNK A 116 32.28 -27.80 -3.09
N UNK A 117 33.52 -27.50 -3.47
CA UNK A 117 33.81 -26.41 -4.36
C UNK A 117 33.20 -26.59 -5.74
N UNK A 118 33.69 -25.78 -6.62
CA UNK A 118 33.31 -25.69 -8.03
C UNK A 118 33.86 -26.81 -8.88
N UNK A 119 35.07 -27.30 -8.59
CA UNK A 119 35.68 -28.35 -9.38
C UNK A 119 35.13 -29.75 -9.16
N UNK A 120 34.86 -30.16 -7.94
CA UNK A 120 34.39 -31.48 -7.61
C UNK A 120 33.02 -31.85 -8.09
N UNK A 121 32.33 -31.05 -8.88
CA UNK A 121 30.98 -31.38 -9.30
C UNK A 121 30.81 -31.63 -10.78
N UNK A 122 29.57 -31.82 -11.21
CA UNK A 122 29.22 -32.06 -12.61
C UNK A 122 27.71 -31.76 -12.74
N UNK A 123 27.27 -31.40 -13.93
CA UNK A 123 25.90 -31.07 -14.19
C UNK A 123 24.89 -32.03 -13.56
N UNK A 124 23.82 -31.44 -13.02
CA UNK A 124 22.77 -32.30 -12.41
C UNK A 124 22.16 -33.06 -13.60
N UNK A 125 22.20 -34.39 -13.59
CA UNK A 125 21.64 -35.10 -14.74
C UNK A 125 20.71 -36.22 -14.41
N UNK A 126 20.79 -36.79 -13.19
CA UNK A 126 19.89 -37.90 -12.85
C UNK A 126 18.59 -37.41 -12.28
N UNK A 127 17.49 -37.89 -12.82
CA UNK A 127 16.18 -37.54 -12.37
C UNK A 127 16.05 -37.86 -10.88
N UNK A 128 15.30 -37.01 -10.22
CA UNK A 128 14.94 -37.16 -8.80
C UNK A 128 13.40 -37.17 -8.95
N UNK A 129 12.79 -38.35 -8.87
CA UNK A 129 11.33 -38.35 -9.18
C UNK A 129 10.51 -38.23 -7.93
N UNK A 130 9.47 -37.42 -8.06
CA UNK A 130 8.62 -37.22 -6.89
C UNK A 130 7.44 -38.18 -6.88
N UNK A 131 6.89 -38.43 -8.06
CA UNK A 131 5.72 -39.31 -8.20
C UNK A 131 4.51 -38.37 -8.40
N UNK A 132 4.79 -37.07 -8.36
CA UNK A 132 3.72 -36.08 -8.55
C UNK A 132 3.75 -35.64 -9.99
N UNK A 133 2.68 -35.90 -10.75
CA UNK A 133 2.74 -35.54 -12.17
C UNK A 133 3.06 -34.09 -12.43
N UNK A 134 2.37 -33.13 -11.84
CA UNK A 134 2.67 -31.71 -12.07
C UNK A 134 4.15 -31.43 -11.90
N UNK A 135 4.73 -31.91 -10.80
CA UNK A 135 6.15 -31.63 -10.57
C UNK A 135 7.02 -32.32 -11.60
N UNK A 136 6.93 -33.65 -11.66
CA UNK A 136 7.70 -34.50 -12.54
C UNK A 136 7.61 -34.17 -14.01
N UNK A 137 6.52 -33.60 -14.50
CA UNK A 137 6.46 -33.25 -15.91
C UNK A 137 6.75 -31.78 -16.19
N UNK A 138 6.53 -30.87 -15.23
CA UNK A 138 6.70 -29.45 -15.45
C UNK A 138 7.64 -28.75 -14.52
N UNK A 139 8.14 -29.39 -13.48
CA UNK A 139 9.06 -28.70 -12.56
C UNK A 139 10.07 -29.75 -12.09
N UNK A 140 10.68 -30.43 -13.03
CA UNK A 140 11.62 -31.51 -12.84
C UNK A 140 12.76 -31.24 -11.89
N UNK A 141 13.00 -32.17 -10.96
CA UNK A 141 14.08 -32.06 -10.01
C UNK A 141 15.14 -33.13 -10.38
N UNK A 142 16.42 -32.76 -10.38
CA UNK A 142 17.50 -33.71 -10.71
C UNK A 142 18.29 -33.89 -9.42
N UNK A 143 19.12 -34.91 -9.32
CA UNK A 143 19.90 -35.16 -8.11
C UNK A 143 21.06 -34.18 -8.01
N UNK A 144 21.16 -33.51 -6.87
CA UNK A 144 22.20 -32.51 -6.60
C UNK A 144 21.51 -31.14 -6.65
N UNK A 145 20.31 -31.09 -7.23
CA UNK A 145 19.55 -29.84 -7.29
C UNK A 145 18.98 -29.44 -5.93
N UNK A 146 18.71 -28.14 -5.79
CA UNK A 146 18.13 -27.56 -4.58
C UNK A 146 16.80 -26.90 -5.02
N UNK A 147 15.67 -27.52 -4.88
CA UNK A 147 14.40 -26.92 -5.34
C UNK A 147 13.52 -26.54 -4.14
N UNK A 148 13.08 -25.29 -4.03
CA UNK A 148 12.29 -24.86 -2.88
C UNK A 148 10.79 -25.09 -3.05
N UNK A 149 10.19 -25.52 -1.93
CA UNK A 149 8.70 -25.67 -2.00
C UNK A 149 8.21 -24.43 -1.25
N UNK A 150 7.48 -23.51 -1.87
CA UNK A 150 7.12 -22.29 -1.11
C UNK A 150 5.66 -22.01 -1.19
N UNK A 151 5.08 -21.44 -0.14
CA UNK A 151 3.63 -21.15 -0.19
C UNK A 151 3.16 -20.65 1.18
N UNK A 152 1.90 -20.25 1.30
CA UNK A 152 1.41 -19.77 2.58
C UNK A 152 1.18 -20.98 3.50
N UNK A 153 0.64 -20.72 4.69
CA UNK A 153 0.38 -21.80 5.65
C UNK A 153 -0.64 -22.74 4.99
N UNK A 154 -0.59 -24.01 5.37
CA UNK A 154 -1.51 -25.02 4.87
C UNK A 154 -1.86 -25.03 3.40
N UNK A 155 -0.90 -25.10 2.47
CA UNK A 155 -1.18 -25.09 1.05
C UNK A 155 -0.81 -26.44 0.44
N UNK A 156 -0.10 -27.29 1.19
CA UNK A 156 0.32 -28.58 0.65
C UNK A 156 1.82 -28.79 0.59
N UNK A 157 2.64 -27.89 1.13
CA UNK A 157 4.07 -27.95 1.11
C UNK A 157 4.67 -29.22 1.63
N UNK A 158 4.41 -29.57 2.89
CA UNK A 158 4.95 -30.82 3.47
C UNK A 158 4.41 -32.06 2.75
N UNK A 159 3.18 -32.00 2.24
CA UNK A 159 2.67 -33.16 1.52
C UNK A 159 3.60 -33.44 0.35
N UNK A 160 3.98 -32.44 -0.45
CA UNK A 160 4.90 -32.66 -1.58
C UNK A 160 6.13 -33.48 -1.14
N UNK A 161 6.80 -32.99 -0.10
CA UNK A 161 7.97 -33.70 0.41
C UNK A 161 7.60 -35.14 0.77
N UNK A 162 6.58 -35.34 1.59
CA UNK A 162 6.19 -36.71 1.97
C UNK A 162 5.92 -37.57 0.74
N UNK A 163 5.01 -37.20 -0.15
CA UNK A 163 4.80 -38.04 -1.33
C UNK A 163 6.16 -38.36 -1.93
N UNK A 164 7.04 -37.37 -2.01
CA UNK A 164 8.38 -37.58 -2.58
C UNK A 164 9.11 -38.69 -1.84
N UNK A 165 9.15 -38.64 -0.51
CA UNK A 165 9.85 -39.66 0.26
C UNK A 165 9.24 -41.04 0.00
N UNK A 166 7.92 -41.10 0.15
CA UNK A 166 7.20 -42.37 -0.06
C UNK A 166 7.66 -42.99 -1.38
N UNK A 167 7.56 -42.22 -2.45
CA UNK A 167 7.89 -42.62 -3.78
C UNK A 167 9.20 -43.36 -4.00
N UNK A 168 10.24 -43.08 -3.21
CA UNK A 168 11.54 -43.71 -3.39
C UNK A 168 11.57 -45.18 -3.04
N UNK A 169 10.45 -45.77 -2.59
CA UNK A 169 10.48 -47.21 -2.25
C UNK A 169 10.59 -48.02 -3.55
N UNK A 170 10.02 -47.49 -4.64
CA UNK A 170 10.08 -48.20 -5.91
C UNK A 170 11.55 -48.51 -6.22
N UNK A 171 12.44 -47.58 -5.90
CA UNK A 171 13.85 -47.82 -6.19
C UNK A 171 14.56 -48.40 -4.99
N UNK A 172 14.09 -48.15 -3.78
CA UNK A 172 14.78 -48.67 -2.61
C UNK A 172 14.54 -50.15 -2.40
N UNK A 173 13.56 -50.72 -3.08
CA UNK A 173 13.29 -52.15 -2.90
C UNK A 173 13.93 -52.88 -4.06
N UNK A 174 14.39 -52.09 -5.02
CA UNK A 174 15.04 -52.58 -6.22
C UNK A 174 16.50 -52.94 -5.98
N UNK A 175 17.08 -53.51 -7.03
CA UNK A 175 18.45 -53.99 -7.06
C UNK A 175 19.48 -52.98 -7.52
N UNK A 176 19.08 -52.14 -8.46
CA UNK A 176 19.97 -51.08 -9.00
C UNK A 176 20.34 -50.13 -7.86
N UNK A 177 21.56 -50.20 -7.34
CA UNK A 177 21.91 -49.35 -6.22
C UNK A 177 22.22 -47.92 -6.57
N UNK A 178 22.16 -47.59 -7.85
CA UNK A 178 22.45 -46.21 -8.27
C UNK A 178 21.19 -45.41 -8.44
N UNK A 179 20.07 -46.04 -8.10
CA UNK A 179 18.79 -45.35 -8.20
C UNK A 179 18.19 -45.17 -6.81
N UNK A 180 18.74 -45.86 -5.82
CA UNK A 180 18.22 -45.71 -4.46
C UNK A 180 18.57 -44.31 -3.96
N UNK A 181 17.68 -43.72 -3.19
CA UNK A 181 17.81 -42.39 -2.62
C UNK A 181 17.44 -42.39 -1.15
N UNK A 182 18.38 -42.22 -0.23
CA UNK A 182 18.05 -42.18 1.19
C UNK A 182 17.38 -40.86 1.51
N UNK A 183 16.38 -40.86 2.39
CA UNK A 183 15.71 -39.60 2.70
C UNK A 183 16.01 -39.05 4.07
N UNK A 184 16.06 -37.72 4.18
CA UNK A 184 16.29 -37.09 5.47
C UNK A 184 15.21 -36.02 5.67
N UNK A 185 14.46 -36.08 6.75
CA UNK A 185 13.42 -35.06 6.97
C UNK A 185 13.77 -34.28 8.23
N UNK A 186 14.00 -32.98 8.05
CA UNK A 186 14.31 -32.10 9.18
C UNK A 186 13.04 -31.30 9.53
N UNK A 187 12.66 -31.41 10.80
CA UNK A 187 11.46 -30.70 11.29
C UNK A 187 11.93 -29.61 12.26
N UNK A 188 11.72 -28.36 11.86
CA UNK A 188 12.17 -27.23 12.67
C UNK A 188 10.98 -26.36 13.05
N UNK A 189 10.81 -26.25 14.36
CA UNK A 189 9.78 -25.45 14.96
C UNK A 189 8.40 -26.06 14.97
N UNK A 190 8.23 -27.27 14.46
CA UNK A 190 6.96 -27.97 14.43
C UNK A 190 6.52 -28.47 15.79
N UNK A 191 5.25 -28.78 15.99
CA UNK A 191 4.84 -29.29 17.32
C UNK A 191 5.08 -30.79 17.33
N UNK A 192 5.35 -31.39 18.48
CA UNK A 192 5.66 -32.83 18.47
C UNK A 192 4.56 -33.68 17.90
N UNK A 193 3.29 -33.38 18.06
CA UNK A 193 2.23 -34.21 17.53
C UNK A 193 2.28 -34.31 16.01
N UNK A 194 2.73 -33.25 15.32
CA UNK A 194 2.81 -33.25 13.86
C UNK A 194 3.85 -34.22 13.33
N UNK A 195 5.01 -34.20 14.00
CA UNK A 195 6.09 -35.10 13.58
C UNK A 195 5.64 -36.52 13.87
N UNK A 196 5.10 -36.77 15.06
CA UNK A 196 4.63 -38.09 15.46
C UNK A 196 3.65 -38.60 14.39
N UNK A 197 2.74 -37.69 14.00
CA UNK A 197 1.79 -38.05 12.95
C UNK A 197 2.52 -38.37 11.64
N UNK A 198 3.55 -37.58 11.37
CA UNK A 198 4.40 -37.64 10.17
C UNK A 198 5.12 -38.99 10.13
N UNK A 199 5.88 -39.27 11.20
CA UNK A 199 6.57 -40.55 11.23
C UNK A 199 5.58 -41.70 11.09
N UNK A 200 4.36 -41.54 11.64
CA UNK A 200 3.40 -42.62 11.51
C UNK A 200 3.09 -42.89 10.02
N UNK A 201 2.64 -41.84 9.33
CA UNK A 201 2.33 -41.93 7.91
C UNK A 201 3.51 -42.56 7.16
N UNK A 202 4.73 -42.19 7.52
CA UNK A 202 5.87 -42.79 6.83
C UNK A 202 6.02 -44.25 7.22
N UNK A 203 5.78 -44.62 8.48
CA UNK A 203 5.91 -46.02 8.85
C UNK A 203 4.90 -46.87 8.08
N UNK A 204 3.67 -46.38 8.15
CA UNK A 204 2.58 -47.04 7.45
C UNK A 204 2.93 -47.24 5.98
N UNK A 205 3.80 -46.42 5.40
CA UNK A 205 4.04 -46.67 3.96
C UNK A 205 5.34 -47.40 3.81
N UNK A 206 5.96 -47.73 4.93
CA UNK A 206 7.22 -48.48 4.87
C UNK A 206 8.28 -47.64 4.16
N UNK A 207 8.40 -46.38 4.59
CA UNK A 207 9.41 -45.48 4.06
C UNK A 207 10.40 -45.11 5.16
N UNK A 208 10.08 -45.47 6.42
CA UNK A 208 11.01 -45.16 7.51
C UNK A 208 12.30 -45.97 7.35
N UNK A 209 12.19 -47.14 6.71
CA UNK A 209 13.39 -47.96 6.52
C UNK A 209 14.46 -47.13 5.82
N UNK A 210 14.09 -46.34 4.82
CA UNK A 210 15.11 -45.51 4.15
C UNK A 210 15.06 -44.04 4.53
N UNK A 211 14.52 -43.68 5.70
CA UNK A 211 14.43 -42.28 6.10
C UNK A 211 15.04 -42.01 7.46
N UNK A 212 15.62 -40.83 7.67
CA UNK A 212 16.18 -40.42 8.94
C UNK A 212 15.36 -39.20 9.38
N UNK A 213 14.99 -39.08 10.65
CA UNK A 213 14.20 -37.87 10.97
C UNK A 213 14.93 -37.02 11.96
N UNK A 214 15.33 -35.80 11.53
CA UNK A 214 16.05 -34.97 12.55
C UNK A 214 14.95 -34.05 13.09
N UNK A 215 14.76 -33.98 14.40
CA UNK A 215 13.65 -33.13 14.82
C UNK A 215 13.97 -32.08 15.84
N UNK A 216 13.85 -30.79 15.48
CA UNK A 216 14.04 -29.69 16.45
C UNK A 216 12.68 -28.98 16.59
N UNK A 217 11.89 -29.41 17.57
CA UNK A 217 10.56 -28.87 17.73
C UNK A 217 10.38 -27.62 18.55
N UNK A 218 9.15 -27.11 18.49
CA UNK A 218 8.66 -25.91 19.11
C UNK A 218 9.21 -25.63 20.49
N UNK A 219 9.25 -26.63 21.38
CA UNK A 219 9.81 -26.38 22.73
C UNK A 219 11.31 -26.59 22.77
N UNK A 220 12.03 -26.88 21.69
CA UNK A 220 13.47 -27.04 21.88
C UNK A 220 14.15 -25.68 21.78
N UNK A 221 15.11 -25.40 22.64
CA UNK A 221 15.84 -24.14 22.66
C UNK A 221 16.21 -23.64 21.27
N UNK A 222 16.25 -22.34 21.08
CA UNK A 222 16.60 -21.74 19.80
C UNK A 222 17.78 -22.36 19.06
N UNK A 223 18.93 -22.47 19.69
CA UNK A 223 20.14 -23.01 19.11
C UNK A 223 19.95 -24.40 18.50
N UNK A 224 19.14 -25.27 19.14
CA UNK A 224 18.91 -26.60 18.53
C UNK A 224 18.05 -26.43 17.29
N UNK A 225 17.06 -25.54 17.36
CA UNK A 225 16.26 -25.31 16.13
C UNK A 225 17.19 -24.73 15.06
N UNK A 226 18.11 -23.89 15.50
CA UNK A 226 19.08 -23.27 14.56
C UNK A 226 19.91 -24.32 13.82
N UNK A 227 20.60 -25.15 14.61
CA UNK A 227 21.48 -26.21 14.14
C UNK A 227 20.79 -27.28 13.30
N UNK A 228 19.67 -27.78 13.78
CA UNK A 228 19.00 -28.88 13.12
C UNK A 228 19.30 -29.09 11.66
N UNK A 229 19.14 -28.14 10.77
CA UNK A 229 19.35 -28.28 9.34
C UNK A 229 20.78 -28.59 8.95
N UNK A 230 21.75 -28.09 9.74
CA UNK A 230 23.15 -28.41 9.42
C UNK A 230 23.42 -29.85 9.85
N UNK A 231 23.01 -30.13 11.10
CA UNK A 231 23.27 -31.49 11.58
C UNK A 231 22.55 -32.49 10.70
N UNK A 232 21.45 -32.12 10.07
CA UNK A 232 20.77 -33.10 9.18
C UNK A 232 21.56 -33.15 7.87
N UNK A 233 22.12 -32.00 7.47
CA UNK A 233 22.89 -31.91 6.24
C UNK A 233 24.11 -32.84 6.28
N UNK A 234 24.85 -32.74 7.39
CA UNK A 234 26.00 -33.60 7.55
C UNK A 234 25.58 -35.05 7.31
N UNK A 235 24.56 -35.51 8.01
CA UNK A 235 24.05 -36.86 7.84
C UNK A 235 23.82 -37.21 6.38
N UNK A 236 23.30 -36.25 5.61
CA UNK A 236 23.06 -36.56 4.20
C UNK A 236 24.35 -36.49 3.39
N UNK A 237 25.37 -35.83 3.96
CA UNK A 237 26.64 -35.72 3.23
C UNK A 237 27.37 -37.04 3.22
N UNK A 238 27.24 -37.77 4.34
CA UNK A 238 27.89 -39.10 4.41
C UNK A 238 27.45 -39.88 3.17
N UNK A 239 26.17 -39.84 2.79
CA UNK A 239 25.76 -40.57 1.60
C UNK A 239 26.38 -39.94 0.36
N UNK A 240 26.15 -38.63 0.19
CA UNK A 240 26.64 -37.93 -0.99
C UNK A 240 28.10 -38.33 -1.28
N UNK A 241 28.97 -38.11 -0.31
CA UNK A 241 30.37 -38.43 -0.48
C UNK A 241 30.66 -39.88 -0.81
N UNK A 242 29.84 -40.83 -0.34
CA UNK A 242 30.15 -42.23 -0.62
C UNK A 242 29.49 -42.81 -1.83
N UNK A 243 29.41 -42.07 -2.92
CA UNK A 243 28.80 -42.61 -4.14
C UNK A 243 27.34 -42.94 -3.99
N UNK A 244 26.75 -42.60 -2.86
CA UNK A 244 25.32 -42.82 -2.63
C UNK A 244 24.54 -41.53 -2.84
N UNK A 245 23.24 -41.65 -3.07
CA UNK A 245 22.36 -40.49 -3.27
C UNK A 245 21.47 -40.23 -2.07
N UNK A 246 21.30 -38.96 -1.71
CA UNK A 246 20.47 -38.63 -0.56
C UNK A 246 19.64 -37.38 -0.85
N UNK A 247 18.41 -37.42 -0.34
CA UNK A 247 17.38 -36.41 -0.41
C UNK A 247 17.16 -35.78 0.97
N UNK A 248 17.08 -34.45 1.04
CA UNK A 248 16.87 -33.81 2.34
C UNK A 248 15.78 -32.74 2.27
N UNK A 249 14.88 -32.84 3.26
CA UNK A 249 13.77 -31.88 3.32
C UNK A 249 13.95 -31.00 4.55
N UNK A 250 14.00 -29.68 4.35
CA UNK A 250 14.17 -28.78 5.50
C UNK A 250 12.77 -28.24 5.77
N UNK A 251 12.11 -28.63 6.85
CA UNK A 251 10.75 -28.10 7.02
C UNK A 251 10.61 -27.34 8.32
N UNK A 252 10.63 -26.03 8.30
CA UNK A 252 10.79 -25.03 7.33
C UNK A 252 12.13 -24.25 7.62
N UNK A 253 12.55 -23.49 6.63
CA UNK A 253 13.74 -22.63 6.78
C UNK A 253 13.27 -21.31 7.40
N UNK A 254 11.96 -21.11 7.34
CA UNK A 254 11.34 -19.91 7.91
C UNK A 254 11.53 -19.99 9.44
N UNK A 255 11.14 -21.13 10.07
CA UNK A 255 11.29 -21.22 11.50
C UNK A 255 12.72 -21.17 11.97
N UNK A 256 13.67 -21.75 11.22
CA UNK A 256 15.05 -21.71 11.65
C UNK A 256 15.58 -20.27 11.60
N UNK A 257 15.17 -19.49 10.60
CA UNK A 257 15.57 -18.08 10.46
C UNK A 257 15.15 -17.35 11.72
N UNK A 258 13.91 -17.67 12.14
CA UNK A 258 13.41 -17.07 13.39
C UNK A 258 14.28 -17.43 14.57
N UNK A 259 14.71 -18.67 14.70
CA UNK A 259 15.54 -19.13 15.80
C UNK A 259 16.84 -18.36 15.86
N UNK A 260 17.45 -18.22 14.68
CA UNK A 260 18.69 -17.48 14.51
C UNK A 260 18.49 -15.98 14.84
N UNK A 261 17.42 -15.38 14.29
CA UNK A 261 17.14 -13.98 14.60
C UNK A 261 17.06 -13.82 16.11
N UNK A 262 16.35 -14.70 16.81
CA UNK A 262 16.20 -14.63 18.25
C UNK A 262 17.52 -14.59 18.99
N UNK A 263 18.51 -15.36 18.59
CA UNK A 263 19.81 -15.36 19.28
C UNK A 263 20.61 -14.12 18.92
N UNK A 264 20.52 -13.79 17.62
CA UNK A 264 21.24 -12.61 17.16
C UNK A 264 20.86 -11.40 17.99
N UNK A 265 19.56 -11.09 18.06
CA UNK A 265 19.07 -9.93 18.80
C UNK A 265 19.37 -10.06 20.29
N UNK A 266 19.28 -11.26 20.86
CA UNK A 266 19.57 -11.36 22.30
C UNK A 266 21.06 -11.18 22.54
N UNK A 267 21.92 -11.44 21.57
CA UNK A 267 23.37 -11.24 21.76
C UNK A 267 23.69 -9.78 21.41
N UNK A 268 22.60 -9.09 21.06
CA UNK A 268 22.63 -7.70 20.69
C UNK A 268 23.29 -7.38 19.39
N UNK A 269 23.37 -8.29 18.43
CA UNK A 269 24.00 -7.90 17.15
C UNK A 269 23.04 -6.95 16.46
N UNK A 270 23.47 -6.15 15.53
CA UNK A 270 22.62 -5.19 14.85
C UNK A 270 21.54 -5.84 13.99
N UNK A 271 20.31 -5.35 14.11
CA UNK A 271 19.15 -5.77 13.38
C UNK A 271 18.95 -4.98 12.09
N UNK A 272 18.62 -5.66 11.02
CA UNK A 272 18.33 -5.08 9.71
C UNK A 272 16.86 -5.33 9.43
N UNK A 273 16.35 -5.22 8.24
CA UNK A 273 14.94 -5.42 7.85
C UNK A 273 14.31 -6.63 8.51
N UNK A 274 13.11 -6.46 9.02
CA UNK A 274 12.37 -7.52 9.71
C UNK A 274 13.12 -7.96 10.97
N UNK A 275 14.06 -7.17 11.47
CA UNK A 275 14.85 -7.50 12.62
C UNK A 275 15.85 -8.64 12.39
N UNK A 276 16.08 -9.08 11.16
CA UNK A 276 17.03 -10.15 10.84
C UNK A 276 18.47 -9.62 10.80
N UNK A 277 19.41 -10.40 11.29
CA UNK A 277 20.82 -10.03 11.31
C UNK A 277 21.36 -9.96 9.88
N UNK A 278 22.40 -9.16 9.71
CA UNK A 278 23.01 -9.01 8.39
C UNK A 278 23.49 -10.32 7.84
N UNK A 279 23.69 -11.36 8.65
CA UNK A 279 24.19 -12.62 8.09
C UNK A 279 23.18 -13.74 7.96
N UNK A 280 21.91 -13.40 7.81
CA UNK A 280 20.85 -14.39 7.67
C UNK A 280 20.90 -14.99 6.28
N UNK A 281 21.33 -14.20 5.30
CA UNK A 281 21.43 -14.72 3.94
C UNK A 281 22.52 -15.81 3.91
N UNK A 282 23.60 -15.50 4.58
CA UNK A 282 24.78 -16.37 4.68
C UNK A 282 24.47 -17.62 5.48
N UNK A 283 23.45 -17.59 6.33
CA UNK A 283 23.08 -18.78 7.14
C UNK A 283 22.47 -19.82 6.21
N UNK A 284 21.67 -19.38 5.22
CA UNK A 284 21.05 -20.36 4.36
C UNK A 284 21.88 -20.79 3.16
N UNK A 285 22.63 -19.89 2.59
CA UNK A 285 23.49 -20.09 1.43
C UNK A 285 24.56 -21.09 1.82
N UNK A 286 25.10 -20.92 3.02
CA UNK A 286 26.14 -21.90 3.39
C UNK A 286 25.51 -23.25 3.64
N UNK A 287 24.20 -23.31 3.86
CA UNK A 287 23.50 -24.58 4.10
C UNK A 287 23.09 -25.21 2.77
N UNK A 288 22.35 -24.50 1.93
CA UNK A 288 21.85 -24.94 0.64
C UNK A 288 22.89 -25.19 -0.44
N UNK A 289 24.13 -24.78 -0.24
CA UNK A 289 25.19 -24.98 -1.21
C UNK A 289 25.79 -26.37 -0.93
N UNK A 290 25.70 -26.88 0.29
CA UNK A 290 26.23 -28.21 0.57
C UNK A 290 25.49 -29.29 -0.18
N UNK A 291 24.45 -28.95 -0.92
CA UNK A 291 23.73 -29.96 -1.70
C UNK A 291 24.41 -29.89 -3.05
N UNK A 292 24.73 -31.03 -3.68
CA UNK A 292 25.38 -30.95 -5.00
C UNK A 292 25.54 -32.32 -5.63
N UNK A 293 25.80 -32.30 -6.93
CA UNK A 293 26.04 -33.55 -7.66
C UNK A 293 27.56 -33.70 -7.83
N UNK A 294 28.14 -34.72 -7.23
CA UNK A 294 29.59 -34.94 -7.35
C UNK A 294 29.99 -35.55 -8.69
N UNK A 295 31.31 -35.52 -8.94
CA UNK A 295 31.83 -36.13 -10.18
C UNK A 295 32.33 -37.54 -9.86
N UNK A 296 32.29 -38.43 -10.84
CA UNK A 296 32.74 -39.80 -10.65
C UNK A 296 34.08 -39.83 -9.94
N UNK A 297 34.88 -38.83 -10.31
CA UNK A 297 36.20 -38.70 -9.68
C UNK A 297 36.03 -38.64 -8.17
N UNK A 298 34.86 -38.17 -7.73
CA UNK A 298 34.53 -38.05 -6.32
C UNK A 298 33.48 -39.05 -5.85
N UNK A 299 33.00 -39.91 -6.75
CA UNK A 299 32.02 -40.92 -6.38
C UNK A 299 30.69 -40.82 -7.08
N UNK A 300 30.45 -39.73 -7.81
CA UNK A 300 29.18 -39.51 -8.51
C UNK A 300 27.97 -39.44 -7.57
N UNK A 301 28.21 -39.44 -6.24
CA UNK A 301 27.12 -39.40 -5.27
C UNK A 301 26.42 -38.05 -5.26
N UNK A 302 25.21 -37.95 -4.71
CA UNK A 302 24.55 -36.63 -4.71
C UNK A 302 23.80 -36.31 -3.42
N UNK A 303 23.38 -35.04 -3.29
CA UNK A 303 22.58 -34.59 -2.15
C UNK A 303 21.51 -33.63 -2.72
N UNK A 304 20.25 -34.02 -2.86
CA UNK A 304 19.22 -33.10 -3.39
C UNK A 304 18.55 -32.41 -2.22
N UNK A 305 18.20 -31.11 -2.27
CA UNK A 305 17.55 -30.57 -1.06
C UNK A 305 16.23 -29.91 -1.40
N UNK A 306 15.24 -30.25 -0.55
CA UNK A 306 13.90 -29.66 -0.68
C UNK A 306 13.70 -28.84 0.62
N UNK A 307 13.97 -27.57 0.50
CA UNK A 307 13.87 -26.63 1.62
C UNK A 307 12.46 -26.05 1.60
N UNK A 308 11.84 -25.86 2.76
CA UNK A 308 10.49 -25.28 2.70
C UNK A 308 10.50 -23.87 3.23
N UNK A 309 9.83 -22.95 2.57
CA UNK A 309 9.74 -21.56 3.05
C UNK A 309 8.24 -21.21 3.17
N UNK A 310 7.87 -20.62 4.31
CA UNK A 310 6.45 -20.28 4.46
C UNK A 310 6.25 -18.82 4.12
N UNK A 311 5.51 -18.50 3.05
CA UNK A 311 5.31 -17.08 2.74
C UNK A 311 4.12 -16.54 3.55
N UNK A 312 3.90 -15.23 3.46
CA UNK A 312 2.78 -14.65 4.21
C UNK A 312 1.86 -13.89 3.25
N UNK A 313 0.59 -14.28 3.16
CA UNK A 313 -0.26 -13.54 2.22
C UNK A 313 0.41 -13.52 0.84
N UNK A 314 1.10 -14.61 0.48
CA UNK A 314 1.76 -14.75 -0.78
C UNK A 314 2.84 -13.77 -1.13
N UNK A 315 3.45 -13.15 -0.13
CA UNK A 315 4.51 -12.16 -0.29
C UNK A 315 5.86 -12.85 -0.52
N UNK A 316 6.02 -13.34 -1.74
CA UNK A 316 7.26 -14.03 -2.07
C UNK A 316 8.47 -13.12 -2.00
N UNK A 317 8.29 -11.81 -1.96
CA UNK A 317 9.36 -10.83 -1.87
C UNK A 317 9.72 -10.43 -0.45
N UNK A 318 9.11 -11.03 0.55
CA UNK A 318 9.44 -10.61 1.94
C UNK A 318 10.90 -10.98 2.09
N UNK A 319 11.55 -10.69 3.17
CA UNK A 319 12.99 -10.99 3.28
C UNK A 319 13.49 -12.39 3.12
N UNK A 320 13.22 -13.31 4.04
CA UNK A 320 13.66 -14.70 3.95
C UNK A 320 13.17 -15.39 2.71
N UNK A 321 11.96 -15.28 2.26
CA UNK A 321 11.50 -15.91 1.03
C UNK A 321 12.38 -15.37 -0.11
N UNK A 322 12.78 -14.10 -0.09
CA UNK A 322 13.64 -13.59 -1.16
C UNK A 322 15.04 -14.20 -1.21
N UNK A 323 15.64 -14.41 -0.04
CA UNK A 323 16.97 -14.98 -0.01
C UNK A 323 16.99 -16.37 -0.65
N UNK A 324 16.24 -17.26 -0.03
CA UNK A 324 16.15 -18.64 -0.41
C UNK A 324 15.68 -18.84 -1.84
N UNK A 325 14.79 -17.95 -2.31
CA UNK A 325 14.38 -18.14 -3.72
C UNK A 325 15.63 -17.88 -4.59
N UNK A 326 16.32 -16.81 -4.16
CA UNK A 326 17.52 -16.38 -4.84
C UNK A 326 18.68 -17.37 -4.72
N UNK A 327 18.59 -18.33 -3.81
CA UNK A 327 19.70 -19.27 -3.66
C UNK A 327 19.53 -20.59 -4.39
N UNK A 328 18.30 -21.06 -4.49
CA UNK A 328 17.90 -22.33 -5.06
C UNK A 328 17.72 -22.32 -6.55
N UNK A 329 17.66 -23.50 -7.15
CA UNK A 329 17.57 -23.72 -8.57
C UNK A 329 16.19 -23.65 -9.16
N UNK A 330 15.18 -23.37 -8.34
CA UNK A 330 13.79 -23.34 -8.86
C UNK A 330 12.86 -23.32 -7.66
N UNK A 331 11.58 -23.09 -7.90
CA UNK A 331 10.58 -23.03 -6.87
C UNK A 331 9.28 -23.70 -7.32
N UNK A 332 8.63 -24.36 -6.37
CA UNK A 332 7.32 -24.97 -6.62
C UNK A 332 6.38 -24.03 -5.86
N UNK A 333 5.64 -23.19 -6.52
CA UNK A 333 4.78 -22.24 -5.82
C UNK A 333 3.38 -22.77 -5.53
N UNK A 334 2.98 -22.94 -4.27
CA UNK A 334 1.62 -23.41 -3.98
C UNK A 334 0.65 -22.26 -3.71
N UNK A 335 -0.62 -22.34 -4.08
CA UNK A 335 -1.55 -21.28 -3.83
C UNK A 335 -2.90 -21.68 -3.25
N UNK A 336 -3.33 -20.93 -2.24
CA UNK A 336 -4.63 -21.16 -1.62
C UNK A 336 -5.76 -21.12 -2.62
N UNK A 337 -5.85 -20.05 -3.38
CA UNK A 337 -6.93 -19.93 -4.37
C UNK A 337 -6.98 -21.22 -5.18
N UNK A 338 -5.86 -21.67 -5.72
CA UNK A 338 -5.84 -22.93 -6.47
C UNK A 338 -6.37 -24.08 -5.60
N UNK A 339 -5.72 -24.26 -4.45
CA UNK A 339 -6.14 -25.29 -3.52
C UNK A 339 -7.66 -25.30 -3.42
N UNK A 340 -8.28 -24.23 -2.90
CA UNK A 340 -9.74 -24.24 -2.75
C UNK A 340 -10.49 -24.36 -4.03
N UNK A 341 -9.91 -24.06 -5.17
CA UNK A 341 -10.63 -24.20 -6.45
C UNK A 341 -10.61 -25.66 -6.88
N UNK A 342 -9.94 -26.52 -6.13
CA UNK A 342 -9.96 -27.92 -6.54
C UNK A 342 -8.66 -28.40 -7.10
N UNK A 343 -7.69 -27.51 -7.35
CA UNK A 343 -6.40 -27.96 -7.88
C UNK A 343 -5.54 -28.43 -6.71
N UNK A 344 -5.41 -29.72 -6.51
CA UNK A 344 -4.58 -30.24 -5.42
C UNK A 344 -3.72 -31.35 -6.00
N UNK A 345 -2.42 -31.25 -5.93
CA UNK A 345 -1.66 -30.20 -5.29
C UNK A 345 -1.76 -28.83 -5.91
N UNK A 346 -1.80 -27.81 -5.06
CA UNK A 346 -1.94 -26.42 -5.44
C UNK A 346 -0.81 -25.81 -6.21
N UNK A 347 -0.05 -26.57 -7.00
CA UNK A 347 1.04 -25.96 -7.75
C UNK A 347 0.64 -24.93 -8.77
N UNK A 348 1.20 -23.72 -8.65
CA UNK A 348 0.90 -22.67 -9.64
C UNK A 348 1.93 -22.97 -10.76
N UNK A 349 1.45 -23.66 -11.80
CA UNK A 349 2.36 -24.08 -12.87
C UNK A 349 3.02 -22.95 -13.60
N UNK A 350 2.40 -21.80 -13.85
CA UNK A 350 3.04 -20.69 -14.51
C UNK A 350 4.20 -20.12 -13.72
N UNK A 351 4.11 -19.95 -12.41
CA UNK A 351 5.24 -19.37 -11.68
C UNK A 351 6.24 -20.34 -11.13
N UNK A 352 5.96 -21.64 -11.21
CA UNK A 352 6.92 -22.62 -10.65
C UNK A 352 8.07 -22.77 -11.62
N UNK A 353 9.26 -23.18 -11.20
CA UNK A 353 10.36 -23.25 -12.14
C UNK A 353 11.36 -24.35 -11.79
N UNK A 354 12.14 -24.73 -12.80
CA UNK A 354 13.21 -25.69 -12.58
C UNK A 354 14.40 -25.23 -13.46
N UNK A 355 15.35 -24.54 -12.81
CA UNK A 355 16.50 -24.10 -13.60
C UNK A 355 17.10 -25.37 -14.23
N UNK A 356 17.25 -26.47 -13.51
CA UNK A 356 17.80 -27.68 -14.11
C UNK A 356 17.00 -28.16 -15.31
N UNK A 357 15.69 -28.03 -15.33
CA UNK A 357 14.83 -28.45 -16.42
C UNK A 357 14.93 -29.88 -16.91
N UNK A 358 14.74 -30.05 -18.22
CA UNK A 358 14.79 -31.35 -18.88
C UNK A 358 16.12 -32.05 -18.68
N UNK A 359 17.18 -31.32 -18.35
CA UNK A 359 18.46 -31.99 -18.12
C UNK A 359 18.20 -33.10 -17.08
N UNK A 360 16.99 -33.07 -16.52
CA UNK A 360 16.63 -34.03 -15.49
C UNK A 360 15.38 -34.83 -15.80
N UNK A 361 14.72 -34.59 -16.93
CA UNK A 361 13.54 -35.38 -17.29
C UNK A 361 14.04 -36.60 -18.09
N UNK A 362 14.26 -36.65 -17.50
CA UNK A 362 14.71 -37.89 -18.15
C UNK A 362 14.32 -37.77 -19.62
N UNK A 363 14.89 -38.54 -20.53
CA UNK A 363 14.47 -38.37 -21.94
C UNK A 363 13.03 -38.82 -22.17
N UNK A 364 12.60 -39.77 -21.35
CA UNK A 364 11.25 -40.33 -21.44
C UNK A 364 10.21 -39.22 -21.22
N UNK A 365 10.44 -38.52 -20.09
CA UNK A 365 9.58 -37.45 -19.66
C UNK A 365 9.56 -36.31 -20.66
N UNK A 366 10.77 -35.87 -21.02
CA UNK A 366 10.91 -34.79 -22.01
C UNK A 366 10.08 -35.09 -23.25
N UNK A 367 10.18 -36.36 -23.66
CA UNK A 367 9.45 -36.85 -24.83
C UNK A 367 7.98 -36.46 -24.75
N UNK A 368 7.49 -36.27 -23.53
CA UNK A 368 6.08 -35.91 -23.35
C UNK A 368 5.92 -34.54 -22.71
N UNK A 369 6.64 -34.32 -21.61
CA UNK A 369 6.62 -33.08 -20.88
C UNK A 369 6.56 -31.85 -21.78
N UNK A 370 7.40 -31.84 -22.79
CA UNK A 370 7.55 -30.78 -23.72
C UNK A 370 6.34 -30.34 -24.48
N UNK A 371 5.53 -31.26 -25.00
CA UNK A 371 4.36 -30.72 -25.73
C UNK A 371 3.28 -30.35 -24.74
N UNK A 372 3.25 -31.04 -23.60
CA UNK A 372 2.26 -30.74 -22.57
C UNK A 372 2.48 -29.32 -22.06
N UNK A 373 3.75 -29.03 -21.71
CA UNK A 373 4.07 -27.70 -21.23
C UNK A 373 3.50 -26.65 -22.18
N UNK A 374 3.67 -26.90 -23.49
CA UNK A 374 3.23 -26.02 -24.53
C UNK A 374 1.74 -25.88 -24.80
N UNK A 375 0.94 -26.95 -24.76
CA UNK A 375 -0.51 -26.80 -24.99
C UNK A 375 -1.11 -26.10 -23.75
N UNK A 376 -0.49 -26.41 -22.60
CA UNK A 376 -1.00 -25.78 -21.39
C UNK A 376 -0.78 -24.27 -21.47
N UNK A 377 0.47 -23.87 -21.73
CA UNK A 377 0.73 -22.42 -21.84
C UNK A 377 -0.29 -21.80 -22.80
N UNK A 378 -0.59 -22.54 -23.88
CA UNK A 378 -1.53 -22.08 -24.89
C UNK A 378 -2.96 -21.99 -24.35
N UNK A 379 -3.36 -22.98 -23.57
CA UNK A 379 -4.68 -22.97 -22.94
C UNK A 379 -4.74 -21.73 -22.03
N UNK A 380 -3.72 -21.62 -21.17
CA UNK A 380 -3.68 -20.51 -20.25
C UNK A 380 -3.95 -19.22 -20.98
N UNK A 381 -3.53 -19.07 -22.24
CA UNK A 381 -3.83 -17.81 -22.94
C UNK A 381 -5.32 -17.63 -23.17
N UNK A 382 -6.02 -18.69 -23.55
CA UNK A 382 -7.44 -18.67 -23.83
C UNK A 382 -8.42 -19.05 -22.74
N UNK A 383 -8.05 -19.84 -21.76
CA UNK A 383 -8.87 -20.29 -20.67
C UNK A 383 -10.01 -19.36 -20.28
N UNK A 384 -9.71 -18.12 -19.94
CA UNK A 384 -10.73 -17.14 -19.54
C UNK A 384 -11.91 -17.06 -20.48
N UNK A 385 -11.71 -17.29 -21.77
CA UNK A 385 -12.76 -17.22 -22.75
C UNK A 385 -13.83 -18.27 -22.58
N UNK A 386 -13.42 -19.48 -22.29
CA UNK A 386 -14.31 -20.61 -22.09
C UNK A 386 -15.72 -20.20 -21.67
N UNK A 387 -15.87 -19.81 -20.41
CA UNK A 387 -17.10 -19.43 -19.78
C UNK A 387 -17.96 -18.37 -20.44
N UNK A 388 -17.59 -17.85 -21.59
CA UNK A 388 -18.38 -16.85 -22.29
C UNK A 388 -18.22 -17.06 -23.80
N UNK A 389 -17.54 -18.15 -24.13
CA UNK A 389 -17.26 -18.55 -25.50
C UNK A 389 -18.49 -18.92 -26.30
N UNK A 390 -19.39 -17.95 -26.42
CA UNK A 390 -20.65 -18.05 -27.13
C UNK A 390 -20.49 -18.42 -28.60
N UNK A 391 -19.24 -18.41 -29.10
CA UNK A 391 -19.03 -18.75 -30.49
C UNK A 391 -17.59 -18.67 -30.94
N UNK A 392 -16.71 -19.44 -30.31
CA UNK A 392 -15.30 -19.45 -30.68
C UNK A 392 -15.04 -20.44 -31.83
N UNK A 393 -14.07 -20.05 -32.65
CA UNK A 393 -13.64 -20.87 -33.77
C UNK A 393 -13.16 -22.23 -33.26
N UNK A 394 -13.16 -23.25 -34.10
CA UNK A 394 -12.69 -24.56 -33.61
C UNK A 394 -11.18 -24.57 -33.42
N UNK A 395 -10.47 -23.50 -33.79
CA UNK A 395 -9.02 -23.54 -33.58
C UNK A 395 -8.74 -23.47 -32.07
N UNK A 396 -9.20 -22.39 -31.48
CA UNK A 396 -9.07 -22.14 -30.04
C UNK A 396 -9.97 -23.07 -29.24
N UNK A 397 -11.12 -23.42 -29.81
CA UNK A 397 -12.02 -24.35 -29.10
C UNK A 397 -11.26 -25.67 -28.89
N UNK A 398 -10.28 -25.89 -29.75
CA UNK A 398 -9.46 -27.10 -29.63
C UNK A 398 -8.58 -26.94 -28.40
N UNK A 399 -7.83 -25.84 -28.32
CA UNK A 399 -6.97 -25.63 -27.18
C UNK A 399 -7.75 -25.63 -25.88
N UNK A 400 -9.01 -25.21 -25.86
CA UNK A 400 -9.72 -25.29 -24.56
C UNK A 400 -9.87 -26.75 -24.17
N UNK A 401 -10.21 -27.60 -25.15
CA UNK A 401 -10.36 -29.02 -24.85
C UNK A 401 -9.05 -29.62 -24.42
N UNK A 402 -7.98 -29.49 -25.19
CA UNK A 402 -6.72 -30.07 -24.72
C UNK A 402 -6.44 -29.54 -23.29
N UNK A 403 -6.70 -28.23 -23.15
CA UNK A 403 -6.50 -27.53 -21.92
C UNK A 403 -7.08 -28.22 -20.69
N UNK A 404 -8.39 -28.47 -20.67
CA UNK A 404 -9.04 -29.09 -19.54
C UNK A 404 -8.68 -30.55 -19.29
N UNK A 405 -8.38 -31.29 -20.35
CA UNK A 405 -7.96 -32.68 -20.17
C UNK A 405 -6.53 -32.70 -19.62
N UNK A 406 -5.63 -31.97 -20.30
CA UNK A 406 -4.26 -31.98 -19.77
C UNK A 406 -4.29 -31.60 -18.30
N UNK A 407 -5.09 -30.60 -17.94
CA UNK A 407 -5.21 -30.16 -16.55
C UNK A 407 -5.71 -31.23 -15.61
N UNK A 408 -6.64 -32.04 -16.10
CA UNK A 408 -7.17 -33.12 -15.27
C UNK A 408 -6.12 -34.20 -15.08
N UNK A 409 -5.14 -34.25 -16.00
CA UNK A 409 -4.11 -35.29 -15.90
C UNK A 409 -3.09 -34.91 -14.83
N UNK A 410 -2.99 -33.61 -14.58
CA UNK A 410 -2.05 -33.15 -13.55
C UNK A 410 -2.57 -33.32 -12.14
N UNK A 411 -3.86 -33.65 -12.00
CA UNK A 411 -4.44 -33.85 -10.67
C UNK A 411 -3.82 -35.02 -9.94
N UNK A 412 -3.90 -35.11 -8.64
CA UNK A 412 -3.28 -36.25 -7.95
C UNK A 412 -3.70 -36.35 -6.48
N UNK A 413 -3.89 -37.59 -6.05
CA UNK A 413 -4.27 -37.83 -4.66
C UNK A 413 -2.89 -37.84 -3.96
N UNK A 414 -2.91 -37.80 -2.68
CA UNK A 414 -1.78 -37.76 -1.78
C UNK A 414 -1.23 -39.13 -1.40
N UNK A 415 -0.03 -39.22 -0.84
CA UNK A 415 0.52 -40.49 -0.42
C UNK A 415 0.64 -41.54 -1.51
N UNK A 416 0.55 -41.14 -2.77
CA UNK A 416 0.68 -42.11 -3.85
C UNK A 416 1.50 -41.50 -4.99
N UNK A 417 2.80 -41.40 -4.76
CA UNK A 417 3.76 -40.88 -5.71
C UNK A 417 3.99 -41.85 -6.86
N UNK A 418 4.08 -41.42 -8.13
CA UNK A 418 4.30 -42.41 -9.17
C UNK A 418 5.71 -42.52 -9.73
N UNK A 419 5.95 -43.71 -10.31
CA UNK A 419 7.17 -44.11 -10.97
C UNK A 419 7.17 -43.38 -12.33
N UNK A 420 8.27 -42.75 -12.64
CA UNK A 420 8.39 -41.96 -13.86
C UNK A 420 7.78 -42.62 -15.07
N UNK A 421 7.82 -43.95 -15.17
CA UNK A 421 7.28 -44.68 -16.31
C UNK A 421 5.75 -44.67 -16.36
N UNK A 422 5.12 -44.65 -15.19
CA UNK A 422 3.68 -44.60 -15.05
C UNK A 422 3.16 -43.20 -15.41
N UNK A 423 3.94 -42.18 -15.01
CA UNK A 423 3.58 -40.80 -15.33
C UNK A 423 3.63 -40.59 -16.85
N UNK A 424 4.71 -40.99 -17.53
CA UNK A 424 4.71 -40.77 -18.97
C UNK A 424 3.62 -41.56 -19.67
N UNK A 425 3.34 -42.78 -19.23
CA UNK A 425 2.28 -43.56 -19.91
C UNK A 425 0.96 -42.81 -19.87
N UNK A 426 0.62 -42.27 -18.67
CA UNK A 426 -0.64 -41.53 -18.55
C UNK A 426 -0.58 -40.21 -19.31
N UNK A 427 0.50 -39.43 -19.15
CA UNK A 427 0.61 -38.16 -19.87
C UNK A 427 0.47 -38.41 -21.37
N UNK A 428 1.14 -39.46 -21.85
CA UNK A 428 1.07 -39.77 -23.27
C UNK A 428 -0.39 -39.84 -23.72
N UNK A 429 -1.22 -40.50 -22.93
CA UNK A 429 -2.63 -40.67 -23.24
C UNK A 429 -3.36 -39.41 -23.63
N UNK A 430 -3.29 -38.33 -22.87
CA UNK A 430 -4.03 -37.12 -23.24
C UNK A 430 -3.27 -36.27 -24.24
N UNK A 431 -1.97 -36.17 -24.03
CA UNK A 431 -1.06 -35.39 -24.89
C UNK A 431 -1.19 -35.86 -26.33
N UNK A 432 -1.26 -37.18 -26.53
CA UNK A 432 -1.41 -37.73 -27.87
C UNK A 432 -2.81 -37.47 -28.41
N UNK A 433 -3.76 -37.09 -27.57
CA UNK A 433 -5.11 -36.82 -28.03
C UNK A 433 -6.10 -37.89 -27.65
N UNK A 434 -5.68 -39.04 -27.13
CA UNK A 434 -6.63 -40.10 -26.78
C UNK A 434 -7.75 -39.71 -25.86
N UNK A 435 -7.58 -38.79 -24.90
CA UNK A 435 -8.72 -38.46 -24.03
C UNK A 435 -9.50 -37.26 -24.54
N UNK A 436 -9.18 -36.74 -25.72
CA UNK A 436 -9.86 -35.57 -26.25
C UNK A 436 -11.37 -35.76 -26.42
N UNK A 437 -11.79 -36.98 -26.70
CA UNK A 437 -13.23 -37.21 -26.89
C UNK A 437 -13.85 -37.73 -25.60
N UNK A 438 -13.00 -37.96 -24.60
CA UNK A 438 -13.45 -38.43 -23.29
C UNK A 438 -14.02 -37.24 -22.52
N UNK A 439 -14.85 -37.48 -21.51
CA UNK A 439 -15.43 -36.43 -20.71
C UNK A 439 -14.50 -35.99 -19.58
N UNK A 440 -14.29 -34.71 -19.46
CA UNK A 440 -13.46 -34.13 -18.42
C UNK A 440 -13.76 -34.81 -17.09
N UNK A 441 -15.05 -34.92 -16.78
CA UNK A 441 -15.46 -35.57 -15.55
C UNK A 441 -14.93 -36.98 -15.39
N UNK A 442 -14.51 -37.66 -16.46
CA UNK A 442 -13.99 -39.01 -16.37
C UNK A 442 -12.49 -39.20 -16.38
N UNK A 443 -11.68 -38.26 -16.84
CA UNK A 443 -10.24 -38.44 -16.89
C UNK A 443 -9.65 -38.97 -15.59
N UNK A 444 -10.12 -38.51 -14.45
CA UNK A 444 -9.59 -38.99 -13.17
C UNK A 444 -9.81 -40.49 -13.00
N UNK A 445 -10.97 -40.95 -13.45
CA UNK A 445 -11.37 -42.34 -13.37
C UNK A 445 -10.65 -43.20 -14.41
N UNK A 446 -10.48 -42.61 -15.59
CA UNK A 446 -9.78 -43.23 -16.70
C UNK A 446 -8.35 -43.59 -16.29
N UNK A 447 -7.57 -42.57 -15.96
CA UNK A 447 -6.18 -42.71 -15.57
C UNK A 447 -5.97 -43.80 -14.52
N UNK A 448 -6.74 -43.67 -13.45
CA UNK A 448 -6.72 -44.56 -12.33
C UNK A 448 -6.78 -46.02 -12.73
N UNK A 449 -7.81 -46.34 -13.52
CA UNK A 449 -8.09 -47.65 -14.05
C UNK A 449 -7.13 -48.03 -15.18
N UNK A 450 -6.83 -47.05 -16.02
CA UNK A 450 -5.91 -47.28 -17.12
C UNK A 450 -4.56 -47.67 -16.52
N UNK A 451 -4.16 -46.93 -15.52
CA UNK A 451 -2.86 -47.17 -14.89
C UNK A 451 -2.85 -48.45 -14.09
N UNK A 452 -4.02 -48.83 -13.62
CA UNK A 452 -4.16 -50.05 -12.81
C UNK A 452 -3.92 -51.25 -13.75
N UNK A 453 -4.50 -51.04 -14.94
CA UNK A 453 -4.40 -52.03 -16.00
C UNK A 453 -2.97 -52.28 -16.46
N UNK A 454 -2.24 -51.23 -16.86
CA UNK A 454 -0.87 -51.41 -17.34
C UNK A 454 0.11 -51.79 -16.24
N UNK A 455 -0.19 -51.46 -15.00
CA UNK A 455 0.68 -51.81 -13.88
C UNK A 455 0.45 -53.29 -13.59
N UNK A 456 -0.71 -53.78 -14.03
CA UNK A 456 -1.08 -55.18 -13.83
C UNK A 456 -0.61 -56.07 -14.99
N UNK A 457 -1.21 -55.85 -16.13
CA UNK A 457 -0.99 -56.55 -17.36
C UNK A 457 0.26 -56.17 -18.13
N UNK A 458 0.61 -54.90 -18.25
CA UNK A 458 1.75 -54.47 -19.01
C UNK A 458 3.04 -54.08 -18.34
N UNK A 459 3.50 -54.77 -17.32
CA UNK A 459 4.75 -54.40 -16.68
C UNK A 459 5.98 -54.62 -17.54
N UNK A 460 5.80 -55.10 -18.75
CA UNK A 460 6.94 -55.34 -19.62
C UNK A 460 7.19 -54.13 -20.51
N UNK A 461 6.14 -53.37 -20.77
CA UNK A 461 6.25 -52.19 -21.62
C UNK A 461 6.84 -51.06 -20.76
N UNK A 462 6.29 -50.98 -19.54
CA UNK A 462 6.75 -49.97 -18.60
C UNK A 462 8.22 -50.24 -18.31
N UNK A 463 8.57 -51.53 -18.20
CA UNK A 463 9.98 -51.89 -17.92
C UNK A 463 10.84 -51.44 -19.11
N UNK A 464 10.26 -51.47 -20.30
CA UNK A 464 10.97 -51.03 -21.51
C UNK A 464 11.19 -49.52 -21.36
N UNK A 465 10.07 -48.82 -21.40
CA UNK A 465 10.06 -47.35 -21.25
C UNK A 465 11.10 -46.96 -20.23
N UNK A 466 11.00 -47.65 -19.11
CA UNK A 466 11.94 -47.44 -18.00
C UNK A 466 13.33 -47.61 -18.57
N UNK A 467 13.74 -48.83 -18.83
CA UNK A 467 15.05 -49.14 -19.37
C UNK A 467 15.45 -48.31 -20.55
N UNK A 468 14.84 -48.47 -21.71
CA UNK A 468 15.19 -47.68 -22.87
C UNK A 468 15.21 -46.18 -22.58
N UNK A 469 14.69 -45.82 -21.41
CA UNK A 469 14.64 -44.44 -20.99
C UNK A 469 13.79 -43.55 -21.87
N UNK A 470 13.22 -44.06 -22.95
CA UNK A 470 12.39 -43.18 -23.80
C UNK A 470 11.23 -43.96 -24.39
N UNK A 471 10.46 -43.37 -25.29
CA UNK A 471 9.34 -44.14 -25.88
C UNK A 471 9.75 -44.54 -27.30
N UNK A 472 10.21 -45.81 -27.38
CA UNK A 472 10.64 -46.30 -28.70
C UNK A 472 9.45 -46.28 -29.65
N UNK A 473 9.77 -46.31 -30.93
CA UNK A 473 8.73 -46.31 -31.97
C UNK A 473 7.77 -47.49 -31.79
N UNK A 474 8.31 -48.56 -31.24
CA UNK A 474 7.63 -49.80 -30.92
C UNK A 474 6.64 -49.60 -29.78
N UNK A 475 7.23 -49.47 -28.59
CA UNK A 475 6.47 -49.24 -27.37
C UNK A 475 5.44 -48.15 -27.64
N UNK A 476 5.76 -47.29 -28.60
CA UNK A 476 4.83 -46.22 -28.93
C UNK A 476 3.55 -46.85 -29.49
N UNK A 477 3.76 -47.75 -30.45
CA UNK A 477 2.69 -48.46 -31.13
C UNK A 477 1.92 -49.37 -30.20
N UNK A 478 2.63 -49.98 -29.25
CA UNK A 478 2.01 -50.87 -28.29
C UNK A 478 1.07 -50.06 -27.37
N UNK A 479 1.52 -48.88 -26.99
CA UNK A 479 0.71 -48.00 -26.15
C UNK A 479 -0.52 -47.57 -26.95
N UNK A 480 -0.31 -47.23 -28.25
CA UNK A 480 -1.47 -46.81 -29.03
C UNK A 480 -2.61 -47.83 -28.89
N UNK A 481 -2.33 -49.09 -29.16
CA UNK A 481 -3.31 -50.16 -29.06
C UNK A 481 -3.82 -50.33 -27.64
N UNK A 482 -2.91 -50.39 -26.67
CA UNK A 482 -3.33 -50.53 -25.29
C UNK A 482 -4.35 -49.44 -24.94
N UNK A 483 -4.18 -48.19 -25.38
CA UNK A 483 -5.14 -47.16 -24.98
C UNK A 483 -6.38 -47.10 -25.85
N UNK A 484 -6.26 -47.44 -27.11
CA UNK A 484 -7.42 -47.40 -28.00
C UNK A 484 -8.36 -48.57 -27.75
N UNK A 485 -7.86 -49.61 -27.07
CA UNK A 485 -8.73 -50.76 -26.80
C UNK A 485 -9.30 -50.62 -25.41
N UNK A 486 -8.51 -50.03 -24.53
CA UNK A 486 -8.93 -49.76 -23.16
C UNK A 486 -10.01 -48.68 -23.17
N UNK A 487 -9.78 -47.64 -23.99
CA UNK A 487 -10.77 -46.58 -24.09
C UNK A 487 -12.10 -47.13 -24.58
N UNK A 488 -12.05 -47.96 -25.62
CA UNK A 488 -13.25 -48.59 -26.19
C UNK A 488 -13.95 -49.34 -25.06
N UNK A 489 -13.12 -50.13 -24.37
CA UNK A 489 -13.67 -50.87 -23.23
C UNK A 489 -14.37 -49.84 -22.34
N UNK A 490 -13.62 -48.82 -21.94
CA UNK A 490 -14.05 -47.76 -21.06
C UNK A 490 -15.38 -47.10 -21.37
N UNK A 491 -15.74 -46.83 -22.60
CA UNK A 491 -17.03 -46.19 -22.90
C UNK A 491 -18.13 -47.11 -23.44
N UNK A 492 -18.21 -48.29 -22.84
CA UNK A 492 -19.15 -49.32 -23.19
C UNK A 492 -20.36 -49.30 -22.24
N UNK B 6 50.48 20.86 22.58
CA UNK B 6 49.51 21.93 22.53
C UNK B 6 48.11 21.46 22.16
N UNK B 7 47.25 21.38 23.17
CA UNK B 7 45.87 20.95 22.91
C UNK B 7 44.92 22.11 22.78
N UNK B 8 45.45 23.31 22.61
CA UNK B 8 44.59 24.49 22.48
C UNK B 8 44.34 24.80 21.01
N UNK B 9 45.36 24.66 20.18
CA UNK B 9 45.16 24.96 18.76
C UNK B 9 45.37 23.73 17.90
N UNK B 10 45.68 22.64 18.60
CA UNK B 10 45.91 21.38 17.88
C UNK B 10 45.12 20.24 18.50
N UNK B 11 45.05 19.10 17.82
CA UNK B 11 44.37 17.92 18.31
C UNK B 11 44.98 16.67 17.68
N UNK B 12 44.86 15.54 18.36
CA UNK B 12 45.38 14.27 17.79
C UNK B 12 44.12 13.46 17.51
N UNK B 13 44.00 12.85 16.34
CA UNK B 13 42.80 12.07 16.00
C UNK B 13 42.60 10.90 16.96
N UNK B 14 41.36 10.72 17.47
CA UNK B 14 41.07 9.63 18.39
C UNK B 14 40.61 8.42 17.58
N UNK B 15 39.91 8.73 16.49
CA UNK B 15 39.36 7.66 15.65
C UNK B 15 38.77 8.21 14.36
N UNK B 16 39.07 7.57 13.25
CA UNK B 16 38.50 8.00 11.97
C UNK B 16 37.69 6.77 11.47
N UNK B 17 36.56 7.02 10.83
CA UNK B 17 35.67 5.99 10.33
C UNK B 17 34.33 6.62 9.93
N UNK B 18 33.87 6.17 8.75
CA UNK B 18 32.59 6.68 8.23
C UNK B 18 32.66 8.19 8.11
N UNK B 19 33.82 8.69 7.67
CA UNK B 19 34.05 10.08 7.43
C UNK B 19 33.80 11.06 8.55
N UNK B 20 33.89 10.55 9.76
CA UNK B 20 33.71 11.47 10.90
C UNK B 20 34.98 11.24 11.74
N UNK B 21 35.83 12.23 11.86
CA UNK B 21 37.04 12.02 12.66
C UNK B 21 36.75 12.54 14.06
N UNK B 22 37.10 11.77 15.08
CA UNK B 22 36.83 12.27 16.43
C UNK B 22 38.17 12.75 16.98
N UNK B 23 38.40 14.05 16.97
CA UNK B 23 39.64 14.63 17.45
C UNK B 23 39.65 14.96 18.92
N UNK B 24 40.82 14.84 19.53
CA UNK B 24 41.00 15.14 20.95
C UNK B 24 41.78 16.44 21.07
N UNK B 25 41.32 17.42 21.82
CA UNK B 25 42.05 18.69 21.90
C UNK B 25 41.31 19.75 21.10
N UNK B 26 42.03 20.63 20.42
CA UNK B 26 41.37 21.69 19.65
C UNK B 26 40.44 22.47 20.59
N UNK B 27 40.91 22.70 21.82
CA UNK B 27 40.07 23.41 22.77
C UNK B 27 39.69 24.81 22.29
N UNK B 28 40.33 25.33 21.27
CA UNK B 28 39.92 26.69 20.86
C UNK B 28 39.12 26.72 19.58
N UNK B 29 38.85 25.58 18.93
CA UNK B 29 38.08 25.67 17.70
C UNK B 29 36.69 26.29 17.95
N UNK B 30 36.22 26.97 16.91
CA UNK B 30 34.87 27.54 16.97
C UNK B 30 33.96 26.52 16.26
N UNK B 31 32.64 26.61 16.47
CA UNK B 31 31.80 25.62 15.74
C UNK B 31 31.82 26.00 14.25
N UNK B 32 32.03 25.02 13.37
CA UNK B 32 32.04 25.21 11.94
C UNK B 32 33.28 25.86 11.37
N UNK B 33 34.39 25.76 12.10
CA UNK B 33 35.64 26.38 11.61
C UNK B 33 36.34 25.31 10.77
N UNK B 34 37.11 25.68 9.77
CA UNK B 34 37.88 24.76 8.96
C UNK B 34 39.10 24.27 9.76
N UNK B 35 39.50 23.02 9.71
CA UNK B 35 40.70 22.61 10.49
C UNK B 35 41.57 21.86 9.50
N UNK B 36 42.80 21.49 9.78
CA UNK B 36 43.62 20.79 8.79
C UNK B 36 44.23 19.50 9.28
N UNK B 37 44.24 18.47 8.43
CA UNK B 37 44.80 17.19 8.85
C UNK B 37 46.25 17.05 8.45
N UNK B 38 47.06 16.30 9.20
CA UNK B 38 48.47 16.09 8.86
C UNK B 38 48.66 15.95 7.35
N UNK B 39 47.73 15.27 6.69
CA UNK B 39 47.76 15.01 5.26
C UNK B 39 47.20 16.12 4.41
N UNK B 40 47.18 17.33 4.93
CA UNK B 40 46.65 18.46 4.17
C UNK B 40 45.20 18.25 3.79
N UNK B 41 44.50 17.38 4.49
CA UNK B 41 43.06 17.16 4.19
C UNK B 41 42.29 18.22 5.01
N UNK B 42 41.08 18.57 4.59
CA UNK B 42 40.37 19.59 5.38
C UNK B 42 39.13 19.07 6.04
N UNK B 43 38.64 19.75 7.08
CA UNK B 43 37.44 19.29 7.75
C UNK B 43 36.69 20.45 8.36
N UNK B 44 35.45 20.18 8.76
CA UNK B 44 34.61 21.19 9.40
C UNK B 44 34.29 20.73 10.82
N UNK B 45 34.56 21.54 11.83
CA UNK B 45 34.23 21.19 13.22
C UNK B 45 32.70 21.28 13.32
N UNK B 46 32.07 20.14 13.44
CA UNK B 46 30.63 19.99 13.49
C UNK B 46 30.09 20.00 14.91
N UNK B 47 30.55 19.02 15.70
CA UNK B 47 30.15 18.87 17.07
C UNK B 47 31.24 19.31 18.04
N UNK B 48 30.87 20.22 18.93
CA UNK B 48 31.83 20.63 19.96
C UNK B 48 31.28 19.99 21.25
N UNK B 49 31.85 18.82 21.55
CA UNK B 49 31.46 18.06 22.73
C UNK B 49 32.48 18.26 23.84
N UNK B 50 32.04 18.10 25.07
CA UNK B 50 32.84 18.24 26.25
C UNK B 50 34.19 17.56 26.18
N UNK B 51 34.49 16.67 25.25
CA UNK B 51 35.84 16.06 25.38
C UNK B 51 36.31 15.51 24.07
N UNK B 52 35.91 16.20 23.00
CA UNK B 52 36.33 15.82 21.66
C UNK B 52 35.57 16.71 20.67
N UNK B 53 36.07 16.76 19.46
CA UNK B 53 35.42 17.56 18.40
C UNK B 53 35.02 16.61 17.29
N UNK B 54 33.75 16.58 16.91
CA UNK B 54 33.43 15.66 15.79
C UNK B 54 33.78 16.47 14.52
N UNK B 55 34.70 15.99 13.72
CA UNK B 55 35.03 16.76 12.50
C UNK B 55 34.55 16.02 11.26
N UNK B 56 34.03 16.74 10.28
CA UNK B 56 33.56 16.19 9.01
C UNK B 56 34.68 16.36 8.00
N UNK B 57 35.28 15.27 7.55
CA UNK B 57 36.40 15.27 6.63
C UNK B 57 35.99 15.54 5.20
N UNK B 58 36.53 16.56 4.56
CA UNK B 58 36.19 16.91 3.18
C UNK B 58 37.00 16.14 2.17
N UNK B 59 37.03 14.82 2.27
CA UNK B 59 37.80 14.00 1.32
C UNK B 59 37.86 12.57 1.83
N UNK B 60 38.53 11.67 1.11
CA UNK B 60 38.64 10.28 1.54
C UNK B 60 39.23 10.18 2.96
N UNK B 61 38.59 9.44 3.83
CA UNK B 61 39.08 9.29 5.18
C UNK B 61 40.12 8.17 5.29
N UNK B 62 40.61 7.69 4.17
CA UNK B 62 41.63 6.63 4.26
C UNK B 62 42.91 7.31 4.75
N UNK B 63 43.14 8.54 4.30
CA UNK B 63 44.27 9.37 4.64
C UNK B 63 44.38 9.75 6.10
N UNK B 64 43.30 9.66 6.86
CA UNK B 64 43.39 10.01 8.28
C UNK B 64 43.57 8.76 9.11
N UNK B 65 44.32 8.88 10.20
CA UNK B 65 44.53 7.73 11.06
C UNK B 65 44.50 8.17 12.52
N UNK B 66 44.32 7.18 13.40
CA UNK B 66 44.29 7.43 14.83
C UNK B 66 45.60 8.15 15.16
N UNK B 67 45.56 9.24 15.90
CA UNK B 67 46.78 9.93 16.26
C UNK B 67 47.27 11.03 15.35
N UNK B 68 46.74 11.22 14.15
CA UNK B 68 47.18 12.28 13.26
C UNK B 68 47.01 13.64 13.94
N UNK B 69 47.77 14.63 13.42
CA UNK B 69 47.63 15.95 14.04
C UNK B 69 46.59 16.76 13.28
N UNK B 70 45.75 17.46 14.03
CA UNK B 70 44.71 18.31 13.44
C UNK B 70 45.01 19.73 13.90
N UNK B 71 45.08 20.69 12.98
CA UNK B 71 45.36 22.07 13.38
C UNK B 71 44.25 23.03 12.98
N UNK B 72 43.96 23.98 13.88
CA UNK B 72 42.93 24.96 13.54
C UNK B 72 43.41 25.81 12.36
N UNK B 73 42.56 26.73 11.93
CA UNK B 73 42.87 27.62 10.85
C UNK B 73 42.17 28.95 11.20
N UNK B 74 41.48 28.92 12.33
CA UNK B 74 40.75 30.04 12.87
C UNK B 74 39.70 30.56 11.90
N UNK B 75 39.33 29.72 10.92
CA UNK B 75 38.36 30.14 9.93
C UNK B 75 37.11 29.30 9.73
N UNK B 76 35.94 29.94 9.86
CA UNK B 76 34.67 29.24 9.62
C UNK B 76 34.74 28.90 8.12
N UNK B 77 34.40 27.68 7.71
CA UNK B 77 34.49 27.31 6.31
C UNK B 77 34.15 28.46 5.38
N UNK B 78 34.95 28.82 4.26
CA UNK B 78 34.65 29.86 3.26
C UNK B 78 35.20 29.38 1.91
N UNK B 79 35.08 30.22 0.90
CA UNK B 79 35.60 29.87 -0.40
C UNK B 79 35.95 31.08 -1.29
N UNK B 80 36.91 30.81 -2.16
CA UNK B 80 37.40 31.74 -3.15
C UNK B 80 36.20 32.36 -3.85
N UNK B 81 36.19 33.65 -4.02
CA UNK B 81 35.06 34.31 -4.67
C UNK B 81 35.53 35.45 -5.57
N UNK B 82 34.84 35.77 -6.65
CA UNK B 82 35.24 36.87 -7.50
C UNK B 82 35.31 36.48 -8.96
N UNK B 83 35.32 37.50 -9.82
CA UNK B 83 35.37 37.31 -11.25
C UNK B 83 36.42 36.40 -11.82
N UNK B 84 37.48 36.05 -11.09
CA UNK B 84 38.51 35.17 -11.65
C UNK B 84 38.18 33.69 -11.60
N UNK B 85 36.94 33.34 -11.29
CA UNK B 85 36.51 31.94 -11.24
C UNK B 85 35.85 31.64 -12.58
N UNK B 86 35.31 32.71 -13.20
CA UNK B 86 34.68 32.53 -14.51
C UNK B 86 35.54 31.68 -15.41
N UNK B 87 34.99 30.71 -16.13
CA UNK B 87 35.81 29.88 -17.02
C UNK B 87 36.59 28.88 -16.23
N UNK B 88 36.44 28.88 -14.90
CA UNK B 88 37.16 27.84 -14.16
C UNK B 88 36.23 26.69 -13.76
N UNK B 89 36.81 25.51 -13.60
CA UNK B 89 36.11 24.30 -13.16
C UNK B 89 36.76 23.96 -11.79
N UNK B 90 36.04 24.30 -10.72
CA UNK B 90 36.52 24.05 -9.37
C UNK B 90 35.73 22.96 -8.65
N UNK B 91 36.33 22.46 -7.57
CA UNK B 91 35.69 21.45 -6.73
C UNK B 91 34.80 22.17 -5.69
N UNK B 92 34.27 21.47 -4.70
CA UNK B 92 33.39 22.11 -3.72
C UNK B 92 34.11 23.04 -2.77
N UNK B 93 35.44 23.03 -2.79
CA UNK B 93 36.22 23.90 -1.90
C UNK B 93 36.78 25.12 -2.60
N UNK B 94 36.64 25.19 -3.92
CA UNK B 94 37.17 26.32 -4.67
C UNK B 94 38.43 25.92 -5.41
N UNK B 95 39.01 24.75 -5.12
CA UNK B 95 40.19 24.24 -5.77
C UNK B 95 39.94 24.00 -7.26
N UNK B 96 40.90 24.36 -8.10
CA UNK B 96 40.72 24.20 -9.55
C UNK B 96 40.83 22.73 -9.92
N UNK B 97 40.01 22.27 -10.85
CA UNK B 97 40.08 20.87 -11.25
C UNK B 97 40.19 20.77 -12.78
N UNK B 98 40.35 21.93 -13.41
CA UNK B 98 40.52 21.95 -14.88
C UNK B 98 42.02 21.81 -15.14
N UNK B 99 42.78 21.74 -14.04
CA UNK B 99 44.23 21.61 -14.14
C UNK B 99 44.80 22.81 -14.94
N UNK B 100 44.07 23.90 -15.05
CA UNK B 100 44.47 25.08 -15.76
C UNK B 100 45.12 26.11 -14.83
N UNK B 101 45.86 25.71 -13.81
CA UNK B 101 46.49 26.71 -12.95
C UNK B 101 45.59 27.33 -11.91
N UNK B 102 46.20 27.70 -10.81
CA UNK B 102 45.58 28.31 -9.65
C UNK B 102 44.62 29.43 -9.94
N UNK B 103 43.58 29.52 -9.11
CA UNK B 103 42.57 30.57 -9.27
C UNK B 103 43.16 31.79 -8.56
N UNK B 104 43.31 32.90 -9.30
CA UNK B 104 43.91 34.06 -8.61
C UNK B 104 42.82 34.83 -7.88
N UNK B 105 42.35 34.29 -6.74
CA UNK B 105 41.27 35.01 -6.07
C UNK B 105 41.69 35.97 -4.99
N UNK B 106 41.05 37.15 -5.00
CA UNK B 106 41.34 38.17 -3.97
C UNK B 106 40.36 38.03 -2.82
N UNK B 107 39.07 37.91 -3.11
CA UNK B 107 38.07 37.76 -2.07
C UNK B 107 37.82 36.30 -1.67
N UNK B 108 37.29 36.20 -0.45
CA UNK B 108 36.87 34.97 0.17
C UNK B 108 35.45 35.21 0.72
N UNK B 109 34.69 34.15 0.91
CA UNK B 109 33.32 34.30 1.43
C UNK B 109 32.88 33.05 2.15
N UNK B 110 32.21 33.16 3.28
CA UNK B 110 31.73 32.00 4.03
C UNK B 110 30.64 31.30 3.19
N UNK B 111 30.60 29.97 3.26
CA UNK B 111 29.62 29.20 2.49
C UNK B 111 28.23 29.26 3.14
N UNK B 112 28.22 29.41 4.46
CA UNK B 112 27.06 29.49 5.23
C UNK B 112 26.41 30.79 5.54
N UNK B 113 26.59 31.93 4.92
CA UNK B 113 25.89 33.14 5.33
C UNK B 113 24.37 33.09 5.20
N UNK B 114 23.69 33.87 6.04
CA UNK B 114 22.24 33.91 6.02
C UNK B 114 21.72 34.79 4.92
N UNK B 115 20.63 34.44 4.28
CA UNK B 115 20.12 35.26 3.19
C UNK B 115 19.68 36.64 3.63
N UNK B 116 19.74 37.59 2.71
CA UNK B 116 19.30 38.95 2.93
C UNK B 116 17.84 38.95 3.41
N UNK B 117 17.54 39.84 4.34
CA UNK B 117 16.26 40.04 4.94
C UNK B 117 15.21 40.63 4.04
N UNK B 118 14.14 41.13 4.64
CA UNK B 118 13.01 41.71 3.92
C UNK B 118 13.30 43.05 3.29
N UNK B 119 13.91 43.97 4.04
CA UNK B 119 14.20 45.32 3.63
C UNK B 119 15.07 45.50 2.42
N UNK B 120 16.21 44.87 2.31
CA UNK B 120 17.11 45.01 1.19
C UNK B 120 16.58 44.55 -0.16
N UNK B 121 15.53 43.74 -0.29
CA UNK B 121 15.03 43.25 -1.56
C UNK B 121 13.95 44.10 -2.21
N UNK B 122 13.60 43.77 -3.43
CA UNK B 122 12.60 44.41 -4.26
C UNK B 122 12.03 43.35 -5.22
N UNK B 123 10.77 43.48 -5.59
CA UNK B 123 10.10 42.57 -6.48
C UNK B 123 10.88 42.29 -7.75
N UNK B 124 11.09 41.02 -8.11
CA UNK B 124 11.82 40.75 -9.35
C UNK B 124 11.07 41.49 -10.48
N UNK B 125 11.84 42.22 -11.28
CA UNK B 125 11.22 43.00 -12.33
C UNK B 125 11.98 42.87 -13.64
N UNK B 126 13.14 42.25 -13.59
CA UNK B 126 13.97 42.09 -14.79
C UNK B 126 13.85 40.68 -15.33
N UNK B 127 13.62 40.54 -16.61
CA UNK B 127 13.53 39.26 -17.24
C UNK B 127 14.86 38.51 -17.14
N UNK B 128 14.79 37.21 -17.04
CA UNK B 128 15.95 36.31 -17.01
C UNK B 128 15.65 35.36 -18.19
N UNK B 129 15.98 35.77 -19.40
CA UNK B 129 15.66 35.01 -20.60
C UNK B 129 16.36 33.66 -20.65
N UNK B 130 15.61 32.64 -21.07
CA UNK B 130 16.12 31.28 -21.18
C UNK B 130 16.44 31.05 -22.67
N UNK B 131 15.60 31.65 -23.54
CA UNK B 131 15.80 31.41 -24.98
C UNK B 131 14.89 30.26 -25.43
N UNK B 132 14.23 29.63 -24.45
CA UNK B 132 13.31 28.53 -24.66
C UNK B 132 11.87 29.07 -24.71
N UNK B 133 11.22 28.95 -25.87
CA UNK B 133 9.89 29.46 -26.08
C UNK B 133 8.83 29.15 -25.03
N UNK B 134 8.71 27.88 -24.65
CA UNK B 134 7.70 27.46 -23.66
C UNK B 134 7.93 28.19 -22.33
N UNK B 135 9.22 28.18 -21.96
CA UNK B 135 9.54 28.84 -20.71
C UNK B 135 9.34 30.34 -20.78
N UNK B 136 9.98 31.05 -21.70
CA UNK B 136 9.81 32.51 -21.76
C UNK B 136 8.43 32.98 -22.13
N UNK B 137 7.54 32.16 -22.65
CA UNK B 137 6.21 32.71 -22.96
C UNK B 137 5.21 32.37 -21.85
N UNK B 138 5.30 31.12 -21.36
CA UNK B 138 4.35 30.68 -20.35
C UNK B 138 4.88 30.56 -18.94
N UNK B 139 6.17 30.54 -18.74
CA UNK B 139 6.71 30.39 -17.38
C UNK B 139 7.89 31.31 -17.16
N UNK B 140 7.62 32.60 -17.34
CA UNK B 140 8.56 33.66 -17.21
C UNK B 140 9.40 33.63 -15.95
N UNK B 141 10.73 33.61 -16.07
CA UNK B 141 11.59 33.70 -14.89
C UNK B 141 12.05 35.16 -14.73
N UNK B 142 12.03 35.72 -13.52
CA UNK B 142 12.51 37.10 -13.32
C UNK B 142 13.89 36.95 -12.67
N UNK B 143 14.72 37.97 -12.69
CA UNK B 143 16.04 37.91 -12.05
C UNK B 143 15.87 38.11 -10.54
N UNK B 144 16.32 37.08 -9.80
CA UNK B 144 16.20 37.12 -8.35
C UNK B 144 15.11 36.11 -7.96
N UNK B 145 14.62 35.39 -8.96
CA UNK B 145 13.60 34.38 -8.73
C UNK B 145 14.27 33.04 -8.47
N UNK B 146 13.51 32.13 -7.86
CA UNK B 146 13.95 30.76 -7.60
C UNK B 146 12.88 29.95 -8.39
N UNK B 147 13.27 29.31 -9.47
CA UNK B 147 12.28 28.57 -10.27
C UNK B 147 12.78 27.13 -10.31
N UNK B 148 11.95 26.17 -9.95
CA UNK B 148 12.39 24.78 -9.89
C UNK B 148 12.22 24.03 -11.18
N UNK B 149 13.23 23.24 -11.53
CA UNK B 149 13.13 22.40 -12.75
C UNK B 149 12.87 21.00 -12.11
N UNK B 150 11.69 20.45 -12.42
CA UNK B 150 11.40 19.13 -11.78
C UNK B 150 10.88 18.11 -12.76
N UNK B 151 11.33 16.85 -12.66
CA UNK B 151 10.87 15.81 -13.57
C UNK B 151 11.55 14.48 -13.31
N UNK B 152 11.19 13.38 -14.00
CA UNK B 152 11.88 12.12 -13.68
C UNK B 152 13.25 12.12 -14.35
N UNK B 153 13.98 11.00 -14.23
CA UNK B 153 15.30 10.90 -14.84
C UNK B 153 15.20 11.02 -16.35
N UNK B 154 16.19 11.60 -16.99
CA UNK B 154 16.20 11.74 -18.43
C UNK B 154 14.98 12.44 -18.97
N UNK B 155 14.40 13.47 -18.41
CA UNK B 155 13.24 14.11 -19.06
C UNK B 155 13.68 15.42 -19.72
N UNK B 156 14.99 15.71 -19.66
CA UNK B 156 15.56 16.92 -20.23
C UNK B 156 15.63 18.06 -19.25
N UNK B 157 15.95 17.77 -17.99
CA UNK B 157 16.02 18.85 -16.98
C UNK B 157 17.26 19.68 -17.23
N UNK B 158 18.43 19.06 -17.07
CA UNK B 158 19.66 19.79 -17.34
C UNK B 158 19.60 20.55 -18.66
N UNK B 159 19.09 19.91 -19.72
CA UNK B 159 19.03 20.63 -20.98
C UNK B 159 18.38 21.98 -20.81
N UNK B 160 17.49 22.24 -19.88
CA UNK B 160 16.92 23.61 -19.81
C UNK B 160 17.93 24.55 -19.19
N UNK B 161 18.68 24.03 -18.20
CA UNK B 161 19.69 24.86 -17.54
C UNK B 161 20.69 25.37 -18.59
N UNK B 162 21.20 24.43 -19.39
CA UNK B 162 22.16 24.70 -20.43
C UNK B 162 21.64 25.72 -21.45
N UNK B 163 20.64 25.41 -22.26
CA UNK B 163 20.17 26.43 -23.20
C UNK B 163 20.12 27.75 -22.45
N UNK B 164 19.74 27.76 -21.18
CA UNK B 164 19.70 29.05 -20.46
C UNK B 164 21.08 29.66 -20.37
N UNK B 165 22.08 28.86 -19.97
CA UNK B 165 23.44 29.41 -19.83
C UNK B 165 23.90 29.99 -21.16
N UNK B 166 23.80 29.20 -22.23
CA UNK B 166 24.20 29.57 -23.57
C UNK B 166 23.49 30.80 -24.09
N UNK B 167 22.20 30.97 -23.86
CA UNK B 167 21.43 32.12 -24.34
C UNK B 167 21.95 33.41 -23.76
N UNK B 168 22.72 33.33 -22.68
CA UNK B 168 23.23 34.54 -22.03
C UNK B 168 24.30 35.25 -22.83
N UNK B 169 25.05 34.50 -23.64
CA UNK B 169 26.11 35.10 -24.44
C UNK B 169 25.61 36.30 -25.22
N UNK B 170 24.36 36.25 -25.66
CA UNK B 170 23.82 37.37 -26.44
C UNK B 170 23.89 38.65 -25.66
N UNK B 171 23.96 38.64 -24.34
CA UNK B 171 24.03 39.88 -23.58
C UNK B 171 25.43 40.07 -22.99
N UNK B 172 26.06 38.93 -22.68
CA UNK B 172 27.40 39.02 -22.10
C UNK B 172 28.34 39.58 -23.15
N UNK B 173 28.08 39.35 -24.43
CA UNK B 173 28.99 39.89 -25.46
C UNK B 173 28.55 41.30 -25.83
N UNK B 174 27.60 41.83 -25.07
CA UNK B 174 27.03 43.14 -25.29
C UNK B 174 27.72 44.26 -24.54
N UNK B 175 27.12 45.44 -24.70
CA UNK B 175 27.62 46.68 -24.13
C UNK B 175 27.26 46.92 -22.66
N UNK B 176 25.96 46.96 -22.43
CA UNK B 176 25.35 47.20 -21.14
C UNK B 176 25.63 46.17 -20.07
N UNK B 177 26.27 46.58 -18.99
CA UNK B 177 26.58 45.68 -17.89
C UNK B 177 25.35 45.26 -17.08
N UNK B 178 24.24 45.98 -17.16
CA UNK B 178 23.05 45.63 -16.38
C UNK B 178 22.16 44.60 -17.06
N UNK B 179 22.52 44.21 -18.26
CA UNK B 179 21.78 43.22 -19.03
C UNK B 179 22.55 41.91 -19.10
N UNK B 180 23.65 41.82 -18.38
CA UNK B 180 24.44 40.60 -18.40
C UNK B 180 24.07 39.65 -17.27
N UNK B 181 24.57 38.42 -17.39
CA UNK B 181 24.29 37.39 -16.43
C UNK B 181 25.40 36.37 -16.32
N UNK B 182 26.17 36.35 -15.24
CA UNK B 182 27.22 35.32 -15.14
C UNK B 182 26.55 34.06 -14.62
N UNK B 183 26.81 32.93 -15.23
CA UNK B 183 26.18 31.69 -14.81
C UNK B 183 27.07 30.85 -13.92
N UNK B 184 26.47 30.12 -12.97
CA UNK B 184 27.24 29.22 -12.11
C UNK B 184 26.52 27.86 -12.26
N UNK B 185 27.19 26.76 -12.49
CA UNK B 185 26.52 25.48 -12.66
C UNK B 185 27.08 24.54 -11.61
N UNK B 186 26.30 24.18 -10.60
CA UNK B 186 26.81 23.28 -9.56
C UNK B 186 26.39 21.86 -9.84
N UNK B 187 27.32 20.92 -9.84
CA UNK B 187 27.05 19.53 -10.12
C UNK B 187 27.24 18.73 -8.85
N UNK B 188 26.17 18.02 -8.51
CA UNK B 188 26.13 17.19 -7.29
C UNK B 188 25.71 15.78 -7.66
N UNK B 189 26.47 14.77 -7.27
CA UNK B 189 26.12 13.41 -7.53
C UNK B 189 26.15 12.98 -8.97
N UNK B 190 26.38 13.88 -9.93
CA UNK B 190 26.50 13.49 -11.33
C UNK B 190 27.76 12.65 -11.58
N UNK B 191 27.90 12.30 -12.85
CA UNK B 191 29.03 11.51 -13.35
C UNK B 191 30.05 12.52 -13.91
N UNK B 192 31.36 12.36 -13.63
CA UNK B 192 32.27 13.36 -14.21
C UNK B 192 32.15 13.30 -15.75
N UNK B 193 32.15 12.06 -16.29
CA UNK B 193 32.02 11.94 -17.74
C UNK B 193 31.00 12.98 -18.20
N UNK B 194 29.92 13.15 -17.43
CA UNK B 194 28.91 14.14 -17.80
C UNK B 194 29.28 15.59 -17.64
N UNK B 195 29.95 15.95 -16.56
CA UNK B 195 30.33 17.36 -16.35
C UNK B 195 31.39 17.78 -17.37
N UNK B 196 32.37 16.89 -17.52
CA UNK B 196 33.44 17.04 -18.48
C UNK B 196 32.85 17.19 -19.87
N UNK B 197 31.76 16.52 -20.22
CA UNK B 197 31.23 16.73 -21.57
C UNK B 197 30.39 18.01 -21.56
N UNK B 198 29.92 18.37 -20.38
CA UNK B 198 29.05 19.53 -20.15
C UNK B 198 29.80 20.82 -20.45
N UNK B 199 31.03 20.87 -19.88
CA UNK B 199 31.84 22.08 -20.10
C UNK B 199 32.31 22.07 -21.56
N UNK B 200 32.54 20.87 -22.12
CA UNK B 200 32.96 20.82 -23.53
C UNK B 200 31.91 21.58 -24.36
N UNK B 201 30.65 21.24 -24.14
CA UNK B 201 29.56 21.88 -24.86
C UNK B 201 29.55 23.39 -24.55
N UNK B 202 29.80 23.72 -23.27
CA UNK B 202 29.78 25.13 -22.88
C UNK B 202 30.92 25.89 -23.52
N UNK B 203 32.07 25.25 -23.57
CA UNK B 203 33.29 25.78 -24.17
C UNK B 203 33.04 25.99 -25.66
N UNK B 204 32.62 24.93 -26.37
CA UNK B 204 32.37 25.19 -27.79
C UNK B 204 31.29 26.25 -27.95
N UNK B 205 30.50 26.62 -26.94
CA UNK B 205 29.48 27.65 -27.31
C UNK B 205 30.00 29.01 -26.87
N UNK B 206 31.21 28.96 -26.31
CA UNK B 206 31.83 30.19 -25.81
C UNK B 206 30.91 30.84 -24.75
N UNK B 207 30.58 30.00 -23.78
CA UNK B 207 29.73 30.34 -22.65
C UNK B 207 30.51 30.14 -21.34
N UNK B 208 31.59 29.34 -21.43
CA UNK B 208 32.43 29.13 -20.25
C UNK B 208 33.06 30.46 -19.86
N UNK B 209 33.26 31.28 -20.89
CA UNK B 209 33.86 32.59 -20.63
C UNK B 209 33.03 33.24 -19.55
N UNK B 210 31.72 32.96 -19.51
CA UNK B 210 30.95 33.61 -18.44
C UNK B 210 30.33 32.62 -17.45
N UNK B 211 30.88 31.45 -17.27
CA UNK B 211 30.31 30.45 -16.35
C UNK B 211 31.30 29.95 -15.33
N UNK B 212 30.89 29.60 -14.10
CA UNK B 212 31.86 28.99 -13.17
C UNK B 212 31.39 27.54 -13.03
N UNK B 213 32.12 26.55 -12.60
CA UNK B 213 31.46 25.22 -12.53
C UNK B 213 31.95 24.51 -11.28
N UNK B 214 31.06 24.32 -10.30
CA UNK B 214 31.52 23.61 -9.09
C UNK B 214 31.10 22.16 -9.26
N UNK B 215 32.00 21.22 -9.05
CA UNK B 215 31.68 19.84 -9.18
C UNK B 215 31.95 19.03 -7.91
N UNK B 216 30.90 18.35 -7.46
CA UNK B 216 30.98 17.41 -6.32
C UNK B 216 30.25 16.23 -6.98
N UNK B 217 31.00 15.36 -7.64
CA UNK B 217 30.35 14.27 -8.38
C UNK B 217 30.22 12.96 -7.63
N UNK B 218 29.60 12.01 -8.35
CA UNK B 218 29.29 10.69 -7.85
C UNK B 218 30.37 10.02 -7.04
N UNK B 219 31.61 10.45 -7.21
CA UNK B 219 32.70 9.82 -6.48
C UNK B 219 33.27 10.63 -5.33
N UNK B 220 32.82 11.86 -5.12
CA UNK B 220 33.35 12.66 -4.01
C UNK B 220 32.63 12.37 -2.72
N UNK B 221 33.35 12.44 -1.60
CA UNK B 221 32.71 12.16 -0.31
C UNK B 221 31.43 12.96 -0.16
N UNK B 222 30.44 12.34 0.49
CA UNK B 222 29.13 12.97 0.72
C UNK B 222 29.26 14.40 1.21
N UNK B 223 30.12 14.69 2.17
CA UNK B 223 30.33 16.04 2.70
C UNK B 223 30.68 17.04 1.61
N UNK B 224 31.40 16.57 0.57
CA UNK B 224 31.69 17.51 -0.53
C UNK B 224 30.45 17.70 -1.37
N UNK B 225 29.69 16.62 -1.60
CA UNK B 225 28.46 16.79 -2.40
C UNK B 225 27.47 17.69 -1.64
N UNK B 226 27.43 17.51 -0.31
CA UNK B 226 26.59 18.28 0.58
C UNK B 226 27.00 19.74 0.47
N UNK B 227 28.29 20.04 0.62
CA UNK B 227 28.83 21.39 0.57
C UNK B 227 28.67 22.13 -0.74
N UNK B 228 29.02 21.49 -1.84
CA UNK B 228 28.97 22.06 -3.16
C UNK B 228 27.99 23.17 -3.42
N UNK B 229 26.70 23.04 -3.22
CA UNK B 229 25.72 24.08 -3.50
C UNK B 229 25.89 25.36 -2.70
N UNK B 230 26.37 25.28 -1.46
CA UNK B 230 26.59 26.45 -0.62
C UNK B 230 27.75 27.27 -1.18
N UNK B 231 28.84 26.58 -1.56
CA UNK B 231 29.99 27.22 -2.18
C UNK B 231 29.55 27.93 -3.46
N UNK B 232 29.01 27.18 -4.42
CA UNK B 232 28.55 27.84 -5.66
C UNK B 232 27.68 29.02 -5.27
N UNK B 233 26.79 28.85 -4.30
CA UNK B 233 25.92 29.99 -3.94
C UNK B 233 26.75 31.20 -3.52
N UNK B 234 27.75 31.03 -2.66
CA UNK B 234 28.57 32.16 -2.24
C UNK B 234 29.20 32.86 -3.44
N UNK B 235 29.65 32.08 -4.43
CA UNK B 235 30.23 32.67 -5.66
C UNK B 235 29.14 33.45 -6.36
N UNK B 236 27.92 32.91 -6.43
CA UNK B 236 26.88 33.71 -7.11
C UNK B 236 26.61 34.99 -6.32
N UNK B 237 26.77 34.92 -5.00
CA UNK B 237 26.49 36.06 -4.13
C UNK B 237 27.43 37.23 -4.34
N UNK B 238 28.67 36.93 -4.73
CA UNK B 238 29.57 38.09 -5.00
C UNK B 238 28.87 38.97 -6.06
N UNK B 239 28.49 38.35 -7.18
CA UNK B 239 27.80 39.13 -8.21
C UNK B 239 26.57 39.82 -7.65
N UNK B 240 25.68 39.12 -6.95
CA UNK B 240 24.46 39.73 -6.41
C UNK B 240 24.81 40.95 -5.56
N UNK B 241 25.83 40.72 -4.71
CA UNK B 241 26.25 41.80 -3.82
C UNK B 241 26.90 42.95 -4.51
N UNK B 242 27.40 42.87 -5.73
CA UNK B 242 28.01 44.03 -6.37
C UNK B 242 27.24 44.57 -7.54
N UNK B 243 25.97 44.90 -7.42
CA UNK B 243 25.26 45.46 -8.58
C UNK B 243 25.30 44.59 -9.81
N UNK B 244 25.84 43.38 -9.74
CA UNK B 244 25.88 42.49 -10.91
C UNK B 244 24.75 41.49 -10.88
N UNK B 245 24.63 40.60 -11.86
CA UNK B 245 23.54 39.62 -11.90
C UNK B 245 24.00 38.20 -12.16
N UNK B 246 23.84 37.24 -11.25
CA UNK B 246 24.30 35.88 -11.52
C UNK B 246 23.16 34.88 -11.60
N UNK B 247 23.45 33.72 -12.18
CA UNK B 247 22.51 32.63 -12.33
C UNK B 247 23.12 31.35 -11.73
N UNK B 248 22.44 30.73 -10.77
CA UNK B 248 23.03 29.51 -10.20
C UNK B 248 22.11 28.32 -10.52
N UNK B 249 22.74 27.22 -10.93
CA UNK B 249 22.03 25.99 -11.25
C UNK B 249 22.51 24.84 -10.35
N UNK B 250 21.58 24.42 -9.49
CA UNK B 250 21.90 23.32 -8.57
C UNK B 250 21.39 22.02 -9.19
N UNK B 251 22.32 21.21 -9.70
CA UNK B 251 21.87 19.96 -10.36
C UNK B 251 22.47 18.75 -9.70
N UNK B 252 21.71 17.99 -8.93
CA UNK B 252 20.35 18.14 -8.55
C UNK B 252 20.35 18.38 -7.00
N UNK B 253 19.24 18.86 -6.47
CA UNK B 253 19.11 18.99 -5.01
C UNK B 253 18.65 17.63 -4.44
N UNK B 254 18.14 16.78 -5.33
CA UNK B 254 17.77 15.42 -4.99
C UNK B 254 18.99 14.70 -4.39
N UNK B 255 20.09 14.64 -5.17
CA UNK B 255 21.29 13.95 -4.72
C UNK B 255 22.00 14.65 -3.57
N UNK B 256 21.81 15.97 -3.48
CA UNK B 256 22.49 16.64 -2.33
C UNK B 256 21.78 16.12 -1.06
N UNK B 257 20.45 16.08 -1.15
CA UNK B 257 19.61 15.59 -0.08
C UNK B 257 20.01 14.19 0.37
N UNK B 258 20.29 13.28 -0.60
CA UNK B 258 20.72 11.94 -0.15
C UNK B 258 22.12 11.99 0.44
N UNK B 259 22.97 12.90 -0.01
CA UNK B 259 24.32 13.00 0.55
C UNK B 259 24.20 13.45 2.00
N UNK B 260 23.34 14.47 2.23
CA UNK B 260 23.15 14.99 3.60
C UNK B 260 22.53 13.96 4.54
N UNK B 261 21.62 13.15 3.98
CA UNK B 261 20.98 12.09 4.73
C UNK B 261 22.05 11.04 5.03
N UNK B 262 22.95 10.74 4.08
CA UNK B 262 23.97 9.75 4.45
C UNK B 262 24.73 10.29 5.68
N UNK B 263 25.05 11.59 5.60
CA UNK B 263 25.80 12.18 6.74
C UNK B 263 24.99 12.05 8.03
N UNK B 264 23.72 12.49 7.97
CA UNK B 264 22.84 12.41 9.13
C UNK B 264 22.64 11.01 9.66
N UNK B 265 22.46 9.97 8.86
CA UNK B 265 22.32 8.64 9.43
C UNK B 265 23.65 8.22 10.04
N UNK B 266 24.76 8.58 9.39
CA UNK B 266 26.05 8.19 9.98
C UNK B 266 26.26 8.95 11.26
N UNK B 267 25.74 10.17 11.42
CA UNK B 267 25.98 10.84 12.71
C UNK B 267 25.01 10.32 13.77
N UNK B 268 24.07 9.49 13.36
CA UNK B 268 23.01 8.89 14.13
C UNK B 268 21.80 9.75 14.42
N UNK B 269 21.52 10.75 13.59
CA UNK B 269 20.34 11.59 13.86
C UNK B 269 19.08 10.86 13.42
N UNK B 270 18.03 10.91 14.23
CA UNK B 270 16.76 10.26 14.02
C UNK B 270 16.30 10.36 12.58
N UNK B 271 16.13 9.26 11.90
CA UNK B 271 15.63 9.23 10.54
C UNK B 271 14.12 9.51 10.58
N UNK B 272 13.56 10.30 9.69
CA UNK B 272 12.12 10.54 9.74
C UNK B 272 11.49 10.09 8.42
N UNK B 273 10.53 10.88 7.93
CA UNK B 273 9.89 10.51 6.66
C UNK B 273 10.95 10.14 5.64
N UNK B 274 10.83 9.05 4.93
CA UNK B 274 11.76 8.52 3.96
C UNK B 274 13.17 8.43 4.55
N UNK B 275 13.31 8.25 5.85
CA UNK B 275 14.60 8.15 6.51
C UNK B 275 15.35 9.48 6.45
N UNK B 276 14.71 10.54 5.92
CA UNK B 276 15.42 11.83 5.90
C UNK B 276 15.40 12.45 7.28
N UNK B 277 16.49 13.08 7.66
CA UNK B 277 16.65 13.78 8.93
C UNK B 277 15.66 14.95 8.96
N UNK B 278 15.22 15.35 10.15
CA UNK B 278 14.27 16.39 10.38
C UNK B 278 14.56 17.72 9.78
N UNK B 279 15.83 18.02 9.54
CA UNK B 279 16.19 19.31 8.98
C UNK B 279 16.49 19.36 7.51
N UNK B 280 16.16 18.34 6.71
CA UNK B 280 16.39 18.48 5.28
C UNK B 280 15.57 19.61 4.65
N UNK B 281 14.50 20.11 5.23
CA UNK B 281 13.79 21.18 4.51
C UNK B 281 14.71 22.41 4.65
N UNK B 282 15.31 22.50 5.84
CA UNK B 282 16.19 23.67 6.07
C UNK B 282 17.45 23.54 5.23
N UNK B 283 17.94 22.33 4.98
CA UNK B 283 19.10 22.15 4.09
C UNK B 283 18.79 22.96 2.82
N UNK B 284 17.52 22.90 2.40
CA UNK B 284 17.15 23.58 1.19
C UNK B 284 16.69 24.99 1.37
N UNK B 285 15.88 25.35 2.36
CA UNK B 285 15.41 26.74 2.47
C UNK B 285 16.57 27.71 2.62
N UNK B 286 17.51 27.31 3.50
CA UNK B 286 18.66 28.22 3.74
C UNK B 286 19.33 28.51 2.39
N UNK B 287 19.67 27.45 1.67
CA UNK B 287 20.29 27.62 0.36
C UNK B 287 19.49 28.52 -0.56
N UNK B 288 18.27 28.15 -0.94
CA UNK B 288 17.49 28.93 -1.87
C UNK B 288 16.98 30.27 -1.44
N UNK B 289 17.11 30.65 -0.18
CA UNK B 289 16.65 31.97 0.29
C UNK B 289 17.66 33.01 -0.20
N UNK B 290 18.89 32.55 -0.42
CA UNK B 290 19.97 33.39 -0.88
C UNK B 290 19.79 33.85 -2.31
N UNK B 291 18.97 33.17 -3.13
CA UNK B 291 18.79 33.75 -4.49
C UNK B 291 17.96 34.99 -4.14
N UNK B 292 18.09 36.12 -4.78
CA UNK B 292 17.31 37.29 -4.38
C UNK B 292 17.57 38.49 -5.28
N UNK B 293 16.64 39.41 -5.30
CA UNK B 293 16.74 40.63 -6.09
C UNK B 293 16.85 41.82 -5.12
N UNK B 294 18.05 42.38 -5.08
CA UNK B 294 18.30 43.54 -4.20
C UNK B 294 17.73 44.81 -4.79
N UNK B 295 17.51 45.85 -3.99
CA UNK B 295 16.97 47.08 -4.57
C UNK B 295 18.16 48.00 -4.87
N UNK B 296 17.85 49.15 -5.45
CA UNK B 296 18.92 50.11 -5.75
C UNK B 296 19.80 50.46 -4.58
N UNK B 297 19.23 50.79 -3.42
CA UNK B 297 20.02 51.13 -2.26
C UNK B 297 21.00 50.03 -1.91
N UNK B 298 20.90 48.82 -2.46
CA UNK B 298 21.84 47.76 -2.18
C UNK B 298 22.55 47.24 -3.43
N UNK B 299 22.44 47.99 -4.51
CA UNK B 299 23.10 47.64 -5.74
C UNK B 299 22.20 47.28 -6.88
N UNK B 300 20.96 46.88 -6.63
CA UNK B 300 20.06 46.48 -7.71
C UNK B 300 20.51 45.11 -8.24
N UNK B 301 21.61 44.55 -7.75
CA UNK B 301 22.08 43.26 -8.24
C UNK B 301 21.12 42.12 -8.02
N UNK B 302 21.49 40.88 -8.37
CA UNK B 302 20.55 39.78 -8.15
C UNK B 302 21.14 38.41 -8.32
N UNK B 303 20.50 37.39 -7.77
CA UNK B 303 20.95 35.99 -7.89
C UNK B 303 19.72 35.18 -8.31
N UNK B 304 19.75 34.41 -9.37
CA UNK B 304 18.59 33.64 -9.82
C UNK B 304 18.87 32.16 -9.65
N UNK B 305 18.04 31.40 -8.93
CA UNK B 305 18.40 29.98 -8.77
C UNK B 305 17.45 29.06 -9.51
N UNK B 306 18.00 28.15 -10.29
CA UNK B 306 17.22 27.13 -11.02
C UNK B 306 17.68 25.78 -10.44
N UNK B 307 17.17 25.37 -9.28
CA UNK B 307 17.58 24.14 -8.63
C UNK B 307 16.95 22.95 -9.33
N UNK B 308 17.59 21.80 -9.38
CA UNK B 308 16.90 20.68 -10.08
C UNK B 308 16.51 19.62 -9.07
N UNK B 309 15.33 19.01 -9.26
CA UNK B 309 14.84 17.97 -8.32
C UNK B 309 14.36 16.79 -9.19
N UNK B 310 14.81 15.60 -8.89
CA UNK B 310 14.37 14.45 -9.67
C UNK B 310 13.27 13.61 -9.01
N UNK B 311 12.06 13.59 -9.57
CA UNK B 311 10.94 12.83 -9.01
C UNK B 311 11.02 11.37 -9.49
N UNK B 312 10.39 10.45 -8.79
CA UNK B 312 10.34 9.06 -9.23
C UNK B 312 8.90 8.86 -9.76
N UNK B 313 8.74 8.20 -10.88
CA UNK B 313 7.45 7.94 -11.48
C UNK B 313 6.52 9.13 -11.48
N UNK B 314 6.99 10.32 -11.78
CA UNK B 314 6.13 11.49 -11.85
C UNK B 314 5.40 11.82 -10.58
N UNK B 315 5.85 11.21 -9.47
CA UNK B 315 5.24 11.45 -8.16
C UNK B 315 5.68 12.81 -7.63
N UNK B 316 4.88 13.86 -7.85
CA UNK B 316 5.33 15.15 -7.31
C UNK B 316 4.86 15.35 -5.88
N UNK B 317 4.40 14.33 -5.17
CA UNK B 317 3.99 14.53 -3.79
C UNK B 317 5.02 14.06 -2.79
N UNK B 318 6.07 13.43 -3.24
CA UNK B 318 7.10 12.92 -2.34
C UNK B 318 7.60 14.00 -1.41
N UNK B 319 8.24 13.55 -0.35
CA UNK B 319 8.74 14.44 0.70
C UNK B 319 9.66 15.48 0.11
N UNK B 320 10.71 15.04 -0.59
CA UNK B 320 11.67 16.03 -1.12
C UNK B 320 11.06 16.92 -2.14
N UNK B 321 10.43 16.48 -3.19
CA UNK B 321 9.82 17.38 -4.16
C UNK B 321 8.93 18.38 -3.47
N UNK B 322 8.04 17.89 -2.58
CA UNK B 322 7.15 18.88 -1.93
C UNK B 322 7.95 19.93 -1.20
N UNK B 323 8.91 19.48 -0.41
CA UNK B 323 9.76 20.44 0.32
C UNK B 323 10.15 21.55 -0.65
N UNK B 324 10.89 21.17 -1.68
CA UNK B 324 11.37 22.14 -2.64
C UNK B 324 10.28 22.94 -3.30
N UNK B 325 9.09 22.40 -3.54
CA UNK B 325 8.05 23.23 -4.20
C UNK B 325 7.64 24.32 -3.22
N UNK B 326 7.72 24.01 -1.93
CA UNK B 326 7.30 24.97 -0.90
C UNK B 326 8.36 26.00 -0.55
N UNK B 327 9.39 26.04 -1.42
CA UNK B 327 10.47 27.00 -1.22
C UNK B 327 10.62 27.93 -2.43
N UNK B 328 10.66 27.37 -3.62
CA UNK B 328 10.86 28.18 -4.84
C UNK B 328 9.65 29.01 -5.17
N UNK B 329 9.68 29.75 -6.27
CA UNK B 329 8.62 30.63 -6.68
C UNK B 329 7.91 30.18 -7.95
N UNK B 330 7.84 28.85 -8.12
CA UNK B 330 7.18 28.26 -9.29
C UNK B 330 7.93 26.96 -9.61
N UNK B 331 7.42 26.20 -10.56
CA UNK B 331 8.10 24.98 -10.96
C UNK B 331 7.90 24.86 -12.52
N UNK B 332 8.75 24.04 -13.09
CA UNK B 332 8.70 23.66 -14.50
C UNK B 332 8.74 22.12 -14.45
N UNK B 333 7.54 21.53 -14.60
CA UNK B 333 7.50 20.08 -14.58
C UNK B 333 7.54 19.57 -16.04
N UNK B 334 8.53 18.72 -16.25
CA UNK B 334 8.73 18.04 -17.52
C UNK B 334 8.10 16.64 -17.37
N UNK B 335 7.29 16.16 -18.30
CA UNK B 335 6.64 14.87 -18.21
C UNK B 335 7.21 13.79 -19.11
N UNK B 336 7.44 12.59 -18.65
CA UNK B 336 7.96 11.52 -19.52
C UNK B 336 7.06 11.23 -20.70
N UNK B 337 5.76 11.24 -20.44
CA UNK B 337 4.79 10.99 -21.51
C UNK B 337 5.12 11.97 -22.65
N UNK B 338 5.10 13.26 -22.33
CA UNK B 338 5.35 14.31 -23.31
C UNK B 338 6.60 14.05 -24.12
N UNK B 339 7.69 13.78 -23.42
CA UNK B 339 9.00 13.49 -23.96
C UNK B 339 8.99 12.43 -25.05
N UNK B 340 8.43 11.26 -24.83
CA UNK B 340 8.33 10.21 -25.84
C UNK B 340 7.41 10.60 -26.99
N UNK B 341 6.23 11.09 -26.64
CA UNK B 341 5.23 11.53 -27.60
C UNK B 341 5.83 12.58 -28.53
N UNK B 342 7.10 12.94 -28.31
CA UNK B 342 7.78 13.93 -29.11
C UNK B 342 7.58 15.39 -28.70
N UNK B 343 7.01 15.69 -27.51
CA UNK B 343 6.91 17.11 -27.20
C UNK B 343 8.11 17.42 -26.30
N UNK B 344 9.01 18.23 -26.81
CA UNK B 344 10.22 18.62 -26.08
C UNK B 344 10.51 20.09 -26.41
N UNK B 345 10.79 20.87 -25.41
CA UNK B 345 10.88 20.46 -24.03
C UNK B 345 9.60 19.87 -23.48
N UNK B 346 9.69 18.73 -22.81
CA UNK B 346 8.57 18.01 -22.22
C UNK B 346 7.87 18.80 -21.13
N UNK B 347 7.71 20.10 -21.30
CA UNK B 347 7.06 20.92 -20.29
C UNK B 347 5.58 20.58 -20.15
N UNK B 348 5.05 20.61 -18.93
CA UNK B 348 3.65 20.36 -18.65
C UNK B 348 3.07 21.77 -18.41
N UNK B 349 2.55 22.40 -19.45
CA UNK B 349 2.05 23.76 -19.33
C UNK B 349 0.93 23.98 -18.35
N UNK B 350 0.10 23.03 -17.95
CA UNK B 350 -0.95 23.36 -16.96
C UNK B 350 -0.38 23.33 -15.54
N UNK B 351 0.37 22.27 -15.20
CA UNK B 351 0.99 22.07 -13.92
C UNK B 351 2.09 23.09 -13.59
N UNK B 352 2.95 23.42 -14.54
CA UNK B 352 4.04 24.36 -14.29
C UNK B 352 3.55 25.76 -13.96
N UNK B 353 4.31 26.55 -13.21
CA UNK B 353 3.95 27.88 -12.80
C UNK B 353 5.17 28.80 -12.57
N UNK B 354 4.86 30.09 -12.58
CA UNK B 354 5.84 31.12 -12.27
C UNK B 354 5.11 32.13 -11.35
N UNK B 355 5.21 31.93 -10.05
CA UNK B 355 4.55 32.76 -9.08
C UNK B 355 4.94 34.23 -9.16
N UNK B 356 6.20 34.57 -9.44
CA UNK B 356 6.64 35.95 -9.47
C UNK B 356 7.02 36.59 -10.79
N UNK B 357 7.22 35.86 -11.86
CA UNK B 357 7.63 36.28 -13.14
C UNK B 357 6.79 37.06 -14.09
N UNK B 358 5.47 37.25 -13.97
CA UNK B 358 4.73 38.01 -14.96
C UNK B 358 5.30 39.42 -15.11
N UNK B 359 5.60 40.05 -13.99
CA UNK B 359 6.15 41.41 -14.01
C UNK B 359 7.46 41.43 -14.79
N UNK B 360 8.27 40.42 -14.54
CA UNK B 360 9.55 40.32 -15.23
C UNK B 360 9.32 40.15 -16.73
N UNK B 361 8.13 39.76 -17.16
CA UNK B 361 7.90 39.52 -18.57
C UNK B 361 7.83 40.76 -19.44
N UNK B 362 8.22 39.44 -19.14
CA UNK B 362 8.16 40.57 -20.06
C UNK B 362 6.73 40.82 -20.49
N UNK B 363 6.36 42.06 -20.78
CA UNK B 363 4.96 42.34 -21.18
C UNK B 363 4.65 41.72 -22.55
N UNK B 364 5.63 41.76 -23.45
CA UNK B 364 5.51 41.22 -24.79
C UNK B 364 4.96 39.79 -24.73
N UNK B 365 5.58 38.99 -23.86
CA UNK B 365 5.14 37.61 -23.65
C UNK B 365 3.80 37.61 -22.93
N UNK B 366 3.71 38.47 -21.91
CA UNK B 366 2.41 38.54 -21.23
C UNK B 366 1.33 38.59 -22.33
N UNK B 367 1.61 39.44 -23.30
CA UNK B 367 0.74 39.71 -24.45
C UNK B 367 0.42 38.49 -25.27
N UNK B 368 1.39 37.64 -25.54
CA UNK B 368 1.09 36.44 -26.35
C UNK B 368 0.96 35.17 -25.53
N UNK B 369 1.88 34.95 -24.60
CA UNK B 369 1.88 33.78 -23.74
C UNK B 369 0.68 33.77 -22.80
N UNK B 370 0.14 34.95 -22.51
CA UNK B 370 -1.01 35.09 -21.64
C UNK B 370 -2.25 34.31 -22.06
N UNK B 371 -2.55 34.30 -23.37
CA UNK B 371 -3.70 33.61 -23.92
C UNK B 371 -3.31 32.26 -24.51
N UNK B 372 -2.08 31.84 -24.21
CA UNK B 372 -1.55 30.57 -24.66
C UNK B 372 -1.85 29.46 -23.65
N UNK B 373 -1.67 29.71 -22.34
CA UNK B 373 -2.02 28.57 -21.44
C UNK B 373 -3.55 28.46 -21.48
N UNK B 374 -4.21 29.62 -21.60
CA UNK B 374 -5.67 29.68 -21.66
C UNK B 374 -6.21 28.79 -22.77
N UNK B 375 -5.65 28.93 -23.96
CA UNK B 375 -6.07 28.12 -25.11
C UNK B 375 -5.72 26.65 -24.83
N UNK B 376 -4.50 26.51 -24.31
CA UNK B 376 -3.91 25.25 -23.94
C UNK B 376 -4.59 24.65 -22.71
N UNK B 377 -5.39 25.48 -22.05
CA UNK B 377 -6.11 24.97 -20.87
C UNK B 377 -7.30 24.16 -21.40
N UNK B 378 -7.95 24.83 -22.37
CA UNK B 378 -9.11 24.36 -23.09
C UNK B 378 -8.83 23.21 -24.04
N UNK B 379 -7.54 22.92 -24.21
CA UNK B 379 -7.10 21.83 -25.08
C UNK B 379 -6.66 20.67 -24.17
N UNK B 380 -6.14 21.05 -22.99
CA UNK B 380 -5.68 20.00 -22.10
C UNK B 380 -6.77 18.95 -21.90
N UNK B 381 -8.00 19.45 -21.71
CA UNK B 381 -9.15 18.59 -21.47
C UNK B 381 -9.50 17.56 -22.52
N UNK B 382 -10.00 18.04 -23.65
CA UNK B 382 -10.41 17.22 -24.78
C UNK B 382 -9.28 16.42 -25.41
N UNK B 383 -8.06 16.57 -24.90
CA UNK B 383 -6.94 15.82 -25.48
C UNK B 383 -6.76 14.50 -24.73
N UNK B 384 -7.43 13.56 -24.86
CA UNK B 384 -7.46 12.29 -24.18
C UNK B 384 -6.34 11.31 -24.49
N UNK B 385 -6.36 10.22 -23.70
CA UNK B 385 -5.41 9.13 -23.90
C UNK B 385 -5.94 8.40 -25.15
N UNK B 386 -7.27 8.34 -25.18
CA UNK B 386 -8.05 7.75 -26.24
C UNK B 386 -7.59 8.23 -27.62
N UNK B 387 -6.96 7.32 -28.37
CA UNK B 387 -6.45 7.60 -29.69
C UNK B 387 -7.51 7.64 -30.77
N UNK B 388 -8.52 6.77 -30.66
CA UNK B 388 -9.57 6.81 -31.71
C UNK B 388 -10.89 7.28 -31.16
N UNK B 389 -11.05 8.61 -31.16
CA UNK B 389 -12.25 9.23 -30.66
C UNK B 389 -12.89 10.12 -31.73
N UNK B 390 -14.17 9.87 -31.98
CA UNK B 390 -14.92 10.69 -32.96
C UNK B 390 -15.52 11.84 -32.16
N UNK B 391 -15.25 13.08 -32.61
CA UNK B 391 -15.79 14.21 -31.86
C UNK B 391 -16.83 15.02 -32.60
N UNK B 392 -17.52 15.78 -32.00
CA UNK B 392 -18.62 16.70 -32.16
C UNK B 392 -18.33 18.07 -31.54
N UNK B 393 -19.28 18.98 -31.78
CA UNK B 393 -19.24 20.34 -31.30
C UNK B 393 -18.12 21.12 -31.97
N UNK B 394 -18.52 22.17 -32.67
CA UNK B 394 -17.58 23.05 -33.36
C UNK B 394 -16.57 23.70 -32.42
N UNK B 395 -17.06 24.26 -31.30
CA UNK B 395 -16.18 24.92 -30.35
C UNK B 395 -15.10 23.95 -29.89
N UNK B 396 -15.50 22.97 -29.08
CA UNK B 396 -14.56 21.98 -28.58
C UNK B 396 -13.67 21.49 -29.72
N UNK B 397 -14.25 21.39 -30.92
CA UNK B 397 -13.44 20.96 -32.07
C UNK B 397 -12.29 21.98 -32.26
N UNK B 398 -12.71 23.23 -32.36
CA UNK B 398 -11.78 24.35 -32.55
C UNK B 398 -10.74 24.36 -31.45
N UNK B 399 -11.18 24.21 -30.19
CA UNK B 399 -10.24 24.19 -29.08
C UNK B 399 -9.15 23.13 -29.32
N UNK B 400 -9.63 21.95 -29.74
CA UNK B 400 -8.71 20.84 -30.02
C UNK B 400 -7.77 21.20 -31.16
N UNK B 401 -8.21 22.10 -32.03
CA UNK B 401 -7.39 22.50 -33.17
C UNK B 401 -6.27 23.45 -32.82
N UNK B 402 -6.51 24.38 -31.88
CA UNK B 402 -5.40 25.29 -31.55
C UNK B 402 -4.31 24.39 -30.91
N UNK B 403 -4.73 23.77 -29.81
CA UNK B 403 -3.92 22.91 -29.00
C UNK B 403 -2.83 22.16 -29.74
N UNK B 404 -3.15 21.52 -30.85
CA UNK B 404 -2.13 20.76 -31.57
C UNK B 404 -1.12 21.65 -32.27
N UNK B 405 -1.56 22.86 -32.64
CA UNK B 405 -0.64 23.80 -33.28
C UNK B 405 0.24 24.39 -32.16
N UNK B 406 -0.46 24.97 -31.18
CA UNK B 406 0.28 25.57 -30.07
C UNK B 406 1.37 24.61 -29.58
N UNK B 407 1.03 23.34 -29.48
CA UNK B 407 1.99 22.34 -29.05
C UNK B 407 3.15 22.19 -30.02
N UNK B 408 2.92 22.47 -31.30
CA UNK B 408 4.06 22.31 -32.23
C UNK B 408 5.03 23.50 -32.06
N UNK B 409 4.42 24.63 -31.70
CA UNK B 409 5.15 25.87 -31.50
C UNK B 409 6.10 25.79 -30.30
N UNK B 410 5.80 24.87 -29.37
CA UNK B 410 6.63 24.75 -28.16
C UNK B 410 7.74 23.74 -28.34
N UNK B 411 7.69 22.97 -29.43
CA UNK B 411 8.78 22.01 -29.70
C UNK B 411 9.98 22.88 -30.07
N UNK B 412 11.16 22.52 -29.64
CA UNK B 412 12.39 23.26 -29.87
C UNK B 412 13.59 22.31 -29.86
N UNK B 413 14.53 22.56 -30.75
CA UNK B 413 15.70 21.66 -30.78
C UNK B 413 16.71 22.21 -29.77
N UNK B 414 17.85 21.55 -29.68
CA UNK B 414 18.89 21.97 -28.76
C UNK B 414 19.91 22.94 -29.38
N UNK B 415 20.53 23.71 -28.46
CA UNK B 415 21.55 24.66 -28.86
C UNK B 415 20.99 25.75 -29.75
N UNK B 416 19.69 26.03 -29.66
CA UNK B 416 19.19 27.11 -30.54
C UNK B 416 18.28 28.01 -29.75
N UNK B 417 18.78 28.57 -28.67
CA UNK B 417 17.99 29.44 -27.80
C UNK B 417 17.49 30.64 -28.61
N UNK B 418 16.24 31.06 -28.42
CA UNK B 418 15.70 32.20 -29.15
C UNK B 418 15.66 33.51 -28.38
N UNK B 419 15.66 34.63 -29.10
CA UNK B 419 15.59 35.97 -28.52
C UNK B 419 14.16 36.27 -28.10
N UNK B 420 13.93 36.72 -26.86
CA UNK B 420 12.56 36.93 -26.41
C UNK B 420 11.66 37.49 -27.50
N UNK B 421 12.18 38.44 -28.27
CA UNK B 421 11.38 39.06 -29.32
C UNK B 421 11.13 38.05 -30.43
N UNK B 422 12.00 37.07 -30.62
CA UNK B 422 11.74 36.04 -31.64
C UNK B 422 10.59 35.13 -31.22
N UNK B 423 10.56 34.75 -29.95
CA UNK B 423 9.56 33.90 -29.33
C UNK B 423 8.18 34.57 -29.39
N UNK B 424 8.08 35.85 -29.00
CA UNK B 424 6.75 36.48 -29.04
C UNK B 424 6.27 36.47 -30.49
N UNK B 425 7.23 36.63 -31.42
CA UNK B 425 6.89 36.66 -32.86
C UNK B 425 6.14 35.40 -33.28
N UNK B 426 6.83 34.26 -33.24
CA UNK B 426 6.20 32.98 -33.57
C UNK B 426 4.97 32.71 -32.69
N UNK B 427 5.04 32.89 -31.37
CA UNK B 427 3.88 32.61 -30.52
C UNK B 427 2.69 33.44 -31.02
N UNK B 428 2.98 34.67 -31.46
CA UNK B 428 1.91 35.56 -31.97
C UNK B 428 1.14 34.81 -33.07
N UNK B 429 1.91 34.24 -33.99
CA UNK B 429 1.36 33.50 -35.11
C UNK B 429 0.33 32.44 -34.73
N UNK B 430 0.59 31.60 -33.74
CA UNK B 430 -0.33 30.54 -33.33
C UNK B 430 -1.49 31.02 -32.45
N UNK B 431 -1.18 31.86 -31.47
CA UNK B 431 -2.18 32.39 -30.55
C UNK B 431 -3.14 33.37 -31.22
N UNK B 432 -2.77 33.94 -32.36
CA UNK B 432 -3.66 34.90 -33.05
C UNK B 432 -4.53 34.21 -34.10
N UNK B 433 -4.17 32.97 -34.44
CA UNK B 433 -4.96 32.20 -35.36
C UNK B 433 -4.32 31.98 -36.71
N UNK B 434 -3.26 32.71 -36.99
CA UNK B 434 -2.59 32.59 -38.29
C UNK B 434 -2.11 31.20 -38.63
N UNK B 435 -2.38 30.19 -37.83
CA UNK B 435 -1.94 28.83 -38.17
C UNK B 435 -3.10 27.85 -38.09
N UNK B 436 -4.27 28.38 -37.77
CA UNK B 436 -5.48 27.60 -37.64
C UNK B 436 -5.81 26.87 -38.94
N UNK B 437 -5.69 27.63 -40.03
CA UNK B 437 -6.02 27.12 -41.36
C UNK B 437 -4.98 26.15 -41.90
N UNK B 438 -4.01 25.86 -41.04
CA UNK B 438 -2.88 25.00 -41.43
C UNK B 438 -2.79 23.67 -40.72
N UNK B 439 -2.02 22.78 -41.35
CA UNK B 439 -1.84 21.41 -40.88
C UNK B 439 -0.67 21.19 -39.93
N UNK B 440 -0.99 20.69 -38.76
CA UNK B 440 -0.05 20.39 -37.69
C UNK B 440 1.32 19.93 -38.15
N UNK B 441 1.38 19.19 -39.27
CA UNK B 441 2.72 18.77 -39.71
C UNK B 441 3.53 19.91 -40.30
N UNK B 442 2.90 21.02 -40.68
CA UNK B 442 3.69 22.12 -41.24
C UNK B 442 4.16 23.15 -40.22
N UNK B 443 3.61 23.13 -39.00
CA UNK B 443 3.99 24.10 -37.98
C UNK B 443 5.49 24.21 -37.80
N UNK B 444 6.20 23.10 -37.63
CA UNK B 444 7.66 23.20 -37.44
C UNK B 444 8.31 24.03 -38.54
N UNK B 445 8.08 23.57 -39.76
CA UNK B 445 8.56 24.11 -41.00
C UNK B 445 8.13 25.56 -41.23
N UNK B 446 6.94 25.90 -40.73
CA UNK B 446 6.50 27.30 -40.89
C UNK B 446 7.40 28.17 -40.00
N UNK B 447 7.63 27.68 -38.78
CA UNK B 447 8.44 28.38 -37.81
C UNK B 447 9.83 28.75 -38.30
N UNK B 448 10.62 27.79 -38.77
CA UNK B 448 11.98 28.15 -39.23
C UNK B 448 11.94 29.16 -40.39
N UNK B 449 11.11 28.85 -41.37
CA UNK B 449 10.87 29.64 -42.56
C UNK B 449 10.33 31.04 -42.30
N UNK B 450 9.36 31.16 -41.41
CA UNK B 450 8.76 32.47 -41.10
C UNK B 450 9.69 33.25 -40.18
N UNK B 451 10.50 32.50 -39.42
CA UNK B 451 11.42 33.14 -38.47
C UNK B 451 12.62 33.73 -39.18
N UNK B 452 13.25 32.93 -40.05
CA UNK B 452 14.41 33.44 -40.78
C UNK B 452 14.01 34.69 -41.58
N UNK B 453 12.81 34.61 -42.13
CA UNK B 453 12.20 35.67 -42.91
C UNK B 453 12.16 37.00 -42.17
N UNK B 454 11.54 37.06 -40.99
CA UNK B 454 11.46 38.30 -40.23
C UNK B 454 12.81 38.63 -39.59
N UNK B 455 13.69 37.63 -39.55
CA UNK B 455 15.01 37.91 -38.93
C UNK B 455 15.87 38.63 -39.97
N UNK B 456 15.76 38.12 -41.20
CA UNK B 456 16.50 38.70 -42.33
C UNK B 456 15.91 40.07 -42.67
N UNK B 457 14.66 40.03 -43.13
CA UNK B 457 13.92 41.19 -43.53
C UNK B 457 13.44 42.15 -42.48
N UNK B 458 12.91 41.76 -41.32
CA UNK B 458 12.42 42.76 -40.37
C UNK B 458 13.12 42.96 -39.06
N UNK B 459 14.43 43.19 -39.05
CA UNK B 459 15.09 43.41 -37.74
C UNK B 459 14.52 44.67 -37.09
N UNK B 460 13.89 45.49 -37.89
CA UNK B 460 13.27 46.75 -37.57
C UNK B 460 12.09 46.72 -36.62
N UNK B 461 11.28 45.69 -36.75
CA UNK B 461 10.08 45.58 -35.89
C UNK B 461 10.55 44.84 -34.63
N UNK B 462 11.38 43.82 -34.91
CA UNK B 462 11.90 43.03 -33.79
C UNK B 462 12.52 43.98 -32.76
N UNK B 463 13.49 44.76 -33.19
CA UNK B 463 14.15 45.74 -32.33
C UNK B 463 13.14 46.60 -31.58
N UNK B 464 12.04 47.02 -32.22
CA UNK B 464 11.10 47.85 -31.43
C UNK B 464 10.55 46.96 -30.30
N UNK B 465 9.93 45.85 -30.72
CA UNK B 465 9.36 44.89 -29.76
C UNK B 465 10.32 44.73 -28.58
N UNK B 466 11.51 44.28 -28.93
CA UNK B 466 12.57 44.04 -27.98
C UNK B 466 12.91 45.29 -27.19
N UNK B 467 13.07 46.40 -27.88
CA UNK B 467 13.40 47.66 -27.16
C UNK B 467 12.20 48.17 -26.40
N UNK B 468 11.09 48.42 -27.09
CA UNK B 468 9.89 48.85 -26.34
C UNK B 468 9.73 47.90 -25.15
N UNK B 469 9.73 46.60 -25.44
CA UNK B 469 9.58 45.58 -24.40
C UNK B 469 8.09 45.22 -24.29
N UNK B 470 7.34 45.82 -25.20
CA UNK B 470 5.89 45.62 -25.26
C UNK B 470 5.48 45.54 -26.74
N UNK B 471 4.21 45.27 -27.02
CA UNK B 471 3.78 45.20 -28.42
C UNK B 471 2.82 46.36 -28.69
N UNK B 472 3.37 47.46 -29.18
CA UNK B 472 2.57 48.65 -29.47
C UNK B 472 1.63 48.39 -30.64
N UNK B 473 0.60 49.25 -30.71
CA UNK B 473 -0.43 49.14 -31.74
C UNK B 473 0.11 49.05 -33.15
N UNK B 474 1.18 49.80 -33.39
CA UNK B 474 1.78 49.80 -34.72
C UNK B 474 2.56 48.51 -34.95
N UNK B 475 3.33 48.13 -33.94
CA UNK B 475 4.13 46.90 -33.99
C UNK B 475 3.20 45.70 -34.21
N UNK B 476 2.12 45.70 -33.42
CA UNK B 476 1.17 44.60 -33.54
C UNK B 476 0.48 44.64 -34.91
N UNK B 477 0.15 45.87 -35.32
CA UNK B 477 -0.50 46.08 -36.62
C UNK B 477 0.43 45.61 -37.75
N UNK B 478 1.68 46.00 -37.61
CA UNK B 478 2.77 45.67 -38.53
C UNK B 478 3.02 44.16 -38.56
N UNK B 479 3.04 43.57 -37.37
CA UNK B 479 3.24 42.14 -37.24
C UNK B 479 2.11 41.38 -37.94
N UNK B 480 0.86 41.76 -37.65
CA UNK B 480 -0.30 41.12 -38.23
C UNK B 480 -0.20 40.94 -39.75
N UNK B 481 0.16 42.03 -40.42
CA UNK B 481 0.28 41.97 -41.88
C UNK B 481 1.44 41.03 -42.24
N UNK B 482 2.50 41.13 -41.43
CA UNK B 482 3.68 40.30 -41.67
C UNK B 482 3.33 38.82 -41.60
N UNK B 483 2.48 38.42 -40.65
CA UNK B 483 2.17 36.97 -40.64
C UNK B 483 1.28 36.71 -41.86
N UNK B 484 0.42 37.69 -42.09
CA UNK B 484 -0.56 37.69 -43.17
C UNK B 484 0.06 37.34 -44.53
N UNK B 485 0.97 38.22 -44.93
CA UNK B 485 1.62 38.03 -46.22
C UNK B 485 2.47 36.78 -46.26
N UNK B 486 3.36 36.59 -45.28
CA UNK B 486 4.19 35.40 -45.27
C UNK B 486 3.32 34.16 -45.51
N UNK B 487 2.18 34.15 -44.80
CA UNK B 487 1.26 33.03 -44.93
C UNK B 487 0.87 32.83 -46.40
N UNK B 488 0.27 33.91 -46.90
CA UNK B 488 -0.21 33.99 -48.26
C UNK B 488 0.79 33.50 -49.29
N UNK B 489 2.07 33.45 -48.97
CA UNK B 489 3.05 32.97 -49.94
C UNK B 489 3.61 31.61 -49.52
N UNK B 490 3.26 31.14 -48.31
CA UNK B 490 3.79 29.87 -47.84
C UNK B 490 3.42 28.67 -48.68
N UNK B 491 4.48 27.97 -49.11
CA UNK B 491 4.31 26.77 -49.93
C UNK B 491 4.06 25.59 -48.98
N UNK B 492 3.00 24.86 -49.28
CA UNK B 492 2.62 23.70 -48.49
C UNK B 492 3.73 22.65 -48.52
N UNK C 1 18.69 18.09 66.77
CA UNK C 1 18.47 17.00 65.84
C UNK C 1 17.26 17.26 64.93
N UNK C 2 17.48 18.22 64.02
CA UNK C 2 16.36 18.51 63.09
C UNK C 2 16.18 17.21 62.31
N UNK C 3 15.04 16.56 62.46
CA UNK C 3 14.82 15.29 61.75
C UNK C 3 13.62 15.37 60.83
N UNK C 4 13.38 16.55 60.26
CA UNK C 4 12.24 16.70 59.37
C UNK C 4 12.55 16.25 57.95
N UNK C 5 13.81 16.22 57.58
CA UNK C 5 14.21 15.87 56.21
C UNK C 5 15.04 14.63 56.09
N UNK C 6 14.61 13.50 56.60
CA UNK C 6 15.22 12.19 56.54
C UNK C 6 14.99 11.67 55.12
N UNK C 7 15.84 10.82 54.60
CA UNK C 7 15.57 10.41 53.21
C UNK C 7 14.55 9.31 53.04
N UNK C 8 13.62 9.14 53.99
CA UNK C 8 12.65 8.06 53.79
C UNK C 8 11.30 8.58 53.40
N UNK C 9 10.97 9.78 53.86
CA UNK C 9 9.66 10.36 53.51
C UNK C 9 9.85 11.64 52.71
N UNK C 10 11.11 11.98 52.51
CA UNK C 10 11.43 13.19 51.74
C UNK C 10 12.62 12.89 50.82
N UNK C 11 12.84 13.77 49.85
CA UNK C 11 14.00 13.55 48.96
C UNK C 11 14.45 14.93 48.49
N UNK C 12 15.46 14.97 47.64
CA UNK C 12 15.90 16.29 47.14
C UNK C 12 16.13 16.16 45.64
N UNK C 13 15.67 17.13 44.88
CA UNK C 13 15.82 17.10 43.44
C UNK C 13 17.27 17.03 43.00
N UNK C 14 17.65 15.94 42.32
CA UNK C 14 18.99 15.77 41.77
C UNK C 14 19.08 16.61 40.47
N UNK C 15 18.01 16.60 39.68
CA UNK C 15 18.03 17.39 38.45
C UNK C 15 16.61 17.56 37.97
N UNK C 16 16.35 18.57 37.18
CA UNK C 16 15.00 18.81 36.65
C UNK C 16 15.12 19.38 35.24
N UNK C 17 14.29 18.92 34.33
CA UNK C 17 14.27 19.38 32.97
C UNK C 17 13.09 18.77 32.24
N UNK C 18 12.46 19.57 31.39
CA UNK C 18 11.35 19.07 30.58
C UNK C 18 10.27 18.37 31.35
N UNK C 19 9.99 18.82 32.56
CA UNK C 19 8.93 18.23 33.35
C UNK C 19 9.25 16.92 34.01
N UNK C 20 10.52 16.52 34.06
CA UNK C 20 10.83 15.28 34.74
C UNK C 20 11.83 15.58 35.85
N UNK C 21 11.47 15.25 37.09
CA UNK C 21 12.37 15.48 38.21
C UNK C 21 13.04 14.17 38.57
N UNK C 22 14.33 14.16 38.81
CA UNK C 22 15.00 12.93 39.26
C UNK C 22 15.32 13.18 40.74
N UNK C 23 14.40 12.85 41.62
CA UNK C 23 14.45 13.00 43.05
C UNK C 23 15.31 11.97 43.76
N UNK C 24 16.15 12.41 44.68
CA UNK C 24 17.04 11.51 45.45
C UNK C 24 16.37 11.20 46.78
N UNK C 25 16.55 10.09 47.43
CA UNK C 25 15.78 9.90 48.70
C UNK C 25 14.43 9.25 48.40
N UNK C 26 13.35 9.74 48.96
CA UNK C 26 12.02 9.17 48.76
C UNK C 26 12.05 7.66 48.86
N UNK C 27 12.83 7.16 49.82
CA UNK C 27 12.94 5.73 50.02
C UNK C 27 11.69 4.93 50.26
N UNK C 28 10.63 5.55 50.78
CA UNK C 28 9.41 4.84 51.05
C UNK C 28 8.30 5.21 50.08
N UNK C 29 8.55 5.87 48.95
CA UNK C 29 7.45 6.21 48.05
C UNK C 29 6.95 4.91 47.39
N UNK C 30 5.70 4.95 46.97
CA UNK C 30 5.13 3.77 46.31
C UNK C 30 5.07 4.06 44.82
N UNK C 31 5.18 3.08 43.95
CA UNK C 31 5.03 3.45 42.53
C UNK C 31 3.67 4.15 42.38
N UNK C 32 3.59 5.19 41.57
CA UNK C 32 2.37 5.91 41.29
C UNK C 32 1.86 6.77 42.40
N UNK C 33 2.68 7.05 43.40
CA UNK C 33 2.16 7.89 44.50
C UNK C 33 2.37 9.36 44.17
N UNK C 34 1.59 10.22 44.79
CA UNK C 34 1.78 11.65 44.56
C UNK C 34 2.78 12.22 45.58
N UNK C 35 3.62 13.13 45.12
CA UNK C 35 4.62 13.77 45.96
C UNK C 35 4.44 15.28 45.87
N UNK C 36 5.03 16.04 46.78
CA UNK C 36 4.90 17.48 46.71
C UNK C 36 6.29 18.14 46.60
N UNK C 37 6.32 19.22 45.84
CA UNK C 37 7.53 20.01 45.62
C UNK C 37 7.54 21.23 46.52
N UNK C 38 8.68 21.77 46.94
CA UNK C 38 8.70 22.96 47.80
C UNK C 38 7.70 24.01 47.32
N UNK C 39 7.63 24.17 45.99
CA UNK C 39 6.75 25.11 45.35
C UNK C 39 5.28 24.78 45.33
N UNK C 40 4.80 23.85 46.15
CA UNK C 40 3.35 23.55 46.12
C UNK C 40 2.95 22.81 44.87
N UNK C 41 3.92 22.51 44.02
CA UNK C 41 3.67 21.76 42.79
C UNK C 41 3.67 20.26 43.11
N UNK C 42 2.64 19.58 42.65
CA UNK C 42 2.47 18.14 42.79
C UNK C 42 3.06 17.40 41.59
N UNK C 43 3.52 16.19 41.81
CA UNK C 43 4.13 15.34 40.78
C UNK C 43 3.71 13.90 41.04
N UNK C 44 4.13 12.98 40.20
CA UNK C 44 3.73 11.58 40.42
C UNK C 44 4.90 10.65 40.21
N UNK C 45 5.14 9.73 41.12
CA UNK C 45 6.24 8.80 41.11
C UNK C 45 6.11 7.67 40.11
N UNK C 46 6.67 7.83 38.92
CA UNK C 46 6.57 6.79 37.89
C UNK C 46 7.70 5.82 37.84
N UNK C 47 8.96 6.22 37.85
CA UNK C 47 10.07 5.25 37.82
C UNK C 47 10.69 5.05 39.18
N UNK C 48 10.60 3.89 39.80
CA UNK C 48 11.29 3.81 41.12
C UNK C 48 12.58 3.05 40.81
N UNK C 49 13.67 3.77 40.63
CA UNK C 49 14.97 3.20 40.34
C UNK C 49 15.83 3.02 41.57
N UNK C 50 16.85 2.19 41.43
CA UNK C 50 17.76 1.90 42.50
C UNK C 50 18.22 3.16 43.21
N UNK C 51 18.75 4.10 42.44
CA UNK C 51 19.27 5.33 43.02
C UNK C 51 18.44 6.57 42.83
N UNK C 52 17.24 6.51 42.26
CA UNK C 52 16.51 7.80 42.15
C UNK C 52 15.05 7.50 41.90
N UNK C 53 14.16 8.46 41.96
CA UNK C 53 12.75 8.26 41.67
C UNK C 53 12.45 9.16 40.46
N UNK C 54 11.91 8.63 39.38
CA UNK C 54 11.63 9.54 38.24
C UNK C 54 10.22 10.14 38.50
N UNK C 55 10.13 11.43 38.74
CA UNK C 55 8.87 12.08 39.03
C UNK C 55 8.41 12.95 37.87
N UNK C 56 7.18 12.66 37.49
CA UNK C 56 6.51 13.41 36.39
C UNK C 56 5.88 14.60 37.09
N UNK C 57 5.98 15.82 36.58
CA UNK C 57 5.47 17.01 37.24
C UNK C 57 4.17 17.56 36.68
N UNK C 58 3.18 17.68 37.56
CA UNK C 58 1.88 18.22 37.20
C UNK C 58 1.90 19.74 37.17
N UNK C 59 2.75 20.33 36.31
CA UNK C 59 2.80 21.79 36.24
C UNK C 59 4.09 22.31 35.65
N UNK C 60 4.27 23.64 35.64
CA UNK C 60 5.50 24.20 35.08
C UNK C 60 6.73 23.84 35.87
N UNK C 61 7.65 23.06 35.33
CA UNK C 61 8.86 22.74 36.08
C UNK C 61 9.77 23.96 36.26
N UNK C 62 9.39 25.14 35.81
CA UNK C 62 10.29 26.29 35.99
C UNK C 62 10.47 26.61 37.47
N UNK C 63 9.51 26.26 38.31
CA UNK C 63 9.68 26.59 39.73
C UNK C 63 10.47 25.53 40.47
N UNK C 64 10.97 24.51 39.77
CA UNK C 64 11.71 23.45 40.46
C UNK C 64 13.19 23.55 40.15
N UNK C 65 14.03 23.42 41.17
CA UNK C 65 15.47 23.52 40.93
C UNK C 65 16.19 22.36 41.61
N UNK C 66 17.41 22.12 41.16
CA UNK C 66 18.18 21.03 41.79
C UNK C 66 18.23 21.29 43.29
N UNK C 67 18.10 20.31 44.16
CA UNK C 67 18.17 20.56 45.57
C UNK C 67 16.82 20.68 46.23
N UNK C 68 15.78 21.12 45.56
CA UNK C 68 14.47 21.25 46.21
C UNK C 68 14.07 20.04 47.04
N UNK C 69 13.27 20.29 48.07
CA UNK C 69 12.80 19.19 48.92
C UNK C 69 11.51 18.68 48.27
N UNK C 70 11.36 17.39 48.23
CA UNK C 70 10.18 16.71 47.69
C UNK C 70 9.64 15.87 48.86
N UNK C 71 8.35 15.93 49.09
CA UNK C 71 7.73 15.23 50.20
C UNK C 71 6.68 14.21 49.75
N UNK C 72 6.68 13.03 50.37
CA UNK C 72 5.66 12.05 50.01
C UNK C 72 4.29 12.64 50.40
N UNK C 73 3.25 11.94 50.01
CA UNK C 73 1.88 12.36 50.30
C UNK C 73 1.18 11.15 50.91
N UNK C 74 1.83 10.03 50.68
CA UNK C 74 1.41 8.73 51.14
C UNK C 74 0.22 8.27 50.32
N UNK C 75 -0.22 9.14 49.42
CA UNK C 75 -1.38 8.76 48.62
C UNK C 75 -1.18 8.53 47.15
N UNK C 76 -1.73 7.40 46.69
CA UNK C 76 -1.69 7.14 45.24
C UNK C 76 -2.66 8.19 44.65
N UNK C 77 -2.29 8.79 43.54
CA UNK C 77 -3.03 9.84 42.87
C UNK C 77 -4.52 9.65 42.85
N UNK C 78 -5.13 10.74 44.93
CA UNK C 78 -6.58 10.57 45.04
C UNK C 78 -7.26 11.88 44.62
N UNK C 79 -8.56 11.96 44.83
CA UNK C 79 -9.32 13.15 44.49
C UNK C 79 -10.70 13.24 45.16
N UNK C 80 -11.18 14.45 45.28
CA UNK C 80 -12.47 14.77 45.81
C UNK C 80 -13.51 13.85 45.18
N UNK C 81 -14.55 13.48 45.87
CA UNK C 81 -15.57 12.59 45.23
C UNK C 81 -16.91 12.91 45.84
N UNK C 82 -18.03 12.59 45.18
CA UNK C 82 -19.32 12.85 45.78
C UNK C 82 -20.22 13.86 45.12
N UNK C 83 -21.45 13.96 45.63
CA UNK C 83 -22.47 14.82 45.13
C UNK C 83 -22.14 16.28 45.05
N UNK C 84 -21.15 16.75 45.80
CA UNK C 84 -20.81 18.15 45.76
C UNK C 84 -20.33 18.59 44.37
N UNK C 85 -19.69 17.67 43.66
CA UNK C 85 -19.16 17.99 42.35
C UNK C 85 -20.20 18.20 41.28
N UNK C 86 -21.40 17.64 41.38
CA UNK C 86 -22.40 17.81 40.33
C UNK C 86 -22.55 19.26 39.90
N UNK C 87 -22.73 19.53 38.62
CA UNK C 87 -22.88 20.89 38.16
C UNK C 87 -21.60 21.68 38.20
N UNK C 88 -20.47 21.04 38.50
CA UNK C 88 -19.22 21.79 38.54
C UNK C 88 -18.20 21.33 37.53
N UNK C 89 -17.31 22.22 37.13
CA UNK C 89 -16.25 21.92 36.16
C UNK C 89 -14.91 21.83 36.88
N UNK C 90 -14.38 20.62 37.03
CA UNK C 90 -13.10 20.45 37.71
C UNK C 90 -11.95 20.08 36.78
N UNK C 91 -10.70 20.27 37.22
CA UNK C 91 -9.53 19.93 36.43
C UNK C 91 -9.21 18.47 36.68
N UNK C 92 -8.07 17.94 36.20
CA UNK C 92 -7.83 16.51 36.47
C UNK C 92 -7.58 16.16 37.91
N UNK C 93 -7.41 17.12 38.82
CA UNK C 93 -7.16 16.75 40.22
C UNK C 93 -8.35 17.03 41.13
N UNK C 94 -9.39 17.67 40.62
CA UNK C 94 -10.55 17.95 41.48
C UNK C 94 -10.78 19.44 41.67
N UNK C 95 -9.75 20.26 41.56
CA UNK C 95 -9.87 21.70 41.71
C UNK C 95 -10.90 22.25 40.78
N UNK C 96 -11.71 23.20 41.23
CA UNK C 96 -12.74 23.80 40.38
C UNK C 96 -12.08 24.69 39.32
N UNK C 97 -12.71 24.84 38.16
CA UNK C 97 -12.15 25.71 37.13
C UNK C 97 -13.26 26.58 36.58
N UNK C 98 -14.41 26.53 37.24
CA UNK C 98 -15.56 27.36 36.84
C UNK C 98 -15.57 28.60 37.76
N UNK C 99 -14.46 28.77 38.49
CA UNK C 99 -14.36 29.90 39.39
C UNK C 99 -15.68 30.18 40.10
N UNK C 100 -16.40 29.15 40.49
CA UNK C 100 -17.65 29.20 41.21
C UNK C 100 -17.43 28.72 42.65
N UNK C 101 -16.22 28.90 43.18
CA UNK C 101 -16.02 28.48 44.57
C UNK C 101 -15.50 27.09 44.75
N UNK C 102 -14.99 26.82 45.94
CA UNK C 102 -14.44 25.55 46.33
C UNK C 102 -15.56 24.51 46.31
N UNK C 103 -15.20 23.27 46.16
CA UNK C 103 -16.14 22.13 46.11
C UNK C 103 -16.40 21.76 47.56
N UNK C 104 -17.60 21.48 48.03
CA UNK C 104 -17.64 21.15 49.49
C UNK C 104 -17.41 19.67 49.75
N UNK C 105 -16.31 19.11 49.30
CA UNK C 105 -16.05 17.70 49.43
C UNK C 105 -15.71 17.16 50.78
N UNK C 106 -16.36 16.05 51.12
CA UNK C 106 -16.10 15.40 52.40
C UNK C 106 -15.47 14.04 52.16
N UNK C 107 -15.55 13.53 50.93
CA UNK C 107 -14.99 12.22 50.63
C UNK C 107 -13.87 12.36 49.62
N UNK C 108 -12.96 11.42 49.65
CA UNK C 108 -11.86 11.36 48.71
C UNK C 108 -11.78 9.93 48.18
N UNK C 109 -11.08 9.73 47.10
CA UNK C 109 -10.99 8.39 46.50
C UNK C 109 -9.73 8.26 45.69
N UNK C 110 -9.04 7.14 45.77
CA UNK C 110 -7.81 6.95 44.99
C UNK C 110 -8.17 6.90 43.51
N UNK C 111 -7.46 7.60 42.64
CA UNK C 111 -7.79 7.59 41.21
C UNK C 111 -7.58 6.22 40.60
N UNK C 112 -6.60 5.49 41.11
CA UNK C 112 -6.31 4.17 40.62
C UNK C 112 -6.70 2.98 41.43
N UNK C 113 -7.94 2.54 41.37
CA UNK C 113 -8.38 1.36 42.12
C UNK C 113 -8.80 0.26 41.17
N UNK C 114 -8.42 -0.98 41.48
CA UNK C 114 -8.78 -2.10 40.60
C UNK C 114 -10.29 -2.20 40.53
N UNK C 115 -10.80 -2.69 39.41
CA UNK C 115 -12.22 -2.86 39.22
C UNK C 115 -12.70 -4.03 40.07
N UNK C 116 -13.90 -3.91 40.57
CA UNK C 116 -14.55 -4.95 41.34
C UNK C 116 -14.47 -6.27 40.55
N UNK C 117 -14.19 -7.35 41.25
CA UNK C 117 -14.09 -8.66 40.72
C UNK C 117 -15.35 -9.30 40.22
N UNK C 118 -15.29 -10.62 40.11
CA UNK C 118 -16.37 -11.46 39.63
C UNK C 118 -17.62 -11.48 40.49
N UNK C 119 -17.38 -11.79 41.78
CA UNK C 119 -18.40 -11.93 42.81
C UNK C 119 -19.26 -10.72 43.07
N UNK C 120 -18.76 -9.52 43.21
CA UNK C 120 -19.54 -8.33 43.45
C UNK C 120 -20.40 -7.88 42.29
N UNK C 121 -20.50 -8.51 41.12
CA UNK C 121 -21.35 -7.91 40.09
C UNK C 121 -22.52 -8.82 39.71
N UNK C 122 -23.43 -8.29 38.91
CA UNK C 122 -24.60 -8.99 38.39
C UNK C 122 -24.81 -8.61 36.93
N UNK C 123 -25.24 -9.52 36.07
CA UNK C 123 -25.44 -9.26 34.66
C UNK C 123 -26.12 -7.93 34.40
N UNK C 124 -25.72 -7.21 33.39
CA UNK C 124 -26.32 -5.90 33.03
C UNK C 124 -27.76 -6.17 32.60
N UNK C 125 -28.75 -5.55 33.21
CA UNK C 125 -30.12 -5.81 32.78
C UNK C 125 -30.97 -4.57 32.57
N UNK C 126 -30.64 -3.47 33.22
CA UNK C 126 -31.40 -2.24 33.08
C UNK C 126 -30.91 -1.43 31.92
N UNK C 127 -31.80 -0.99 31.05
CA UNK C 127 -31.45 -0.16 29.91
C UNK C 127 -30.83 1.15 30.39
N UNK C 128 -30.09 1.75 29.49
CA UNK C 128 -29.43 3.06 29.63
C UNK C 128 -29.87 3.66 28.28
N UNK C 129 -30.98 4.44 28.29
CA UNK C 129 -31.52 4.96 27.07
C UNK C 129 -30.75 6.19 26.60
N UNK C 130 -30.32 6.14 25.35
CA UNK C 130 -29.59 7.23 24.76
C UNK C 130 -30.57 8.29 24.24
N UNK C 131 -31.65 7.85 23.63
CA UNK C 131 -32.63 8.87 23.12
C UNK C 131 -32.52 8.79 21.59
N UNK C 132 -31.56 7.95 21.19
CA UNK C 132 -31.28 7.75 19.77
C UNK C 132 -31.78 6.42 19.27
N UNK C 133 -32.78 6.44 18.40
CA UNK C 133 -33.36 5.21 17.89
C UNK C 133 -32.30 4.21 17.46
N UNK C 134 -31.51 4.62 16.48
CA UNK C 134 -30.45 3.79 15.90
C UNK C 134 -29.68 3.03 16.97
N UNK C 135 -29.32 3.73 18.04
CA UNK C 135 -28.57 3.13 19.12
C UNK C 135 -29.45 2.29 20.01
N UNK C 136 -30.46 2.90 20.62
CA UNK C 136 -31.36 2.17 21.50
C UNK C 136 -32.06 1.00 20.85
N UNK C 137 -32.18 0.89 19.52
CA UNK C 137 -32.83 -0.19 18.85
C UNK C 137 -31.87 -1.26 18.30
N UNK C 138 -30.74 -0.85 17.74
CA UNK C 138 -29.78 -1.75 17.16
C UNK C 138 -28.59 -2.07 18.06
N UNK C 139 -28.04 -1.13 18.83
CA UNK C 139 -26.89 -1.47 19.70
C UNK C 139 -27.18 -0.96 21.10
N UNK C 140 -28.13 -1.63 21.75
CA UNK C 140 -28.67 -1.32 23.06
C UNK C 140 -27.62 -1.13 24.12
N UNK C 141 -27.77 -0.18 25.02
CA UNK C 141 -26.76 -0.02 26.08
C UNK C 141 -27.49 -0.19 27.42
N UNK C 142 -26.99 -1.07 28.26
CA UNK C 142 -27.51 -1.38 29.58
C UNK C 142 -26.64 -0.72 30.65
N UNK C 143 -27.06 -0.68 31.91
CA UNK C 143 -26.27 -0.01 32.94
C UNK C 143 -25.17 -0.92 33.43
N UNK C 144 -23.95 -0.42 33.53
CA UNK C 144 -22.81 -1.23 33.95
C UNK C 144 -22.02 -1.64 32.68
N UNK C 145 -22.62 -1.30 31.53
CA UNK C 145 -22.05 -1.59 30.24
C UNK C 145 -21.06 -0.52 29.76
N UNK C 146 -20.07 -0.98 28.98
CA UNK C 146 -19.10 -0.08 28.35
C UNK C 146 -19.35 -0.14 26.84
N UNK C 147 -19.76 0.94 26.24
CA UNK C 147 -20.00 0.90 24.78
C UNK C 147 -19.14 2.01 24.18
N UNK C 148 -18.34 1.71 23.19
CA UNK C 148 -17.43 2.65 22.56
C UNK C 148 -18.01 3.47 21.43
N UNK C 149 -17.69 4.74 21.39
CA UNK C 149 -18.17 5.58 20.24
C UNK C 149 -16.91 5.75 19.38
N UNK C 150 -16.81 5.24 18.17
CA UNK C 150 -15.53 5.37 17.44
C UNK C 150 -15.77 5.82 16.02
N UNK C 151 -14.90 6.63 15.45
CA UNK C 151 -15.06 7.13 14.07
C UNK C 151 -14.03 8.22 13.75
N UNK C 152 -13.92 8.70 12.49
CA UNK C 152 -12.91 9.70 12.19
C UNK C 152 -13.24 11.07 12.76
N UNK C 153 -12.37 12.07 12.57
CA UNK C 153 -12.67 13.40 13.11
C UNK C 153 -13.99 13.91 12.55
N UNK C 154 -14.78 14.64 13.32
CA UNK C 154 -16.04 15.17 12.82
C UNK C 154 -17.06 14.18 12.32
N UNK C 155 -17.15 12.93 12.77
CA UNK C 155 -18.22 12.08 12.20
C UNK C 155 -19.42 12.15 13.16
N UNK C 156 -19.28 12.90 14.26
CA UNK C 156 -20.36 13.03 15.21
C UNK C 156 -20.23 12.28 16.51
N UNK C 157 -19.08 11.78 16.89
CA UNK C 157 -18.91 11.01 18.11
C UNK C 157 -19.38 11.76 19.34
N UNK C 158 -19.00 13.00 19.60
CA UNK C 158 -19.43 13.70 20.80
C UNK C 158 -20.92 13.86 20.88
N UNK C 159 -21.51 14.13 19.72
CA UNK C 159 -22.96 14.34 19.72
C UNK C 159 -23.64 13.16 20.39
N UNK C 160 -23.31 11.93 20.02
CA UNK C 160 -23.94 10.76 20.63
C UNK C 160 -23.91 10.96 22.15
N UNK C 161 -22.77 11.31 22.72
CA UNK C 161 -22.60 11.51 24.13
C UNK C 161 -23.44 12.65 24.68
N UNK C 162 -23.50 13.80 24.00
CA UNK C 162 -24.30 14.92 24.51
C UNK C 162 -25.77 14.51 24.53
N UNK C 163 -26.31 14.12 23.37
CA UNK C 163 -27.69 13.67 23.36
C UNK C 163 -28.01 12.74 24.51
N UNK C 164 -27.11 11.82 24.87
CA UNK C 164 -27.29 10.86 25.94
C UNK C 164 -27.43 11.56 27.29
N UNK C 165 -26.51 12.49 27.56
CA UNK C 165 -26.52 13.23 28.82
C UNK C 165 -27.82 14.00 28.96
N UNK C 166 -28.21 14.62 27.85
CA UNK C 166 -29.43 15.43 27.80
C UNK C 166 -30.67 14.59 27.95
N UNK C 167 -30.68 13.39 27.38
CA UNK C 167 -31.84 12.52 27.48
C UNK C 167 -32.14 12.11 28.90
N UNK C 168 -31.16 12.17 29.81
CA UNK C 168 -31.35 11.75 31.19
C UNK C 168 -32.20 12.68 32.04
N UNK C 169 -32.60 13.84 31.54
CA UNK C 169 -33.41 14.73 32.38
C UNK C 169 -34.71 14.02 32.73
N UNK C 170 -35.28 13.37 31.72
CA UNK C 170 -36.50 12.60 31.83
C UNK C 170 -36.59 11.93 33.20
N UNK C 171 -35.58 11.12 33.51
CA UNK C 171 -35.63 10.41 34.78
C UNK C 171 -35.15 11.24 35.94
N UNK C 172 -34.19 12.11 35.73
CA UNK C 172 -33.61 12.90 36.83
C UNK C 172 -34.59 13.92 37.39
N UNK C 173 -35.48 14.37 36.51
CA UNK C 173 -36.48 15.34 36.94
C UNK C 173 -37.63 14.58 37.58
N UNK C 174 -37.63 13.27 37.38
CA UNK C 174 -38.65 12.39 37.93
C UNK C 174 -38.41 12.10 39.42
N UNK C 175 -39.30 11.23 39.90
CA UNK C 175 -39.38 10.78 41.26
C UNK C 175 -38.43 9.63 41.63
N UNK C 176 -38.56 8.53 40.87
CA UNK C 176 -37.78 7.32 41.04
C UNK C 176 -36.29 7.60 41.11
N UNK C 177 -35.65 7.15 42.20
CA UNK C 177 -34.22 7.38 42.30
C UNK C 177 -33.40 6.27 41.63
N UNK C 178 -34.02 5.14 41.34
CA UNK C 178 -33.30 4.04 40.71
C UNK C 178 -33.13 4.29 39.22
N UNK C 179 -34.05 5.07 38.64
CA UNK C 179 -33.96 5.34 37.22
C UNK C 179 -33.03 6.52 36.95
N UNK C 180 -32.65 7.28 37.98
CA UNK C 180 -31.79 8.43 37.75
C UNK C 180 -30.37 8.04 37.36
N UNK C 181 -29.76 8.91 36.55
CA UNK C 181 -28.40 8.71 36.06
C UNK C 181 -27.56 9.97 36.13
N UNK C 182 -26.58 9.97 37.02
CA UNK C 182 -25.66 11.12 37.13
C UNK C 182 -24.63 10.97 36.06
N UNK C 183 -24.25 12.02 35.37
CA UNK C 183 -23.29 11.92 34.30
C UNK C 183 -21.97 12.59 34.59
N UNK C 184 -20.93 12.07 33.97
CA UNK C 184 -19.58 12.65 34.11
C UNK C 184 -19.05 12.76 32.69
N UNK C 185 -18.49 13.91 32.40
CA UNK C 185 -17.94 14.17 31.06
C UNK C 185 -16.48 14.59 31.19
N UNK C 186 -15.57 13.72 30.78
CA UNK C 186 -14.14 13.99 30.85
C UNK C 186 -13.59 14.44 29.50
N UNK C 187 -13.15 15.68 29.41
CA UNK C 187 -12.57 16.19 28.17
C UNK C 187 -11.07 15.89 28.22
N UNK C 188 -10.47 15.34 27.18
CA UNK C 188 -9.01 15.10 27.27
C UNK C 188 -8.30 15.57 26.02
N UNK C 189 -7.34 16.48 26.12
CA UNK C 189 -6.58 16.93 24.95
C UNK C 189 -7.40 17.88 24.12
N UNK C 190 -8.65 17.99 24.46
CA UNK C 190 -9.58 18.90 23.76
C UNK C 190 -9.15 20.34 23.92
N UNK C 191 -9.88 21.29 23.38
CA UNK C 191 -9.59 22.74 23.46
C UNK C 191 -10.53 23.44 24.43
N UNK C 192 -10.03 24.32 25.29
CA UNK C 192 -10.88 25.02 26.25
C UNK C 192 -12.11 25.70 25.68
N UNK C 193 -12.01 26.34 24.52
CA UNK C 193 -13.20 26.99 24.00
C UNK C 193 -14.26 25.95 23.63
N UNK C 194 -13.93 24.75 23.20
CA UNK C 194 -14.85 23.70 22.82
C UNK C 194 -15.60 23.17 24.04
N UNK C 195 -14.81 22.98 25.10
CA UNK C 195 -15.38 22.52 26.39
C UNK C 195 -16.31 23.62 26.86
N UNK C 196 -15.85 24.86 26.92
CA UNK C 196 -16.69 25.99 27.32
C UNK C 196 -17.97 26.00 26.49
N UNK C 197 -17.90 25.66 25.22
CA UNK C 197 -19.04 25.61 24.34
C UNK C 197 -19.95 24.47 24.87
N UNK C 198 -19.32 23.37 25.19
CA UNK C 198 -19.96 22.14 25.67
C UNK C 198 -20.73 22.34 26.96
N UNK C 199 -20.08 22.98 27.94
CA UNK C 199 -20.75 23.18 29.22
C UNK C 199 -21.82 24.23 29.05
N UNK C 200 -21.72 25.05 28.00
CA UNK C 200 -22.80 26.04 27.82
C UNK C 200 -24.07 25.28 27.43
N UNK C 201 -24.04 24.57 26.33
CA UNK C 201 -25.14 23.75 25.85
C UNK C 201 -25.76 22.88 26.95
N UNK C 202 -24.90 22.23 27.75
CA UNK C 202 -25.40 21.41 28.85
C UNK C 202 -26.21 22.33 29.79
N UNK C 203 -25.65 23.50 30.11
CA UNK C 203 -26.39 24.42 30.95
C UNK C 203 -27.71 24.80 30.28
N UNK C 204 -27.66 25.22 29.02
CA UNK C 204 -28.89 25.59 28.32
C UNK C 204 -29.90 24.45 28.27
N UNK C 205 -29.54 23.22 28.48
CA UNK C 205 -30.46 22.09 28.42
C UNK C 205 -30.90 21.65 29.80
N UNK C 206 -30.35 22.38 30.78
CA UNK C 206 -30.65 22.10 32.18
C UNK C 206 -30.18 20.70 32.55
N UNK C 207 -28.98 20.38 32.12
CA UNK C 207 -28.33 19.11 32.36
C UNK C 207 -27.12 19.25 33.28
N UNK C 208 -26.58 20.46 33.46
CA UNK C 208 -25.40 20.57 34.32
C UNK C 208 -25.70 20.10 35.73
N UNK C 209 -26.91 20.36 36.19
CA UNK C 209 -27.35 20.00 37.52
C UNK C 209 -26.93 18.57 37.82
N UNK C 210 -27.06 17.66 36.86
CA UNK C 210 -26.63 16.27 37.16
C UNK C 210 -25.33 15.84 36.50
N UNK C 211 -24.51 16.78 36.02
CA UNK C 211 -23.27 16.42 35.35
C UNK C 211 -22.11 17.06 36.11
N UNK C 212 -20.97 16.39 36.09
CA UNK C 212 -19.70 16.83 36.63
C UNK C 212 -18.82 16.97 35.35
N UNK C 213 -17.94 17.92 35.22
CA UNK C 213 -17.17 17.90 33.94
C UNK C 213 -15.71 17.91 34.35
N UNK C 214 -14.97 16.83 34.09
CA UNK C 214 -13.55 16.86 34.50
C UNK C 214 -12.82 17.36 33.25
N UNK C 215 -12.08 18.44 33.29
CA UNK C 215 -11.46 18.92 32.05
C UNK C 215 -9.95 18.81 32.11
N UNK C 216 -9.34 18.19 31.12
CA UNK C 216 -7.86 18.08 31.07
C UNK C 216 -7.54 18.42 29.62
N UNK C 217 -7.51 19.68 29.27
CA UNK C 217 -7.33 20.19 27.93
C UNK C 217 -5.92 20.35 27.40
N UNK C 218 -5.88 20.61 26.10
CA UNK C 218 -4.74 20.74 25.22
C UNK C 218 -3.47 21.33 25.81
N UNK C 219 -3.58 22.39 26.64
CA UNK C 219 -2.37 22.94 27.24
C UNK C 219 -2.11 22.29 28.59
N UNK C 220 -2.99 21.49 29.19
CA UNK C 220 -2.67 20.90 30.48
C UNK C 220 -1.51 19.92 30.31
N UNK C 221 -0.66 19.79 31.31
CA UNK C 221 0.49 18.91 31.27
C UNK C 221 0.10 17.51 30.86
N UNK C 222 1.00 16.79 30.21
CA UNK C 222 0.69 15.45 29.82
C UNK C 222 0.12 14.63 30.95
N UNK C 223 0.71 14.63 32.13
CA UNK C 223 0.25 13.85 33.28
C UNK C 223 -1.14 14.26 33.70
N UNK C 224 -1.55 15.51 33.49
CA UNK C 224 -2.94 15.78 33.89
C UNK C 224 -3.86 15.05 32.93
N UNK C 225 -3.62 15.19 31.62
CA UNK C 225 -4.40 14.54 30.58
C UNK C 225 -4.45 13.03 30.77
N UNK C 226 -3.32 12.48 31.18
CA UNK C 226 -3.19 11.06 31.44
C UNK C 226 -4.11 10.62 32.58
N UNK C 227 -4.04 11.29 33.73
CA UNK C 227 -4.80 11.03 34.93
C UNK C 227 -6.29 11.26 34.75
N UNK C 228 -6.60 12.37 34.10
CA UNK C 228 -7.99 12.78 33.91
C UNK C 228 -8.95 11.64 33.85
N UNK C 229 -8.83 10.63 33.04
CA UNK C 229 -9.79 9.52 32.98
C UNK C 229 -9.89 8.84 34.32
N UNK C 230 -8.81 8.42 34.95
CA UNK C 230 -8.90 7.75 36.25
C UNK C 230 -9.58 8.67 37.26
N UNK C 231 -9.24 9.97 37.23
CA UNK C 231 -9.86 10.89 38.15
C UNK C 231 -11.39 10.82 38.00
N UNK C 232 -11.88 11.11 36.82
CA UNK C 232 -13.29 11.10 36.52
C UNK C 232 -13.93 9.77 36.85
N UNK C 233 -13.22 8.67 36.63
CA UNK C 233 -13.76 7.36 36.93
C UNK C 233 -14.14 7.21 38.41
N UNK C 234 -13.21 7.59 39.28
CA UNK C 234 -13.30 7.57 40.72
C UNK C 234 -14.50 8.38 41.20
N UNK C 235 -14.77 9.48 40.51
CA UNK C 235 -15.91 10.30 40.92
C UNK C 235 -17.17 9.52 40.53
N UNK C 236 -17.05 8.65 39.54
CA UNK C 236 -18.23 7.91 39.11
C UNK C 236 -18.44 6.71 40.01
N UNK C 237 -17.36 6.20 40.60
CA UNK C 237 -17.54 5.01 41.44
C UNK C 237 -18.26 5.35 42.72
N UNK C 238 -18.14 6.61 43.13
CA UNK C 238 -18.83 7.07 44.36
C UNK C 238 -20.31 6.71 44.20
N UNK C 239 -20.89 7.10 43.07
CA UNK C 239 -22.28 6.78 42.79
C UNK C 239 -22.44 5.28 42.62
N UNK C 240 -21.50 4.61 41.96
CA UNK C 240 -21.63 3.18 41.68
C UNK C 240 -21.63 2.36 42.95
N UNK C 241 -20.76 2.72 43.88
CA UNK C 241 -20.66 1.97 45.13
C UNK C 241 -21.75 2.32 46.13
N UNK C 242 -22.57 3.31 45.88
CA UNK C 242 -23.60 3.71 46.81
C UNK C 242 -24.98 3.49 46.24
N UNK C 243 -25.21 2.37 45.56
CA UNK C 243 -26.51 2.08 44.99
C UNK C 243 -27.07 3.16 44.11
N UNK C 244 -26.28 4.12 43.66
CA UNK C 244 -26.76 5.15 42.72
C UNK C 244 -26.24 4.75 41.32
N UNK C 245 -26.63 5.49 40.30
CA UNK C 245 -26.23 5.18 38.93
C UNK C 245 -25.46 6.31 38.29
N UNK C 246 -24.34 6.00 37.64
CA UNK C 246 -23.51 7.03 36.99
C UNK C 246 -23.22 6.66 35.54
N UNK C 247 -22.98 7.63 34.70
CA UNK C 247 -22.63 7.49 33.29
C UNK C 247 -21.37 8.32 33.01
N UNK C 248 -20.27 7.73 32.54
CA UNK C 248 -19.07 8.56 32.28
C UNK C 248 -18.66 8.56 30.83
N UNK C 249 -18.36 9.70 30.23
CA UNK C 249 -17.94 9.78 28.81
C UNK C 249 -16.43 10.06 28.81
N UNK C 250 -15.61 9.25 28.20
CA UNK C 250 -14.16 9.55 28.16
C UNK C 250 -13.88 10.14 26.77
N UNK C 251 -13.90 11.45 26.67
CA UNK C 251 -13.74 12.06 25.33
C UNK C 251 -12.44 12.77 25.11
N UNK C 252 -11.45 12.18 24.46
CA UNK C 252 -11.42 10.87 23.91
C UNK C 252 -10.18 10.11 24.48
N UNK C 253 -10.15 8.80 24.28
CA UNK C 253 -9.10 7.96 24.82
C UNK C 253 -7.85 7.86 23.95
N UNK C 254 -7.96 8.57 22.83
CA UNK C 254 -6.91 8.67 21.83
C UNK C 254 -5.87 9.69 22.29
N UNK C 255 -6.39 10.87 22.65
CA UNK C 255 -5.51 11.91 23.16
C UNK C 255 -4.88 11.50 24.48
N UNK C 256 -5.58 10.66 25.26
CA UNK C 256 -4.96 10.25 26.52
C UNK C 256 -3.77 9.37 26.19
N UNK C 257 -3.98 8.44 25.25
CA UNK C 257 -2.88 7.50 24.88
C UNK C 257 -1.65 8.28 24.48
N UNK C 258 -1.86 9.35 23.71
CA UNK C 258 -0.74 10.21 23.29
C UNK C 258 -0.06 10.76 24.54
N UNK C 259 -0.86 11.29 25.46
CA UNK C 259 -0.33 11.82 26.72
C UNK C 259 0.45 10.71 27.41
N UNK C 260 -0.18 9.54 27.48
CA UNK C 260 0.56 8.46 28.16
C UNK C 260 1.88 8.23 27.44
N UNK C 261 1.84 8.06 26.12
CA UNK C 261 3.02 7.85 25.32
C UNK C 261 4.13 8.88 25.59
N UNK C 262 3.75 10.15 25.62
CA UNK C 262 4.66 11.24 25.91
C UNK C 262 5.23 11.06 27.34
N UNK C 263 4.32 11.02 28.31
CA UNK C 263 4.82 10.90 29.70
C UNK C 263 5.81 9.77 29.79
N UNK C 264 5.37 8.64 29.23
CA UNK C 264 6.17 7.44 29.28
C UNK C 264 7.50 7.50 28.58
N UNK C 265 7.59 8.12 27.40
CA UNK C 265 8.88 8.18 26.67
C UNK C 265 9.83 9.10 27.43
N UNK C 266 9.29 10.20 27.94
CA UNK C 266 10.08 11.16 28.70
C UNK C 266 10.61 10.48 29.96
N UNK C 267 10.11 9.31 30.34
CA UNK C 267 10.65 8.67 31.56
C UNK C 267 11.73 7.70 31.09
N UNK C 268 11.95 7.70 29.77
CA UNK C 268 12.89 6.84 29.11
C UNK C 268 12.42 5.38 29.07
N UNK C 269 11.11 5.13 29.08
CA UNK C 269 10.65 3.70 29.01
C UNK C 269 10.61 3.36 27.54
N UNK C 270 11.28 2.34 27.08
CA UNK C 270 11.39 1.99 25.67
C UNK C 270 10.05 1.99 24.98
N UNK C 271 9.97 2.65 23.85
CA UNK C 271 8.76 2.75 23.07
C UNK C 271 8.43 1.38 22.55
N UNK C 272 7.18 1.15 22.22
CA UNK C 272 6.80 -0.18 21.69
C UNK C 272 6.05 0.03 20.37
N UNK C 273 5.16 -0.90 20.07
CA UNK C 273 4.40 -0.84 18.82
C UNK C 273 3.87 0.56 18.59
N UNK C 274 4.01 1.05 17.38
CA UNK C 274 3.55 2.38 17.06
C UNK C 274 4.05 3.51 17.94
N UNK C 275 5.12 3.27 18.70
CA UNK C 275 5.71 4.27 19.55
C UNK C 275 5.06 4.31 20.92
N UNK C 276 3.91 3.67 21.11
CA UNK C 276 3.28 3.67 22.44
C UNK C 276 3.95 2.64 23.37
N UNK C 277 3.75 2.86 24.66
CA UNK C 277 4.27 1.99 25.70
C UNK C 277 3.78 0.59 25.41
N UNK C 278 4.52 -0.42 25.82
CA UNK C 278 4.04 -1.78 25.52
C UNK C 278 2.76 -2.03 26.29
N UNK C 279 2.38 -1.16 27.23
CA UNK C 279 1.14 -1.46 27.96
C UNK C 279 0.01 -0.52 27.66
N UNK C 280 -0.16 0.02 26.44
CA UNK C 280 -1.31 0.88 26.23
C UNK C 280 -2.62 0.07 26.35
N UNK C 281 -2.63 -1.21 26.00
CA UNK C 281 -3.91 -1.95 26.16
C UNK C 281 -4.26 -1.82 27.65
N UNK C 282 -3.27 -2.30 28.43
CA UNK C 282 -3.48 -2.20 29.86
C UNK C 282 -3.93 -0.81 30.26
N UNK C 283 -3.36 0.25 29.74
CA UNK C 283 -3.74 1.62 30.14
C UNK C 283 -5.25 1.79 30.08
N UNK C 284 -5.89 1.34 29.00
CA UNK C 284 -7.33 1.45 28.91
C UNK C 284 -8.13 0.33 29.55
N UNK C 285 -7.67 -0.92 29.61
CA UNK C 285 -8.43 -2.01 30.20
C UNK C 285 -8.72 -1.72 31.68
N UNK C 286 -7.71 -1.45 32.44
CA UNK C 286 -7.69 -1.07 33.84
C UNK C 286 -8.81 -0.04 34.10
N UNK C 287 -8.90 0.96 33.22
CA UNK C 287 -9.85 2.04 33.39
C UNK C 287 -11.27 1.59 33.13
N UNK C 288 -11.55 1.11 31.94
CA UNK C 288 -12.87 0.66 31.54
C UNK C 288 -13.38 -0.55 32.28
N UNK C 289 -12.54 -1.34 32.94
CA UNK C 289 -13.08 -2.51 33.68
C UNK C 289 -13.89 -1.96 34.88
N UNK C 290 -13.54 -0.73 35.28
CA UNK C 290 -14.18 -0.10 36.40
C UNK C 290 -15.63 0.20 36.14
N UNK C 291 -16.03 0.44 34.90
CA UNK C 291 -17.49 0.67 34.63
C UNK C 291 -18.08 -0.70 34.94
N UNK C 292 -19.10 -0.81 35.78
CA UNK C 292 -19.63 -2.12 36.16
C UNK C 292 -20.99 -2.06 36.82
N UNK C 293 -21.65 -3.21 36.89
CA UNK C 293 -22.97 -3.31 37.53
C UNK C 293 -22.81 -4.09 38.84
N UNK C 294 -23.00 -3.48 39.99
CA UNK C 294 -22.84 -4.21 41.26
C UNK C 294 -24.08 -4.96 41.67
N UNK C 295 -23.98 -6.09 42.35
CA UNK C 295 -25.20 -6.82 42.73
C UNK C 295 -25.89 -6.12 43.90
N UNK C 296 -27.12 -6.53 44.20
CA UNK C 296 -27.85 -5.93 45.31
C UNK C 296 -27.01 -6.04 46.58
N UNK C 297 -26.20 -7.09 46.66
CA UNK C 297 -25.35 -7.24 47.84
C UNK C 297 -24.42 -6.05 47.98
N UNK C 298 -24.15 -5.34 46.87
CA UNK C 298 -23.26 -4.19 46.94
C UNK C 298 -23.92 -2.86 46.61
N UNK C 299 -25.26 -2.84 46.66
CA UNK C 299 -25.98 -1.60 46.43
C UNK C 299 -26.71 -1.61 45.13
N UNK C 300 -26.41 -2.54 44.24
CA UNK C 300 -27.09 -2.57 42.93
C UNK C 300 -26.77 -1.32 42.09
N UNK C 301 -25.84 -0.47 42.57
CA UNK C 301 -25.51 0.72 41.79
C UNK C 301 -24.73 0.24 40.56
N UNK C 302 -24.35 1.19 39.71
CA UNK C 302 -23.60 0.90 38.49
C UNK C 302 -22.85 2.10 37.94
N UNK C 303 -21.94 1.80 37.03
CA UNK C 303 -21.14 2.79 36.30
C UNK C 303 -21.16 2.34 34.83
N UNK C 304 -21.60 3.19 33.93
CA UNK C 304 -21.68 2.90 32.51
C UNK C 304 -20.66 3.77 31.79
N UNK C 305 -19.82 3.20 30.93
CA UNK C 305 -18.84 4.09 30.28
C UNK C 305 -19.03 4.18 28.78
N UNK C 306 -18.84 5.39 28.26
CA UNK C 306 -18.91 5.66 26.84
C UNK C 306 -17.58 6.34 26.47
N UNK C 307 -16.54 5.55 26.25
CA UNK C 307 -15.23 6.04 25.83
C UNK C 307 -15.29 6.37 24.33
N UNK C 308 -14.55 7.36 23.91
CA UNK C 308 -14.49 7.77 22.50
C UNK C 308 -13.07 7.51 21.99
N UNK C 309 -12.94 7.07 20.78
CA UNK C 309 -11.68 6.81 20.13
C UNK C 309 -11.77 7.37 18.70
N UNK C 310 -10.72 8.04 18.27
CA UNK C 310 -10.71 8.58 16.90
C UNK C 310 -9.99 7.72 15.88
N UNK C 311 -10.67 7.26 14.84
CA UNK C 311 -9.95 6.45 13.83
C UNK C 311 -9.38 7.41 12.79
N UNK C 312 -8.56 6.88 11.87
CA UNK C 312 -8.01 7.70 10.78
C UNK C 312 -8.40 6.95 9.50
N UNK C 313 -8.86 7.71 8.53
CA UNK C 313 -9.29 7.05 7.27
C UNK C 313 -10.20 5.88 7.63
N UNK C 314 -11.23 6.19 8.39
CA UNK C 314 -12.19 5.18 8.81
C UNK C 314 -11.59 3.81 9.04
N UNK C 315 -10.32 3.67 9.39
CA UNK C 315 -9.77 2.33 9.59
C UNK C 315 -9.92 1.83 11.01
N UNK C 316 -10.96 1.02 11.23
CA UNK C 316 -11.23 0.42 12.52
C UNK C 316 -10.32 -0.78 12.81
N UNK C 317 -9.66 -1.29 11.78
CA UNK C 317 -8.82 -2.44 12.14
C UNK C 317 -7.60 -1.91 12.85
N UNK C 318 -7.24 -0.68 12.71
CA UNK C 318 -6.07 -0.14 13.43
C UNK C 318 -5.83 -0.64 14.85
N UNK C 319 -4.59 -0.90 15.19
CA UNK C 319 -4.12 -1.39 16.49
C UNK C 319 -4.79 -0.73 17.67
N UNK C 320 -4.74 0.59 17.83
CA UNK C 320 -5.42 1.19 19.00
C UNK C 320 -6.90 0.92 18.88
N UNK C 321 -7.56 1.32 17.82
CA UNK C 321 -8.98 1.07 17.66
C UNK C 321 -9.31 -0.33 18.10
N UNK C 322 -8.63 -1.37 17.60
CA UNK C 322 -9.04 -2.73 18.04
C UNK C 322 -8.65 -2.95 19.47
N UNK C 323 -7.55 -2.36 19.96
CA UNK C 323 -7.21 -2.58 21.36
C UNK C 323 -8.43 -2.23 22.21
N UNK C 324 -9.00 -1.05 22.00
CA UNK C 324 -10.15 -0.62 22.77
C UNK C 324 -11.42 -1.35 22.38
N UNK C 325 -11.62 -1.70 21.11
CA UNK C 325 -12.86 -2.44 20.79
C UNK C 325 -12.82 -3.76 21.55
N UNK C 326 -11.65 -4.26 21.93
CA UNK C 326 -11.57 -5.56 22.61
C UNK C 326 -11.69 -5.51 24.12
N UNK C 327 -12.14 -4.38 24.61
CA UNK C 327 -12.28 -4.18 26.05
C UNK C 327 -13.75 -3.88 26.33
N UNK C 328 -14.34 -3.00 25.51
CA UNK C 328 -15.72 -2.63 25.77
C UNK C 328 -16.73 -3.69 25.36
N UNK C 329 -17.97 -3.46 25.76
CA UNK C 329 -19.09 -4.34 25.51
C UNK C 329 -19.82 -3.95 24.24
N UNK C 330 -19.07 -3.54 23.22
CA UNK C 330 -19.67 -3.15 21.93
C UNK C 330 -19.09 -1.84 21.43
N UNK C 331 -19.48 -1.42 20.23
CA UNK C 331 -19.03 -0.20 19.62
C UNK C 331 -20.12 0.37 18.68
N UNK C 332 -20.04 1.68 18.58
CA UNK C 332 -20.92 2.43 17.67
C UNK C 332 -19.98 3.03 16.63
N UNK C 333 -19.97 2.51 15.42
CA UNK C 333 -19.01 3.04 14.45
C UNK C 333 -19.67 4.00 13.50
N UNK C 334 -19.17 5.23 13.49
CA UNK C 334 -19.71 6.31 12.65
C UNK C 334 -18.91 6.50 11.38
N UNK C 335 -19.47 6.51 10.19
CA UNK C 335 -18.68 6.67 8.97
C UNK C 335 -18.95 8.03 8.31
N UNK C 336 -17.91 8.63 7.73
CA UNK C 336 -18.10 9.94 7.12
C UNK C 336 -18.89 9.76 5.82
N UNK C 337 -18.73 8.58 5.22
CA UNK C 337 -19.46 8.33 3.97
C UNK C 337 -20.96 8.41 4.22
N UNK C 338 -21.43 7.70 5.23
CA UNK C 338 -22.84 7.69 5.63
C UNK C 338 -23.29 9.09 6.01
N UNK C 339 -22.48 9.78 6.80
CA UNK C 339 -22.75 11.14 7.24
C UNK C 339 -23.01 12.07 6.05
N UNK C 340 -22.10 12.09 5.08
CA UNK C 340 -22.26 12.98 3.93
C UNK C 340 -23.46 12.56 3.14
N UNK C 341 -23.65 11.26 3.04
CA UNK C 341 -24.79 10.70 2.33
C UNK C 341 -26.13 11.07 2.93
N UNK C 342 -26.17 11.63 4.12
CA UNK C 342 -27.44 12.01 4.73
C UNK C 342 -27.77 11.13 5.93
N UNK C 343 -27.13 9.99 6.04
CA UNK C 343 -27.33 9.09 7.16
C UNK C 343 -26.72 9.59 8.47
N UNK C 344 -27.47 10.38 9.22
CA UNK C 344 -27.03 10.88 10.52
C UNK C 344 -28.05 10.51 11.59
N UNK C 345 -27.61 9.87 12.64
CA UNK C 345 -26.25 9.50 12.92
C UNK C 345 -25.59 8.65 11.86
N UNK C 346 -24.28 8.75 11.64
CA UNK C 346 -23.62 7.92 10.62
C UNK C 346 -23.37 6.52 11.17
N UNK C 347 -24.30 5.97 11.97
CA UNK C 347 -24.04 4.64 12.53
C UNK C 347 -23.98 3.62 11.41
N UNK C 348 -22.93 2.81 11.43
CA UNK C 348 -22.71 1.71 10.50
C UNK C 348 -23.24 0.42 11.17
N UNK C 349 -24.47 0.07 10.84
CA UNK C 349 -25.21 -1.05 11.36
C UNK C 349 -24.37 -2.30 11.46
N UNK C 350 -23.84 -2.70 10.34
CA UNK C 350 -23.02 -3.89 10.19
C UNK C 350 -21.85 -3.97 11.13
N UNK C 351 -21.03 -2.93 11.23
CA UNK C 351 -19.85 -2.90 12.08
C UNK C 351 -20.06 -2.56 13.54
N UNK C 352 -21.20 -2.03 13.96
CA UNK C 352 -21.44 -1.72 15.36
C UNK C 352 -22.03 -2.93 16.07
N UNK C 353 -21.78 -3.09 17.36
CA UNK C 353 -22.35 -4.21 18.07
C UNK C 353 -22.59 -3.83 19.54
N UNK C 354 -23.36 -4.67 20.21
CA UNK C 354 -23.66 -4.49 21.62
C UNK C 354 -23.53 -5.91 22.17
N UNK C 355 -22.59 -6.13 23.05
CA UNK C 355 -22.41 -7.50 23.56
C UNK C 355 -23.42 -7.85 24.62
N UNK C 356 -24.29 -6.91 24.94
CA UNK C 356 -25.33 -7.13 25.95
C UNK C 356 -26.62 -7.62 25.27
N UNK C 357 -26.78 -7.27 24.00
CA UNK C 357 -27.97 -7.75 23.28
C UNK C 357 -29.21 -7.10 23.91
N UNK C 358 -30.35 -7.77 23.72
CA UNK C 358 -31.65 -7.33 24.16
C UNK C 358 -31.77 -7.34 25.66
N UNK C 359 -30.95 -8.07 26.40
CA UNK C 359 -31.04 -7.96 27.85
C UNK C 359 -30.94 -6.51 28.30
N UNK C 360 -30.57 -5.55 27.46
CA UNK C 360 -30.49 -4.19 27.97
C UNK C 360 -31.64 -3.38 27.43
N UNK C 361 -32.61 -4.07 26.82
CA UNK C 361 -33.78 -3.48 26.21
C UNK C 361 -35.14 -3.73 26.85
N UNK C 362 -34.52 -3.85 25.95
CA UNK C 362 -35.82 -4.17 26.58
C UNK C 362 -36.51 -5.19 25.67
N UNK C 363 -37.44 -6.01 26.12
CA UNK C 363 -38.09 -6.98 25.25
C UNK C 363 -38.88 -6.26 24.17
N UNK C 364 -39.44 -5.09 24.50
CA UNK C 364 -40.19 -4.35 23.48
C UNK C 364 -39.29 -4.14 22.28
N UNK C 365 -38.09 -3.61 22.54
CA UNK C 365 -37.14 -3.36 21.48
C UNK C 365 -36.65 -4.64 20.83
N UNK C 366 -36.26 -5.63 21.61
CA UNK C 366 -35.80 -6.91 21.05
C UNK C 366 -36.85 -7.45 20.10
N UNK C 367 -38.11 -7.32 20.53
CA UNK C 367 -39.24 -7.81 19.75
C UNK C 367 -39.21 -7.17 18.38
N UNK C 368 -39.16 -5.85 18.30
CA UNK C 368 -39.17 -5.19 17.01
C UNK C 368 -37.87 -5.26 16.24
N UNK C 369 -36.72 -5.09 16.86
CA UNK C 369 -35.47 -5.06 16.11
C UNK C 369 -34.63 -6.31 16.21
N UNK C 370 -35.16 -7.45 16.58
CA UNK C 370 -34.40 -8.67 16.71
C UNK C 370 -33.62 -9.12 15.50
N UNK C 371 -34.17 -9.01 14.29
CA UNK C 371 -33.39 -9.46 13.13
C UNK C 371 -33.05 -8.33 12.18
N UNK C 372 -33.52 -7.13 12.41
CA UNK C 372 -33.29 -5.98 11.57
C UNK C 372 -31.86 -5.71 11.16
N UNK C 373 -30.92 -5.85 12.09
CA UNK C 373 -29.53 -5.59 11.80
C UNK C 373 -29.02 -6.43 10.63
N UNK C 374 -29.07 -7.73 10.67
CA UNK C 374 -28.59 -8.53 9.55
C UNK C 374 -29.46 -8.35 8.32
N UNK C 375 -30.63 -7.78 8.47
CA UNK C 375 -31.56 -7.60 7.34
C UNK C 375 -31.03 -6.42 6.53
N UNK C 376 -30.71 -5.35 7.23
CA UNK C 376 -30.16 -4.14 6.63
C UNK C 376 -28.78 -4.40 6.03
N UNK C 377 -28.00 -5.28 6.63
CA UNK C 377 -26.69 -5.65 6.10
C UNK C 377 -26.94 -6.29 4.73
N UNK C 378 -27.77 -7.31 4.72
CA UNK C 378 -28.14 -8.02 3.50
C UNK C 378 -28.84 -7.11 2.50
N UNK C 379 -29.38 -5.99 2.94
CA UNK C 379 -30.07 -5.07 2.06
C UNK C 379 -29.08 -4.20 1.31
N UNK C 380 -28.07 -3.76 2.03
CA UNK C 380 -27.03 -2.91 1.47
C UNK C 380 -26.32 -3.65 0.37
N UNK C 381 -26.08 -4.94 0.58
CA UNK C 381 -25.44 -5.76 -0.48
C UNK C 381 -26.31 -5.76 -1.74
N UNK C 382 -27.48 -6.41 -1.76
CA UNK C 382 -28.32 -6.42 -2.94
C UNK C 382 -28.59 -5.01 -3.46
N UNK C 383 -28.72 -4.02 -2.59
CA UNK C 383 -28.94 -2.67 -3.14
C UNK C 383 -27.77 -2.38 -4.06
N UNK C 384 -26.60 -2.92 -3.73
CA UNK C 384 -25.46 -2.66 -4.60
C UNK C 384 -25.57 -3.59 -5.79
N UNK C 385 -25.73 -4.88 -5.59
CA UNK C 385 -25.85 -5.85 -6.67
C UNK C 385 -26.90 -5.55 -7.71
N UNK C 386 -27.75 -4.55 -7.56
CA UNK C 386 -28.76 -4.29 -8.59
C UNK C 386 -28.69 -2.82 -9.02
N UNK C 387 -27.53 -2.19 -8.82
CA UNK C 387 -27.35 -0.77 -9.22
C UNK C 387 -27.35 -0.82 -10.76
N UNK C 388 -28.08 -1.84 -11.16
CA UNK C 388 -28.40 -2.36 -12.46
C UNK C 388 -29.50 -3.43 -12.21
N UNK C 389 -30.76 -3.03 -12.32
CA UNK C 389 -31.89 -3.91 -12.08
C UNK C 389 -31.85 -5.26 -12.77
N UNK C 390 -30.86 -6.08 -12.44
CA UNK C 390 -30.62 -7.38 -13.01
C UNK C 390 -31.73 -8.39 -12.83
N UNK C 391 -32.72 -8.38 -13.73
CA UNK C 391 -33.84 -9.33 -13.65
C UNK C 391 -34.04 -9.83 -12.22
N UNK C 392 -34.45 -8.88 -11.37
CA UNK C 392 -34.66 -9.13 -9.96
C UNK C 392 -36.01 -9.70 -9.57
N UNK C 393 -35.96 -10.81 -8.82
CA UNK C 393 -37.14 -11.50 -8.36
C UNK C 393 -38.02 -10.68 -7.43
N UNK C 394 -38.79 -11.35 -6.58
CA UNK C 394 -39.66 -10.62 -5.66
C UNK C 394 -39.01 -10.55 -4.29
N UNK C 395 -38.58 -11.70 -3.80
CA UNK C 395 -37.95 -11.72 -2.47
C UNK C 395 -36.91 -10.62 -2.31
N UNK C 396 -36.29 -10.19 -3.41
CA UNK C 396 -35.27 -9.15 -3.35
C UNK C 396 -35.87 -7.77 -3.60
N UNK C 397 -37.00 -7.74 -4.26
CA UNK C 397 -37.69 -6.47 -4.54
C UNK C 397 -38.33 -6.04 -3.21
N UNK C 398 -38.75 -7.06 -2.47
CA UNK C 398 -39.34 -6.87 -1.15
C UNK C 398 -38.23 -6.45 -0.19
N UNK C 399 -37.06 -7.06 -0.40
CA UNK C 399 -35.88 -6.78 0.41
C UNK C 399 -35.42 -5.35 0.19
N UNK C 400 -35.50 -4.86 -1.04
CA UNK C 400 -35.09 -3.49 -1.31
C UNK C 400 -36.15 -2.52 -0.83
N UNK C 401 -37.41 -2.92 -0.84
CA UNK C 401 -38.53 -2.08 -0.42
C UNK C 401 -38.56 -1.88 1.09
N UNK C 402 -38.21 -2.89 1.85
CA UNK C 402 -38.12 -2.77 3.29
C UNK C 402 -36.83 -1.96 3.62
N UNK C 403 -35.70 -2.43 3.06
CA UNK C 403 -34.44 -1.79 3.27
C UNK C 403 -34.58 -0.28 3.17
N UNK C 404 -35.07 0.26 2.07
CA UNK C 404 -35.19 1.70 1.98
C UNK C 404 -36.07 2.33 3.04
N UNK C 405 -37.25 1.78 3.30
CA UNK C 405 -38.18 2.33 4.28
C UNK C 405 -37.56 2.32 5.68
N UNK C 406 -36.94 1.22 6.04
CA UNK C 406 -36.31 1.10 7.36
C UNK C 406 -35.16 2.06 7.53
N UNK C 407 -34.45 2.35 6.46
CA UNK C 407 -33.31 3.25 6.47
C UNK C 407 -33.73 4.68 6.78
N UNK C 408 -34.93 5.01 6.32
CA UNK C 408 -35.47 6.36 6.54
C UNK C 408 -35.86 6.51 8.00
N UNK C 409 -36.37 5.47 8.64
CA UNK C 409 -36.84 5.52 10.01
C UNK C 409 -35.71 5.65 11.03
N UNK C 410 -34.57 5.08 10.67
CA UNK C 410 -33.40 5.14 11.55
C UNK C 410 -32.77 6.54 11.48
N UNK C 411 -33.26 7.41 10.59
CA UNK C 411 -32.69 8.75 10.49
C UNK C 411 -33.07 9.53 11.74
N UNK C 412 -32.40 10.60 12.13
CA UNK C 412 -32.83 11.27 13.35
C UNK C 412 -32.14 12.62 13.44
N UNK C 413 -32.78 13.59 14.06
CA UNK C 413 -32.20 14.92 14.18
C UNK C 413 -31.38 14.98 15.46
N UNK C 414 -30.96 16.18 15.84
CA UNK C 414 -30.15 16.35 17.04
C UNK C 414 -30.86 16.89 18.28
N UNK C 415 -30.33 16.56 19.47
CA UNK C 415 -30.93 17.04 20.69
C UNK C 415 -32.32 16.53 21.00
N UNK C 416 -32.88 15.58 20.29
CA UNK C 416 -34.23 15.10 20.62
C UNK C 416 -34.27 13.61 20.89
N UNK C 417 -33.55 13.19 21.90
CA UNK C 417 -33.46 11.78 22.28
C UNK C 417 -34.84 11.19 22.46
N UNK C 418 -35.23 10.09 21.82
CA UNK C 418 -36.56 9.56 22.02
C UNK C 418 -36.65 8.58 23.17
N UNK C 419 -37.87 8.44 23.71
CA UNK C 419 -38.10 7.49 24.81
C UNK C 419 -38.26 6.09 24.19
N UNK C 420 -37.81 5.08 24.92
CA UNK C 420 -37.86 3.71 24.40
C UNK C 420 -39.16 3.33 23.76
N UNK C 421 -40.32 3.56 24.38
CA UNK C 421 -41.60 3.20 23.79
C UNK C 421 -41.87 3.96 22.49
N UNK C 422 -41.32 5.16 22.39
CA UNK C 422 -41.47 5.96 21.16
C UNK C 422 -40.73 5.31 20.00
N UNK C 423 -39.53 4.80 20.30
CA UNK C 423 -38.74 4.08 19.29
C UNK C 423 -39.53 2.86 18.87
N UNK C 424 -39.89 2.02 19.85
CA UNK C 424 -40.69 0.82 19.51
C UNK C 424 -41.90 1.15 18.66
N UNK C 425 -42.67 2.19 18.98
CA UNK C 425 -43.82 2.51 18.14
C UNK C 425 -43.47 2.70 16.66
N UNK C 426 -42.52 3.60 16.36
CA UNK C 426 -42.09 3.90 15.00
C UNK C 426 -41.34 2.77 14.29
N UNK C 427 -40.44 2.02 14.94
CA UNK C 427 -39.76 0.94 14.25
C UNK C 427 -40.83 -0.08 13.82
N UNK C 428 -41.71 -0.35 14.79
CA UNK C 428 -42.82 -1.28 14.66
C UNK C 428 -43.52 -1.10 13.32
N UNK C 429 -43.93 0.17 13.12
CA UNK C 429 -44.61 0.54 11.89
C UNK C 429 -43.86 0.05 10.66
N UNK C 430 -42.54 0.20 10.63
CA UNK C 430 -41.72 -0.18 9.50
C UNK C 430 -41.46 -1.66 9.34
N UNK C 431 -40.95 -2.25 10.38
CA UNK C 431 -40.60 -3.66 10.50
C UNK C 431 -41.78 -4.56 10.21
N UNK C 432 -43.00 -4.06 10.42
CA UNK C 432 -44.19 -4.86 10.21
C UNK C 432 -44.71 -4.75 8.81
N UNK C 433 -44.09 -3.92 7.99
CA UNK C 433 -44.56 -3.81 6.62
C UNK C 433 -45.66 -2.79 6.49
N UNK C 434 -46.18 -2.21 7.57
CA UNK C 434 -47.25 -1.23 7.30
C UNK C 434 -46.78 -0.08 6.43
N UNK C 435 -45.48 0.19 6.31
CA UNK C 435 -45.02 1.31 5.50
C UNK C 435 -44.49 0.92 4.15
N UNK C 436 -44.50 -0.36 3.79
CA UNK C 436 -43.98 -0.81 2.49
C UNK C 436 -44.65 -0.17 1.29
N UNK C 437 -45.75 0.54 1.48
CA UNK C 437 -46.40 1.15 0.30
C UNK C 437 -46.35 2.66 0.36
N UNK C 438 -45.76 3.19 1.43
CA UNK C 438 -45.64 4.64 1.57
C UNK C 438 -44.41 4.99 0.71
N UNK C 439 -44.27 6.25 0.33
CA UNK C 439 -43.15 6.68 -0.51
C UNK C 439 -42.00 7.06 0.42
N UNK C 440 -40.84 6.51 0.19
CA UNK C 440 -39.66 6.78 1.00
C UNK C 440 -39.64 8.23 1.44
N UNK C 441 -39.78 9.18 0.53
CA UNK C 441 -39.75 10.59 0.85
C UNK C 441 -40.75 10.99 1.92
N UNK C 442 -41.83 10.24 2.00
CA UNK C 442 -42.87 10.52 2.98
C UNK C 442 -42.51 10.12 4.40
N UNK C 443 -41.87 8.99 4.60
CA UNK C 443 -41.48 8.39 5.84
C UNK C 443 -41.06 9.28 6.99
N UNK C 444 -40.20 10.24 6.76
CA UNK C 444 -39.78 11.12 7.84
C UNK C 444 -40.97 11.92 8.34
N UNK C 445 -41.74 12.51 7.43
CA UNK C 445 -42.91 13.31 7.76
C UNK C 445 -43.98 12.50 8.49
N UNK C 446 -44.19 11.27 8.01
CA UNK C 446 -45.12 10.35 8.61
C UNK C 446 -44.69 10.11 10.06
N UNK C 447 -43.42 9.74 10.29
CA UNK C 447 -43.00 9.51 11.66
C UNK C 447 -43.30 10.69 12.56
N UNK C 448 -43.23 11.92 12.08
CA UNK C 448 -43.49 13.05 13.00
C UNK C 448 -44.96 13.16 13.30
N UNK C 449 -45.80 12.89 12.32
CA UNK C 449 -47.26 12.90 12.41
C UNK C 449 -47.76 11.79 13.33
N UNK C 450 -47.37 10.56 12.99
CA UNK C 450 -47.71 9.36 13.73
C UNK C 450 -47.30 9.51 15.20
N UNK C 451 -46.04 9.76 15.46
CA UNK C 451 -45.56 9.89 16.85
C UNK C 451 -46.36 10.94 17.60
N UNK C 452 -46.76 11.97 16.85
CA UNK C 452 -47.52 13.05 17.46
C UNK C 452 -48.84 12.48 17.98
N UNK C 453 -49.49 11.80 17.05
CA UNK C 453 -50.78 11.19 17.36
C UNK C 453 -50.68 10.33 18.60
N UNK C 454 -49.92 9.23 18.56
CA UNK C 454 -49.83 8.35 19.73
C UNK C 454 -49.40 9.03 21.01
N UNK C 455 -48.49 9.98 21.00
CA UNK C 455 -48.03 10.65 22.22
C UNK C 455 -49.16 11.41 22.91
N UNK C 456 -49.92 12.12 22.10
CA UNK C 456 -51.02 12.96 22.53
C UNK C 456 -52.25 12.14 22.89
N UNK C 457 -52.81 11.50 21.87
CA UNK C 457 -53.98 10.67 22.11
C UNK C 457 -53.58 9.48 22.96
N UNK C 458 -53.03 8.42 22.42
CA UNK C 458 -52.62 7.20 23.05
C UNK C 458 -51.57 7.01 24.09
N UNK C 459 -51.32 7.91 25.04
CA UNK C 459 -50.27 7.60 26.01
C UNK C 459 -50.60 6.39 26.87
N UNK C 460 -51.73 5.75 26.65
CA UNK C 460 -52.05 4.58 27.48
C UNK C 460 -51.28 3.37 26.95
N UNK C 461 -51.09 3.37 25.63
CA UNK C 461 -50.41 2.28 24.95
C UNK C 461 -48.89 2.47 25.09
N UNK C 462 -48.52 3.75 25.15
CA UNK C 462 -47.12 4.10 25.30
C UNK C 462 -46.70 3.75 26.73
N UNK C 463 -47.51 4.17 27.72
CA UNK C 463 -47.23 3.87 29.11
C UNK C 463 -47.26 2.37 29.43
N UNK C 464 -47.98 1.57 28.66
CA UNK C 464 -48.07 0.12 28.90
C UNK C 464 -46.86 -0.59 28.32
N UNK C 465 -46.52 -0.25 27.08
CA UNK C 465 -45.38 -0.79 26.35
C UNK C 465 -44.14 -0.43 27.19
N UNK C 466 -44.14 0.84 27.61
CA UNK C 466 -43.08 1.35 28.43
C UNK C 466 -43.01 0.57 29.74
N UNK C 467 -44.15 0.48 30.41
CA UNK C 467 -44.26 -0.22 31.69
C UNK C 467 -44.08 -1.71 31.56
N UNK C 468 -45.00 -2.43 30.94
CA UNK C 468 -44.80 -3.87 30.80
C UNK C 468 -43.37 -4.11 30.31
N UNK C 469 -42.88 -3.15 29.54
CA UNK C 469 -41.55 -3.23 28.96
C UNK C 469 -41.54 -4.16 27.74
N UNK C 470 -42.67 -4.76 27.45
CA UNK C 470 -42.86 -5.68 26.34
C UNK C 470 -44.02 -5.24 25.46
N UNK C 471 -44.25 -5.99 24.39
CA UNK C 471 -45.37 -5.72 23.51
C UNK C 471 -46.26 -6.96 23.67
N UNK C 472 -47.28 -6.79 24.50
CA UNK C 472 -48.26 -7.85 24.75
C UNK C 472 -49.04 -8.11 23.47
N UNK C 473 -49.96 -9.09 23.50
CA UNK C 473 -50.74 -9.42 22.31
C UNK C 473 -51.80 -8.36 22.03
N UNK C 474 -52.34 -7.73 23.06
CA UNK C 474 -53.34 -6.70 22.82
C UNK C 474 -52.67 -5.39 22.41
N UNK C 475 -51.53 -5.08 23.01
CA UNK C 475 -50.83 -3.83 22.67
C UNK C 475 -50.45 -3.92 21.20
N UNK C 476 -49.93 -5.11 20.88
CA UNK C 476 -49.57 -5.36 19.49
C UNK C 476 -50.80 -5.20 18.62
N UNK C 477 -52.01 -5.48 19.11
CA UNK C 477 -53.24 -5.35 18.33
C UNK C 477 -53.74 -3.91 18.34
N UNK C 478 -53.59 -3.22 19.46
CA UNK C 478 -54.00 -1.82 19.49
C UNK C 478 -53.08 -1.03 18.55
N UNK C 479 -51.80 -1.39 18.48
CA UNK C 479 -50.85 -0.74 17.60
C UNK C 479 -51.17 -1.02 16.14
N UNK C 480 -51.39 -2.28 15.74
CA UNK C 480 -51.68 -2.55 14.33
C UNK C 480 -52.82 -1.64 13.86
N UNK C 481 -53.83 -1.52 14.71
CA UNK C 481 -55.03 -0.75 14.46
C UNK C 481 -54.71 0.72 14.24
N UNK C 482 -53.99 1.32 15.15
CA UNK C 482 -53.62 2.71 15.02
C UNK C 482 -52.84 2.94 13.74
N UNK C 483 -51.70 2.26 13.53
CA UNK C 483 -50.90 2.55 12.35
C UNK C 483 -51.65 2.45 11.05
N UNK C 484 -52.23 1.32 10.76
CA UNK C 484 -52.98 1.12 9.52
C UNK C 484 -54.03 2.18 9.26
N UNK C 485 -54.83 2.54 10.27
CA UNK C 485 -55.84 3.55 10.07
C UNK C 485 -55.24 4.93 9.91
N UNK C 486 -54.38 5.34 10.83
CA UNK C 486 -53.75 6.66 10.71
C UNK C 486 -53.03 6.74 9.37
N UNK C 487 -52.31 5.68 9.03
CA UNK C 487 -51.60 5.66 7.76
C UNK C 487 -52.54 6.02 6.61
N UNK C 488 -53.71 5.39 6.53
CA UNK C 488 -54.68 5.65 5.48
C UNK C 488 -55.13 7.11 5.44
N UNK C 489 -55.55 7.59 6.60
CA UNK C 489 -56.02 8.99 6.68
C UNK C 489 -54.82 9.84 6.25
N UNK C 490 -53.63 9.41 6.65
CA UNK C 490 -52.41 10.14 6.30
C UNK C 490 -52.17 10.15 4.81
N UNK C 491 -52.46 9.09 4.09
CA UNK C 491 -52.23 9.11 2.65
C UNK C 491 -53.44 9.54 1.85
N UNK C 492 -54.30 10.39 2.42
CA UNK C 492 -55.50 10.85 1.74
C UNK C 492 -55.15 11.77 0.56
N UNK D 1 16.11 -17.91 51.71
CA UNK D 1 16.90 -16.73 51.43
C UNK D 1 16.03 -15.46 51.51
N UNK D 2 16.71 -14.34 51.70
CA UNK D 2 16.07 -13.03 51.80
C UNK D 2 16.77 -12.07 50.83
N UNK D 3 16.05 -11.48 49.90
CA UNK D 3 16.73 -10.55 48.97
C UNK D 3 16.17 -9.17 49.27
N UNK D 4 16.67 -8.15 48.60
CA UNK D 4 16.14 -6.79 48.79
C UNK D 4 15.69 -6.27 47.43
N UNK D 5 14.77 -5.35 47.40
CA UNK D 5 14.34 -4.80 46.08
C UNK D 5 15.34 -3.76 45.66
N UNK D 6 15.89 -3.77 44.45
CA UNK D 6 16.88 -2.72 44.15
C UNK D 6 16.34 -1.73 43.14
N UNK D 7 15.39 -2.15 42.34
CA UNK D 7 14.76 -1.35 41.31
C UNK D 7 13.32 -1.79 41.03
N UNK D 8 12.46 -0.80 40.84
CA UNK D 8 11.08 -1.01 40.52
C UNK D 8 10.73 -0.15 39.28
N UNK D 9 10.22 -0.80 38.25
CA UNK D 9 9.81 -0.09 37.05
C UNK D 9 8.59 -0.84 36.53
N UNK D 10 7.42 -0.41 36.96
CA UNK D 10 6.22 -1.10 36.50
C UNK D 10 6.11 -2.50 37.12
N UNK D 11 5.69 -3.47 36.33
CA UNK D 11 5.49 -4.83 36.76
C UNK D 11 6.82 -5.56 36.92
N UNK D 12 7.92 -4.91 36.57
CA UNK D 12 9.22 -5.60 36.66
C UNK D 12 9.96 -5.14 37.91
N UNK D 13 10.40 -6.06 38.74
CA UNK D 13 11.13 -5.71 39.97
C UNK D 13 12.44 -6.47 40.01
N UNK D 14 13.56 -5.79 40.27
CA UNK D 14 14.85 -6.47 40.32
C UNK D 14 15.15 -6.73 41.79
N UNK D 15 15.65 -7.90 42.12
CA UNK D 15 15.94 -8.20 43.53
C UNK D 15 17.39 -8.66 43.68
N UNK D 16 18.03 -8.20 44.76
CA UNK D 16 19.39 -8.59 45.04
C UNK D 16 19.51 -9.51 46.26
N UNK D 17 19.98 -10.73 46.06
CA UNK D 17 20.14 -11.68 47.17
C UNK D 17 21.61 -11.68 47.60
N UNK D 18 21.87 -11.75 48.89
CA UNK D 18 23.24 -11.74 49.42
C UNK D 18 23.84 -13.13 49.36
N UNK D 19 23.06 -14.10 49.77
CA UNK D 19 23.44 -15.50 49.75
C UNK D 19 22.28 -16.28 49.13
N UNK D 20 22.55 -17.30 48.35
CA UNK D 20 21.48 -18.08 47.78
C UNK D 20 20.49 -17.37 46.87
N UNK D 21 20.77 -17.50 45.58
CA UNK D 21 20.03 -16.96 44.48
C UNK D 21 18.91 -17.89 44.05
N UNK D 22 17.68 -17.51 44.20
CA UNK D 22 16.51 -18.30 43.81
C UNK D 22 16.56 -18.58 42.32
N UNK D 23 16.30 -19.83 41.99
CA UNK D 23 16.31 -20.29 40.61
C UNK D 23 15.26 -19.56 39.78
N UNK D 24 15.37 -19.63 38.47
CA UNK D 24 14.39 -19.01 37.58
C UNK D 24 13.05 -19.74 37.75
N UNK D 25 11.93 -19.03 37.76
CA UNK D 25 10.59 -19.53 37.91
C UNK D 25 10.14 -19.56 39.37
N UNK D 26 11.11 -19.45 40.28
CA UNK D 26 10.78 -19.44 41.70
C UNK D 26 9.88 -18.26 42.05
N UNK D 27 8.98 -18.43 43.02
CA UNK D 27 8.10 -17.33 43.42
C UNK D 27 8.67 -16.73 44.71
N UNK D 28 8.70 -15.41 44.81
CA UNK D 28 9.24 -14.75 46.00
C UNK D 28 8.11 -13.94 46.61
N UNK D 29 8.06 -13.77 47.90
CA UNK D 29 6.97 -12.98 48.51
C UNK D 29 7.59 -11.70 49.08
N UNK D 30 6.96 -10.59 48.73
CA UNK D 30 7.45 -9.27 49.21
C UNK D 30 7.00 -9.10 50.65
N UNK D 31 7.94 -8.78 51.53
CA UNK D 31 7.59 -8.61 52.94
C UNK D 31 7.05 -7.22 53.19
N UNK D 32 6.22 -7.04 54.19
CA UNK D 32 5.67 -5.77 54.56
C UNK D 32 4.45 -5.31 53.79
N UNK D 33 3.58 -6.18 53.31
CA UNK D 33 2.42 -5.74 52.54
C UNK D 33 1.07 -6.21 53.01
N UNK D 34 0.07 -5.32 53.01
CA UNK D 34 -1.26 -5.69 53.44
C UNK D 34 -1.75 -6.92 52.68
N UNK D 35 -1.38 -7.01 51.42
CA UNK D 35 -1.80 -8.14 50.59
C UNK D 35 -0.57 -8.90 50.06
N UNK D 36 -0.80 -10.16 49.75
CA UNK D 36 0.27 -11.01 49.27
C UNK D 36 0.80 -10.65 47.91
N UNK D 37 2.05 -10.20 47.80
CA UNK D 37 2.61 -9.89 46.49
C UNK D 37 3.66 -10.94 46.11
N UNK D 38 3.40 -11.66 45.03
CA UNK D 38 4.35 -12.69 44.57
C UNK D 38 5.07 -12.12 43.33
N UNK D 39 6.36 -12.35 43.25
CA UNK D 39 7.24 -11.96 42.18
C UNK D 39 7.77 -13.25 41.52
N UNK D 40 7.59 -13.44 40.23
CA UNK D 40 8.15 -14.68 39.67
C UNK D 40 9.53 -14.37 39.14
N UNK D 41 10.55 -15.13 39.51
CA UNK D 41 11.89 -14.85 38.98
C UNK D 41 11.93 -15.08 37.48
N UNK D 42 12.40 -14.07 36.74
CA UNK D 42 12.42 -14.21 35.28
C UNK D 42 13.81 -14.42 34.72
N UNK D 43 14.79 -13.74 35.33
CA UNK D 43 16.15 -13.84 34.83
C UNK D 43 17.21 -13.64 35.90
N UNK D 44 18.41 -14.11 35.57
CA UNK D 44 19.58 -13.95 36.45
C UNK D 44 20.40 -12.88 35.73
N UNK D 45 20.35 -11.65 36.21
CA UNK D 45 21.07 -10.55 35.59
C UNK D 45 22.56 -10.64 35.86
N UNK D 46 22.90 -11.35 36.93
CA UNK D 46 24.29 -11.51 37.36
C UNK D 46 24.55 -10.57 38.53
N UNK D 47 25.56 -10.85 39.34
CA UNK D 47 25.82 -9.97 40.49
C UNK D 47 24.77 -10.22 41.54
N UNK D 48 24.35 -11.48 41.54
CA UNK D 48 23.36 -11.95 42.51
C UNK D 48 22.15 -11.04 42.52
N UNK D 49 21.70 -10.72 41.31
CA UNK D 49 20.49 -9.90 41.17
C UNK D 49 19.62 -10.66 40.17
N UNK D 50 18.35 -10.78 40.52
CA UNK D 50 17.41 -11.47 39.65
C UNK D 50 16.37 -10.46 39.15
N UNK D 51 15.93 -10.60 37.90
CA UNK D 51 14.89 -9.71 37.37
C UNK D 51 13.59 -10.55 37.45
N UNK D 52 12.54 -9.93 37.99
CA UNK D 52 11.27 -10.66 38.18
C UNK D 52 10.05 -9.90 37.68
N UNK D 53 8.94 -10.65 37.48
CA UNK D 53 7.68 -10.07 37.05
C UNK D 53 6.69 -10.09 38.24
N UNK D 54 6.13 -8.97 38.62
CA UNK D 54 5.18 -8.89 39.72
C UNK D 54 3.84 -9.58 39.48
N UNK D 55 3.26 -10.32 40.44
CA UNK D 55 1.95 -10.92 40.17
C UNK D 55 0.83 -9.95 40.59
N UNK D 56 1.21 -8.70 40.90
CA UNK D 56 0.17 -7.73 41.27
C UNK D 56 0.77 -6.34 41.22
N UNK D 57 0.03 -5.36 41.65
CA UNK D 57 0.48 -4.00 41.68
C UNK D 57 1.79 -3.77 42.40
N UNK D 58 2.60 -2.88 41.85
CA UNK D 58 3.89 -2.53 42.41
C UNK D 58 3.87 -1.19 43.14
N UNK D 59 2.67 -0.61 43.31
CA UNK D 59 2.60 0.65 44.03
C UNK D 59 3.07 0.46 45.49
N UNK D 60 3.73 1.50 45.99
CA UNK D 60 4.16 1.51 47.37
C UNK D 60 5.37 0.63 47.62
N UNK D 61 5.90 -0.05 46.61
CA UNK D 61 7.11 -0.84 46.92
C UNK D 61 8.25 0.19 47.09
N UNK D 62 9.28 -0.18 47.87
CA UNK D 62 10.39 0.71 48.12
C UNK D 62 11.72 0.02 47.83
N UNK D 63 12.65 0.85 47.36
CA UNK D 63 13.99 0.27 47.11
C UNK D 63 14.49 -0.20 48.48
N UNK D 64 15.03 -1.39 48.56
CA UNK D 64 15.53 -1.88 49.83
C UNK D 64 14.49 -2.81 50.46
N UNK D 65 13.25 -2.78 50.03
CA UNK D 65 12.25 -3.66 50.64
C UNK D 65 12.65 -5.11 50.66
N UNK D 66 12.25 -5.85 51.70
CA UNK D 66 12.64 -7.24 51.83
C UNK D 66 11.79 -8.19 51.02
N UNK D 67 12.41 -9.28 50.57
CA UNK D 67 11.78 -10.30 49.73
C UNK D 67 12.34 -11.68 50.08
N UNK D 68 11.48 -12.63 50.43
CA UNK D 68 11.90 -13.97 50.79
C UNK D 68 11.79 -15.00 49.67
N UNK D 69 12.82 -15.78 49.36
CA UNK D 69 12.58 -16.77 48.29
C UNK D 69 11.63 -17.85 48.78
N UNK D 70 10.48 -18.06 48.16
CA UNK D 70 9.60 -19.14 48.66
C UNK D 70 10.22 -20.51 48.39
N UNK D 71 11.31 -20.64 47.63
CA UNK D 71 11.86 -21.94 47.35
C UNK D 71 11.11 -22.73 46.32
N UNK D 72 10.14 -22.24 45.56
CA UNK D 72 9.47 -23.03 44.52
C UNK D 72 8.59 -22.17 43.62
N UNK D 73 8.31 -22.59 42.41
CA UNK D 73 7.45 -21.84 41.49
C UNK D 73 6.07 -21.68 42.10
N UNK D 74 5.24 -20.80 41.57
CA UNK D 74 3.89 -20.63 42.11
C UNK D 74 3.23 -22.00 42.13
N UNK D 75 3.03 -22.93 42.67
CA UNK D 75 2.41 -24.25 42.83
C UNK D 75 0.94 -24.08 43.16
N UNK D 76 0.04 -24.77 42.51
CA UNK D 76 -1.39 -24.57 42.84
C UNK D 76 -2.11 -25.83 43.31
N UNK D 77 -3.22 -25.66 44.04
CA UNK D 77 -4.03 -26.77 44.46
C UNK D 77 -4.52 -27.53 43.21
N UNK D 78 -4.11 -28.77 42.99
CA UNK D 78 -4.62 -29.52 41.84
C UNK D 78 -5.34 -30.75 42.40
N UNK D 79 -6.33 -31.28 41.73
CA UNK D 79 -7.11 -32.44 42.16
C UNK D 79 -8.59 -32.20 41.90
N UNK D 80 -9.41 -33.17 42.23
CA UNK D 80 -10.85 -33.10 42.06
C UNK D 80 -11.52 -32.01 42.88
N UNK D 81 -10.95 -31.58 44.00
CA UNK D 81 -11.61 -30.54 44.75
C UNK D 81 -11.44 -29.14 44.14
N UNK D 82 -10.99 -29.08 42.91
CA UNK D 82 -10.87 -27.84 42.16
C UNK D 82 -12.14 -27.64 41.30
N UNK D 83 -12.81 -28.75 41.00
CA UNK D 83 -14.04 -28.74 40.21
C UNK D 83 -15.11 -27.92 40.87
N UNK D 84 -15.85 -27.15 40.07
CA UNK D 84 -16.89 -26.28 40.60
C UNK D 84 -16.27 -25.06 41.28
N UNK D 85 -14.93 -24.95 41.29
CA UNK D 85 -14.34 -23.78 41.93
C UNK D 85 -13.73 -22.81 40.92
N UNK D 86 -13.42 -21.61 41.41
CA UNK D 86 -12.79 -20.51 40.70
C UNK D 86 -11.48 -20.14 41.41
N UNK D 87 -10.41 -20.25 40.66
CA UNK D 87 -9.04 -20.01 41.08
C UNK D 87 -8.38 -18.84 40.33
N UNK D 88 -7.33 -18.34 40.89
CA UNK D 88 -6.37 -17.35 40.62
C UNK D 88 -5.15 -17.82 39.81
N UNK D 89 -4.25 -16.91 39.47
CA UNK D 89 -3.04 -17.36 38.76
C UNK D 89 -2.25 -18.24 39.77
N UNK D 90 -2.28 -17.73 41.01
CA UNK D 90 -1.53 -18.35 42.08
C UNK D 90 -2.32 -19.36 42.87
N UNK D 91 -3.42 -19.88 42.33
CA UNK D 91 -4.15 -20.90 43.04
C UNK D 91 -4.98 -20.46 44.20
N UNK D 92 -5.43 -19.23 44.32
CA UNK D 92 -6.27 -18.89 45.49
C UNK D 92 -7.72 -18.88 45.04
N UNK D 93 -8.64 -19.37 45.84
CA UNK D 93 -10.06 -19.33 45.47
C UNK D 93 -10.39 -17.85 45.35
N UNK D 94 -11.27 -17.56 44.43
CA UNK D 94 -11.70 -16.18 44.21
C UNK D 94 -13.22 -16.19 44.12
N UNK D 95 -13.80 -17.30 44.62
CA UNK D 95 -15.23 -17.43 44.60
C UNK D 95 -15.79 -17.26 46.00
N UNK D 96 -14.99 -16.86 46.98
CA UNK D 96 -15.54 -16.66 48.32
C UNK D 96 -16.13 -17.92 48.93
N UNK D 97 -15.74 -19.12 48.54
CA UNK D 97 -16.32 -20.32 49.12
C UNK D 97 -15.33 -21.07 49.99
N UNK D 98 -14.29 -20.40 50.48
CA UNK D 98 -13.32 -21.06 51.34
C UNK D 98 -12.18 -21.72 50.61
N UNK D 99 -11.21 -22.22 51.36
CA UNK D 99 -10.03 -22.88 50.88
C UNK D 99 -10.38 -24.00 49.92
N UNK D 100 -9.37 -24.39 49.17
CA UNK D 100 -9.52 -25.51 48.20
C UNK D 100 -8.66 -26.60 48.85
N UNK D 101 -9.33 -27.56 49.50
CA UNK D 101 -8.59 -28.57 50.24
C UNK D 101 -8.14 -29.75 49.43
N UNK D 102 -7.10 -29.53 48.63
CA UNK D 102 -6.55 -30.59 47.78
C UNK D 102 -5.49 -31.41 48.53
N UNK D 103 -5.32 -32.67 48.09
CA UNK D 103 -4.33 -33.52 48.74
C UNK D 103 -2.94 -33.05 48.29
N UNK D 104 -2.87 -32.68 47.01
CA UNK D 104 -1.64 -32.25 46.41
C UNK D 104 -1.70 -30.83 45.81
N UNK D 105 -0.50 -30.37 45.50
CA UNK D 105 -0.17 -29.11 44.91
C UNK D 105 0.78 -29.32 43.74
N UNK D 106 0.59 -28.53 42.68
CA UNK D 106 1.43 -28.66 41.50
C UNK D 106 2.01 -27.34 41.08
N UNK D 107 3.24 -27.41 40.58
CA UNK D 107 3.92 -26.21 40.06
C UNK D 107 3.43 -26.04 38.61
N UNK D 108 3.05 -24.81 38.30
CA UNK D 108 2.51 -24.45 37.00
C UNK D 108 3.52 -24.57 35.90
N UNK D 109 4.80 -24.65 36.26
CA UNK D 109 5.83 -24.82 35.24
C UNK D 109 6.21 -26.29 35.16
N UNK D 110 6.23 -26.92 33.99
CA UNK D 110 6.59 -28.32 33.85
C UNK D 110 6.99 -28.64 32.42
N UNK D 111 7.73 -29.69 32.12
CA UNK D 111 8.17 -30.07 30.80
C UNK D 111 7.05 -30.68 29.97
N UNK D 112 7.04 -30.51 28.67
CA UNK D 112 5.97 -31.12 27.88
C UNK D 112 6.20 -32.60 27.62
N UNK D 113 5.15 -33.39 27.45
CA UNK D 113 5.20 -34.80 27.18
C UNK D 113 6.21 -35.14 26.10
N UNK D 114 6.92 -36.25 26.31
CA UNK D 114 7.91 -36.69 25.36
C UNK D 114 7.28 -37.20 24.09
N UNK D 115 8.09 -37.33 23.04
CA UNK D 115 7.66 -37.82 21.74
C UNK D 115 7.06 -39.21 21.86
N UNK D 116 7.67 -40.08 22.66
CA UNK D 116 7.15 -41.42 22.83
C UNK D 116 5.90 -41.46 23.69
N UNK D 117 5.33 -40.35 24.07
CA UNK D 117 4.12 -40.29 24.87
C UNK D 117 2.95 -39.88 23.99
N UNK D 118 3.24 -39.51 22.74
CA UNK D 118 2.18 -39.07 21.83
C UNK D 118 1.23 -40.18 21.41
N UNK D 119 0.04 -39.77 21.04
CA UNK D 119 -1.04 -40.63 20.57
C UNK D 119 -1.46 -40.21 19.16
N UNK D 120 -2.00 -41.14 18.37
CA UNK D 120 -2.39 -40.76 17.02
C UNK D 120 -3.75 -41.27 16.64
N UNK D 121 -4.64 -41.40 17.60
CA UNK D 121 -6.00 -41.85 17.29
C UNK D 121 -6.70 -40.60 16.71
N UNK D 122 -7.59 -40.75 15.77
CA UNK D 122 -8.24 -39.58 15.19
C UNK D 122 -9.73 -39.81 15.02
N UNK D 123 -10.52 -39.40 16.00
CA UNK D 123 -11.95 -39.58 15.93
C UNK D 123 -12.72 -38.27 15.75
N UNK D 124 -13.54 -38.17 14.71
CA UNK D 124 -14.30 -36.93 14.53
C UNK D 124 -15.10 -36.61 15.79
N UNK D 125 -15.22 -35.35 16.19
CA UNK D 125 -15.99 -34.93 17.37
C UNK D 125 -17.18 -34.10 16.88
N UNK D 126 -18.33 -34.65 16.52
CA UNK D 126 -19.44 -33.85 16.01
C UNK D 126 -19.94 -32.76 16.94
N UNK D 127 -20.13 -31.56 16.41
CA UNK D 127 -20.55 -30.42 17.22
C UNK D 127 -21.95 -29.89 17.01
N UNK D 128 -22.58 -30.15 15.88
CA UNK D 128 -23.94 -29.65 15.63
C UNK D 128 -23.91 -28.37 14.84
N UNK D 129 -22.68 -27.87 14.59
CA UNK D 129 -22.49 -26.63 13.80
C UNK D 129 -22.28 -27.01 12.33
N UNK D 130 -23.17 -26.62 11.42
CA UNK D 130 -23.03 -27.00 10.02
C UNK D 130 -21.65 -26.80 9.45
N UNK D 131 -21.15 -25.57 9.37
CA UNK D 131 -19.86 -25.23 8.84
C UNK D 131 -18.72 -26.08 9.43
N UNK D 132 -18.54 -25.99 10.74
CA UNK D 132 -17.41 -26.74 11.29
C UNK D 132 -17.44 -28.19 10.82
N UNK D 133 -18.56 -28.83 11.17
CA UNK D 133 -18.71 -30.24 10.85
C UNK D 133 -18.47 -30.55 9.38
N UNK D 134 -19.18 -29.83 8.53
CA UNK D 134 -19.05 -30.12 7.12
C UNK D 134 -17.63 -30.03 6.59
N UNK D 135 -17.01 -28.88 6.77
CA UNK D 135 -15.72 -28.51 6.25
C UNK D 135 -14.50 -28.63 7.10
N UNK D 136 -14.57 -28.47 8.41
CA UNK D 136 -13.36 -28.53 9.26
C UNK D 136 -13.70 -29.21 10.58
N UNK D 137 -14.05 -30.48 10.50
CA UNK D 137 -14.44 -31.32 11.60
C UNK D 137 -13.48 -31.27 12.78
N UNK D 138 -13.98 -31.23 14.01
CA UNK D 138 -13.09 -31.22 15.15
C UNK D 138 -12.76 -32.68 15.43
N UNK D 139 -11.71 -32.97 16.14
CA UNK D 139 -11.32 -34.32 16.45
C UNK D 139 -11.14 -34.44 17.98
N UNK D 140 -11.75 -35.54 18.42
CA UNK D 140 -11.69 -35.87 19.85
C UNK D 140 -10.22 -35.92 20.24
N UNK D 141 -9.83 -35.32 21.35
CA UNK D 141 -8.45 -35.36 21.79
C UNK D 141 -7.53 -34.49 20.95
N UNK D 142 -8.06 -33.84 19.92
CA UNK D 142 -7.23 -33.00 19.05
C UNK D 142 -7.10 -31.58 19.56
N UNK D 143 -6.28 -30.76 18.89
CA UNK D 143 -6.06 -29.37 19.28
C UNK D 143 -6.89 -28.51 18.35
N UNK D 144 -7.81 -27.70 18.84
CA UNK D 144 -8.68 -26.91 17.98
C UNK D 144 -8.41 -25.44 18.17
N UNK D 145 -8.48 -24.63 17.10
CA UNK D 145 -8.22 -23.20 17.28
C UNK D 145 -9.26 -22.33 16.59
N UNK D 146 -9.80 -21.36 17.34
CA UNK D 146 -10.78 -20.47 16.74
C UNK D 146 -10.09 -19.13 16.52
N UNK D 147 -9.77 -18.80 15.28
CA UNK D 147 -9.09 -17.52 14.98
C UNK D 147 -10.05 -16.39 14.64
N UNK D 148 -9.84 -15.18 15.17
CA UNK D 148 -10.72 -14.07 14.84
C UNK D 148 -10.28 -12.75 15.41
N UNK D 149 -10.50 -11.67 14.68
CA UNK D 149 -10.15 -10.31 15.08
C UNK D 149 -11.17 -9.87 16.14
N UNK D 150 -11.17 -8.65 16.63
CA UNK D 150 -12.08 -8.24 17.68
C UNK D 150 -13.53 -8.26 17.27
N UNK D 151 -14.31 -8.95 18.09
CA UNK D 151 -15.74 -9.03 17.90
C UNK D 151 -16.24 -9.76 16.71
N UNK D 152 -15.69 -10.92 16.32
CA UNK D 152 -16.22 -11.65 15.16
C UNK D 152 -16.88 -12.97 15.58
N UNK D 153 -16.79 -13.40 16.84
CA UNK D 153 -17.50 -14.62 17.23
C UNK D 153 -16.66 -15.66 17.93
N UNK D 154 -15.39 -15.36 18.24
CA UNK D 154 -14.60 -16.37 18.92
C UNK D 154 -15.31 -16.90 20.15
N UNK D 155 -15.64 -16.04 21.11
CA UNK D 155 -16.27 -16.49 22.35
C UNK D 155 -17.63 -17.12 22.26
N UNK D 156 -18.52 -16.54 21.44
CA UNK D 156 -19.86 -17.10 21.28
C UNK D 156 -19.63 -18.52 20.76
N UNK D 157 -18.78 -18.68 19.74
CA UNK D 157 -18.52 -20.02 19.23
C UNK D 157 -18.02 -20.88 20.38
N UNK D 158 -17.24 -20.31 21.29
CA UNK D 158 -16.74 -21.21 22.38
C UNK D 158 -17.91 -21.53 23.29
N UNK D 159 -18.85 -20.59 23.33
CA UNK D 159 -20.02 -20.72 24.18
C UNK D 159 -20.98 -21.80 23.71
N UNK D 160 -21.21 -21.89 22.40
CA UNK D 160 -22.11 -22.90 21.87
C UNK D 160 -21.44 -24.27 21.89
N UNK D 161 -20.13 -24.35 21.91
CA UNK D 161 -19.45 -25.64 21.94
C UNK D 161 -19.52 -26.18 23.38
N UNK D 162 -19.51 -25.26 24.33
CA UNK D 162 -19.59 -25.72 25.74
C UNK D 162 -20.98 -26.36 25.90
N UNK D 163 -21.96 -25.72 25.27
CA UNK D 163 -23.34 -26.19 25.31
C UNK D 163 -23.49 -27.48 24.53
N UNK D 164 -23.22 -27.54 23.24
CA UNK D 164 -23.34 -28.73 22.42
C UNK D 164 -22.35 -29.85 22.69
N UNK D 165 -21.35 -29.71 23.52
CA UNK D 165 -20.36 -30.75 23.76
C UNK D 165 -19.95 -30.89 25.22
N UNK D 166 -19.53 -29.76 25.81
CA UNK D 166 -19.08 -29.83 27.18
C UNK D 166 -20.26 -30.37 27.99
N UNK D 167 -21.46 -29.85 27.76
CA UNK D 167 -22.58 -30.31 28.56
C UNK D 167 -22.84 -31.78 28.58
N UNK D 168 -22.69 -32.53 27.49
CA UNK D 168 -22.93 -33.98 27.61
C UNK D 168 -21.66 -34.69 28.02
N UNK D 169 -20.49 -34.14 27.78
CA UNK D 169 -19.22 -34.78 28.09
C UNK D 169 -19.11 -35.45 29.45
N UNK D 170 -18.75 -36.73 29.40
CA UNK D 170 -18.57 -37.50 30.65
C UNK D 170 -17.07 -37.45 30.94
N UNK D 171 -16.68 -36.46 31.72
CA UNK D 171 -15.24 -36.32 32.03
C UNK D 171 -15.12 -34.89 32.58
N UNK D 172 -13.93 -34.44 32.93
CA UNK D 172 -13.93 -33.05 33.41
C UNK D 172 -13.76 -32.07 32.29
N UNK D 173 -13.82 -30.79 32.60
CA UNK D 173 -13.67 -29.65 31.75
C UNK D 173 -12.95 -28.60 32.61
N UNK D 174 -12.09 -27.87 31.95
CA UNK D 174 -11.33 -26.81 32.65
C UNK D 174 -11.48 -25.63 31.70
N UNK D 175 -12.00 -24.53 32.18
CA UNK D 175 -12.15 -23.34 31.36
C UNK D 175 -11.23 -22.28 31.98
N UNK D 176 -10.20 -21.89 31.27
CA UNK D 176 -9.22 -20.92 31.76
C UNK D 176 -9.46 -19.60 31.06
N UNK D 177 -9.84 -18.56 31.74
CA UNK D 177 -10.07 -17.26 31.05
C UNK D 177 -8.73 -16.52 31.18
N UNK D 178 -8.08 -16.30 30.03
CA UNK D 178 -6.80 -15.59 30.01
C UNK D 178 -6.93 -14.22 29.37
N UNK D 179 -6.81 -13.18 30.18
CA UNK D 179 -6.87 -11.83 29.71
C UNK D 179 -8.13 -11.44 29.00
N UNK D 180 -9.26 -12.07 29.32
CA UNK D 180 -10.52 -11.68 28.65
C UNK D 180 -11.39 -10.81 29.55
N UNK D 181 -12.67 -10.67 29.23
CA UNK D 181 -13.55 -9.79 29.99
C UNK D 181 -14.12 -10.34 31.29
N UNK D 182 -13.95 -9.57 32.37
CA UNK D 182 -14.45 -10.04 33.67
C UNK D 182 -15.95 -10.31 33.57
N UNK D 183 -16.68 -9.36 32.96
CA UNK D 183 -18.12 -9.57 32.82
C UNK D 183 -18.39 -11.02 32.37
N UNK D 184 -17.63 -11.53 31.43
CA UNK D 184 -17.77 -12.84 30.86
C UNK D 184 -17.55 -13.99 31.80
N UNK D 185 -16.64 -13.92 32.75
CA UNK D 185 -16.43 -15.05 33.68
C UNK D 185 -17.65 -15.13 34.60
N UNK D 186 -18.27 -13.99 34.88
CA UNK D 186 -19.45 -13.93 35.71
C UNK D 186 -20.62 -14.46 34.88
N UNK D 187 -20.68 -14.21 33.58
CA UNK D 187 -21.80 -14.76 32.81
C UNK D 187 -21.69 -16.28 32.79
N UNK D 188 -20.53 -16.83 32.49
CA UNK D 188 -20.30 -18.25 32.42
C UNK D 188 -20.47 -18.96 33.76
N UNK D 189 -19.85 -18.48 34.83
CA UNK D 189 -20.00 -19.12 36.15
C UNK D 189 -21.49 -19.31 36.46
N UNK D 190 -22.22 -18.20 36.45
CA UNK D 190 -23.63 -18.30 36.75
C UNK D 190 -24.39 -19.15 35.77
N UNK D 191 -23.89 -19.35 34.57
CA UNK D 191 -24.60 -20.21 33.61
C UNK D 191 -24.28 -21.66 33.95
N UNK D 192 -23.03 -21.94 34.29
CA UNK D 192 -22.61 -23.28 34.66
C UNK D 192 -23.52 -23.76 35.81
N UNK D 193 -23.71 -22.86 36.79
CA UNK D 193 -24.55 -23.17 37.94
C UNK D 193 -26.01 -23.39 37.53
N UNK D 194 -26.62 -22.40 36.92
CA UNK D 194 -28.00 -22.58 36.50
C UNK D 194 -28.19 -23.85 35.71
N UNK D 195 -27.16 -24.50 35.18
CA UNK D 195 -27.33 -25.73 34.38
C UNK D 195 -26.68 -26.92 35.05
N UNK D 196 -26.39 -26.77 36.34
CA UNK D 196 -25.80 -27.81 37.09
C UNK D 196 -24.45 -28.28 36.63
N UNK D 197 -23.76 -27.64 35.68
CA UNK D 197 -22.39 -28.20 35.41
C UNK D 197 -21.49 -27.90 36.63
N UNK D 198 -21.87 -26.83 37.32
CA UNK D 198 -21.22 -26.43 38.56
C UNK D 198 -22.33 -26.67 39.61
N UNK D 199 -21.97 -27.35 40.69
CA UNK D 199 -22.88 -27.66 41.77
C UNK D 199 -22.31 -27.05 43.05
N UNK D 200 -22.99 -26.09 43.67
CA UNK D 200 -22.42 -25.49 44.89
C UNK D 200 -22.73 -26.23 46.17
N UNK D 201 -23.63 -27.19 46.11
CA UNK D 201 -24.04 -27.93 47.29
C UNK D 201 -23.38 -29.27 47.44
N UNK D 202 -23.08 -29.90 46.30
CA UNK D 202 -22.45 -31.21 46.35
C UNK D 202 -21.21 -31.30 45.49
N UNK D 203 -20.72 -32.54 45.38
CA UNK D 203 -19.53 -32.79 44.59
C UNK D 203 -19.87 -33.27 43.19
N UNK D 204 -20.93 -32.73 42.59
CA UNK D 204 -21.26 -33.17 41.23
C UNK D 204 -20.67 -32.22 40.18
N UNK D 205 -19.77 -31.32 40.62
CA UNK D 205 -19.20 -30.37 39.66
C UNK D 205 -18.32 -31.05 38.64
N UNK D 206 -18.58 -30.67 37.39
CA UNK D 206 -17.82 -31.28 36.30
C UNK D 206 -16.94 -30.27 35.57
N UNK D 207 -16.67 -29.12 36.15
CA UNK D 207 -15.87 -28.12 35.52
C UNK D 207 -15.09 -27.28 36.53
N UNK D 208 -13.77 -27.19 36.43
CA UNK D 208 -13.01 -26.30 37.33
C UNK D 208 -12.78 -24.96 36.59
N UNK D 209 -12.74 -23.81 37.25
CA UNK D 209 -12.52 -22.58 36.46
C UNK D 209 -11.29 -21.82 36.92
N UNK D 210 -10.52 -21.21 36.04
CA UNK D 210 -9.34 -20.44 36.47
C UNK D 210 -9.40 -19.11 35.70
N UNK D 211 -9.16 -17.98 36.37
CA UNK D 211 -9.28 -16.70 35.71
C UNK D 211 -8.18 -15.70 35.98
N UNK D 212 -7.73 -15.02 34.92
CA UNK D 212 -6.71 -13.97 34.97
C UNK D 212 -7.10 -12.96 33.89
N UNK D 213 -8.20 -12.26 34.10
CA UNK D 213 -8.74 -11.30 33.16
C UNK D 213 -7.93 -10.04 32.87
N UNK D 214 -8.45 -9.28 31.89
CA UNK D 214 -7.94 -8.06 31.36
C UNK D 214 -7.68 -6.92 32.36
N UNK D 215 -8.20 -7.06 33.55
CA UNK D 215 -7.99 -6.04 34.56
C UNK D 215 -6.74 -6.41 35.37
N UNK D 216 -6.01 -7.44 34.96
CA UNK D 216 -4.79 -7.84 35.65
C UNK D 216 -3.51 -7.30 34.99
N UNK D 217 -2.45 -7.26 35.79
CA UNK D 217 -1.14 -6.81 35.36
C UNK D 217 -0.56 -7.87 34.42
N UNK D 218 0.22 -7.53 33.44
CA UNK D 218 0.85 -8.41 32.48
C UNK D 218 1.23 -9.73 33.11
N UNK D 219 1.95 -9.69 34.23
CA UNK D 219 2.38 -10.91 34.89
C UNK D 219 1.31 -11.94 35.08
N UNK D 220 0.16 -11.54 35.65
CA UNK D 220 -0.89 -12.51 35.88
C UNK D 220 -1.30 -13.09 34.52
N UNK D 221 -1.38 -12.20 33.55
CA UNK D 221 -1.81 -12.65 32.22
C UNK D 221 -0.84 -13.57 31.55
N UNK D 222 0.43 -13.47 31.87
CA UNK D 222 1.44 -14.33 31.27
C UNK D 222 1.44 -15.70 31.92
N UNK D 223 0.72 -15.86 33.03
CA UNK D 223 0.66 -17.15 33.71
C UNK D 223 -0.68 -17.84 33.87
N UNK D 224 -1.86 -17.18 33.98
CA UNK D 224 -3.09 -17.94 34.15
C UNK D 224 -3.19 -19.17 33.24
N UNK D 225 -2.86 -19.02 31.95
CA UNK D 225 -2.96 -20.18 31.06
C UNK D 225 -2.19 -21.33 31.68
N UNK D 226 -1.06 -21.00 32.29
CA UNK D 226 -0.27 -22.09 32.87
C UNK D 226 -1.07 -22.72 33.98
N UNK D 227 -1.60 -21.87 34.87
CA UNK D 227 -2.41 -22.42 35.97
C UNK D 227 -3.53 -23.28 35.42
N UNK D 228 -4.28 -22.76 34.46
CA UNK D 228 -5.39 -23.46 33.84
C UNK D 228 -4.95 -24.80 33.28
N UNK D 229 -3.93 -24.71 32.45
CA UNK D 229 -3.39 -25.91 31.83
C UNK D 229 -2.92 -26.87 32.90
N UNK D 230 -2.32 -26.38 33.99
CA UNK D 230 -1.84 -27.31 35.02
C UNK D 230 -2.98 -28.12 35.66
N UNK D 231 -4.09 -27.41 35.92
CA UNK D 231 -5.25 -28.09 36.51
C UNK D 231 -5.64 -29.20 35.55
N UNK D 232 -5.79 -28.87 34.27
CA UNK D 232 -6.14 -29.87 33.26
C UNK D 232 -5.14 -31.01 33.19
N UNK D 233 -3.84 -30.76 33.27
CA UNK D 233 -2.93 -31.92 33.14
C UNK D 233 -3.14 -32.96 34.24
N UNK D 234 -3.60 -32.52 35.42
CA UNK D 234 -3.82 -33.45 36.52
C UNK D 234 -4.88 -34.47 36.14
N UNK D 235 -6.03 -33.95 35.72
CA UNK D 235 -7.06 -34.91 35.35
C UNK D 235 -6.62 -35.81 34.21
N UNK D 236 -5.62 -35.40 33.43
CA UNK D 236 -5.19 -36.21 32.30
C UNK D 236 -4.29 -37.36 32.72
N UNK D 237 -3.33 -37.03 33.56
CA UNK D 237 -2.33 -37.96 34.03
C UNK D 237 -2.66 -38.68 35.31
N UNK D 238 -2.79 -37.96 36.42
CA UNK D 238 -3.12 -38.54 37.71
C UNK D 238 -4.49 -39.21 37.77
N UNK D 239 -5.43 -38.92 36.89
CA UNK D 239 -6.73 -39.61 36.95
C UNK D 239 -6.87 -40.38 35.66
N UNK D 240 -6.26 -39.92 34.57
CA UNK D 240 -6.31 -40.64 33.30
C UNK D 240 -7.59 -40.35 32.54
N UNK D 241 -8.33 -39.31 32.94
CA UNK D 241 -9.58 -39.01 32.29
C UNK D 241 -9.57 -38.28 30.96
N UNK D 242 -10.78 -38.16 30.39
CA UNK D 242 -10.96 -37.46 29.12
C UNK D 242 -11.24 -36.00 29.47
N UNK D 243 -10.27 -35.12 29.24
CA UNK D 243 -10.50 -33.72 29.60
C UNK D 243 -10.92 -32.86 28.42
N UNK D 244 -11.64 -31.80 28.70
CA UNK D 244 -12.07 -30.86 27.67
C UNK D 244 -11.40 -29.56 28.18
N UNK D 245 -10.54 -28.94 27.41
CA UNK D 245 -9.87 -27.71 27.87
C UNK D 245 -10.33 -26.48 27.09
N UNK D 246 -10.87 -25.46 27.73
CA UNK D 246 -11.28 -24.29 26.95
C UNK D 246 -10.40 -23.12 27.40
N UNK D 247 -9.80 -22.41 26.47
CA UNK D 247 -8.95 -21.28 26.80
C UNK D 247 -9.44 -20.11 25.94
N UNK D 248 -9.70 -19.01 26.60
CA UNK D 248 -10.20 -17.84 25.85
C UNK D 248 -9.58 -16.68 26.61
N UNK D 249 -8.59 -16.05 26.07
CA UNK D 249 -8.04 -16.25 24.71
C UNK D 249 -6.53 -16.44 24.82
N UNK D 250 -5.96 -17.47 24.25
CA UNK D 250 -4.51 -17.75 24.36
C UNK D 250 -3.64 -16.65 23.80
N UNK D 251 -4.13 -15.80 22.90
CA UNK D 251 -3.32 -14.68 22.40
C UNK D 251 -2.87 -13.87 23.62
N UNK D 252 -3.79 -13.67 24.57
CA UNK D 252 -3.45 -12.90 25.77
C UNK D 252 -2.19 -13.36 26.48
N UNK D 253 -1.82 -14.63 26.39
CA UNK D 253 -0.59 -15.11 27.04
C UNK D 253 0.62 -14.44 26.36
N UNK D 254 0.56 -14.38 25.04
CA UNK D 254 1.61 -13.81 24.24
C UNK D 254 1.59 -12.29 24.32
N UNK D 255 0.41 -11.71 24.49
CA UNK D 255 0.44 -10.21 24.56
C UNK D 255 1.01 -9.85 25.92
N UNK D 256 0.70 -10.72 26.90
CA UNK D 256 1.22 -10.45 28.24
C UNK D 256 2.74 -10.32 28.19
N UNK D 257 3.40 -11.31 27.59
CA UNK D 257 4.83 -11.32 27.46
C UNK D 257 5.36 -10.11 26.70
N UNK D 258 4.68 -9.79 25.58
CA UNK D 258 5.20 -8.62 24.85
C UNK D 258 5.10 -7.38 25.72
N UNK D 259 4.16 -7.30 26.63
CA UNK D 259 4.01 -6.10 27.44
C UNK D 259 5.14 -5.90 28.44
N UNK D 260 5.88 -6.92 28.85
CA UNK D 260 6.95 -6.64 29.84
C UNK D 260 8.31 -6.76 29.19
N UNK D 261 8.27 -7.38 28.02
CA UNK D 261 9.46 -7.64 27.25
C UNK D 261 10.48 -6.51 27.27
N UNK D 262 10.07 -5.31 26.92
CA UNK D 262 11.06 -4.22 26.89
C UNK D 262 11.60 -4.04 28.29
N UNK D 263 10.74 -4.01 29.31
CA UNK D 263 11.31 -3.87 30.65
C UNK D 263 12.24 -5.04 31.00
N UNK D 264 12.34 -6.08 30.20
CA UNK D 264 13.24 -7.20 30.48
C UNK D 264 14.54 -7.00 29.72
N UNK D 265 14.63 -5.86 29.06
CA UNK D 265 15.80 -5.45 28.32
C UNK D 265 16.06 -6.21 27.05
N UNK D 266 15.05 -6.30 26.18
CA UNK D 266 15.28 -7.08 24.96
C UNK D 266 15.11 -6.29 23.69
N UNK D 267 15.91 -6.55 22.66
CA UNK D 267 15.64 -5.84 21.38
C UNK D 267 14.34 -6.49 20.85
N UNK D 268 13.40 -5.70 20.39
CA UNK D 268 12.12 -6.18 19.90
C UNK D 268 12.29 -7.02 18.64
N UNK D 269 11.49 -8.02 18.42
CA UNK D 269 11.57 -8.78 17.16
C UNK D 269 10.64 -8.07 16.17
N UNK D 270 10.11 -8.65 15.11
CA UNK D 270 9.22 -7.82 14.27
C UNK D 270 7.84 -7.64 14.89
N UNK D 271 7.10 -6.66 14.38
CA UNK D 271 5.79 -6.24 14.84
C UNK D 271 5.77 -5.94 16.34
N UNK D 272 6.88 -5.66 17.01
CA UNK D 272 6.85 -5.27 18.41
C UNK D 272 6.95 -6.44 19.31
N UNK D 273 6.69 -7.65 18.80
CA UNK D 273 6.76 -8.83 19.66
C UNK D 273 8.11 -9.02 20.29
N UNK D 274 8.16 -9.83 21.31
CA UNK D 274 9.43 -10.17 21.99
C UNK D 274 10.16 -11.18 21.11
N UNK D 275 11.46 -11.31 21.14
CA UNK D 275 12.22 -12.24 20.32
C UNK D 275 11.96 -13.68 20.71
N UNK D 276 11.38 -13.95 21.88
CA UNK D 276 11.17 -15.35 22.29
C UNK D 276 9.75 -15.86 22.09
N UNK D 277 8.95 -15.12 21.34
CA UNK D 277 7.56 -15.48 21.09
C UNK D 277 7.35 -16.95 20.77
N UNK D 278 7.95 -17.44 19.69
CA UNK D 278 7.72 -18.83 19.28
C UNK D 278 8.13 -19.84 20.33
N UNK D 279 9.31 -19.68 20.91
CA UNK D 279 9.72 -20.67 21.92
C UNK D 279 8.84 -20.56 23.15
N UNK D 280 8.49 -19.33 23.54
CA UNK D 280 7.61 -19.10 24.69
C UNK D 280 6.27 -19.82 24.43
N UNK D 281 5.82 -19.78 23.20
CA UNK D 281 4.57 -20.40 22.83
C UNK D 281 4.77 -21.90 22.76
N UNK D 282 5.93 -22.33 22.26
CA UNK D 282 6.19 -23.76 22.13
C UNK D 282 6.21 -24.52 23.42
N UNK D 283 7.00 -24.09 24.41
CA UNK D 283 7.05 -24.81 25.67
C UNK D 283 5.70 -24.81 26.34
N UNK D 284 4.79 -23.96 25.91
CA UNK D 284 3.48 -24.00 26.55
C UNK D 284 2.55 -24.89 25.73
N UNK D 285 2.34 -24.51 24.48
CA UNK D 285 1.47 -25.31 23.63
C UNK D 285 1.83 -26.79 23.68
N UNK D 286 3.08 -27.16 23.91
CA UNK D 286 3.42 -28.58 23.89
C UNK D 286 2.90 -29.37 25.07
N UNK D 287 2.39 -28.76 26.14
CA UNK D 287 1.83 -29.45 27.30
C UNK D 287 0.31 -29.66 27.07
N UNK D 288 -0.30 -28.72 26.36
CA UNK D 288 -1.72 -28.83 26.03
C UNK D 288 -1.80 -29.95 24.98
N UNK D 289 -1.82 -31.19 25.45
CA UNK D 289 -1.86 -32.29 24.52
C UNK D 289 -2.37 -33.62 25.06
N UNK D 290 -2.91 -34.44 24.16
CA UNK D 290 -3.40 -35.75 24.53
C UNK D 290 -2.17 -36.65 24.59
N UNK D 291 -2.16 -37.57 25.53
CA UNK D 291 -1.04 -38.52 25.66
C UNK D 291 -1.64 -39.93 25.72
N UNK D 292 -0.80 -40.89 26.07
CA UNK D 292 -1.33 -42.27 26.18
C UNK D 292 -2.03 -42.39 27.53
N UNK D 293 -1.63 -41.56 28.49
CA UNK D 293 -2.25 -41.59 29.79
C UNK D 293 -3.68 -41.07 29.77
N UNK D 294 -3.86 -39.86 29.23
CA UNK D 294 -5.19 -39.24 29.20
C UNK D 294 -5.38 -38.50 27.89
N UNK D 295 -6.54 -37.90 27.73
CA UNK D 295 -6.85 -37.19 26.50
C UNK D 295 -7.30 -35.76 26.79
N UNK D 296 -6.79 -34.81 26.02
CA UNK D 296 -7.20 -33.43 26.22
C UNK D 296 -7.86 -32.99 24.91
N UNK D 297 -8.96 -32.29 24.95
CA UNK D 297 -9.63 -31.77 23.76
C UNK D 297 -9.69 -30.27 24.09
N UNK D 298 -8.66 -29.59 23.60
CA UNK D 298 -8.49 -28.17 23.81
C UNK D 298 -9.12 -27.32 22.71
N UNK D 299 -9.91 -26.35 23.12
CA UNK D 299 -10.54 -25.41 22.21
C UNK D 299 -9.96 -24.03 22.62
N UNK D 300 -9.10 -23.46 21.82
CA UNK D 300 -8.44 -22.23 22.18
C UNK D 300 -8.89 -21.09 21.30
N UNK D 301 -9.31 -20.01 21.94
CA UNK D 301 -9.72 -18.83 21.15
C UNK D 301 -8.40 -18.10 20.83
N UNK D 302 -8.26 -17.61 19.61
CA UNK D 302 -7.01 -16.93 19.22
C UNK D 302 -7.33 -15.61 18.57
N UNK D 303 -6.98 -14.54 19.29
CA UNK D 303 -7.19 -13.16 18.85
C UNK D 303 -6.24 -12.84 17.71
N UNK D 304 -6.68 -12.04 16.79
CA UNK D 304 -5.92 -11.64 15.61
C UNK D 304 -5.82 -10.13 15.52
N UNK D 305 -4.73 -9.60 16.03
CA UNK D 305 -4.44 -8.18 16.07
C UNK D 305 -4.62 -7.50 14.73
N UNK D 306 -5.29 -6.34 14.71
CA UNK D 306 -5.50 -5.63 13.46
C UNK D 306 -6.15 -6.52 12.41
N UNK D 307 -6.75 -7.63 12.75
CA UNK D 307 -7.39 -8.50 11.78
C UNK D 307 -6.39 -9.13 10.83
N UNK D 308 -5.09 -8.94 11.09
CA UNK D 308 -4.09 -9.52 10.20
C UNK D 308 -3.64 -10.92 10.52
N UNK D 309 -4.15 -11.94 9.85
CA UNK D 309 -3.70 -13.31 10.15
C UNK D 309 -2.22 -13.53 10.02
N UNK D 310 -1.43 -12.62 9.43
CA UNK D 310 0.01 -12.90 9.33
C UNK D 310 0.76 -12.38 10.55
N UNK D 311 0.10 -11.63 11.41
CA UNK D 311 0.73 -11.11 12.65
C UNK D 311 1.52 -12.23 13.32
N UNK D 312 2.76 -11.99 13.69
CA UNK D 312 3.56 -13.00 14.32
C UNK D 312 2.80 -13.86 15.30
N UNK D 313 1.83 -13.38 16.09
CA UNK D 313 1.18 -14.31 17.06
C UNK D 313 0.23 -15.32 16.46
N UNK D 314 -0.83 -14.89 15.81
CA UNK D 314 -1.81 -15.79 15.22
C UNK D 314 -1.02 -16.70 14.28
N UNK D 315 -0.17 -16.06 13.47
CA UNK D 315 0.69 -16.75 12.52
C UNK D 315 1.50 -17.87 13.16
N UNK D 316 2.17 -17.62 14.28
CA UNK D 316 2.93 -18.63 14.98
C UNK D 316 2.07 -19.73 15.57
N UNK D 317 0.78 -19.57 15.82
CA UNK D 317 -0.06 -20.60 16.44
C UNK D 317 -0.65 -21.66 15.55
N UNK D 318 -0.78 -21.43 14.25
CA UNK D 318 -1.37 -22.42 13.38
C UNK D 318 -0.74 -23.78 13.54
N UNK D 319 0.59 -23.86 13.59
CA UNK D 319 1.32 -25.11 13.68
C UNK D 319 0.95 -25.91 14.91
N UNK D 320 0.38 -25.29 15.94
CA UNK D 320 0.04 -26.07 17.13
C UNK D 320 -1.36 -26.69 17.05
N UNK D 321 -2.04 -26.56 15.92
CA UNK D 321 -3.40 -27.08 15.88
C UNK D 321 -3.66 -28.22 14.94
N UNK D 322 -4.69 -29.03 15.24
CA UNK D 322 -5.07 -30.12 14.35
C UNK D 322 -6.28 -29.68 13.54
N UNK D 323 -6.99 -28.70 14.04
CA UNK D 323 -8.17 -28.19 13.30
C UNK D 323 -8.24 -26.68 13.55
N UNK D 324 -8.64 -25.92 12.54
CA UNK D 324 -8.69 -24.47 12.75
C UNK D 324 -9.98 -23.92 12.16
N UNK D 325 -10.63 -23.07 12.94
CA UNK D 325 -11.87 -22.41 12.51
C UNK D 325 -11.52 -20.92 12.37
N UNK D 326 -11.38 -20.45 11.13
CA UNK D 326 -11.00 -19.03 10.98
C UNK D 326 -12.21 -18.15 10.79
N UNK D 327 -12.49 -17.21 11.68
CA UNK D 327 -13.68 -16.34 11.57
C UNK D 327 -13.31 -15.07 10.84
N UNK D 328 -14.20 -14.42 10.12
CA UNK D 328 -13.85 -13.23 9.38
C UNK D 328 -14.87 -12.11 9.49
N UNK D 329 -14.39 -10.89 9.75
CA UNK D 329 -15.26 -9.74 9.89
C UNK D 329 -15.92 -9.46 8.56
N UNK D 330 -15.34 -9.91 7.47
CA UNK D 330 -15.96 -9.64 6.15
C UNK D 330 -17.21 -10.51 6.01
N UNK D 331 -17.16 -11.71 6.61
CA UNK D 331 -18.33 -12.58 6.54
C UNK D 331 -19.34 -12.04 7.56
N UNK D 332 -18.94 -11.89 8.81
CA UNK D 332 -19.79 -11.37 9.86
C UNK D 332 -20.55 -10.11 9.42
N UNK D 333 -19.79 -9.25 8.74
CA UNK D 333 -20.35 -7.99 8.29
C UNK D 333 -21.59 -8.22 7.45
N UNK D 334 -21.70 -9.35 6.78
CA UNK D 334 -22.86 -9.61 5.95
C UNK D 334 -24.03 -10.15 6.75
N UNK D 335 -23.84 -10.42 8.01
CA UNK D 335 -24.88 -11.00 8.86
C UNK D 335 -24.79 -12.52 8.82
N UNK D 336 -23.69 -13.10 8.38
CA UNK D 336 -23.61 -14.56 8.32
C UNK D 336 -22.90 -15.07 9.57
N UNK D 337 -23.68 -15.57 10.54
CA UNK D 337 -23.06 -16.13 11.76
C UNK D 337 -23.37 -17.62 11.86
N UNK D 338 -22.47 -18.44 12.34
CA UNK D 338 -21.13 -18.05 12.74
C UNK D 338 -20.35 -17.57 11.50
N UNK D 339 -19.55 -16.53 11.64
CA UNK D 339 -18.78 -15.99 10.53
C UNK D 339 -17.56 -16.82 10.16
N UNK D 340 -17.63 -18.14 10.06
CA UNK D 340 -16.46 -18.92 9.67
C UNK D 340 -16.15 -18.68 8.19
N UNK D 341 -14.87 -18.65 7.86
CA UNK D 341 -14.43 -18.49 6.48
C UNK D 341 -14.26 -19.91 5.94
N UNK D 342 -15.13 -20.38 5.09
CA UNK D 342 -15.17 -21.70 4.47
C UNK D 342 -13.94 -22.10 3.68
N UNK D 343 -13.19 -21.12 3.23
CA UNK D 343 -11.98 -21.35 2.45
C UNK D 343 -10.73 -21.06 3.27
N UNK D 344 -10.81 -20.91 4.57
CA UNK D 344 -9.59 -20.65 5.33
C UNK D 344 -9.64 -21.46 6.62
N UNK D 345 -10.59 -22.41 6.66
CA UNK D 345 -10.74 -23.25 7.86
C UNK D 345 -10.29 -24.65 7.55
N UNK D 346 -9.54 -25.31 8.44
CA UNK D 346 -9.11 -26.65 8.03
C UNK D 346 -9.11 -27.60 9.21
N UNK D 347 -9.06 -28.88 8.92
CA UNK D 347 -9.06 -29.94 9.91
C UNK D 347 -8.16 -31.07 9.42
N UNK D 348 -7.40 -31.68 10.31
CA UNK D 348 -6.52 -32.74 9.88
C UNK D 348 -7.24 -34.02 9.55
N UNK D 349 -8.53 -34.10 9.93
CA UNK D 349 -9.32 -35.28 9.63
C UNK D 349 -10.13 -35.10 8.36
N UNK D 350 -9.98 -34.02 7.61
CA UNK D 350 -10.73 -33.90 6.36
C UNK D 350 -10.01 -34.79 5.35
N UNK D 351 -10.19 -36.07 5.61
CA UNK D 351 -9.58 -37.12 4.82
C UNK D 351 -10.63 -38.14 4.47
N UNK D 352 -10.74 -38.55 3.22
CA UNK D 352 -11.70 -39.55 2.78
C UNK D 352 -11.51 -40.79 3.64
N UNK D 353 -10.26 -41.12 3.97
CA UNK D 353 -10.01 -42.28 4.80
C UNK D 353 -10.53 -42.11 6.21
N UNK D 354 -10.93 -40.93 6.61
CA UNK D 354 -11.39 -40.76 8.00
C UNK D 354 -12.83 -40.36 8.14
N UNK D 355 -13.33 -39.45 7.29
CA UNK D 355 -14.72 -39.04 7.40
C UNK D 355 -15.60 -39.71 6.35
N UNK D 356 -14.57 -40.19 4.89
CA UNK D 356 -15.27 -40.82 3.78
C UNK D 356 -15.38 -39.86 2.60
N UNK D 357 -15.54 -40.43 1.41
CA UNK D 357 -15.64 -39.68 0.19
C UNK D 357 -16.94 -38.92 0.07
N UNK D 358 -18.03 -39.38 0.71
CA UNK D 358 -19.27 -38.58 0.54
C UNK D 358 -19.10 -37.29 1.33
N UNK D 359 -18.54 -37.44 2.52
CA UNK D 359 -18.28 -36.31 3.38
C UNK D 359 -17.33 -35.36 2.64
N UNK D 360 -16.24 -35.97 2.18
CA UNK D 360 -15.18 -35.26 1.49
C UNK D 360 -15.54 -34.59 0.17
N UNK D 361 -16.32 -35.24 -0.67
CA UNK D 361 -16.65 -34.68 -1.97
C UNK D 361 -17.63 -33.53 -1.84
N UNK D 362 -18.46 -33.59 -0.80
CA UNK D 362 -19.45 -32.54 -0.54
C UNK D 362 -18.75 -31.26 -0.08
N UNK D 363 -17.90 -31.48 0.94
CA UNK D 363 -17.12 -30.40 1.55
C UNK D 363 -16.38 -29.67 0.44
N UNK D 364 -15.51 -30.42 -0.24
CA UNK D 364 -14.75 -29.81 -1.33
C UNK D 364 -15.68 -29.25 -2.40
N UNK D 365 -16.85 -29.85 -2.56
CA UNK D 365 -17.81 -29.42 -3.57
C UNK D 365 -18.36 -28.05 -3.18
N UNK D 366 -18.60 -27.91 -1.89
CA UNK D 366 -19.12 -26.65 -1.36
C UNK D 366 -18.08 -25.56 -1.42
N UNK D 367 -16.82 -25.93 -1.17
CA UNK D 367 -15.72 -24.98 -1.19
C UNK D 367 -15.41 -24.53 -2.60
N UNK D 368 -15.45 -25.42 -3.58
CA UNK D 368 -15.18 -24.98 -4.94
C UNK D 368 -16.15 -23.88 -5.35
N UNK D 369 -17.44 -24.11 -5.19
CA UNK D 369 -18.49 -23.17 -5.55
C UNK D 369 -18.41 -21.84 -4.84
N UNK D 370 -18.01 -21.82 -3.57
CA UNK D 370 -17.87 -20.58 -2.80
C UNK D 370 -16.64 -19.82 -3.31
N UNK D 371 -15.61 -20.56 -3.67
CA UNK D 371 -14.41 -19.99 -4.26
C UNK D 371 -14.78 -19.43 -5.65
N UNK D 372 -15.41 -20.27 -6.46
CA UNK D 372 -15.87 -19.87 -7.78
C UNK D 372 -16.66 -18.57 -7.69
N UNK D 373 -17.53 -18.44 -6.71
CA UNK D 373 -18.35 -17.25 -6.50
C UNK D 373 -17.54 -16.08 -5.98
N UNK D 374 -16.56 -16.37 -5.11
CA UNK D 374 -15.71 -15.30 -4.57
C UNK D 374 -15.03 -14.58 -5.75
N UNK D 375 -14.39 -15.33 -6.62
CA UNK D 375 -13.77 -14.78 -7.81
C UNK D 375 -14.72 -13.95 -8.63
N UNK D 376 -15.94 -14.38 -8.90
CA UNK D 376 -16.85 -13.58 -9.69
C UNK D 376 -17.35 -12.34 -8.96
N UNK D 377 -17.49 -12.37 -7.64
CA UNK D 377 -18.03 -11.26 -6.89
C UNK D 377 -17.59 -9.87 -7.34
N UNK D 378 -16.29 -9.64 -7.37
CA UNK D 378 -15.76 -8.32 -7.70
C UNK D 378 -16.06 -7.90 -9.13
N UNK D 379 -16.23 -8.90 -9.97
CA UNK D 379 -16.49 -8.64 -11.37
C UNK D 379 -17.94 -8.40 -11.68
N UNK D 380 -18.90 -9.19 -11.22
CA UNK D 380 -20.29 -8.87 -11.58
C UNK D 380 -20.65 -7.56 -10.85
N UNK D 381 -19.79 -7.18 -9.90
CA UNK D 381 -19.97 -5.97 -9.13
C UNK D 381 -20.08 -4.77 -10.09
N UNK D 382 -19.11 -4.68 -10.96
CA UNK D 382 -19.00 -3.64 -11.96
C UNK D 382 -19.64 -3.96 -13.28
N UNK D 383 -19.18 -5.01 -13.96
CA UNK D 383 -19.70 -5.42 -15.24
C UNK D 383 -21.10 -6.01 -15.14
N UNK D 384 -21.72 -6.12 -13.97
CA UNK D 384 -23.06 -6.68 -13.89
C UNK D 384 -23.15 -8.16 -14.23
N UNK D 385 -24.37 -8.71 -14.23
CA UNK D 385 -24.61 -10.10 -14.45
C UNK D 385 -25.12 -10.62 -15.77
N UNK D 386 -25.66 -9.79 -16.66
CA UNK D 386 -26.20 -10.23 -17.92
C UNK D 386 -25.27 -11.09 -18.76
N UNK D 387 -24.05 -10.61 -19.01
CA UNK D 387 -23.09 -11.33 -19.82
C UNK D 387 -22.67 -12.70 -19.32
N UNK D 388 -22.98 -13.02 -18.07
CA UNK D 388 -22.61 -14.30 -17.50
C UNK D 388 -23.36 -15.47 -18.13
N UNK D 389 -22.64 -16.57 -18.28
CA UNK D 389 -23.19 -17.80 -18.83
C UNK D 389 -24.19 -18.46 -17.90
N UNK D 390 -25.35 -18.88 -18.38
CA UNK D 390 -26.32 -19.51 -17.46
C UNK D 390 -25.59 -20.51 -16.56
N UNK D 391 -24.51 -21.08 -17.08
CA UNK D 391 -23.72 -22.04 -16.30
C UNK D 391 -23.14 -21.36 -15.06
N UNK D 392 -22.70 -20.12 -15.22
CA UNK D 392 -22.10 -19.30 -14.19
C UNK D 392 -23.09 -18.53 -13.32
N UNK D 393 -24.34 -18.35 -13.72
CA UNK D 393 -25.28 -17.58 -12.89
C UNK D 393 -26.09 -18.51 -12.00
N UNK D 394 -25.75 -19.78 -12.16
CA UNK D 394 -26.38 -20.85 -11.38
C UNK D 394 -25.44 -21.08 -10.19
N UNK D 395 -24.13 -20.88 -10.44
CA UNK D 395 -23.20 -21.09 -9.33
C UNK D 395 -23.30 -19.85 -8.43
N UNK D 396 -23.72 -18.73 -9.01
CA UNK D 396 -23.90 -17.54 -8.16
C UNK D 396 -25.09 -17.86 -7.24
N UNK D 397 -26.13 -18.43 -7.84
CA UNK D 397 -27.32 -18.85 -7.12
C UNK D 397 -26.98 -19.79 -5.97
N UNK D 398 -26.60 -21.00 -6.33
CA UNK D 398 -26.26 -22.04 -5.38
C UNK D 398 -25.30 -21.58 -4.33
N UNK D 399 -24.31 -20.79 -4.73
CA UNK D 399 -23.35 -20.28 -3.76
C UNK D 399 -24.06 -19.42 -2.72
N UNK D 400 -24.85 -18.45 -3.16
CA UNK D 400 -25.56 -17.58 -2.24
C UNK D 400 -26.49 -18.35 -1.31
N UNK D 401 -27.04 -19.48 -1.75
CA UNK D 401 -27.91 -20.29 -0.90
C UNK D 401 -27.05 -21.08 0.07
N UNK D 402 -25.94 -21.64 -0.37
CA UNK D 402 -25.03 -22.39 0.51
C UNK D 402 -24.49 -21.50 1.62
N UNK D 403 -24.13 -20.29 1.21
CA UNK D 403 -23.59 -19.25 2.08
C UNK D 403 -24.53 -19.07 3.26
N UNK D 404 -25.80 -19.22 2.97
CA UNK D 404 -26.84 -19.10 3.98
C UNK D 404 -27.04 -20.41 4.71
N UNK D 405 -27.18 -21.48 3.94
CA UNK D 405 -27.40 -22.77 4.59
C UNK D 405 -26.27 -23.01 5.58
N UNK D 406 -25.17 -22.25 5.47
CA UNK D 406 -24.07 -22.50 6.42
C UNK D 406 -24.33 -21.77 7.71
N UNK D 407 -25.22 -20.80 7.71
CA UNK D 407 -25.48 -20.11 8.98
C UNK D 407 -26.36 -21.06 9.82
N UNK D 408 -26.47 -20.79 11.10
CA UNK D 408 -27.28 -21.62 12.00
C UNK D 408 -27.55 -20.84 13.28
N UNK D 409 -28.76 -20.93 13.80
CA UNK D 409 -29.18 -20.32 15.05
C UNK D 409 -28.62 -21.14 16.20
N UNK D 410 -27.72 -20.58 16.98
CA UNK D 410 -27.11 -21.30 18.10
C UNK D 410 -28.06 -21.27 19.29
N UNK D 411 -27.95 -22.27 20.15
CA UNK D 411 -28.81 -22.33 21.33
C UNK D 411 -28.36 -21.40 22.43
N UNK D 412 -27.22 -20.77 22.29
CA UNK D 412 -26.58 -19.88 23.24
C UNK D 412 -26.61 -18.43 22.79
N UNK D 413 -27.28 -18.21 21.65
CA UNK D 413 -27.40 -16.91 21.02
C UNK D 413 -28.85 -16.60 20.65
N UNK D 414 -29.80 -17.17 21.41
CA UNK D 414 -31.20 -16.80 21.07
C UNK D 414 -31.32 -15.31 21.47
N UNK D 415 -30.61 -14.92 22.54
CA UNK D 415 -30.68 -13.52 22.94
C UNK D 415 -30.18 -12.67 21.78
N UNK D 416 -29.48 -13.29 20.84
CA UNK D 416 -28.91 -12.52 19.75
C UNK D 416 -29.70 -12.62 18.47
N UNK D 417 -30.02 -13.84 18.08
CA UNK D 417 -30.71 -14.05 16.83
C UNK D 417 -32.21 -13.98 16.89
N UNK D 418 -32.83 -14.13 18.06
CA UNK D 418 -34.30 -14.15 18.12
C UNK D 418 -34.79 -15.45 17.46
N UNK D 419 -34.00 -16.52 17.46
CA UNK D 419 -34.33 -17.79 16.86
C UNK D 419 -33.93 -18.95 17.77
N UNK D 420 -34.74 -19.98 17.76
CA UNK D 420 -34.47 -21.14 18.62
C UNK D 420 -33.22 -21.84 18.08
N UNK D 421 -32.35 -22.23 18.98
CA UNK D 421 -31.10 -22.89 18.58
C UNK D 421 -31.31 -24.26 17.99
N UNK D 422 -30.65 -24.58 16.89
CA UNK D 422 -30.77 -25.88 16.25
C UNK D 422 -29.45 -26.61 16.26
N UNK D 423 -29.44 -27.92 16.50
CA UNK D 423 -28.19 -28.70 16.49
C UNK D 423 -28.40 -29.69 15.35
N UNK D 424 -27.57 -29.66 14.32
CA UNK D 424 -27.80 -30.58 13.21
C UNK D 424 -26.79 -31.71 13.24
N UNK D 425 -27.28 -32.91 13.03
CA UNK D 425 -26.49 -34.14 13.00
C UNK D 425 -25.68 -34.25 11.71
N UNK D 426 -24.50 -34.84 11.80
CA UNK D 426 -23.61 -34.95 10.66
C UNK D 426 -24.25 -35.39 9.38
N UNK D 427 -25.17 -36.34 9.39
CA UNK D 427 -25.77 -36.81 8.15
C UNK D 427 -26.80 -35.83 7.60
N UNK D 428 -27.44 -35.08 8.48
CA UNK D 428 -28.42 -34.10 8.01
C UNK D 428 -27.67 -32.99 7.28
N UNK D 429 -26.44 -32.74 7.75
CA UNK D 429 -25.59 -31.72 7.15
C UNK D 429 -25.13 -32.17 5.77
N UNK D 430 -24.35 -33.25 5.72
CA UNK D 430 -23.84 -33.77 4.45
C UNK D 430 -24.90 -33.83 3.35
N UNK D 431 -26.06 -34.33 3.71
CA UNK D 431 -27.19 -34.48 2.81
C UNK D 431 -27.72 -33.14 2.36
N UNK D 432 -28.00 -32.25 3.29
CA UNK D 432 -28.54 -30.94 2.93
C UNK D 432 -27.69 -30.25 1.86
N UNK D 433 -26.37 -30.26 2.09
CA UNK D 433 -25.46 -29.62 1.12
C UNK D 433 -25.44 -30.38 -0.18
N UNK D 434 -25.35 -31.70 -0.08
CA UNK D 434 -25.36 -32.59 -1.25
C UNK D 434 -26.50 -32.23 -2.18
N UNK D 435 -27.68 -32.00 -1.64
CA UNK D 435 -28.85 -31.64 -2.43
C UNK D 435 -28.74 -30.26 -3.01
N UNK D 436 -28.26 -29.28 -2.23
CA UNK D 436 -28.19 -27.92 -2.79
C UNK D 436 -27.25 -27.97 -4.00
N UNK D 437 -26.12 -28.64 -3.82
CA UNK D 437 -25.13 -28.81 -4.85
C UNK D 437 -25.66 -29.56 -6.07
N UNK D 438 -26.61 -30.46 -5.81
CA UNK D 438 -27.25 -31.27 -6.82
C UNK D 438 -28.32 -30.53 -7.61
N UNK D 439 -28.67 -29.31 -7.26
CA UNK D 439 -29.69 -28.57 -7.99
C UNK D 439 -31.08 -28.86 -7.47
N UNK D 440 -31.21 -29.69 -6.45
CA UNK D 440 -32.49 -30.05 -5.87
C UNK D 440 -33.23 -28.95 -5.15
N UNK D 441 -32.87 -27.69 -5.16
CA UNK D 441 -33.61 -26.63 -4.46
C UNK D 441 -33.45 -25.29 -5.17
N UNK D 442 -33.02 -25.35 -6.42
CA UNK D 442 -32.81 -24.15 -7.22
C UNK D 442 -34.10 -23.36 -7.34
N UNK D 443 -35.20 -23.95 -6.85
CA UNK D 443 -36.48 -23.26 -6.93
C UNK D 443 -36.72 -22.46 -5.65
N UNK D 444 -36.36 -22.97 -4.47
CA UNK D 444 -36.58 -22.20 -3.25
C UNK D 444 -35.73 -20.92 -3.28
N UNK D 445 -36.17 -19.94 -2.53
CA UNK D 445 -35.52 -18.65 -2.39
C UNK D 445 -34.34 -18.70 -1.43
N UNK D 446 -33.30 -17.87 -1.61
CA UNK D 446 -32.14 -17.86 -0.73
C UNK D 446 -32.61 -17.73 0.74
N UNK D 447 -33.36 -16.65 0.98
CA UNK D 447 -33.83 -16.38 2.32
C UNK D 447 -34.36 -17.60 3.03
N UNK D 448 -34.90 -18.56 2.30
CA UNK D 448 -35.43 -19.76 2.94
C UNK D 448 -34.30 -20.53 3.61
N UNK D 449 -33.08 -20.36 3.10
CA UNK D 449 -31.91 -21.08 3.61
C UNK D 449 -31.23 -20.38 4.78
N UNK D 450 -31.53 -19.14 5.07
CA UNK D 450 -30.92 -18.37 6.13
C UNK D 450 -31.47 -18.66 7.52
N UNK D 451 -30.66 -18.82 8.52
CA UNK D 451 -30.93 -19.11 9.89
C UNK D 451 -31.94 -20.23 10.06
N UNK D 452 -31.52 -21.45 9.73
CA UNK D 452 -32.35 -22.63 9.85
C UNK D 452 -31.43 -23.79 10.26
N UNK D 453 -31.97 -24.89 10.74
CA UNK D 453 -31.15 -26.04 11.10
C UNK D 453 -31.04 -26.91 9.84
N UNK D 454 -31.75 -28.01 9.85
CA UNK D 454 -31.75 -29.00 8.78
C UNK D 454 -32.44 -28.52 7.52
N UNK D 455 -32.11 -29.06 6.37
CA UNK D 455 -32.66 -28.68 5.08
C UNK D 455 -34.17 -28.65 5.02
N UNK D 456 -34.86 -29.47 5.81
CA UNK D 456 -36.32 -29.47 5.79
C UNK D 456 -36.86 -28.14 6.29
N UNK D 457 -36.15 -27.49 7.21
CA UNK D 457 -36.62 -26.20 7.71
C UNK D 457 -36.51 -25.14 6.62
N UNK D 458 -35.60 -25.34 5.68
CA UNK D 458 -35.40 -24.42 4.56
C UNK D 458 -36.59 -24.54 3.60
N UNK D 459 -37.06 -25.77 3.45
CA UNK D 459 -38.21 -26.06 2.59
C UNK D 459 -39.47 -25.49 3.26
N UNK D 460 -39.64 -25.77 4.55
CA UNK D 460 -40.79 -25.23 5.26
C UNK D 460 -40.77 -23.70 5.20
N UNK D 461 -39.65 -23.09 5.55
CA UNK D 461 -39.48 -21.65 5.52
C UNK D 461 -39.80 -21.08 4.15
N UNK D 462 -39.58 -21.84 3.08
CA UNK D 462 -39.90 -21.33 1.75
C UNK D 462 -41.40 -21.04 1.68
N UNK D 463 -42.20 -22.03 2.08
CA UNK D 463 -43.65 -21.89 2.09
C UNK D 463 -44.02 -20.70 2.96
N UNK D 464 -43.61 -20.73 4.23
CA UNK D 464 -43.95 -19.60 5.10
C UNK D 464 -43.64 -18.30 4.39
N UNK D 465 -42.56 -18.28 3.62
CA UNK D 465 -42.20 -17.08 2.90
C UNK D 465 -43.06 -16.99 1.63
N UNK D 466 -43.53 -18.13 1.17
CA UNK D 466 -44.30 -18.16 -0.05
C UNK D 466 -45.38 -17.09 -0.03
N UNK D 467 -45.59 -16.49 1.12
CA UNK D 467 -46.42 -15.45 1.60
C UNK D 467 -46.75 -15.55 3.11
N UNK E 2 53.15 -3.70 11.89
CA UNK E 2 52.46 -3.70 13.17
C UNK E 2 51.81 -5.03 13.52
N UNK E 3 51.83 -5.35 14.82
CA UNK E 3 51.20 -6.59 15.29
C UNK E 3 50.08 -6.26 16.28
N UNK E 4 48.81 -6.53 15.91
CA UNK E 4 47.75 -6.23 16.87
C UNK E 4 47.26 -7.52 17.51
N UNK E 5 46.38 -7.35 18.49
CA UNK E 5 45.76 -8.50 19.14
C UNK E 5 44.25 -8.48 18.77
N UNK E 6 43.59 -9.60 18.93
CA UNK E 6 42.14 -9.60 18.69
C UNK E 6 41.51 -9.23 20.04
N UNK E 7 40.65 -8.23 20.08
CA UNK E 7 40.02 -7.88 21.36
C UNK E 7 38.60 -8.45 21.38
N UNK E 8 38.00 -8.62 20.20
CA UNK E 8 36.63 -9.19 20.23
C UNK E 8 36.30 -9.86 18.90
N UNK E 9 35.45 -10.88 18.96
CA UNK E 9 35.00 -11.60 17.78
C UNK E 9 33.48 -11.78 17.94
N UNK E 10 32.74 -11.12 17.05
CA UNK E 10 31.29 -11.22 17.06
C UNK E 10 30.81 -11.59 15.67
N UNK E 11 30.76 -12.89 15.39
CA UNK E 11 30.28 -13.26 14.04
C UNK E 11 31.38 -12.90 13.07
N UNK E 12 31.05 -12.26 11.97
CA UNK E 12 32.11 -11.94 10.99
C UNK E 12 32.64 -10.54 11.21
N UNK E 13 32.72 -10.11 12.46
CA UNK E 13 33.23 -8.76 12.73
C UNK E 13 34.25 -8.92 13.85
N UNK E 14 35.50 -8.71 13.47
CA UNK E 14 36.61 -8.82 14.42
C UNK E 14 37.19 -7.47 14.81
N UNK E 15 37.34 -7.28 16.12
CA UNK E 15 37.89 -5.98 16.55
C UNK E 15 39.35 -6.28 16.93
N UNK E 16 40.25 -5.44 16.47
CA UNK E 16 41.68 -5.65 16.71
C UNK E 16 42.29 -4.41 17.34
N UNK E 17 43.05 -4.60 18.41
CA UNK E 17 43.70 -3.51 19.11
C UNK E 17 45.21 -3.50 18.86
N UNK E 18 45.68 -2.36 18.39
CA UNK E 18 47.11 -2.16 18.11
C UNK E 18 47.78 -1.35 19.23
N UNK E 19 49.00 -1.75 19.62
CA UNK E 19 49.68 -1.01 20.70
C UNK E 19 50.38 0.18 20.09
N UNK E 20 51.25 -0.09 19.12
CA UNK E 20 51.91 1.05 18.43
C UNK E 20 51.48 0.97 16.96
N UNK E 21 51.06 2.04 16.33
CA UNK E 21 50.68 2.00 14.93
C UNK E 21 49.41 1.30 14.50
N UNK E 22 48.40 2.11 14.21
CA UNK E 22 47.07 1.69 13.77
C UNK E 22 46.87 1.71 12.27
N UNK E 23 46.52 0.59 11.66
CA UNK E 23 46.27 0.50 10.24
C UNK E 23 45.16 1.44 9.82
N UNK E 24 45.31 2.12 8.72
CA UNK E 24 44.29 3.01 8.17
C UNK E 24 43.09 2.15 7.75
N UNK E 25 41.96 2.80 7.45
CA UNK E 25 40.78 2.08 7.02
C UNK E 25 40.98 1.50 5.62
N UNK E 26 40.62 0.26 5.41
CA UNK E 26 40.69 -0.47 4.17
C UNK E 26 41.88 -1.39 4.07
N UNK E 27 42.81 -1.21 5.01
CA UNK E 27 43.97 -2.10 4.99
C UNK E 27 43.51 -3.53 5.25
N UNK E 28 44.30 -4.50 4.82
CA UNK E 28 44.03 -5.92 5.03
C UNK E 28 44.96 -6.41 6.15
N UNK E 29 44.43 -7.10 7.15
CA UNK E 29 45.25 -7.60 8.25
C UNK E 29 45.27 -9.12 8.12
N UNK E 30 46.32 -9.80 8.49
CA UNK E 30 46.39 -11.26 8.39
C UNK E 30 46.32 -11.81 9.81
N UNK E 31 45.48 -12.80 10.03
CA UNK E 31 45.38 -13.36 11.41
C UNK E 31 46.48 -14.40 11.54
N UNK E 32 47.23 -14.35 12.63
CA UNK E 32 48.34 -15.28 12.84
C UNK E 32 47.99 -16.60 13.47
N UNK E 33 48.52 -17.71 12.95
CA UNK E 33 48.26 -19.04 13.51
C UNK E 33 47.01 -19.73 13.03
N UNK E 34 46.74 -19.75 11.72
CA UNK E 34 45.54 -20.40 11.23
C UNK E 34 45.75 -21.28 10.02
N UNK E 35 45.27 -22.52 10.11
CA UNK E 35 45.37 -23.47 9.00
C UNK E 35 45.37 -22.76 7.65
N UNK E 36 44.43 -21.81 7.51
CA UNK E 36 44.34 -21.10 6.25
C UNK E 36 44.40 -19.59 6.47
N UNK E 37 44.51 -18.90 5.35
CA UNK E 37 44.61 -17.46 5.35
C UNK E 37 43.31 -16.76 5.72
N UNK E 38 43.38 -15.95 6.77
CA UNK E 38 42.23 -15.18 7.24
C UNK E 38 42.57 -13.69 7.08
N UNK E 39 41.93 -13.04 6.13
CA UNK E 39 42.16 -11.63 5.90
C UNK E 39 40.98 -10.85 6.47
N UNK E 40 41.29 -9.89 7.35
CA UNK E 40 40.35 -9.03 8.02
C UNK E 40 40.41 -7.65 7.35
N UNK E 41 39.45 -7.14 6.63
CA UNK E 41 39.63 -5.79 6.10
C UNK E 41 39.30 -4.77 7.16
N UNK E 42 40.00 -3.66 7.26
CA UNK E 42 39.65 -2.65 8.27
C UNK E 42 38.48 -1.78 7.83
N UNK E 43 37.59 -1.45 8.79
CA UNK E 43 36.43 -0.65 8.41
C UNK E 43 36.26 0.62 9.22
N UNK E 44 36.76 0.65 10.45
CA UNK E 44 36.59 1.84 11.26
C UNK E 44 37.66 1.94 12.35
N UNK E 45 37.83 3.14 12.85
CA UNK E 45 38.76 3.46 13.93
C UNK E 45 37.93 3.79 15.18
N UNK E 46 37.55 2.75 15.93
CA UNK E 46 36.75 2.92 17.11
C UNK E 46 37.43 3.80 18.15
N UNK E 47 38.68 4.19 17.98
CA UNK E 47 39.28 5.03 19.04
C UNK E 47 39.84 4.09 20.12
N UNK E 48 40.89 4.52 20.79
CA UNK E 48 41.57 3.76 21.82
C UNK E 48 42.44 2.69 21.17
N UNK E 49 43.05 3.02 20.04
CA UNK E 49 43.92 2.05 19.37
C UNK E 49 43.19 0.81 18.94
N UNK E 50 41.88 0.87 18.68
CA UNK E 50 41.26 -0.39 18.24
C UNK E 50 40.60 -0.15 16.89
N UNK E 51 40.71 -1.13 16.01
CA UNK E 51 40.09 -1.07 14.71
C UNK E 51 38.92 -2.09 14.69
N UNK E 52 37.92 -1.79 13.86
CA UNK E 52 36.79 -2.68 13.68
C UNK E 52 36.91 -3.21 12.25
N UNK E 53 37.07 -4.51 12.12
CA UNK E 53 37.23 -5.09 10.78
C UNK E 53 36.17 -6.13 10.43
N UNK E 54 36.10 -6.50 9.16
CA UNK E 54 35.18 -7.54 8.73
C UNK E 54 35.98 -8.70 8.16
N UNK E 55 35.80 -9.92 8.67
CA UNK E 55 36.56 -11.10 8.25
C UNK E 55 36.29 -11.51 6.82
N UNK E 56 37.25 -12.02 6.04
CA UNK E 56 36.90 -12.40 4.66
C UNK E 56 36.59 -13.90 4.59
N UNK E 57 36.56 -14.54 5.75
CA UNK E 57 36.24 -15.97 5.85
C UNK E 57 35.89 -16.33 7.29
N UNK E 58 35.38 -17.49 7.60
CA UNK E 58 35.00 -17.91 8.91
C UNK E 58 35.89 -17.52 10.06
N UNK E 59 35.33 -16.91 11.09
CA UNK E 59 36.08 -16.49 12.27
C UNK E 59 36.04 -17.59 13.33
N UNK E 60 35.53 -18.74 12.93
CA UNK E 60 35.36 -19.90 13.80
C UNK E 60 36.67 -20.19 14.51
N UNK E 61 36.69 -20.30 15.83
CA UNK E 61 38.00 -20.64 16.44
C UNK E 61 38.86 -19.49 16.88
N UNK E 62 38.68 -18.27 16.35
CA UNK E 62 39.51 -17.15 16.79
C UNK E 62 39.49 -17.06 18.31
N UNK E 63 40.55 -16.45 18.82
CA UNK E 63 40.73 -16.28 20.25
C UNK E 63 41.09 -14.86 20.64
N UNK E 64 40.38 -14.37 21.67
CA UNK E 64 40.70 -13.00 22.10
C UNK E 64 42.19 -13.06 22.45
N UNK E 65 42.92 -12.08 21.94
CA UNK E 65 44.36 -12.09 22.22
C UNK E 65 45.09 -12.63 20.99
N UNK E 66 44.46 -13.39 20.13
CA UNK E 66 45.15 -13.89 18.92
C UNK E 66 45.93 -12.77 18.27
N UNK E 67 47.01 -13.10 17.56
CA UNK E 67 47.83 -12.09 16.90
C UNK E 67 47.39 -11.76 15.48
N UNK E 68 47.50 -10.47 15.16
CA UNK E 68 47.10 -9.95 13.86
C UNK E 68 48.21 -8.99 13.33
N UNK E 69 48.61 -9.28 12.10
CA UNK E 69 49.64 -8.52 11.43
C UNK E 69 49.14 -7.59 10.35
N UNK E 70 49.28 -6.28 10.58
CA UNK E 70 48.84 -5.33 9.56
C UNK E 70 49.60 -5.53 8.26
N UNK E 71 48.95 -5.94 7.18
CA UNK E 71 49.75 -6.10 5.95
C UNK E 71 50.08 -4.72 5.40
N UNK E 72 49.77 -3.67 6.17
CA UNK E 72 50.04 -2.31 5.75
C UNK E 72 49.47 -1.91 4.41
N UNK E 73 48.38 -2.53 3.95
CA UNK E 73 47.74 -2.19 2.68
C UNK E 73 46.45 -2.98 2.50
N UNK E 74 45.59 -2.49 1.65
CA UNK E 74 44.34 -3.14 1.32
C UNK E 74 44.68 -4.48 0.65
N UNK E 75 43.65 -5.26 0.46
CA UNK E 75 43.77 -6.55 -0.22
C UNK E 75 44.39 -6.29 -1.59
N UNK E 76 45.11 -6.74 -2.11
CA UNK E 76 45.86 -6.62 -3.36
C UNK E 76 45.78 -7.97 -4.09
N UNK E 77 45.74 -7.91 -5.41
CA UNK E 77 45.61 -9.15 -6.16
C UNK E 77 46.52 -9.23 -7.38
N UNK E 78 46.83 -10.45 -7.80
CA UNK E 78 47.63 -10.68 -8.97
C UNK E 78 46.83 -10.08 -10.12
N UNK E 79 47.42 -9.20 -10.90
CA UNK E 79 46.84 -8.53 -12.05
C UNK E 79 47.73 -8.80 -13.28
N UNK E 80 47.17 -8.71 -14.48
CA UNK E 80 47.99 -8.96 -15.66
C UNK E 80 47.46 -10.10 -16.50
N UNK E 81 48.20 -10.49 -17.52
CA UNK E 81 47.87 -11.53 -18.46
C UNK E 81 47.70 -12.92 -17.90
N UNK E 82 48.56 -13.31 -16.96
CA UNK E 82 48.48 -14.66 -16.41
C UNK E 82 47.26 -14.90 -15.54
N UNK E 83 46.32 -13.97 -15.59
CA UNK E 83 45.07 -14.07 -14.83
C UNK E 83 44.01 -14.55 -15.84
N UNK E 84 44.23 -14.16 -17.10
CA UNK E 84 43.28 -14.54 -18.14
C UNK E 84 43.09 -16.04 -18.09
N UNK E 85 41.87 -16.52 -18.10
CA UNK E 85 41.51 -17.92 -18.06
C UNK E 85 41.55 -18.60 -16.69
N UNK E 86 42.00 -17.88 -15.68
CA UNK E 86 42.04 -18.43 -14.35
C UNK E 86 40.79 -18.01 -13.59
N UNK E 87 40.49 -18.73 -12.50
CA UNK E 87 39.34 -18.37 -11.69
C UNK E 87 39.91 -17.85 -10.36
N UNK E 88 39.39 -16.68 -9.95
CA UNK E 88 39.96 -16.14 -8.71
C UNK E 88 38.95 -15.61 -7.71
N UNK E 89 39.40 -15.80 -6.49
CA UNK E 89 38.86 -15.46 -5.21
C UNK E 89 38.77 -13.96 -5.11
N UNK E 90 38.35 -13.42 -3.99
CA UNK E 90 38.16 -12.01 -3.69
C UNK E 90 39.48 -11.32 -3.37
N UNK E 91 40.36 -12.11 -2.78
CA UNK E 91 41.70 -11.66 -2.37
C UNK E 91 42.77 -12.25 -3.30
N UNK E 92 42.33 -12.37 -4.57
CA UNK E 92 43.12 -12.87 -5.64
C UNK E 92 43.73 -14.23 -5.42
N UNK E 93 42.94 -15.22 -5.05
CA UNK E 93 43.46 -16.58 -4.90
C UNK E 93 42.82 -17.45 -5.98
N UNK E 94 43.51 -18.50 -6.31
CA UNK E 94 43.06 -19.43 -7.34
C UNK E 94 42.05 -20.39 -6.74
N UNK E 95 40.96 -20.57 -7.46
CA UNK E 95 39.90 -21.48 -7.02
C UNK E 95 39.53 -22.46 -8.14
N UNK E 96 40.46 -22.69 -9.06
CA UNK E 96 40.30 -23.57 -10.21
C UNK E 96 41.35 -24.69 -10.11
N UNK E 97 42.15 -24.58 -9.05
CA UNK E 97 43.17 -25.59 -8.78
C UNK E 97 44.22 -25.78 -9.85
N UNK E 98 44.58 -24.73 -10.57
CA UNK E 98 45.59 -24.77 -11.61
C UNK E 98 46.86 -24.12 -11.07
N UNK E 99 47.08 -24.25 -9.76
CA UNK E 99 48.29 -23.67 -9.16
C UNK E 99 48.20 -22.16 -9.04
N UNK E 100 49.27 -21.55 -8.58
CA UNK E 100 49.40 -20.14 -8.33
C UNK E 100 49.23 -19.19 -9.48
N UNK E 101 48.52 -18.08 -9.18
CA UNK E 101 48.39 -17.07 -10.26
C UNK E 101 49.70 -16.28 -10.12
N UNK E 102 50.61 -16.56 -11.05
CA UNK E 102 51.92 -15.91 -11.00
C UNK E 102 52.04 -14.72 -11.94
N UNK E 103 51.78 -13.53 -11.42
CA UNK E 103 51.90 -12.33 -12.24
C UNK E 103 53.08 -11.53 -11.68
N UNK E 104 53.41 -10.41 -12.33
CA UNK E 104 54.51 -9.57 -11.84
C UNK E 104 53.90 -8.52 -10.89
N UNK E 105 52.78 -7.92 -11.32
CA UNK E 105 52.14 -6.91 -10.52
C UNK E 105 50.95 -7.44 -9.70
N UNK E 106 50.78 -6.77 -8.58
CA UNK E 106 49.70 -6.96 -7.61
C UNK E 106 48.92 -5.64 -7.61
N UNK E 107 47.61 -5.62 -7.50
CA UNK E 107 46.91 -4.34 -7.56
C UNK E 107 45.90 -4.20 -6.44
N UNK E 108 46.08 -3.22 -5.56
CA UNK E 108 45.13 -3.03 -4.46
C UNK E 108 43.74 -2.79 -5.08
N UNK E 109 42.72 -3.42 -4.53
CA UNK E 109 41.38 -3.31 -5.06
C UNK E 109 40.68 -1.98 -4.80
N UNK E 110 41.00 -1.35 -3.66
CA UNK E 110 40.34 -0.07 -3.40
C UNK E 110 41.12 1.05 -4.10
N UNK E 111 40.68 1.49 -5.25
CA UNK E 111 41.33 2.53 -6.04
C UNK E 111 40.41 3.70 -6.30
N UNK E 112 40.95 4.89 -6.44
CA UNK E 112 40.05 6.04 -6.72
C UNK E 112 39.74 6.08 -8.20
N UNK E 113 38.91 7.00 -8.65
CA UNK E 113 38.58 6.99 -10.08
C UNK E 113 39.21 8.13 -10.88
N UNK E 114 39.36 7.88 -12.18
CA UNK E 114 39.92 8.77 -13.16
C UNK E 114 39.61 10.23 -13.04
N UNK E 115 40.52 11.02 -12.46
CA UNK E 115 40.40 12.44 -12.30
C UNK E 115 39.77 13.04 -13.56
N UNK E 116 39.08 14.15 -13.37
CA UNK E 116 38.40 14.87 -14.44
C UNK E 116 39.23 15.08 -15.69
N UNK E 117 40.51 15.39 -15.44
CA UNK E 117 41.45 15.66 -16.52
C UNK E 117 41.90 14.39 -17.22
N UNK E 118 41.38 13.24 -16.82
CA UNK E 118 41.76 11.98 -17.49
C UNK E 118 40.53 11.57 -18.30
N UNK E 119 39.41 12.20 -17.93
CA UNK E 119 38.16 11.91 -18.61
C UNK E 119 38.29 12.09 -20.11
N UNK E 120 37.60 11.26 -20.88
CA UNK E 120 37.58 11.47 -22.32
C UNK E 120 36.42 12.49 -22.46
N UNK E 121 36.47 13.34 -23.45
CA UNK E 121 35.41 14.34 -23.59
C UNK E 121 34.38 13.88 -24.60
N UNK E 122 34.58 12.68 -25.18
CA UNK E 122 33.62 12.29 -26.20
C UNK E 122 33.09 10.87 -26.25
N UNK E 123 31.86 10.83 -26.74
CA UNK E 123 31.01 9.70 -26.94
C UNK E 123 31.28 8.97 -28.27
N UNK E 124 31.73 7.73 -28.14
CA UNK E 124 32.04 6.86 -29.26
C UNK E 124 31.32 5.51 -29.06
N UNK E 125 30.71 5.01 -30.12
CA UNK E 125 30.06 3.70 -29.95
C UNK E 125 31.12 2.60 -29.92
N UNK E 126 30.94 1.59 -29.10
CA UNK E 126 31.92 0.49 -29.11
C UNK E 126 31.19 -0.59 -29.96
N UNK E 127 31.76 -1.06 -31.06
CA UNK E 127 31.07 -2.06 -31.88
C UNK E 127 31.36 -3.48 -31.40
N UNK E 128 30.30 -4.27 -31.40
CA UNK E 128 30.39 -5.67 -30.95
C UNK E 128 30.20 -6.60 -32.13
N UNK E 129 29.63 -6.03 -33.20
CA UNK E 129 29.41 -6.86 -34.39
C UNK E 129 28.04 -7.52 -34.34
N UNK E 130 27.21 -7.16 -33.35
CA UNK E 130 25.86 -7.73 -33.23
C UNK E 130 24.83 -6.76 -33.78
N UNK E 131 24.24 -7.19 -34.89
CA UNK E 131 23.26 -6.40 -35.61
C UNK E 131 22.21 -5.68 -34.79
N UNK E 132 21.57 -6.34 -33.81
CA UNK E 132 20.53 -5.63 -33.04
C UNK E 132 21.25 -4.60 -32.14
N UNK E 133 22.20 -5.14 -31.38
CA UNK E 133 22.93 -4.33 -30.44
C UNK E 133 23.51 -3.10 -31.10
N UNK E 134 24.31 -3.34 -32.15
CA UNK E 134 24.96 -2.22 -32.84
C UNK E 134 23.96 -1.35 -33.59
N UNK E 135 22.84 -1.88 -34.05
CA UNK E 135 21.93 -0.99 -34.80
C UNK E 135 20.93 -0.22 -33.96
N UNK E 136 20.31 -0.84 -32.96
CA UNK E 136 19.28 -0.18 -32.18
C UNK E 136 19.64 0.22 -30.76
N UNK E 137 20.59 -0.46 -30.12
CA UNK E 137 20.97 -0.10 -28.75
C UNK E 137 22.48 -0.13 -28.58
N UNK E 138 23.17 0.72 -29.32
CA UNK E 138 24.60 0.81 -29.34
C UNK E 138 25.26 0.98 -27.97
N UNK E 139 26.20 0.06 -27.72
CA UNK E 139 26.95 0.14 -26.45
C UNK E 139 27.77 1.42 -26.51
N UNK E 140 28.35 1.89 -25.44
CA UNK E 140 29.14 3.13 -25.50
C UNK E 140 30.51 2.80 -24.93
N UNK E 141 31.57 3.39 -25.49
CA UNK E 141 32.89 3.04 -24.92
C UNK E 141 32.95 3.49 -23.48
N UNK E 142 33.35 2.67 -22.52
CA UNK E 142 33.48 3.14 -21.15
C UNK E 142 32.17 3.24 -20.40
N UNK E 143 31.05 3.09 -21.11
CA UNK E 143 29.72 3.11 -20.58
C UNK E 143 29.31 1.84 -19.84
N UNK E 144 28.08 1.87 -19.29
CA UNK E 144 27.54 0.73 -18.53
C UNK E 144 26.23 0.26 -19.16
N UNK E 145 26.15 -1.06 -19.33
CA UNK E 145 24.95 -1.61 -19.96
C UNK E 145 24.19 -2.52 -19.02
N UNK E 146 22.88 -2.30 -19.00
CA UNK E 146 21.98 -3.09 -18.19
C UNK E 146 21.45 -4.26 -19.02
N UNK E 147 21.94 -5.45 -18.69
CA UNK E 147 21.52 -6.67 -19.38
C UNK E 147 20.38 -7.33 -18.59
N UNK E 148 19.19 -7.24 -19.15
CA UNK E 148 17.96 -7.80 -18.62
C UNK E 148 17.65 -9.14 -19.30
N UNK E 149 16.77 -9.91 -18.68
CA UNK E 149 16.39 -11.24 -19.20
C UNK E 149 17.34 -12.22 -18.48
N UNK E 150 16.92 -13.47 -18.31
CA UNK E 150 17.77 -14.43 -17.62
C UNK E 150 18.02 -15.71 -18.42
N UNK E 151 17.37 -16.78 -17.94
CA UNK E 151 17.53 -18.08 -18.53
C UNK E 151 16.63 -18.43 -19.71
N UNK E 152 17.17 -19.43 -20.42
CA UNK E 152 16.46 -19.97 -21.59
C UNK E 152 16.71 -18.99 -22.74
N UNK E 153 16.72 -17.73 -22.35
CA UNK E 153 17.04 -16.69 -23.37
C UNK E 153 18.57 -16.72 -23.26
N UNK E 154 19.27 -16.77 -24.36
CA UNK E 154 20.69 -16.89 -24.46
C UNK E 154 21.68 -16.07 -23.71
N UNK E 155 21.34 -15.64 -22.50
CA UNK E 155 22.24 -14.84 -21.70
C UNK E 155 23.69 -15.31 -21.79
N UNK E 156 24.04 -16.54 -21.44
CA UNK E 156 25.45 -16.91 -21.43
C UNK E 156 26.14 -17.01 -22.77
N UNK E 157 25.36 -17.20 -23.82
CA UNK E 157 25.98 -17.32 -25.15
C UNK E 157 26.26 -15.91 -25.66
N UNK E 158 25.45 -14.95 -25.27
CA UNK E 158 25.59 -13.55 -25.65
C UNK E 158 26.77 -12.96 -24.87
N UNK E 159 26.90 -13.38 -23.63
CA UNK E 159 28.03 -12.85 -22.84
C UNK E 159 29.31 -13.36 -23.45
N UNK E 160 29.25 -14.58 -23.98
CA UNK E 160 30.43 -15.20 -24.58
C UNK E 160 30.73 -14.73 -25.99
N UNK E 161 29.75 -14.32 -26.77
CA UNK E 161 30.05 -13.81 -28.10
C UNK E 161 30.69 -12.42 -27.93
N UNK E 162 30.11 -11.58 -27.06
CA UNK E 162 30.65 -10.25 -26.80
C UNK E 162 32.15 -10.43 -26.48
N UNK E 163 32.46 -11.34 -25.55
CA UNK E 163 33.85 -11.59 -25.18
C UNK E 163 34.69 -11.77 -26.46
N UNK E 164 34.36 -12.83 -27.18
CA UNK E 164 35.03 -13.17 -28.42
C UNK E 164 35.11 -11.92 -29.29
N UNK E 165 33.99 -11.35 -29.69
CA UNK E 165 34.01 -10.16 -30.54
C UNK E 165 34.82 -9.01 -29.96
N UNK E 166 35.06 -8.99 -28.64
CA UNK E 166 35.89 -7.85 -28.13
C UNK E 166 37.33 -8.23 -28.46
N UNK E 167 37.70 -9.48 -28.21
CA UNK E 167 39.05 -9.94 -28.55
C UNK E 167 39.30 -9.70 -30.04
N UNK E 168 38.40 -10.17 -30.88
CA UNK E 168 38.52 -10.02 -32.30
C UNK E 168 38.65 -8.57 -32.79
N UNK E 169 37.55 -7.82 -32.73
CA UNK E 169 37.55 -6.47 -33.24
C UNK E 169 38.28 -5.44 -32.43
N UNK E 170 38.72 -5.68 -31.20
CA UNK E 170 39.35 -4.53 -30.52
C UNK E 170 40.59 -5.01 -29.80
N UNK E 171 40.92 -6.27 -30.00
CA UNK E 171 42.12 -6.80 -29.34
C UNK E 171 42.06 -6.55 -27.83
N UNK E 172 40.82 -6.33 -27.36
CA UNK E 172 40.64 -6.10 -25.90
C UNK E 172 40.23 -7.43 -25.26
N UNK E 173 40.64 -7.61 -24.03
CA UNK E 173 40.30 -8.77 -23.22
C UNK E 173 39.10 -8.46 -22.31
N UNK E 174 38.56 -9.49 -21.65
CA UNK E 174 37.44 -9.28 -20.73
C UNK E 174 37.60 -10.02 -19.40
N UNK E 175 36.94 -9.44 -18.39
CA UNK E 175 36.88 -9.99 -17.05
C UNK E 175 35.45 -10.40 -16.70
N UNK E 176 35.38 -11.38 -15.79
CA UNK E 176 34.03 -11.79 -15.39
C UNK E 176 34.01 -11.87 -13.86
N UNK E 177 33.16 -10.98 -13.34
CA UNK E 177 33.01 -10.92 -11.89
C UNK E 177 31.62 -11.46 -11.55
N UNK E 178 31.60 -12.59 -10.82
CA UNK E 178 30.31 -13.19 -10.43
C UNK E 178 30.09 -12.71 -8.98
N UNK E 179 29.20 -11.72 -8.79
CA UNK E 179 28.94 -11.20 -7.42
C UNK E 179 27.76 -12.00 -6.84
N UNK E 180 28.05 -12.85 -5.85
CA UNK E 180 27.00 -13.70 -5.29
C UNK E 180 26.59 -14.74 -6.35
N UNK E 181 27.56 -15.46 -6.92
CA UNK E 181 27.30 -16.48 -7.93
C UNK E 181 26.89 -17.80 -7.26
N UNK E 182 25.98 -18.55 -7.89
CA UNK E 182 25.64 -19.85 -7.27
C UNK E 182 26.75 -20.83 -7.64
N UNK E 183 27.52 -21.36 -6.70
CA UNK E 183 28.59 -22.29 -7.05
C UNK E 183 28.26 -23.23 -8.20
N UNK E 184 27.05 -23.75 -8.24
CA UNK E 184 26.65 -24.63 -9.33
C UNK E 184 26.79 -23.91 -10.68
N UNK E 185 26.21 -22.72 -10.73
CA UNK E 185 26.22 -21.91 -11.94
C UNK E 185 27.59 -21.38 -12.32
N UNK E 186 28.55 -21.26 -11.41
CA UNK E 186 29.86 -20.74 -11.88
C UNK E 186 30.58 -21.85 -12.65
N UNK E 187 30.64 -22.99 -11.98
CA UNK E 187 31.30 -24.19 -12.52
C UNK E 187 30.71 -24.51 -13.89
N UNK E 188 29.43 -24.22 -14.05
CA UNK E 188 28.75 -24.47 -15.32
C UNK E 188 29.10 -23.38 -16.33
N UNK E 189 29.46 -22.21 -15.82
CA UNK E 189 29.84 -21.10 -16.71
C UNK E 189 31.27 -21.41 -17.16
N UNK E 190 32.04 -21.90 -16.21
CA UNK E 190 33.43 -22.25 -16.47
C UNK E 190 33.55 -23.20 -17.67
N UNK E 191 33.06 -24.43 -17.50
CA UNK E 191 33.10 -25.43 -18.57
C UNK E 191 32.44 -24.98 -19.86
N UNK E 192 31.50 -24.06 -19.80
CA UNK E 192 30.83 -23.62 -21.01
C UNK E 192 31.67 -22.64 -21.83
N UNK E 193 32.53 -21.90 -21.15
CA UNK E 193 33.40 -20.95 -21.85
C UNK E 193 34.51 -21.80 -22.48
N UNK E 194 34.97 -22.74 -21.67
CA UNK E 194 36.00 -23.69 -22.05
C UNK E 194 35.62 -24.40 -23.35
N UNK E 195 34.47 -25.07 -23.36
CA UNK E 195 34.00 -25.77 -24.55
C UNK E 195 33.87 -24.85 -25.76
N UNK E 196 33.67 -23.55 -25.54
CA UNK E 196 33.53 -22.61 -26.64
C UNK E 196 34.85 -21.87 -26.90
N UNK E 197 35.88 -22.31 -26.19
CA UNK E 197 37.19 -21.74 -26.31
C UNK E 197 37.52 -20.49 -25.56
N UNK E 198 36.65 -19.50 -25.40
CA UNK E 198 37.02 -18.27 -24.70
C UNK E 198 38.01 -18.53 -23.58
N UNK E 199 37.99 -19.74 -23.04
CA UNK E 199 38.98 -20.13 -22.02
C UNK E 199 39.77 -21.30 -22.64
N UNK E 200 41.07 -21.28 -22.41
CA UNK E 200 41.94 -22.35 -22.95
C UNK E 200 42.86 -22.83 -21.84
N UNK E 201 42.70 -24.08 -21.43
CA UNK E 201 43.51 -24.63 -20.35
C UNK E 201 44.88 -25.11 -20.77
N UNK E 202 45.00 -25.42 -22.07
CA UNK E 202 46.21 -25.90 -22.69
C UNK E 202 47.19 -24.81 -23.10
N UNK E 203 46.68 -23.75 -23.73
CA UNK E 203 47.61 -22.71 -24.17
C UNK E 203 47.55 -21.42 -23.39
N UNK E 204 47.67 -20.30 -24.10
CA UNK E 204 47.63 -18.96 -23.56
C UNK E 204 46.78 -18.06 -24.48
N UNK E 205 45.64 -18.62 -24.88
CA UNK E 205 44.71 -17.90 -25.73
C UNK E 205 43.39 -17.61 -25.04
N UNK E 206 43.39 -17.71 -23.71
CA UNK E 206 42.16 -17.43 -22.94
C UNK E 206 41.82 -15.96 -23.09
N UNK E 207 40.56 -15.59 -23.37
CA UNK E 207 40.25 -14.17 -23.51
C UNK E 207 39.45 -13.66 -22.32
N UNK E 208 39.39 -14.44 -21.24
CA UNK E 208 38.64 -14.02 -20.06
C UNK E 208 39.34 -14.42 -18.77
N UNK E 209 39.23 -13.56 -17.76
CA UNK E 209 39.75 -13.92 -16.44
C UNK E 209 38.46 -14.05 -15.59
N UNK E 210 38.31 -15.10 -14.78
CA UNK E 210 37.04 -15.13 -14.02
C UNK E 210 37.27 -14.80 -12.55
N UNK E 211 36.46 -13.88 -12.02
CA UNK E 211 36.59 -13.54 -10.59
C UNK E 211 35.28 -13.97 -9.92
N UNK E 212 35.35 -14.77 -8.84
CA UNK E 212 34.09 -15.22 -8.25
C UNK E 212 33.82 -14.85 -6.82
N UNK E 213 32.59 -14.45 -6.51
CA UNK E 213 32.15 -14.15 -5.14
C UNK E 213 30.90 -15.03 -4.93
N UNK E 214 31.09 -16.30 -4.58
CA UNK E 214 30.01 -17.25 -4.39
C UNK E 214 29.06 -16.86 -3.28
N UNK E 215 27.84 -17.38 -3.39
CA UNK E 215 26.78 -17.05 -2.44
C UNK E 215 27.03 -17.49 -1.01
N UNK E 216 27.93 -18.41 -0.74
CA UNK E 216 28.19 -18.82 0.62
C UNK E 216 29.12 -17.80 1.29
N UNK E 217 29.82 -17.01 0.50
CA UNK E 217 30.82 -16.08 1.09
C UNK E 217 30.10 -15.06 1.95
N UNK E 218 30.72 -14.55 2.98
CA UNK E 218 30.15 -13.57 3.89
C UNK E 218 29.93 -12.27 3.15
N UNK E 219 29.06 -11.42 3.65
CA UNK E 219 28.69 -10.15 3.09
C UNK E 219 29.88 -9.37 2.51
N UNK E 220 30.91 -9.13 3.31
CA UNK E 220 32.12 -8.42 2.96
C UNK E 220 32.79 -8.93 1.70
N UNK E 221 32.83 -10.24 1.46
CA UNK E 221 33.43 -10.85 0.28
C UNK E 221 32.58 -10.62 -0.97
N UNK E 222 31.27 -10.87 -0.84
CA UNK E 222 30.41 -10.67 -2.02
C UNK E 222 30.32 -9.17 -2.23
N UNK E 223 30.82 -8.43 -1.22
CA UNK E 223 30.76 -6.97 -1.28
C UNK E 223 31.86 -6.41 -2.16
N UNK E 224 33.08 -6.95 -1.93
CA UNK E 224 34.27 -6.56 -2.64
C UNK E 224 34.56 -7.27 -3.94
N UNK E 225 34.25 -8.55 -4.12
CA UNK E 225 34.58 -9.19 -5.38
C UNK E 225 34.27 -8.35 -6.59
N UNK E 226 33.33 -7.41 -6.60
CA UNK E 226 33.16 -6.75 -7.93
C UNK E 226 34.30 -5.76 -8.08
N UNK E 227 34.87 -5.31 -6.97
CA UNK E 227 36.00 -4.36 -7.05
C UNK E 227 37.21 -5.16 -7.56
N UNK E 228 37.47 -6.32 -6.98
CA UNK E 228 38.56 -7.17 -7.45
C UNK E 228 38.51 -7.33 -8.96
N UNK E 229 37.35 -7.70 -9.47
CA UNK E 229 37.18 -7.90 -10.92
C UNK E 229 37.54 -6.58 -11.59
N UNK E 230 37.11 -5.49 -10.97
CA UNK E 230 37.37 -4.16 -11.52
C UNK E 230 38.88 -3.96 -11.62
N UNK E 231 39.60 -4.29 -10.56
CA UNK E 231 41.05 -4.10 -10.49
C UNK E 231 41.74 -4.73 -11.70
N UNK E 232 41.37 -5.97 -11.90
CA UNK E 232 41.89 -6.75 -13.04
C UNK E 232 41.64 -5.97 -14.31
N UNK E 233 40.38 -5.68 -14.62
CA UNK E 233 40.09 -4.92 -15.85
C UNK E 233 40.88 -3.62 -15.95
N UNK E 234 40.99 -2.84 -14.89
CA UNK E 234 41.71 -1.57 -14.96
C UNK E 234 43.13 -1.80 -15.48
N UNK E 235 43.70 -2.98 -15.17
CA UNK E 235 45.05 -3.23 -15.68
C UNK E 235 45.07 -3.25 -17.21
N UNK E 236 44.23 -4.06 -17.85
CA UNK E 236 44.26 -4.11 -19.31
C UNK E 236 43.92 -2.77 -19.95
N UNK E 237 43.79 -1.72 -19.14
CA UNK E 237 43.48 -0.39 -19.66
C UNK E 237 44.55 0.63 -19.25
N UNK E 238 44.93 0.61 -17.98
CA UNK E 238 45.91 1.54 -17.45
C UNK E 238 47.34 1.10 -17.61
N UNK E 239 47.53 -0.16 -17.97
CA UNK E 239 48.84 -0.74 -18.15
C UNK E 239 49.12 -1.18 -19.58
N UNK E 240 48.09 -1.47 -20.34
CA UNK E 240 48.17 -1.95 -21.70
C UNK E 240 47.19 -1.25 -22.64
N UNK E 241 46.56 -0.22 -22.14
CA UNK E 241 45.65 0.61 -22.86
C UNK E 241 44.74 -0.05 -23.86
N UNK E 242 44.10 -1.14 -23.43
CA UNK E 242 43.15 -1.82 -24.31
C UNK E 242 41.75 -1.25 -24.01
N UNK E 243 40.81 -1.92 -24.61
CA UNK E 243 39.38 -1.69 -24.42
C UNK E 243 38.90 -3.00 -23.76
N UNK E 244 38.89 -3.00 -22.43
CA UNK E 244 38.49 -4.17 -21.66
C UNK E 244 36.95 -4.16 -21.56
N UNK E 245 36.41 -5.31 -21.22
CA UNK E 245 35.00 -5.56 -21.01
C UNK E 245 34.83 -6.01 -19.54
N UNK E 246 33.92 -5.36 -18.83
CA UNK E 246 33.71 -5.81 -17.43
C UNK E 246 32.27 -6.34 -17.34
N UNK E 247 32.16 -7.55 -16.78
CA UNK E 247 30.86 -8.19 -16.61
C UNK E 247 30.62 -8.39 -15.10
N UNK E 248 29.59 -7.73 -14.60
CA UNK E 248 29.25 -7.88 -13.18
C UNK E 248 27.88 -8.60 -13.19
N UNK E 249 27.89 -9.83 -12.70
CA UNK E 249 26.70 -10.65 -12.62
C UNK E 249 26.48 -11.05 -11.15
N UNK E 250 25.46 -10.49 -10.48
CA UNK E 250 24.57 -9.51 -11.09
C UNK E 250 24.64 -8.25 -10.22
N UNK E 251 24.48 -7.11 -10.85
CA UNK E 251 24.60 -5.83 -10.15
C UNK E 251 23.75 -5.67 -8.91
N UNK E 252 22.65 -6.40 -8.75
CA UNK E 252 21.80 -6.30 -7.57
C UNK E 252 22.45 -6.95 -6.36
N UNK E 253 23.11 -8.07 -6.56
CA UNK E 253 23.74 -8.74 -5.42
C UNK E 253 24.90 -7.96 -4.88
N UNK E 254 25.31 -6.95 -5.65
CA UNK E 254 26.43 -6.08 -5.22
C UNK E 254 25.93 -5.19 -4.07
N UNK E 255 24.82 -4.53 -4.37
CA UNK E 255 24.03 -3.65 -3.55
C UNK E 255 23.56 -4.36 -2.28
N UNK E 256 23.01 -5.56 -2.49
CA UNK E 256 22.56 -6.35 -1.34
C UNK E 256 23.75 -6.64 -0.44
N UNK E 257 24.88 -7.01 -1.05
CA UNK E 257 26.05 -7.32 -0.18
C UNK E 257 26.38 -6.07 0.63
N UNK E 258 26.18 -4.91 -0.02
CA UNK E 258 26.44 -3.61 0.60
C UNK E 258 25.59 -3.44 1.85
N UNK E 259 24.27 -3.66 1.72
CA UNK E 259 23.36 -3.58 2.85
C UNK E 259 23.77 -4.56 3.95
N UNK E 260 24.08 -5.81 3.60
CA UNK E 260 24.43 -6.74 4.68
C UNK E 260 25.57 -6.16 5.47
N UNK E 261 26.62 -5.75 4.74
CA UNK E 261 27.78 -5.19 5.43
C UNK E 261 27.33 -4.01 6.27
N UNK E 262 26.51 -3.15 5.67
CA UNK E 262 26.11 -1.96 6.42
C UNK E 262 25.43 -2.31 7.74
N UNK E 263 24.41 -3.17 7.70
CA UNK E 263 23.67 -3.62 8.85
C UNK E 263 24.60 -4.18 9.93
N UNK E 264 25.58 -4.95 9.46
CA UNK E 264 26.53 -5.57 10.40
C UNK E 264 27.33 -4.51 11.14
N UNK E 265 27.57 -3.39 10.42
CA UNK E 265 28.35 -2.33 11.07
C UNK E 265 27.37 -1.49 11.87
N UNK E 266 26.18 -2.04 12.16
CA UNK E 266 25.21 -1.29 12.92
C UNK E 266 24.79 0.03 12.41
N UNK E 267 24.80 0.32 11.10
CA UNK E 267 24.29 1.63 10.70
C UNK E 267 22.80 1.55 10.32
N UNK E 268 22.05 2.57 10.73
CA UNK E 268 20.61 2.69 10.46
C UNK E 268 20.34 2.59 8.97
N UNK E 269 19.49 1.68 8.56
CA UNK E 269 19.21 1.45 7.14
C UNK E 269 18.52 2.66 6.54
N UNK E 270 18.41 2.87 5.25
CA UNK E 270 17.59 4.06 4.88
C UNK E 270 16.30 3.52 4.22
N UNK E 271 15.61 4.28 3.40
CA UNK E 271 14.38 3.87 2.74
C UNK E 271 14.49 2.44 2.20
N UNK E 272 13.47 1.62 2.43
CA UNK E 272 13.36 0.26 1.99
C UNK E 272 14.39 -0.66 2.60
N UNK E 273 15.09 -0.21 3.66
CA UNK E 273 16.05 -1.12 4.27
C UNK E 273 17.43 -1.17 3.70
N UNK E 274 17.70 -0.46 2.60
CA UNK E 274 19.04 -0.44 2.04
C UNK E 274 19.96 0.38 2.94
N UNK E 275 21.23 0.42 2.50
CA UNK E 275 22.24 1.20 3.21
C UNK E 275 22.07 2.70 3.01
N UNK E 276 22.46 3.46 4.02
CA UNK E 276 22.44 4.92 4.03
C UNK E 276 23.35 5.39 2.89
N UNK E 277 24.41 4.62 2.68
CA UNK E 277 25.39 4.92 1.65
C UNK E 277 25.14 4.21 0.33
N UNK E 278 23.91 3.86 0.04
CA UNK E 278 23.62 3.16 -1.21
C UNK E 278 24.24 3.86 -2.41
N UNK E 279 24.05 5.18 -2.56
CA UNK E 279 24.49 5.94 -3.71
C UNK E 279 25.98 6.11 -3.81
N UNK E 280 26.64 6.12 -2.70
CA UNK E 280 28.11 6.29 -2.72
C UNK E 280 28.77 4.93 -2.91
N UNK E 281 28.24 3.90 -2.27
CA UNK E 281 28.78 2.56 -2.45
C UNK E 281 28.81 2.22 -3.95
N UNK E 282 27.83 2.70 -4.67
CA UNK E 282 27.65 2.41 -6.09
C UNK E 282 28.55 3.29 -6.94
N UNK E 283 28.48 4.58 -6.62
CA UNK E 283 29.29 5.58 -7.32
C UNK E 283 30.79 5.29 -7.17
N UNK E 284 31.26 4.97 -5.98
CA UNK E 284 32.70 4.74 -5.90
C UNK E 284 33.11 3.59 -6.79
N UNK E 285 32.19 2.73 -7.19
CA UNK E 285 32.57 1.59 -8.05
C UNK E 285 32.26 1.92 -9.50
N UNK E 286 31.03 2.28 -9.83
CA UNK E 286 30.65 2.60 -11.19
C UNK E 286 31.59 3.57 -11.89
N UNK E 287 32.04 4.59 -11.18
CA UNK E 287 32.86 5.65 -11.75
C UNK E 287 34.24 5.29 -12.23
N UNK E 288 34.76 4.17 -11.75
CA UNK E 288 36.06 3.65 -12.16
C UNK E 288 35.92 2.98 -13.53
N UNK E 289 34.68 2.93 -14.04
CA UNK E 289 34.38 2.32 -15.31
C UNK E 289 34.09 3.45 -16.29
N UNK E 290 35.12 3.68 -17.11
CA UNK E 290 35.10 4.69 -18.13
C UNK E 290 36.28 4.58 -19.11
N UNK E 291 36.22 5.53 -20.04
CA UNK E 291 37.21 5.72 -21.05
C UNK E 291 38.22 6.79 -20.62
N UNK E 292 39.38 6.37 -20.17
CA UNK E 292 40.38 7.39 -19.81
C UNK E 292 41.25 7.60 -21.04
N UNK E 293 42.25 8.46 -20.98
CA UNK E 293 43.10 8.68 -22.17
C UNK E 293 43.86 7.43 -22.52
N UNK E 294 44.22 6.60 -21.54
CA UNK E 294 44.92 5.35 -21.77
C UNK E 294 44.07 4.29 -22.46
N UNK E 295 42.81 4.12 -22.11
CA UNK E 295 41.95 3.11 -22.76
C UNK E 295 40.53 3.25 -22.22
N UNK E 296 39.83 2.13 -22.04
CA UNK E 296 38.47 2.18 -21.50
C UNK E 296 37.98 0.82 -21.02
N UNK E 297 37.16 0.86 -19.95
CA UNK E 297 36.53 -0.36 -19.46
C UNK E 297 35.03 -0.19 -19.80
N UNK E 298 34.44 -1.20 -20.38
CA UNK E 298 33.00 -1.16 -20.70
C UNK E 298 32.34 -2.25 -19.87
N UNK E 299 31.29 -1.88 -19.11
CA UNK E 299 30.67 -2.90 -18.29
C UNK E 299 29.28 -3.39 -18.61
N UNK E 300 29.19 -4.73 -18.73
CA UNK E 300 27.87 -5.35 -18.94
C UNK E 300 27.47 -5.91 -17.54
N UNK E 301 26.41 -5.25 -17.08
CA UNK E 301 25.88 -5.53 -15.76
C UNK E 301 24.54 -6.23 -15.76
N UNK E 302 24.53 -7.41 -15.13
CA UNK E 302 23.23 -8.14 -15.09
C UNK E 302 22.41 -7.54 -13.96
N UNK E 303 21.23 -7.04 -14.33
CA UNK E 303 20.33 -6.42 -13.38
C UNK E 303 19.14 -7.27 -12.96
N UNK E 304 18.92 -7.34 -11.65
CA UNK E 304 17.78 -8.02 -11.07
C UNK E 304 16.85 -6.93 -10.51
N UNK E 305 15.63 -6.79 -10.88
CA UNK E 305 14.77 -5.71 -10.33
C UNK E 305 13.87 -6.28 -9.26
N UNK E 306 14.02 -5.85 -8.04
CA UNK E 306 13.24 -6.35 -6.93
C UNK E 306 11.78 -5.98 -7.05
N UNK E 307 10.92 -6.93 -6.64
CA UNK E 307 9.50 -6.73 -6.68
C UNK E 307 9.01 -6.21 -8.02
N UNK E 308 9.79 -6.38 -9.08
CA UNK E 308 9.36 -5.84 -10.37
C UNK E 308 9.10 -4.34 -10.21
N UNK E 309 9.72 -3.77 -9.19
CA UNK E 309 9.60 -2.34 -8.90
C UNK E 309 10.76 -1.54 -9.45
N UNK E 310 10.59 -0.89 -10.61
CA UNK E 310 11.68 -0.11 -11.18
C UNK E 310 11.99 1.16 -10.41
N UNK E 311 11.15 1.51 -9.44
CA UNK E 311 11.45 2.70 -8.64
C UNK E 311 11.98 2.24 -7.28
N UNK E 312 12.28 0.95 -7.15
CA UNK E 312 12.84 0.47 -5.88
C UNK E 312 14.22 1.10 -5.80
N UNK E 313 14.63 1.57 -4.65
CA UNK E 313 15.92 2.19 -4.46
C UNK E 313 17.10 1.45 -5.09
N UNK E 314 17.12 0.11 -5.09
CA UNK E 314 18.27 -0.58 -5.67
C UNK E 314 18.35 -0.27 -7.15
N UNK E 315 17.35 -0.66 -7.89
CA UNK E 315 17.27 -0.42 -9.33
C UNK E 315 17.38 1.05 -9.70
N UNK E 316 16.57 1.92 -9.15
CA UNK E 316 16.56 3.34 -9.39
C UNK E 316 17.95 3.98 -9.32
N UNK E 317 18.66 3.62 -8.24
CA UNK E 317 20.02 4.12 -8.08
C UNK E 317 20.82 3.65 -9.30
N UNK E 318 20.78 2.34 -9.53
CA UNK E 318 21.53 1.78 -10.65
C UNK E 318 21.33 2.44 -11.99
N UNK E 319 20.12 2.80 -12.37
CA UNK E 319 19.97 3.39 -13.70
C UNK E 319 20.69 4.71 -13.82
N UNK E 320 21.08 5.30 -12.69
CA UNK E 320 21.75 6.60 -12.73
C UNK E 320 23.02 6.52 -13.56
N UNK E 321 23.59 5.34 -13.59
CA UNK E 321 24.82 5.10 -14.28
C UNK E 321 24.72 4.44 -15.65
N UNK E 322 23.64 3.78 -16.00
CA UNK E 322 23.51 3.04 -17.24
C UNK E 322 23.34 3.90 -18.50
N UNK E 323 24.07 3.52 -19.56
CA UNK E 323 24.04 4.22 -20.83
C UNK E 323 23.25 3.47 -21.90
N UNK E 324 22.83 2.27 -21.48
CA UNK E 324 22.07 1.39 -22.34
C UNK E 324 21.68 0.09 -21.62
N UNK E 325 20.59 -0.44 -22.14
CA UNK E 325 19.98 -1.67 -21.71
C UNK E 325 19.88 -2.63 -22.91
N UNK E 326 20.16 -3.85 -22.59
CA UNK E 326 20.08 -4.98 -23.54
C UNK E 326 19.03 -5.90 -22.92
N UNK E 327 17.82 -5.84 -23.43
CA UNK E 327 16.74 -6.65 -22.90
C UNK E 327 16.62 -8.01 -23.58
N UNK E 328 17.06 -9.10 -22.94
CA UNK E 328 16.88 -10.41 -23.63
C UNK E 328 15.42 -10.82 -23.52
N UNK E 329 14.75 -11.26 -24.57
CA UNK E 329 13.34 -11.63 -24.49
C UNK E 329 12.95 -13.04 -24.87
N UNK E 330 12.26 -13.73 -23.99
CA UNK E 330 11.79 -15.10 -24.20
C UNK E 330 10.79 -15.16 -25.37
N UNK E 331 10.07 -14.08 -25.57
CA UNK E 331 9.09 -14.03 -26.65
C UNK E 331 9.80 -14.06 -28.00
N UNK E 332 10.83 -13.21 -28.10
CA UNK E 332 11.61 -13.12 -29.34
C UNK E 332 12.21 -14.49 -29.62
N UNK E 333 12.80 -15.09 -28.57
CA UNK E 333 13.43 -16.41 -28.71
C UNK E 333 12.45 -17.38 -29.38
N UNK E 334 11.21 -17.34 -28.90
CA UNK E 334 10.15 -18.18 -29.42
C UNK E 334 9.94 -17.99 -30.90
N UNK E 335 10.39 -16.86 -31.43
CA UNK E 335 10.24 -16.67 -32.89
C UNK E 335 11.43 -17.41 -33.51
N UNK E 336 12.27 -17.97 -32.67
CA UNK E 336 13.47 -18.69 -33.15
C UNK E 336 14.59 -17.64 -33.26
N UNK E 337 14.17 -16.37 -33.30
CA UNK E 337 15.09 -15.26 -33.43
C UNK E 337 16.12 -15.19 -32.32
N UNK E 338 17.38 -15.16 -32.75
CA UNK E 338 18.53 -15.12 -31.84
C UNK E 338 19.73 -14.44 -32.53
N UNK E 339 20.42 -13.61 -31.79
CA UNK E 339 20.12 -13.28 -30.41
C UNK E 339 18.71 -12.73 -30.23
N UNK E 340 18.10 -13.21 -29.14
CA UNK E 340 16.77 -12.90 -28.69
C UNK E 340 16.60 -11.52 -28.06
N UNK E 341 17.42 -10.56 -28.47
CA UNK E 341 17.35 -9.18 -27.99
C UNK E 341 16.05 -8.54 -28.47
N UNK E 342 15.40 -7.71 -27.67
CA UNK E 342 14.16 -7.05 -28.08
C UNK E 342 14.51 -5.70 -28.72
N UNK E 343 14.26 -5.54 -29.99
CA UNK E 343 14.54 -4.34 -30.77
C UNK E 343 13.75 -3.10 -30.39
N UNK E 344 12.68 -3.26 -29.61
CA UNK E 344 11.88 -2.10 -29.23
C UNK E 344 12.01 -1.83 -27.74
N UNK E 345 12.38 -2.83 -26.95
CA UNK E 345 12.52 -2.59 -25.52
C UNK E 345 13.94 -2.24 -25.13
N UNK E 346 14.91 -2.73 -25.88
CA UNK E 346 16.31 -2.41 -25.55
C UNK E 346 16.65 -0.96 -25.83
N UNK E 347 17.47 -0.31 -24.98
CA UNK E 347 17.70 1.11 -25.28
C UNK E 347 19.14 1.57 -25.15
N UNK E 348 19.42 2.80 -25.57
CA UNK E 348 20.76 3.38 -25.48
C UNK E 348 20.76 4.91 -25.42
N UNK E 349 21.64 5.42 -24.56
CA UNK E 349 21.73 6.87 -24.43
C UNK E 349 22.33 7.50 -25.69
N UNK E 350 23.30 6.85 -26.30
CA UNK E 350 23.96 7.37 -27.48
C UNK E 350 23.20 7.27 -28.78
N UNK E 351 21.92 6.92 -28.75
CA UNK E 351 21.16 6.90 -30.00
C UNK E 351 20.60 8.31 -30.24
N UNK E 352 21.57 9.15 -30.57
CA UNK E 352 21.37 10.57 -30.85
C UNK E 352 22.15 10.87 -32.12
N UNK E 353 21.48 11.42 -33.09
CA UNK E 353 22.07 11.81 -34.38
C UNK E 353 23.31 12.65 -34.11
N UNK E 354 23.24 13.41 -33.01
CA UNK E 354 24.38 14.23 -32.63
C UNK E 354 25.52 13.34 -32.14
N UNK E 355 25.29 12.03 -32.11
CA UNK E 355 26.31 11.10 -31.60
C UNK E 355 26.55 9.94 -32.54
N UNK E 356 25.48 9.41 -33.13
CA UNK E 356 25.67 8.26 -34.03
C UNK E 356 25.59 8.71 -35.47
N UNK E 357 25.19 9.68 -34.32
CA UNK E 357 25.13 10.28 -35.65
C UNK E 357 23.77 9.98 -36.29
N UNK E 358 23.24 10.99 -36.93
CA UNK E 358 21.95 10.98 -37.61
C UNK E 358 21.66 9.72 -38.40
N UNK E 359 22.64 9.30 -39.20
CA UNK E 359 22.43 8.09 -40.02
C UNK E 359 22.07 6.96 -39.05
N UNK E 360 23.06 6.56 -38.24
CA UNK E 360 22.81 5.49 -37.28
C UNK E 360 21.46 5.69 -36.58
N UNK E 361 21.27 6.89 -36.02
CA UNK E 361 20.05 7.22 -35.31
C UNK E 361 18.80 7.07 -36.16
N UNK E 362 18.85 7.48 -37.43
CA UNK E 362 17.65 7.35 -38.25
C UNK E 362 17.32 5.92 -38.64
N UNK E 363 18.36 5.15 -38.93
CA UNK E 363 18.11 3.75 -39.36
C UNK E 363 17.38 3.03 -38.23
N UNK E 364 18.02 3.14 -37.06
CA UNK E 364 17.53 2.53 -35.83
C UNK E 364 16.08 2.93 -35.60
N UNK E 365 15.82 4.24 -35.64
CA UNK E 365 14.45 4.71 -35.44
C UNK E 365 13.57 4.23 -36.62
N UNK E 366 14.21 3.77 -37.71
CA UNK E 366 13.40 3.33 -38.87
C UNK E 366 12.95 1.88 -38.65
N UNK E 367 13.93 1.11 -38.20
CA UNK E 367 13.77 -0.30 -37.89
C UNK E 367 12.67 -0.49 -36.84
N UNK E 368 12.73 0.31 -35.77
CA UNK E 368 11.74 0.20 -34.69
C UNK E 368 10.32 0.58 -35.08
N UNK E 369 10.18 1.72 -35.77
CA UNK E 369 8.82 2.11 -36.14
C UNK E 369 8.17 1.00 -36.98
N UNK E 370 8.91 0.58 -38.01
CA UNK E 370 8.37 -0.47 -38.90
C UNK E 370 7.98 -1.66 -38.04
N UNK E 371 8.88 -2.04 -37.12
CA UNK E 371 8.61 -3.17 -36.23
C UNK E 371 7.38 -2.89 -35.35
N UNK E 372 7.18 -1.59 -35.07
CA UNK E 372 6.03 -1.20 -34.27
C UNK E 372 4.77 -1.32 -35.10
N UNK E 373 4.82 -0.70 -36.27
CA UNK E 373 3.64 -0.71 -37.16
C UNK E 373 3.14 -2.12 -37.42
N UNK E 374 4.12 -2.97 -37.80
CA UNK E 374 3.77 -4.36 -38.08
C UNK E 374 3.05 -4.93 -36.85
N UNK E 375 3.56 -4.60 -35.66
CA UNK E 375 2.96 -5.08 -34.42
C UNK E 375 1.45 -4.77 -34.42
N UNK E 376 1.10 -3.54 -34.83
CA UNK E 376 -0.28 -3.11 -34.90
C UNK E 376 -1.09 -4.09 -35.76
N UNK E 377 -0.65 -4.16 -37.02
CA UNK E 377 -1.32 -5.01 -37.99
C UNK E 377 -1.47 -6.46 -37.56
N UNK E 378 -0.51 -6.93 -36.76
CA UNK E 378 -0.52 -8.30 -36.29
C UNK E 378 -1.91 -8.75 -35.82
N UNK E 379 -2.61 -7.87 -35.12
CA UNK E 379 -3.93 -8.21 -34.60
C UNK E 379 -4.95 -8.45 -35.71
N UNK E 380 -4.92 -7.54 -36.69
CA UNK E 380 -5.81 -7.55 -37.84
C UNK E 380 -5.66 -8.81 -38.67
N UNK E 381 -4.46 -9.02 -39.14
CA UNK E 381 -4.09 -10.17 -39.95
C UNK E 381 -4.75 -11.47 -39.53
N UNK E 382 -4.58 -11.83 -38.26
CA UNK E 382 -5.12 -13.05 -37.70
C UNK E 382 -6.64 -13.11 -37.68
N UNK E 383 -7.27 -11.96 -37.43
CA UNK E 383 -8.73 -11.99 -37.34
C UNK E 383 -9.45 -11.82 -38.64
N UNK E 384 -9.36 -10.60 -39.17
CA UNK E 384 -10.02 -10.25 -40.42
C UNK E 384 -9.26 -10.75 -41.63
N UNK E 385 -8.18 -11.51 -41.42
CA UNK E 385 -7.44 -12.06 -42.55
C UNK E 385 -6.58 -11.01 -43.24
N UNK E 386 -5.39 -11.43 -43.62
CA UNK E 386 -4.35 -10.68 -44.27
C UNK E 386 -4.59 -9.92 -45.55
N UNK E 387 -5.79 -9.40 -45.87
CA UNK E 387 -5.90 -8.70 -47.13
C UNK E 387 -6.51 -7.35 -47.28
N UNK E 388 -7.18 -6.71 -46.32
CA UNK E 388 -7.69 -5.35 -46.66
C UNK E 388 -6.43 -4.49 -46.80
N UNK E 389 -5.32 -5.21 -46.59
CA UNK E 389 -3.96 -4.74 -46.61
C UNK E 389 -3.60 -3.98 -47.89
N UNK E 390 -3.14 -2.75 -47.68
CA UNK E 390 -2.78 -1.86 -48.77
C UNK E 390 -1.43 -2.10 -49.42
N UNK E 391 -1.36 -1.62 -50.69
CA UNK E 391 -0.12 -1.72 -51.45
C UNK E 391 1.00 -1.25 -50.49
N UNK E 392 0.54 -0.44 -49.54
CA UNK E 392 1.36 0.14 -48.51
C UNK E 392 1.43 -0.76 -47.27
N UNK E 393 0.29 -1.17 -46.76
CA UNK E 393 0.24 -2.00 -45.56
C UNK E 393 0.86 -3.37 -45.74
N UNK E 394 0.94 -3.78 -47.02
CA UNK E 394 1.51 -5.08 -47.37
C UNK E 394 3.02 -5.03 -47.52
N UNK E 395 3.54 -3.81 -47.65
CA UNK E 395 4.97 -3.58 -47.76
C UNK E 395 5.63 -3.44 -46.39
N UNK E 396 4.95 -2.75 -45.49
CA UNK E 396 5.46 -2.57 -44.13
C UNK E 396 5.62 -3.96 -43.49
N UNK E 397 4.63 -4.81 -43.79
CA UNK E 397 4.68 -6.16 -43.26
C UNK E 397 5.87 -6.91 -43.85
N UNK E 398 5.88 -7.06 -45.16
CA UNK E 398 6.95 -7.75 -45.86
C UNK E 398 8.33 -7.41 -45.32
N UNK E 399 8.65 -6.13 -45.40
CA UNK E 399 9.91 -5.60 -44.92
C UNK E 399 10.11 -5.91 -43.44
N UNK E 400 9.11 -5.59 -42.61
CA UNK E 400 9.18 -5.85 -41.18
C UNK E 400 9.60 -7.29 -40.88
N UNK E 401 8.97 -8.20 -41.62
CA UNK E 401 9.21 -9.63 -41.50
C UNK E 401 10.62 -9.96 -42.00
N UNK E 402 11.11 -9.15 -42.94
CA UNK E 402 12.47 -9.39 -43.46
C UNK E 402 13.47 -8.92 -42.41
N UNK E 403 13.12 -7.74 -41.87
CA UNK E 403 13.88 -7.08 -40.81
C UNK E 403 14.01 -7.98 -39.58
N UNK E 404 12.83 -8.42 -39.08
CA UNK E 404 12.81 -9.28 -37.90
C UNK E 404 13.87 -10.37 -38.05
N UNK E 405 13.93 -10.94 -39.25
CA UNK E 405 14.89 -12.00 -39.52
C UNK E 405 16.32 -11.50 -39.62
N UNK E 406 16.47 -10.39 -40.37
CA UNK E 406 17.80 -9.81 -40.53
C UNK E 406 18.42 -9.46 -39.17
N UNK E 407 17.55 -9.26 -38.17
CA UNK E 407 18.02 -8.98 -36.82
C UNK E 407 18.48 -10.23 -36.09
N UNK E 408 18.28 -11.44 -36.66
CA UNK E 408 18.76 -12.67 -35.99
C UNK E 408 20.19 -12.95 -36.45
N UNK E 409 20.90 -13.87 -35.82
CA UNK E 409 22.28 -14.09 -36.30
C UNK E 409 22.98 -15.24 -35.62
N UNK E 410 23.84 -15.93 -36.37
CA UNK E 410 24.64 -17.06 -35.98
C UNK E 410 25.83 -16.70 -35.10
N UNK E 411 25.99 -17.33 -33.95
CA UNK E 411 27.12 -16.97 -33.11
C UNK E 411 28.29 -17.93 -33.28
N UNK E 412 29.49 -17.39 -33.26
CA UNK E 412 30.66 -18.26 -33.37
C UNK E 412 30.70 -19.09 -32.10
N UNK E 413 30.08 -18.62 -31.02
CA UNK E 413 30.15 -19.46 -29.80
C UNK E 413 29.39 -20.76 -30.01
N UNK E 414 28.32 -20.72 -30.81
CA UNK E 414 27.50 -21.90 -31.08
C UNK E 414 27.81 -22.48 -32.44
N UNK E 415 29.05 -22.96 -32.59
CA UNK E 415 29.47 -23.56 -33.87
C UNK E 415 29.64 -25.05 -33.59
N UNK E 416 30.17 -25.31 -32.39
CA UNK E 416 30.35 -26.68 -31.93
C UNK E 416 28.95 -27.34 -31.94
N UNK E 417 27.91 -26.51 -32.04
CA UNK E 417 26.56 -27.00 -32.02
C UNK E 417 25.67 -26.70 -33.21
N UNK E 418 25.62 -25.47 -33.70
CA UNK E 418 24.68 -25.22 -34.80
C UNK E 418 25.19 -25.75 -36.14
N UNK E 419 26.39 -26.33 -36.15
CA UNK E 419 26.91 -26.86 -37.43
C UNK E 419 26.93 -25.72 -38.46
N UNK E 420 26.81 -24.50 -37.92
CA UNK E 420 26.85 -23.32 -38.78
C UNK E 420 27.95 -22.38 -38.32
N UNK E 421 28.40 -21.57 -39.27
CA UNK E 421 29.48 -20.62 -39.05
C UNK E 421 29.03 -19.32 -38.42
N UNK E 422 29.72 -18.93 -37.35
CA UNK E 422 29.40 -17.70 -36.63
C UNK E 422 29.72 -16.45 -37.42
N UNK E 423 28.94 -15.39 -37.26
CA UNK E 423 29.14 -14.12 -37.91
C UNK E 423 29.31 -12.95 -36.93
N UNK E 424 30.32 -12.11 -37.15
CA UNK E 424 30.54 -10.92 -36.32
C UNK E 424 30.33 -9.68 -37.18
N UNK E 425 29.10 -9.35 -37.58
CA UNK E 425 28.83 -8.20 -38.41
C UNK E 425 29.34 -6.89 -37.82
N UNK E 426 29.95 -6.07 -38.64
CA UNK E 426 30.50 -4.76 -38.31
C UNK E 426 29.40 -3.69 -38.32
N UNK E 427 29.61 -2.66 -37.50
CA UNK E 427 28.64 -1.59 -37.35
C UNK E 427 28.16 -0.98 -38.65
N UNK E 428 29.10 -0.77 -39.56
CA UNK E 428 28.91 -0.18 -40.88
C UNK E 428 28.00 -1.03 -41.77
N UNK E 429 28.30 -2.33 -41.63
CA UNK E 429 27.59 -3.35 -42.35
C UNK E 429 26.15 -3.49 -41.84
N UNK E 430 26.03 -3.26 -40.54
CA UNK E 430 24.78 -3.31 -39.80
C UNK E 430 23.87 -2.19 -40.28
N UNK E 431 24.35 -0.94 -40.20
CA UNK E 431 23.51 0.18 -40.62
C UNK E 431 23.14 0.08 -42.10
N UNK E 432 24.10 -0.36 -42.94
CA UNK E 432 23.79 -0.46 -44.37
C UNK E 432 22.69 -1.50 -44.59
N UNK E 433 22.98 -2.67 -44.00
CA UNK E 433 22.05 -3.78 -44.11
C UNK E 433 20.62 -3.24 -43.99
N UNK E 434 20.27 -2.86 -42.77
CA UNK E 434 18.92 -2.37 -42.48
C UNK E 434 18.52 -1.17 -43.30
N UNK E 435 19.51 -0.33 -43.62
CA UNK E 435 19.23 0.86 -44.43
C UNK E 435 18.49 0.49 -45.71
N UNK E 436 19.08 -0.44 -46.46
CA UNK E 436 18.58 -0.95 -47.71
C UNK E 436 17.24 -1.66 -47.62
N UNK E 437 17.08 -2.50 -46.59
CA UNK E 437 15.77 -3.19 -46.47
C UNK E 437 14.68 -2.11 -46.32
N UNK E 438 15.02 -1.12 -45.49
CA UNK E 438 14.08 -0.02 -45.30
C UNK E 438 13.83 0.65 -46.65
N UNK E 439 14.97 0.89 -47.29
CA UNK E 439 15.08 1.51 -48.60
C UNK E 439 14.19 0.83 -49.64
N UNK E 440 14.16 -0.49 -49.60
CA UNK E 440 13.34 -1.24 -50.55
C UNK E 440 14.23 -1.96 -51.55
N UNK E 441 15.54 -1.93 -51.29
CA UNK E 441 16.49 -2.60 -52.18
C UNK E 441 16.32 -4.10 -52.26
N UNK E 442 15.81 -4.81 -51.25
CA UNK E 442 15.66 -6.26 -51.38
C UNK E 442 14.22 -6.72 -51.24
N UNK E 443 13.27 -5.84 -51.55
CA UNK E 443 11.86 -6.24 -51.42
C UNK E 443 11.55 -7.49 -52.22
N UNK E 444 12.32 -7.69 -53.30
CA UNK E 444 12.10 -8.89 -54.11
C UNK E 444 12.63 -10.10 -53.37
N UNK E 445 13.74 -9.98 -52.64
CA UNK E 445 14.26 -11.11 -51.88
C UNK E 445 13.14 -11.65 -50.98
N UNK E 446 13.27 -12.90 -50.66
CA UNK E 446 12.34 -13.62 -49.81
C UNK E 446 12.80 -13.66 -48.36
N UNK E 447 11.84 -13.73 -47.44
CA UNK E 447 12.07 -13.76 -46.02
C UNK E 447 13.27 -14.63 -45.63
N UNK E 448 13.08 -15.94 -45.73
CA UNK E 448 14.09 -16.91 -45.36
C UNK E 448 15.47 -16.64 -45.93
N UNK E 449 15.61 -15.65 -46.80
CA UNK E 449 16.95 -15.35 -47.32
C UNK E 449 17.77 -14.66 -46.22
N UNK E 450 17.03 -13.97 -45.35
CA UNK E 450 17.61 -13.20 -44.27
C UNK E 450 17.76 -13.90 -42.93
N UNK E 451 17.13 -15.07 -42.78
CA UNK E 451 17.24 -15.80 -41.51
C UNK E 451 18.65 -16.33 -41.27
N UNK E 452 19.17 -16.04 -40.08
CA UNK E 452 20.47 -16.49 -39.63
C UNK E 452 21.59 -16.31 -40.62
N UNK E 453 22.00 -15.07 -40.85
CA UNK E 453 23.09 -14.74 -41.77
C UNK E 453 23.88 -13.60 -41.12
N UNK E 454 24.95 -13.15 -41.79
CA UNK E 454 25.71 -12.01 -41.20
C UNK E 454 25.29 -10.74 -41.95
N UNK E 455 26.17 -10.28 -42.81
CA UNK E 455 26.00 -9.10 -43.63
C UNK E 455 25.02 -9.32 -44.75
N UNK E 456 24.31 -8.26 -45.14
CA UNK E 456 23.29 -8.34 -46.19
C UNK E 456 23.73 -9.14 -47.39
N UNK E 457 25.04 -9.10 -47.70
CA UNK E 457 25.55 -9.82 -48.85
C UNK E 457 25.13 -11.29 -48.77
N UNK E 458 25.12 -11.77 -47.53
CA UNK E 458 24.75 -13.18 -47.32
C UNK E 458 23.26 -13.37 -47.53
N UNK E 459 22.49 -12.30 -47.36
CA UNK E 459 21.04 -12.42 -47.56
C UNK E 459 20.75 -12.67 -49.04
N UNK E 460 21.62 -12.09 -49.85
CA UNK E 460 21.57 -12.15 -51.30
C UNK E 460 21.95 -13.52 -51.84
N UNK E 461 23.10 -13.98 -51.35
CA UNK E 461 23.61 -15.29 -51.72
C UNK E 461 22.69 -16.41 -51.25
N UNK E 462 22.10 -16.31 -50.05
CA UNK E 462 21.22 -17.36 -49.54
C UNK E 462 20.00 -17.46 -50.48
N UNK E 463 19.62 -16.30 -50.99
CA UNK E 463 18.46 -16.24 -51.90
C UNK E 463 18.72 -17.08 -53.14
N UNK E 464 19.96 -16.95 -53.64
CA UNK E 464 20.44 -17.67 -54.81
C UNK E 464 20.33 -19.19 -54.61
N UNK E 465 20.87 -19.62 -53.45
CA UNK E 465 20.81 -21.03 -53.13
C UNK E 465 19.35 -21.41 -52.82
N UNK E 466 18.50 -20.40 -52.66
CA UNK E 466 17.09 -20.75 -52.38
C UNK E 466 16.30 -20.49 -53.65
N UNK E 467 17.04 -20.59 -54.76
CA UNK E 467 16.45 -20.40 -56.07
C UNK E 467 15.64 -19.12 -56.16
N UNK F 2 24.17 36.21 36.85
CA UNK F 2 24.87 34.93 36.95
C UNK F 2 25.72 34.66 35.71
N UNK F 3 26.89 34.05 35.90
CA UNK F 3 27.75 33.69 34.78
C UNK F 3 27.95 32.17 34.65
N UNK F 4 27.53 31.65 33.50
CA UNK F 4 27.69 30.21 33.26
C UNK F 4 28.80 30.05 32.23
N UNK F 5 29.12 28.84 31.85
CA UNK F 5 30.15 28.54 30.87
C UNK F 5 29.67 27.62 29.77
N UNK F 6 30.00 27.91 28.53
CA UNK F 6 29.55 27.02 27.45
C UNK F 6 30.22 25.66 27.58
N UNK F 7 29.43 24.60 27.79
CA UNK F 7 29.99 23.25 27.92
C UNK F 7 29.96 22.56 26.56
N UNK F 8 28.86 22.67 25.82
CA UNK F 8 28.79 21.98 24.53
C UNK F 8 28.13 22.81 23.47
N UNK F 9 28.45 22.56 22.21
CA UNK F 9 27.86 23.31 21.11
C UNK F 9 27.58 22.36 19.95
N UNK F 10 26.31 22.38 19.53
CA UNK F 10 25.88 21.58 18.39
C UNK F 10 24.90 22.44 17.58
N UNK F 11 25.33 23.00 16.47
CA UNK F 11 24.35 23.81 15.74
C UNK F 11 23.79 24.88 16.67
N UNK F 12 22.45 24.95 16.79
CA UNK F 12 21.81 25.99 17.59
C UNK F 12 21.52 25.54 19.00
N UNK F 13 22.08 24.40 19.38
CA UNK F 13 21.79 23.96 20.75
C UNK F 13 23.07 24.09 21.54
N UNK F 14 23.06 25.12 22.40
CA UNK F 14 24.21 25.42 23.25
C UNK F 14 23.91 24.98 24.69
N UNK F 15 24.73 24.15 25.28
CA UNK F 15 24.55 23.72 26.66
C UNK F 15 25.48 24.55 27.55
N UNK F 16 24.94 25.22 28.54
CA UNK F 16 25.69 26.06 29.45
C UNK F 16 25.53 25.62 30.90
N UNK F 17 26.66 25.56 31.60
CA UNK F 17 26.67 25.15 33.00
C UNK F 17 26.81 26.32 33.95
N UNK F 18 26.07 26.36 35.04
CA UNK F 18 26.17 27.45 35.99
C UNK F 18 26.62 26.92 37.35
N UNK F 19 27.36 27.72 38.11
CA UNK F 19 27.83 27.30 39.43
C UNK F 19 26.90 27.77 40.52
N UNK F 20 26.54 29.04 40.48
CA UNK F 20 25.62 29.56 41.51
C UNK F 20 24.43 30.17 40.78
N UNK F 21 23.20 29.77 41.05
CA UNK F 21 22.11 30.44 40.32
C UNK F 21 21.93 30.01 38.86
N UNK F 22 21.11 28.99 38.70
CA UNK F 22 20.67 28.37 37.48
C UNK F 22 19.44 29.15 37.00
N UNK F 23 19.48 29.62 35.78
CA UNK F 23 18.41 30.41 35.24
C UNK F 23 17.20 29.56 34.95
N UNK F 24 16.02 30.08 35.21
CA UNK F 24 14.79 29.37 34.90
C UNK F 24 14.65 29.23 33.38
N UNK F 25 13.80 28.27 33.00
CA UNK F 25 13.50 27.99 31.61
C UNK F 25 12.81 29.20 30.96
N UNK F 26 13.24 29.53 29.75
CA UNK F 26 12.74 30.62 28.93
C UNK F 26 13.55 31.89 29.10
N UNK F 27 14.43 31.92 30.09
CA UNK F 27 15.28 33.07 30.35
C UNK F 27 16.29 33.28 29.22
N UNK F 28 16.57 34.53 28.84
CA UNK F 28 17.54 34.80 27.78
C UNK F 28 18.93 35.08 28.35
N UNK F 29 19.96 34.38 27.91
CA UNK F 29 21.33 34.58 28.36
C UNK F 29 22.14 35.30 27.28
N UNK F 30 23.13 36.09 27.64
CA UNK F 30 23.93 36.76 26.60
C UNK F 30 25.32 36.13 26.64
N UNK F 31 25.76 35.60 25.52
CA UNK F 31 27.08 34.99 25.43
C UNK F 31 28.11 36.12 25.51
N UNK F 32 29.19 35.91 26.26
CA UNK F 32 30.19 36.96 26.37
C UNK F 32 31.35 36.77 25.41
N UNK F 33 31.94 37.86 24.96
CA UNK F 33 33.08 37.87 24.08
C UNK F 33 32.74 37.78 22.61
N UNK F 34 31.75 38.52 22.13
CA UNK F 34 31.36 38.47 20.74
C UNK F 34 31.13 39.80 20.05
N UNK F 35 31.48 39.88 18.76
CA UNK F 35 31.25 41.17 18.08
C UNK F 35 29.79 41.56 18.11
N UNK F 36 28.85 40.64 17.97
CA UNK F 36 27.45 41.07 18.07
C UNK F 36 26.67 40.27 19.11
N UNK F 37 25.49 40.81 19.41
CA UNK F 37 24.66 40.15 20.40
C UNK F 37 24.28 38.73 20.08
N UNK F 38 24.48 37.80 21.00
CA UNK F 38 24.08 36.41 20.79
C UNK F 38 23.27 35.99 22.04
N UNK F 39 21.95 36.01 21.81
CA UNK F 39 21.03 35.62 22.87
C UNK F 39 20.73 34.13 22.77
N UNK F 40 20.76 33.44 23.89
CA UNK F 40 20.48 32.04 24.11
C UNK F 40 19.20 31.92 24.93
N UNK F 41 18.19 31.19 24.48
CA UNK F 41 16.98 31.06 25.28
C UNK F 41 16.98 29.72 26.02
N UNK F 42 16.95 29.70 27.32
CA UNK F 42 16.96 28.43 28.06
C UNK F 42 15.74 27.58 27.68
N UNK F 43 15.96 26.29 27.50
CA UNK F 43 14.93 25.37 27.10
C UNK F 43 14.69 24.30 28.14
N UNK F 44 15.71 23.92 28.90
CA UNK F 44 15.41 22.87 29.89
C UNK F 44 16.54 22.68 30.87
N UNK F 45 16.25 22.10 32.04
CA UNK F 45 17.29 21.87 33.03
C UNK F 45 17.68 20.40 32.93
N UNK F 46 18.85 20.12 32.36
CA UNK F 46 19.35 18.77 32.20
C UNK F 46 19.84 18.21 33.53
N UNK F 47 19.80 19.01 34.60
CA UNK F 47 20.34 18.55 35.88
C UNK F 47 21.86 18.77 35.89
N UNK F 48 22.49 18.65 37.07
CA UNK F 48 23.94 18.86 37.17
C UNK F 48 24.22 20.32 36.86
N UNK F 49 23.33 21.19 37.33
CA UNK F 49 23.56 22.61 37.12
C UNK F 49 23.79 22.96 35.67
N UNK F 50 23.28 22.16 34.73
CA UNK F 50 23.46 22.51 33.33
C UNK F 50 22.08 22.86 32.73
N UNK F 51 22.09 23.79 31.79
CA UNK F 51 20.86 24.19 31.13
C UNK F 51 21.06 24.00 29.61
N UNK F 52 20.06 23.45 28.94
CA UNK F 52 20.19 23.31 27.49
C UNK F 52 19.43 24.49 26.90
N UNK F 53 20.04 25.18 25.97
CA UNK F 53 19.49 26.39 25.38
C UNK F 53 19.46 26.40 23.86
N UNK F 54 18.75 27.35 23.29
CA UNK F 54 18.63 27.45 21.84
C UNK F 54 19.24 28.76 21.35
N UNK F 55 20.32 28.81 20.59
CA UNK F 55 20.85 30.12 20.18
C UNK F 55 19.94 30.98 19.33
N UNK F 56 19.97 32.31 19.40
CA UNK F 56 19.10 33.09 18.52
C UNK F 56 19.82 33.56 17.25
N UNK F 57 21.09 33.18 17.08
CA UNK F 57 21.86 33.54 15.90
C UNK F 57 22.92 32.47 15.63
N UNK F 58 23.65 32.50 14.55
CA UNK F 58 24.68 31.51 14.28
C UNK F 58 25.62 31.31 15.46
N UNK F 59 26.01 30.10 15.75
CA UNK F 59 26.84 29.74 16.87
C UNK F 59 28.29 29.52 16.50
N UNK F 60 28.67 29.80 15.25
CA UNK F 60 30.07 29.60 14.86
C UNK F 60 31.00 30.47 15.72
N UNK F 61 32.17 29.91 16.06
CA UNK F 61 33.08 30.75 16.86
C UNK F 61 32.94 30.49 18.33
N UNK F 62 31.78 30.08 18.82
CA UNK F 62 31.68 29.82 20.27
C UNK F 62 32.75 28.79 20.64
N UNK F 63 33.14 28.80 21.91
CA UNK F 63 34.15 27.89 22.43
C UNK F 63 33.74 27.28 23.76
N UNK F 64 34.04 25.99 23.96
CA UNK F 64 33.64 25.40 25.25
C UNK F 64 34.37 26.21 26.31
N UNK F 65 33.75 26.37 27.47
CA UNK F 65 34.29 27.15 28.56
C UNK F 65 33.97 28.64 28.38
N UNK F 66 33.40 29.08 27.27
CA UNK F 66 33.12 30.50 27.09
C UNK F 66 32.13 31.02 28.12
N UNK F 67 32.20 32.27 28.56
CA UNK F 67 31.28 32.79 29.56
C UNK F 67 29.98 33.29 28.96
N UNK F 68 28.90 32.99 29.65
CA UNK F 68 27.51 33.31 29.38
C UNK F 68 26.91 33.97 30.65
N UNK F 69 26.12 35.00 30.45
CA UNK F 69 25.48 35.77 31.47
C UNK F 69 23.97 35.72 31.52
N UNK F 70 23.40 35.32 32.65
CA UNK F 70 21.92 35.29 32.71
C UNK F 70 21.32 36.67 32.54
N UNK F 71 20.49 36.95 31.53
CA UNK F 71 19.93 38.29 31.44
C UNK F 71 18.92 38.48 32.56
N UNK F 72 18.55 37.39 33.22
CA UNK F 72 17.56 37.57 34.30
C UNK F 72 16.15 37.51 33.77
N UNK F 73 15.86 37.61 32.47
CA UNK F 73 14.46 37.47 32.00
C UNK F 73 14.45 36.81 30.62
N UNK F 74 13.32 36.61 30.01
CA UNK F 74 13.15 36.04 28.69
C UNK F 74 13.38 37.13 27.62
N UNK F 75 13.57 36.77 26.36
CA UNK F 75 13.76 37.82 25.34
C UNK F 75 12.66 38.85 25.54
N UNK F 76 11.30 39.33 26.30
CA UNK F 76 10.28 40.37 26.49
C UNK F 76 10.23 41.29 25.28
N UNK F 77 9.08 41.74 24.84
CA UNK F 77 9.07 42.58 23.65
C UNK F 77 8.18 43.79 23.76
N UNK F 78 8.48 44.84 23.04
CA UNK F 78 7.71 46.05 23.03
C UNK F 78 6.26 45.72 22.66
N UNK F 79 5.34 46.11 23.54
CA UNK F 79 3.91 45.92 23.25
C UNK F 79 3.23 47.28 23.49
N UNK F 80 2.23 47.56 22.69
CA UNK F 80 1.44 48.78 22.70
C UNK F 80 1.14 49.20 21.25
N UNK F 81 0.50 50.33 21.05
CA UNK F 81 0.13 50.86 19.77
C UNK F 81 1.32 51.34 18.95
N UNK F 82 2.48 51.55 19.57
CA UNK F 82 3.64 51.98 18.81
C UNK F 82 4.28 50.85 18.01
N UNK F 83 3.71 49.66 18.01
CA UNK F 83 4.20 48.53 17.25
C UNK F 83 3.42 48.48 15.93
N UNK F 84 2.33 49.25 15.90
CA UNK F 84 1.47 49.31 14.74
C UNK F 84 2.20 49.87 13.55
N UNK F 85 2.30 49.21 12.41
CA UNK F 85 3.02 49.82 11.29
C UNK F 85 4.53 49.55 11.36
N UNK F 86 4.95 48.78 12.36
CA UNK F 86 6.36 48.44 12.49
C UNK F 86 6.61 46.95 12.22
N UNK F 87 7.81 46.61 11.77
CA UNK F 87 8.18 45.22 11.51
C UNK F 87 9.13 44.83 12.66
N UNK F 88 8.91 43.70 13.31
CA UNK F 88 9.81 43.33 14.46
C UNK F 88 10.23 41.90 14.40
N UNK F 89 11.27 41.49 15.05
CA UNK F 89 11.98 40.30 15.26
C UNK F 89 11.38 39.30 16.26
N UNK F 90 11.97 38.10 16.40
CA UNK F 90 11.49 37.20 17.43
C UNK F 90 11.66 37.85 18.84
N UNK F 91 12.83 38.47 19.03
CA UNK F 91 13.25 39.11 20.23
C UNK F 91 12.82 40.57 20.28
N UNK F 92 11.81 40.96 19.53
CA UNK F 92 11.27 42.27 19.52
C UNK F 92 12.08 43.42 19.03
N UNK F 93 13.17 43.27 18.29
CA UNK F 93 13.87 44.50 17.83
C UNK F 93 13.32 44.89 16.48
N UNK F 94 13.20 46.15 16.16
CA UNK F 94 12.71 46.60 14.87
C UNK F 94 13.67 46.10 13.78
N UNK F 95 13.12 45.81 12.60
CA UNK F 95 13.92 45.36 11.48
C UNK F 95 13.40 46.09 10.24
N UNK F 96 12.84 47.28 10.46
CA UNK F 96 12.32 48.09 9.36
C UNK F 96 13.13 49.37 9.21
N UNK F 97 14.28 49.39 9.85
CA UNK F 97 15.19 50.54 9.79
C UNK F 97 14.49 51.86 10.02
N UNK F 98 13.56 51.91 10.97
CA UNK F 98 12.85 53.13 11.30
C UNK F 98 13.03 53.51 12.77
N UNK F 99 14.13 53.09 13.38
CA UNK F 99 14.33 53.46 14.77
C UNK F 99 13.76 52.52 15.79
N UNK F 100 13.89 52.87 17.05
CA UNK F 100 13.41 52.08 18.16
C UNK F 100 11.89 52.18 18.24
N UNK F 101 11.32 51.11 18.74
CA UNK F 101 9.88 51.03 18.96
C UNK F 101 9.78 51.56 20.40
N UNK F 102 9.31 52.81 20.54
CA UNK F 102 9.26 53.40 21.89
C UNK F 102 7.89 53.21 22.53
N UNK F 103 7.83 52.15 23.33
CA UNK F 103 6.69 51.69 24.06
C UNK F 103 6.87 51.91 25.57
N UNK F 104 5.70 52.04 26.18
CA UNK F 104 5.61 52.22 27.64
C UNK F 104 5.86 50.88 28.33
N UNK F 105 5.20 49.83 27.84
CA UNK F 105 5.33 48.51 28.38
C UNK F 105 6.03 47.52 27.44
N UNK F 106 6.49 46.47 28.08
CA UNK F 106 7.13 45.33 27.49
C UNK F 106 6.43 44.05 27.93
N UNK F 107 6.15 43.10 27.06
CA UNK F 107 5.50 41.86 27.46
C UNK F 107 6.42 40.67 27.19
N UNK F 108 6.35 39.63 27.99
CA UNK F 108 7.17 38.44 27.80
C UNK F 108 6.38 37.50 26.88
N UNK F 109 7.06 36.86 25.94
CA UNK F 109 6.41 36.02 24.96
C UNK F 109 5.81 34.74 25.52
N UNK F 110 6.12 34.39 26.76
CA UNK F 110 5.57 33.17 27.35
C UNK F 110 4.57 33.59 28.42
N UNK F 111 3.30 33.28 28.21
CA UNK F 111 2.20 33.61 29.09
C UNK F 111 1.30 32.39 29.30
N UNK F 112 0.37 32.37 30.25
CA UNK F 112 -0.45 31.12 30.35
C UNK F 112 -1.70 31.33 29.53
N UNK F 113 -2.44 30.30 29.13
CA UNK F 113 -3.63 30.56 28.32
C UNK F 113 -4.81 31.01 29.17
N UNK F 114 -5.69 31.81 28.62
CA UNK F 114 -6.88 32.31 29.32
C UNK F 114 -7.59 31.15 29.99
N UNK F 115 -8.13 31.37 31.17
CA UNK F 115 -8.80 30.35 31.92
C UNK F 115 -10.16 30.02 31.36
N UNK F 116 -10.69 28.87 31.78
CA UNK F 116 -11.99 28.36 31.39
C UNK F 116 -13.06 29.42 31.56
N UNK F 117 -13.17 29.97 32.77
CA UNK F 117 -14.14 31.00 33.10
C UNK F 117 -13.97 32.24 32.22
N UNK F 118 -12.81 32.38 31.57
CA UNK F 118 -12.56 33.55 30.73
C UNK F 118 -13.07 33.33 29.31
N UNK F 119 -13.36 32.11 28.94
CA UNK F 119 -13.85 31.78 27.61
C UNK F 119 -15.17 32.47 27.22
N UNK F 120 -15.37 32.52 25.92
CA UNK F 120 -16.53 33.10 25.27
C UNK F 120 -17.23 32.05 24.41
N UNK F 121 -18.50 32.25 24.12
CA UNK F 121 -19.26 31.28 23.34
C UNK F 121 -20.19 32.01 22.38
N UNK F 122 -19.90 33.27 22.06
CA UNK F 122 -20.80 33.94 21.10
C UNK F 122 -20.45 33.40 19.73
N UNK F 123 -21.38 33.06 18.87
CA UNK F 123 -20.97 32.55 17.53
C UNK F 123 -21.56 33.42 16.43
N UNK F 124 -20.76 34.28 15.86
CA UNK F 124 -21.24 35.17 14.78
C UNK F 124 -20.59 34.78 13.47
N UNK F 125 -21.37 34.73 12.38
CA UNK F 125 -20.73 34.35 11.10
C UNK F 125 -19.89 35.50 10.57
N UNK F 126 -18.75 35.19 9.98
CA UNK F 126 -17.87 36.22 9.38
C UNK F 126 -17.96 36.00 7.88
N UNK F 127 -18.68 36.82 7.14
CA UNK F 127 -18.78 36.62 5.68
C UNK F 127 -17.50 37.12 5.02
N UNK F 128 -16.96 36.37 4.07
CA UNK F 128 -15.71 36.74 3.41
C UNK F 128 -15.86 37.08 1.95
N UNK F 129 -16.98 36.73 1.32
CA UNK F 129 -17.15 37.07 -0.09
C UNK F 129 -16.63 35.96 -0.99
N UNK F 130 -16.11 34.91 -0.35
CA UNK F 130 -15.60 33.74 -1.07
C UNK F 130 -16.76 32.75 -1.13
N UNK F 131 -17.26 32.36 -2.29
CA UNK F 131 -18.40 31.43 -2.37
C UNK F 131 -18.29 30.15 -1.58
N UNK F 132 -17.32 29.28 -1.85
CA UNK F 132 -17.15 28.04 -1.17
C UNK F 132 -17.08 28.16 0.36
N UNK F 133 -16.27 29.13 0.79
CA UNK F 133 -16.07 29.31 2.24
C UNK F 133 -17.41 29.68 2.83
N UNK F 134 -17.95 30.82 2.44
CA UNK F 134 -19.24 31.27 2.94
C UNK F 134 -20.34 30.21 2.90
N UNK F 135 -20.57 29.56 1.77
CA UNK F 135 -21.62 28.57 1.69
C UNK F 135 -21.44 27.34 2.56
N UNK F 136 -20.35 26.62 2.41
CA UNK F 136 -20.03 25.39 3.08
C UNK F 136 -19.26 25.38 4.38
N UNK F 137 -18.33 26.26 4.66
CA UNK F 137 -17.60 26.18 5.94
C UNK F 137 -17.33 27.60 6.41
N UNK F 138 -18.38 28.36 6.63
CA UNK F 138 -18.37 29.74 7.01
C UNK F 138 -17.46 30.05 8.17
N UNK F 139 -16.71 31.15 8.13
CA UNK F 139 -15.85 31.49 9.28
C UNK F 139 -16.71 32.16 10.35
N UNK F 140 -16.15 32.57 11.47
CA UNK F 140 -16.88 33.21 12.55
C UNK F 140 -16.07 34.26 13.29
N UNK F 141 -16.74 35.40 13.55
CA UNK F 141 -16.04 36.45 14.28
C UNK F 141 -15.47 35.90 15.58
N UNK F 142 -14.26 36.29 15.89
CA UNK F 142 -13.55 35.89 17.09
C UNK F 142 -13.27 34.40 17.07
N UNK F 143 -13.53 33.75 15.93
CA UNK F 143 -13.27 32.33 15.83
C UNK F 143 -11.88 31.98 15.36
N UNK F 144 -11.55 30.70 15.33
CA UNK F 144 -10.26 30.21 14.88
C UNK F 144 -10.38 29.48 13.53
N UNK F 145 -9.81 30.05 12.48
CA UNK F 145 -9.86 29.48 11.15
C UNK F 145 -8.54 28.89 10.72
N UNK F 146 -8.55 27.82 9.93
CA UNK F 146 -7.30 27.19 9.49
C UNK F 146 -7.41 26.83 8.02
N UNK F 147 -6.40 27.14 7.23
CA UNK F 147 -6.38 26.84 5.79
C UNK F 147 -5.32 25.75 5.60
N UNK F 148 -5.70 24.51 5.39
CA UNK F 148 -4.73 23.42 5.21
C UNK F 148 -4.29 23.31 3.76
N UNK F 149 -2.98 23.24 3.47
CA UNK F 149 -2.61 23.13 2.07
C UNK F 149 -1.26 22.55 1.80
N UNK F 150 -1.12 21.64 0.83
CA UNK F 150 0.22 21.06 0.54
C UNK F 150 1.02 22.16 -0.18
N UNK F 151 2.26 21.94 -0.60
CA UNK F 151 2.98 23.02 -1.25
C UNK F 151 2.33 23.58 -2.50
N UNK F 152 2.33 24.90 -2.65
CA UNK F 152 1.84 25.67 -3.73
C UNK F 152 0.39 25.50 -4.10
N UNK F 153 -0.49 25.27 -3.14
CA UNK F 153 -1.92 25.05 -3.44
C UNK F 153 -2.81 26.24 -3.28
N UNK F 154 -2.46 27.27 -2.51
CA UNK F 154 -3.33 28.44 -2.38
C UNK F 154 -3.42 28.98 -0.98
N UNK F 155 -2.64 28.44 -0.02
CA UNK F 155 -2.76 28.97 1.34
C UNK F 155 -2.53 30.47 1.43
N UNK F 156 -1.40 30.95 0.92
CA UNK F 156 -1.03 32.36 0.96
C UNK F 156 -1.94 33.26 0.14
N UNK F 157 -2.29 32.80 -1.05
CA UNK F 157 -3.16 33.62 -1.90
C UNK F 157 -4.49 33.80 -1.16
N UNK F 158 -4.97 32.73 -0.51
CA UNK F 158 -6.23 32.82 0.24
C UNK F 158 -6.06 33.76 1.43
N UNK F 159 -4.92 33.74 2.11
CA UNK F 159 -4.75 34.68 3.22
C UNK F 159 -4.77 36.12 2.70
N UNK F 160 -4.12 36.33 1.54
CA UNK F 160 -4.06 37.65 0.95
C UNK F 160 -5.44 38.14 0.60
N UNK F 161 -6.18 37.32 -0.15
CA UNK F 161 -7.55 37.70 -0.52
C UNK F 161 -8.39 38.02 0.72
N UNK F 162 -8.25 37.28 1.81
CA UNK F 162 -8.98 37.52 3.05
C UNK F 162 -8.51 38.83 3.69
N UNK F 163 -7.18 39.05 3.62
CA UNK F 163 -6.65 40.31 4.19
C UNK F 163 -7.38 41.43 3.45
N UNK F 164 -7.47 41.27 2.13
CA UNK F 164 -8.11 42.25 1.26
C UNK F 164 -9.58 42.39 1.58
N UNK F 165 -10.38 41.36 1.46
CA UNK F 165 -11.79 41.30 1.72
C UNK F 165 -12.24 41.52 3.16
N UNK F 166 -11.39 41.28 4.16
CA UNK F 166 -11.80 41.42 5.55
C UNK F 166 -10.95 42.41 6.33
N UNK F 167 -9.64 42.20 6.34
CA UNK F 167 -8.76 43.06 7.11
C UNK F 167 -8.88 44.51 6.68
N UNK F 168 -8.92 44.73 5.37
CA UNK F 168 -9.00 46.10 4.85
C UNK F 168 -10.12 46.94 5.40
N UNK F 169 -11.31 46.37 5.56
CA UNK F 169 -12.39 47.22 6.14
C UNK F 169 -12.70 46.74 7.55
N UNK F 170 -11.66 46.59 8.37
CA UNK F 170 -11.93 46.12 9.73
C UNK F 170 -11.67 47.27 10.70
N UNK F 171 -12.67 47.50 11.55
CA UNK F 171 -12.42 48.60 12.56
C UNK F 171 -11.67 47.85 13.68
N UNK F 172 -10.45 48.25 13.98
CA UNK F 172 -9.78 47.43 15.05
C UNK F 172 -8.41 47.09 14.43
N UNK F 173 -7.56 46.44 15.17
CA UNK F 173 -6.23 46.13 14.67
C UNK F 173 -6.08 44.75 14.05
N UNK F 174 -4.91 44.54 13.46
CA UNK F 174 -4.52 43.32 12.80
C UNK F 174 -3.06 43.02 13.13
N UNK F 175 -2.73 41.76 13.15
CA UNK F 175 -1.36 41.38 13.40
C UNK F 175 -1.01 40.30 12.39
N UNK F 176 0.02 40.53 11.59
CA UNK F 176 0.42 39.51 10.64
C UNK F 176 1.73 38.92 11.18
N UNK F 177 1.79 37.62 11.40
CA UNK F 177 3.00 36.98 11.92
C UNK F 177 3.49 36.02 10.82
N UNK F 178 4.67 36.37 10.28
CA UNK F 178 5.23 35.52 9.21
C UNK F 178 6.15 34.53 9.95
N UNK F 179 5.81 33.26 9.99
CA UNK F 179 6.58 32.22 10.64
C UNK F 179 7.11 31.24 9.57
N UNK F 180 8.45 31.12 9.52
CA UNK F 180 9.10 30.21 8.62
C UNK F 180 8.74 30.31 7.16
N UNK F 181 8.25 31.46 6.68
CA UNK F 181 7.93 31.53 5.25
C UNK F 181 8.93 32.30 4.44
N UNK F 182 8.55 32.77 3.25
CA UNK F 182 9.53 33.44 2.40
C UNK F 182 9.77 34.88 2.79
N UNK F 183 11.02 35.34 2.77
CA UNK F 183 11.29 36.75 3.09
C UNK F 183 10.67 37.70 2.07
N UNK F 184 10.78 37.35 0.79
CA UNK F 184 10.21 38.18 -0.27
C UNK F 184 8.74 38.44 0.00
N UNK F 185 8.10 37.47 0.65
CA UNK F 185 6.66 37.62 0.90
C UNK F 185 6.46 38.70 1.94
N UNK F 186 7.33 38.71 2.95
CA UNK F 186 7.20 39.74 4.00
C UNK F 186 7.34 41.08 3.27
N UNK F 187 8.35 41.09 2.39
CA UNK F 187 8.59 42.32 1.64
C UNK F 187 7.44 42.65 0.70
N UNK F 188 6.85 41.66 0.07
CA UNK F 188 5.75 41.93 -0.84
C UNK F 188 4.55 42.55 -0.12
N UNK F 189 4.28 42.07 1.07
CA UNK F 189 3.19 42.46 1.93
C UNK F 189 3.36 43.83 2.56
N UNK F 190 4.50 44.06 3.17
CA UNK F 190 4.86 45.31 3.84
C UNK F 190 4.61 46.49 2.92
N UNK F 191 5.27 46.42 1.75
CA UNK F 191 5.12 47.46 0.75
C UNK F 191 3.69 47.58 0.25
N UNK F 192 2.98 46.47 0.17
CA UNK F 192 1.58 46.52 -0.28
C UNK F 192 0.67 47.19 0.75
N UNK F 193 0.99 46.93 2.00
CA UNK F 193 0.27 47.45 3.16
C UNK F 193 0.47 48.96 3.22
N UNK F 194 1.72 49.33 2.88
CA UNK F 194 2.07 50.75 2.84
C UNK F 194 1.19 51.42 1.78
N UNK F 195 1.21 50.85 0.59
CA UNK F 195 0.46 51.36 -0.54
C UNK F 195 -1.02 51.55 -0.36
N UNK F 196 -1.71 50.62 0.28
CA UNK F 196 -3.16 50.74 0.49
C UNK F 196 -3.44 51.52 1.78
N UNK F 197 -2.37 51.99 2.38
CA UNK F 197 -2.39 52.76 3.57
C UNK F 197 -2.70 52.07 4.86
N UNK F 198 -2.54 50.76 4.97
CA UNK F 198 -2.86 50.17 6.30
C UNK F 198 -1.63 50.38 7.17
N UNK F 199 -0.49 50.56 6.51
CA UNK F 199 0.77 50.89 7.15
C UNK F 199 0.99 52.37 6.66
N UNK F 200 1.14 53.29 7.57
CA UNK F 200 1.36 54.70 7.21
C UNK F 200 2.67 55.10 7.89
N UNK F 201 3.67 55.48 7.08
CA UNK F 201 4.98 55.81 7.67
C UNK F 201 5.02 57.30 8.05
N UNK F 202 3.91 57.98 7.84
CA UNK F 202 3.83 59.41 8.12
C UNK F 202 3.07 59.72 9.39
N UNK F 203 1.87 59.16 9.53
CA UNK F 203 1.06 59.37 10.71
C UNK F 203 1.02 58.05 11.53
N UNK F 204 0.28 58.21 12.62
CA UNK F 204 0.02 57.09 13.53
C UNK F 204 -1.41 56.66 13.16
N UNK F 205 -1.54 56.00 12.03
CA UNK F 205 -2.87 55.56 11.58
C UNK F 205 -2.79 54.15 11.05
N UNK F 206 -1.59 53.57 11.28
CA UNK F 206 -1.40 52.20 10.81
C UNK F 206 -2.29 51.27 11.63
N UNK F 207 -2.86 50.31 10.93
CA UNK F 207 -3.72 49.36 11.64
C UNK F 207 -3.12 47.97 11.71
N UNK F 208 -1.87 47.81 11.30
CA UNK F 208 -1.23 46.51 11.30
C UNK F 208 0.12 46.42 11.97
N UNK F 209 0.42 45.47 12.81
CA UNK F 209 1.78 45.34 13.40
C UNK F 209 2.39 44.11 12.71
N UNK F 210 3.63 44.11 12.27
CA UNK F 210 4.18 42.95 11.58
C UNK F 210 5.30 42.30 12.37
N UNK F 211 5.27 40.97 12.48
CA UNK F 211 6.32 40.22 13.22
C UNK F 211 6.81 39.18 12.23
N UNK F 212 8.11 38.94 12.09
CA UNK F 212 8.61 37.97 11.14
C UNK F 212 9.80 37.17 11.66
N UNK F 213 9.87 35.91 11.30
CA UNK F 213 10.93 34.95 11.65
C UNK F 213 10.84 33.93 10.50
N UNK F 214 11.37 34.30 9.34
CA UNK F 214 11.31 33.48 8.14
C UNK F 214 12.23 32.30 7.97
N UNK F 215 12.10 31.68 6.78
CA UNK F 215 12.75 30.53 6.26
C UNK F 215 14.27 30.52 6.31
N UNK F 216 14.83 31.70 6.53
CA UNK F 216 16.27 31.84 6.65
C UNK F 216 16.72 31.82 8.10
N UNK F 217 15.83 31.83 9.10
CA UNK F 217 16.33 31.83 10.48
C UNK F 217 16.67 30.46 10.99
N UNK F 218 17.50 30.39 12.00
CA UNK F 218 17.87 29.13 12.65
C UNK F 218 16.57 28.65 13.33
N UNK F 219 16.40 27.38 13.57
CA UNK F 219 15.25 26.75 14.17
C UNK F 219 14.63 27.45 15.36
N UNK F 220 15.41 27.79 16.38
CA UNK F 220 14.89 28.45 17.55
C UNK F 220 14.11 29.72 17.25
N UNK F 221 14.49 30.49 16.23
CA UNK F 221 13.79 31.73 15.92
C UNK F 221 12.41 31.38 15.38
N UNK F 222 12.39 30.38 14.51
CA UNK F 222 11.15 29.95 13.87
C UNK F 222 10.26 29.29 14.92
N UNK F 223 10.88 28.72 15.94
CA UNK F 223 10.15 28.07 17.00
C UNK F 223 9.49 29.08 17.91
N UNK F 224 9.96 30.33 17.98
CA UNK F 224 9.38 31.35 18.83
C UNK F 224 8.70 32.52 18.14
N UNK F 225 8.96 32.94 16.90
CA UNK F 225 8.24 34.07 16.37
C UNK F 225 6.72 33.99 16.54
N UNK F 226 6.13 32.80 16.47
CA UNK F 226 4.66 32.72 16.59
C UNK F 226 4.27 33.30 17.95
N UNK F 227 4.99 32.77 18.96
CA UNK F 227 4.74 33.31 20.29
C UNK F 227 4.84 34.83 20.25
N UNK F 228 5.82 35.39 19.55
CA UNK F 228 6.01 36.84 19.50
C UNK F 228 4.86 37.54 18.81
N UNK F 229 4.40 37.07 17.66
CA UNK F 229 3.29 37.77 16.98
C UNK F 229 2.10 37.66 17.93
N UNK F 230 2.01 36.48 18.49
CA UNK F 230 0.91 36.16 19.40
C UNK F 230 0.81 37.17 20.53
N UNK F 231 1.93 37.41 21.20
CA UNK F 231 1.96 38.36 22.32
C UNK F 231 1.47 39.73 21.89
N UNK F 232 1.98 40.21 20.75
CA UNK F 232 1.53 41.54 20.28
C UNK F 232 0.02 41.57 20.26
N UNK F 233 -0.59 40.56 19.66
CA UNK F 233 -2.04 40.45 19.54
C UNK F 233 -2.68 40.41 20.93
N UNK F 234 -2.16 39.59 21.84
CA UNK F 234 -2.74 39.53 23.20
C UNK F 234 -2.82 40.93 23.80
N UNK F 235 -1.80 41.80 23.64
CA UNK F 235 -1.90 43.14 24.19
C UNK F 235 -3.18 43.86 23.73
N UNK F 236 -3.43 43.92 22.43
CA UNK F 236 -4.62 44.65 21.98
C UNK F 236 -5.88 44.01 22.53
N UNK F 237 -5.92 42.70 22.62
CA UNK F 237 -7.11 42.04 23.13
C UNK F 237 -7.45 42.40 24.58
N UNK F 238 -6.54 42.16 25.51
CA UNK F 238 -6.77 42.37 26.91
C UNK F 238 -6.47 43.73 27.48
N UNK F 239 -5.43 44.40 27.00
CA UNK F 239 -5.08 45.72 27.50
C UNK F 239 -5.85 46.83 26.82
N UNK F 240 -6.59 46.54 25.77
CA UNK F 240 -7.37 47.61 25.12
C UNK F 240 -8.74 47.06 24.73
N UNK F 241 -9.07 45.85 25.18
CA UNK F 241 -10.36 45.25 24.86
C UNK F 241 -10.70 45.35 23.38
N UNK F 242 -9.70 45.40 22.52
CA UNK F 242 -9.80 45.52 21.10
C UNK F 242 -10.19 44.26 20.32
N UNK F 243 -10.82 44.51 19.16
CA UNK F 243 -11.18 43.39 18.29
C UNK F 243 -10.01 43.25 17.31
N UNK F 244 -9.28 42.15 17.51
CA UNK F 244 -8.12 41.84 16.71
C UNK F 244 -8.40 40.83 15.61
N UNK F 245 -7.51 40.87 14.63
CA UNK F 245 -7.40 40.02 13.47
C UNK F 245 -5.94 39.52 13.55
N UNK F 246 -5.75 38.23 13.49
CA UNK F 246 -4.42 37.68 13.60
C UNK F 246 -4.15 36.71 12.47
N UNK F 247 -3.25 37.03 11.56
CA UNK F 247 -2.91 36.21 10.41
C UNK F 247 -1.54 35.61 10.65
N UNK F 248 -1.39 34.32 10.40
CA UNK F 248 -0.10 33.66 10.63
C UNK F 248 0.17 32.83 9.36
N UNK F 249 1.34 32.95 8.80
CA UNK F 249 1.71 32.12 7.62
C UNK F 249 3.13 31.71 8.00
N UNK F 250 3.43 30.50 8.33
CA UNK F 250 2.57 29.33 8.32
C UNK F 250 2.74 28.72 9.71
N UNK F 251 1.73 28.27 10.40
CA UNK F 251 1.94 27.76 11.77
C UNK F 251 2.52 26.37 11.84
N UNK F 252 2.57 25.74 10.67
CA UNK F 252 3.17 24.41 10.56
C UNK F 252 4.67 24.59 10.81
N UNK F 253 5.23 25.71 10.37
CA UNK F 253 6.65 25.98 10.53
C UNK F 253 7.11 25.99 11.97
N UNK F 254 6.26 26.41 12.92
CA UNK F 254 6.61 26.42 14.36
C UNK F 254 6.87 25.00 14.85
N UNK F 255 5.99 24.07 14.42
CA UNK F 255 6.10 22.67 14.80
C UNK F 255 7.32 22.08 14.15
N UNK F 256 7.52 22.36 12.88
CA UNK F 256 8.71 21.86 12.16
C UNK F 256 9.96 22.35 12.91
N UNK F 257 9.95 23.66 13.25
CA UNK F 257 11.11 24.19 13.98
C UNK F 257 11.39 23.35 15.21
N UNK F 258 10.30 22.99 15.90
CA UNK F 258 10.42 22.18 17.11
C UNK F 258 11.08 20.84 16.83
N UNK F 259 10.68 20.28 15.68
CA UNK F 259 11.24 18.98 15.35
C UNK F 259 12.72 19.16 15.01
N UNK F 260 13.10 20.36 14.57
CA UNK F 260 14.52 20.52 14.22
C UNK F 260 15.40 20.47 15.46
N UNK F 261 15.03 21.11 16.55
CA UNK F 261 15.89 21.11 17.74
C UNK F 261 15.72 19.91 18.66
N UNK F 262 14.52 19.33 18.62
CA UNK F 262 14.21 18.20 19.49
C UNK F 262 15.28 17.16 19.63
N UNK F 263 15.91 16.69 18.54
CA UNK F 263 16.94 15.64 18.78
C UNK F 263 18.06 16.29 19.60
N UNK F 264 18.43 17.50 19.15
CA UNK F 264 19.48 18.18 19.91
C UNK F 264 19.09 18.26 21.37
N UNK F 265 17.82 18.46 21.74
CA UNK F 265 17.55 18.52 23.19
C UNK F 265 17.73 17.13 23.77
N UNK F 266 18.03 16.14 22.94
CA UNK F 266 18.23 14.79 23.44
C UNK F 266 16.95 13.98 23.67
N UNK F 267 15.90 14.20 22.88
CA UNK F 267 14.68 13.42 23.12
C UNK F 267 14.45 12.25 22.20
N UNK F 268 13.91 11.16 22.78
CA UNK F 268 13.58 10.01 21.90
C UNK F 268 12.50 10.57 20.99
N UNK F 269 12.57 10.36 19.71
CA UNK F 269 11.58 10.90 18.79
C UNK F 269 10.27 10.12 18.93
N UNK F 270 9.18 10.75 18.54
CA UNK F 270 7.84 10.13 18.53
C UNK F 270 7.61 9.64 17.10
N UNK F 271 6.42 9.50 16.60
CA UNK F 271 6.22 9.04 15.22
C UNK F 271 6.62 10.04 14.14
N UNK F 272 7.18 9.55 13.04
CA UNK F 272 7.60 10.32 11.87
C UNK F 272 8.75 11.26 12.24
N UNK F 273 9.52 10.92 13.25
CA UNK F 273 10.64 11.70 13.70
C UNK F 273 10.31 12.97 14.47
N UNK F 274 9.01 13.20 14.69
CA UNK F 274 8.65 14.44 15.41
C UNK F 274 8.97 14.20 16.88
N UNK F 275 9.06 15.29 17.56
CA UNK F 275 9.27 15.43 19.00
C UNK F 275 8.08 14.86 19.77
N UNK F 276 8.32 14.17 20.86
CA UNK F 276 7.27 13.62 21.69
C UNK F 276 6.41 14.72 22.28
N UNK F 277 6.86 15.97 22.27
CA UNK F 277 6.08 17.04 22.90
C UNK F 277 5.26 17.85 21.92
N UNK F 278 5.15 17.29 20.71
CA UNK F 278 4.41 17.97 19.67
C UNK F 278 3.06 18.52 20.11
N UNK F 279 2.14 17.71 20.59
CA UNK F 279 0.80 18.18 20.96
C UNK F 279 0.78 19.22 22.06
N UNK F 280 1.53 18.97 23.14
CA UNK F 280 1.54 19.96 24.22
C UNK F 280 2.14 21.27 23.69
N UNK F 281 3.20 21.22 22.88
CA UNK F 281 3.77 22.45 22.34
C UNK F 281 2.74 23.21 21.48
N UNK F 282 1.98 22.47 20.68
CA UNK F 282 0.96 23.15 19.87
C UNK F 282 -0.08 23.74 20.82
N UNK F 283 -0.49 22.92 21.80
CA UNK F 283 -1.45 23.28 22.80
C UNK F 283 -1.24 24.51 23.65
N UNK F 284 -0.13 24.61 24.38
CA UNK F 284 0.03 25.80 25.22
C UNK F 284 0.22 27.04 24.38
N UNK F 285 0.46 26.85 23.09
CA UNK F 285 0.61 27.99 22.17
C UNK F 285 -0.75 28.31 21.52
N UNK F 286 -1.38 27.28 20.92
CA UNK F 286 -2.68 27.49 20.30
C UNK F 286 -3.70 28.04 21.28
N UNK F 287 -3.68 27.65 22.55
CA UNK F 287 -4.61 28.10 23.56
C UNK F 287 -4.55 29.55 23.96
N UNK F 288 -3.59 30.33 23.49
CA UNK F 288 -3.52 31.76 23.78
C UNK F 288 -4.12 32.51 22.57
N UNK F 289 -4.22 31.80 21.44
CA UNK F 289 -4.81 32.42 20.25
C UNK F 289 -6.32 32.18 20.41
N UNK F 290 -6.96 33.08 21.15
CA UNK F 290 -8.39 32.89 21.37
C UNK F 290 -9.10 34.16 21.82
N UNK F 291 -10.39 34.18 21.51
CA UNK F 291 -11.25 35.29 21.91
C UNK F 291 -11.55 35.06 23.39
N UNK F 292 -11.85 36.10 24.12
CA UNK F 292 -12.18 35.99 25.54
C UNK F 292 -13.24 37.06 25.87
N UNK F 293 -13.56 37.20 27.15
CA UNK F 293 -14.55 38.15 27.61
C UNK F 293 -14.02 39.58 27.52
N UNK F 294 -12.71 39.72 27.53
CA UNK F 294 -12.02 40.99 27.46
C UNK F 294 -11.89 41.45 26.02
N UNK F 295 -11.53 40.53 25.13
CA UNK F 295 -11.34 40.94 23.74
C UNK F 295 -11.55 39.80 22.75
N UNK F 296 -11.65 40.17 21.48
CA UNK F 296 -11.89 39.22 20.40
C UNK F 296 -10.69 39.00 19.51
N UNK F 297 -10.34 37.75 19.18
CA UNK F 297 -9.22 37.55 18.27
C UNK F 297 -9.72 36.71 17.09
N UNK F 298 -9.91 37.30 15.91
CA UNK F 298 -10.31 36.42 14.77
C UNK F 298 -8.91 36.02 14.21
N UNK F 299 -8.58 34.72 14.18
CA UNK F 299 -7.28 34.32 13.68
C UNK F 299 -7.42 33.34 12.52
N UNK F 300 -6.64 33.62 11.49
CA UNK F 300 -6.57 32.85 10.27
C UNK F 300 -5.12 32.35 10.22
N UNK F 301 -4.91 31.04 10.22
CA UNK F 301 -3.62 30.43 10.22
C UNK F 301 -3.40 29.51 9.03
N UNK F 302 -2.36 29.68 8.24
CA UNK F 302 -2.09 28.80 7.10
C UNK F 302 -1.35 27.59 7.65
N UNK F 303 -1.77 26.40 7.29
CA UNK F 303 -1.17 25.17 7.74
C UNK F 303 -0.68 24.29 6.59
N UNK F 304 0.64 24.37 6.38
CA UNK F 304 1.36 23.62 5.38
C UNK F 304 1.35 22.13 5.75
N UNK F 305 0.92 21.32 4.79
CA UNK F 305 0.77 19.88 4.90
C UNK F 305 1.89 19.19 4.12
N UNK F 306 2.83 18.59 4.80
CA UNK F 306 3.99 17.92 4.27
C UNK F 306 3.69 16.70 3.42
N UNK F 307 4.27 16.69 2.22
CA UNK F 307 4.08 15.63 1.24
C UNK F 307 2.60 15.50 0.92
N UNK F 308 1.80 16.52 1.29
CA UNK F 308 0.36 16.48 1.01
C UNK F 308 -0.33 15.50 1.97
N UNK F 309 0.37 14.97 2.95
CA UNK F 309 -0.22 14.03 3.88
C UNK F 309 -0.93 14.67 5.07
N UNK F 310 -2.27 14.71 5.05
CA UNK F 310 -3.02 15.30 6.18
C UNK F 310 -3.00 14.37 7.39
N UNK F 311 -2.40 13.17 7.26
CA UNK F 311 -2.34 12.33 8.43
C UNK F 311 -1.03 12.56 9.19
N UNK F 312 -0.25 13.52 8.66
CA UNK F 312 1.01 13.89 9.29
C UNK F 312 0.75 14.44 10.69
N UNK F 313 1.47 13.97 11.67
CA UNK F 313 1.34 14.46 13.03
C UNK F 313 1.13 15.95 13.09
N UNK F 314 1.86 16.78 12.33
CA UNK F 314 1.66 18.23 12.48
C UNK F 314 0.25 18.71 12.19
N UNK F 315 -0.22 18.58 10.95
CA UNK F 315 -1.54 19.01 10.53
C UNK F 315 -2.61 18.21 11.28
N UNK F 316 -2.34 16.91 11.39
CA UNK F 316 -3.28 16.02 12.06
C UNK F 316 -3.66 16.56 13.44
N UNK F 317 -2.72 17.01 14.23
CA UNK F 317 -2.93 17.53 15.55
C UNK F 317 -3.50 18.93 15.61
N UNK F 318 -3.65 19.55 14.44
CA UNK F 318 -4.11 20.96 14.43
C UNK F 318 -5.59 21.10 14.25
N UNK F 319 -6.23 20.09 13.66
CA UNK F 319 -7.67 20.14 13.40
C UNK F 319 -8.41 20.50 14.68
N UNK F 320 -8.20 19.77 15.76
CA UNK F 320 -8.82 20.01 17.03
C UNK F 320 -8.71 21.43 17.55
N UNK F 321 -7.99 22.35 16.95
CA UNK F 321 -7.91 23.69 17.54
C UNK F 321 -8.69 24.72 16.76
N UNK F 322 -9.36 24.28 15.70
CA UNK F 322 -10.03 25.27 14.87
C UNK F 322 -11.53 25.18 15.00
N UNK F 323 -12.21 26.23 14.63
CA UNK F 323 -13.63 26.32 14.62
C UNK F 323 -14.09 26.13 13.20
N UNK F 324 -13.22 26.49 12.24
CA UNK F 324 -13.57 26.36 10.80
C UNK F 324 -12.33 25.93 10.04
N UNK F 325 -12.47 25.01 9.10
CA UNK F 325 -11.24 24.63 8.38
C UNK F 325 -11.45 24.64 6.89
N UNK F 326 -10.46 25.18 6.15
CA UNK F 326 -10.52 25.24 4.68
C UNK F 326 -9.42 24.31 4.13
N UNK F 327 -9.73 23.06 3.83
CA UNK F 327 -8.74 22.11 3.37
C UNK F 327 -8.53 22.22 1.87
N UNK F 328 -7.38 22.72 1.41
CA UNK F 328 -7.07 22.87 0.00
C UNK F 328 -6.53 21.57 -0.58
N UNK F 329 -6.86 21.34 -1.86
CA UNK F 329 -6.51 20.14 -2.55
C UNK F 329 -5.71 20.28 -3.81
N UNK F 330 -4.66 19.49 -3.97
CA UNK F 330 -3.86 19.57 -5.19
C UNK F 330 -4.76 19.06 -6.32
N UNK F 331 -5.45 17.94 -6.09
CA UNK F 331 -6.33 17.39 -7.14
C UNK F 331 -7.27 18.44 -7.71
N UNK F 332 -7.97 19.18 -6.84
CA UNK F 332 -8.87 20.21 -7.33
C UNK F 332 -8.09 21.29 -8.07
N UNK F 333 -7.00 21.78 -7.49
CA UNK F 333 -6.18 22.84 -8.07
C UNK F 333 -5.78 22.45 -9.49
N UNK F 334 -5.37 21.20 -9.61
CA UNK F 334 -4.96 20.70 -10.91
C UNK F 334 -6.11 20.66 -11.90
N UNK F 335 -7.35 20.68 -11.42
CA UNK F 335 -8.48 20.71 -12.37
C UNK F 335 -8.64 22.17 -12.80
N UNK F 336 -7.93 23.09 -12.14
CA UNK F 336 -8.13 24.49 -12.51
C UNK F 336 -9.18 25.11 -11.61
N UNK F 337 -9.62 24.45 -10.55
CA UNK F 337 -10.63 25.11 -9.69
C UNK F 337 -9.95 25.91 -8.58
N UNK F 338 -10.08 27.23 -8.54
CA UNK F 338 -9.47 28.01 -7.45
C UNK F 338 -10.54 28.88 -6.81
N UNK F 339 -10.52 28.98 -5.51
CA UNK F 339 -9.56 28.32 -4.63
C UNK F 339 -9.77 26.82 -4.62
N UNK F 340 -8.68 26.04 -4.56
CA UNK F 340 -8.78 24.61 -4.61
C UNK F 340 -9.33 23.93 -3.37
N UNK F 341 -10.38 24.49 -2.77
CA UNK F 341 -11.03 23.98 -1.57
C UNK F 341 -11.77 22.67 -1.76
N UNK F 342 -11.52 21.73 -0.88
CA UNK F 342 -12.21 20.43 -0.93
C UNK F 342 -13.55 20.60 -0.19
N UNK F 343 -14.68 20.62 -0.89
CA UNK F 343 -16.00 20.88 -0.35
C UNK F 343 -16.55 19.85 0.61
N UNK F 344 -16.06 18.63 0.49
CA UNK F 344 -16.48 17.56 1.38
C UNK F 344 -15.47 17.35 2.52
N UNK F 345 -14.47 18.22 2.62
CA UNK F 345 -13.47 18.05 3.66
C UNK F 345 -13.33 19.29 4.49
N UNK F 346 -13.94 20.39 4.13
CA UNK F 346 -13.88 21.63 4.92
C UNK F 346 -15.07 21.67 5.86
N UNK F 347 -14.93 22.21 7.07
CA UNK F 347 -16.09 22.20 7.97
C UNK F 347 -16.11 23.47 8.78
N UNK F 348 -17.16 23.69 9.55
CA UNK F 348 -17.29 24.87 10.38
C UNK F 348 -18.32 24.66 11.47
N UNK F 349 -17.93 24.85 12.72
CA UNK F 349 -18.87 24.68 13.82
C UNK F 349 -20.10 25.59 13.72
N UNK F 350 -20.20 26.45 12.74
CA UNK F 350 -21.31 27.38 12.57
C UNK F 350 -22.32 26.82 11.58
N UNK F 351 -21.92 25.71 10.94
CA UNK F 351 -22.82 25.11 9.97
C UNK F 351 -23.94 24.44 10.76
N UNK F 352 -24.72 25.25 11.44
CA UNK F 352 -25.86 24.84 12.26
C UNK F 352 -27.05 25.69 11.84
N UNK F 353 -28.16 25.05 11.58
CA UNK F 353 -29.39 25.68 11.14
C UNK F 353 -29.75 26.83 12.08
N UNK F 354 -29.51 26.61 13.39
CA UNK F 354 -29.86 27.67 14.32
C UNK F 354 -28.85 28.81 14.28
N UNK F 355 -27.92 28.83 13.35
CA UNK F 355 -26.96 29.95 13.30
C UNK F 355 -26.90 30.56 11.91
N UNK F 356 -26.90 29.73 10.87
CA UNK F 356 -26.82 30.29 9.51
C UNK F 356 -28.20 30.34 8.87
N UNK F 357 -30.05 29.54 9.84
CA UNK F 357 -31.43 29.44 9.33
C UNK F 357 -31.54 28.09 8.61
N UNK F 358 -32.73 27.53 8.53
CA UNK F 358 -32.89 26.23 7.87
C UNK F 358 -32.72 26.33 6.37
N UNK F 359 -32.99 27.52 5.80
CA UNK F 359 -32.84 27.61 4.34
C UNK F 359 -31.36 27.30 4.06
N UNK F 360 -30.53 28.04 4.80
CA UNK F 360 -29.09 27.85 4.66
C UNK F 360 -28.74 26.42 5.02
N UNK F 361 -29.19 25.98 6.19
CA UNK F 361 -28.89 24.62 6.62
C UNK F 361 -29.34 23.56 5.66
N UNK F 362 -30.41 23.75 4.89
CA UNK F 362 -30.87 22.68 3.99
C UNK F 362 -30.19 22.63 2.64
N UNK F 363 -29.71 23.74 2.13
CA UNK F 363 -29.00 23.86 0.84
C UNK F 363 -27.61 23.26 1.10
N UNK F 364 -27.04 23.71 2.21
CA UNK F 364 -25.74 23.24 2.64
C UNK F 364 -25.75 21.71 2.69
N UNK F 365 -26.61 21.11 3.49
CA UNK F 365 -26.64 19.65 3.57
C UNK F 365 -27.09 19.05 2.25
N UNK F 366 -27.76 19.86 1.43
CA UNK F 366 -28.24 19.36 0.14
C UNK F 366 -27.06 19.12 -0.79
N UNK F 367 -26.22 20.15 -0.86
CA UNK F 367 -25.03 20.13 -1.69
C UNK F 367 -24.12 18.99 -1.26
N UNK F 368 -23.86 18.87 0.03
CA UNK F 368 -22.98 17.79 0.48
C UNK F 368 -23.51 16.41 0.16
N UNK F 369 -24.83 16.22 0.30
CA UNK F 369 -25.39 14.91 0.04
C UNK F 369 -25.21 14.46 -1.40
N UNK F 370 -25.40 15.37 -2.32
CA UNK F 370 -25.27 15.07 -3.75
C UNK F 370 -23.81 14.84 -4.07
N UNK F 371 -22.88 15.58 -3.45
CA UNK F 371 -21.45 15.38 -3.75
C UNK F 371 -20.97 14.08 -3.12
N UNK F 372 -21.61 13.70 -1.99
CA UNK F 372 -21.22 12.46 -1.33
C UNK F 372 -21.65 11.28 -2.22
N UNK F 373 -22.84 11.40 -2.79
CA UNK F 373 -23.43 10.42 -3.68
C UNK F 373 -22.61 10.28 -4.96
N UNK F 374 -22.19 11.41 -5.49
CA UNK F 374 -21.36 11.40 -6.71
C UNK F 374 -20.06 10.65 -6.40
N UNK F 375 -19.52 10.97 -5.23
CA UNK F 375 -18.30 10.39 -4.70
C UNK F 375 -18.34 8.88 -4.68
N UNK F 376 -19.46 8.28 -4.25
CA UNK F 376 -19.47 6.81 -4.27
C UNK F 376 -19.62 6.27 -5.68
N UNK F 377 -20.29 6.96 -6.60
CA UNK F 377 -20.39 6.42 -7.95
C UNK F 377 -19.03 6.42 -8.65
N UNK F 378 -18.14 7.32 -8.29
CA UNK F 378 -16.85 7.49 -8.91
C UNK F 378 -15.98 6.31 -9.18
N UNK F 379 -16.02 5.32 -8.32
CA UNK F 379 -15.21 4.10 -8.49
C UNK F 379 -15.54 3.39 -9.77
N UNK F 380 -16.80 3.12 -10.02
CA UNK F 380 -17.33 2.50 -11.22
C UNK F 380 -17.19 3.48 -12.40
N UNK F 381 -17.53 4.77 -12.23
CA UNK F 381 -17.39 5.72 -13.32
C UNK F 381 -15.96 5.62 -13.89
N UNK F 382 -15.02 5.37 -12.97
CA UNK F 382 -13.61 5.26 -13.23
C UNK F 382 -13.14 4.16 -14.16
N UNK F 383 -13.76 3.00 -14.20
CA UNK F 383 -13.32 1.93 -15.09
C UNK F 383 -14.24 1.94 -16.33
N UNK F 384 -15.54 1.99 -16.05
CA UNK F 384 -16.54 1.98 -17.08
C UNK F 384 -17.19 3.28 -17.49
N UNK F 385 -16.83 4.44 -16.96
CA UNK F 385 -17.48 5.68 -17.41
C UNK F 385 -18.94 5.75 -17.00
N UNK F 386 -19.71 6.56 -17.72
CA UNK F 386 -21.11 6.74 -17.39
C UNK F 386 -22.14 5.87 -18.07
N UNK F 387 -21.84 5.28 -19.21
CA UNK F 387 -22.76 4.46 -19.95
C UNK F 387 -23.67 3.60 -19.11
N UNK F 388 -23.06 2.71 -18.35
CA UNK F 388 -23.82 1.77 -17.52
C UNK F 388 -24.61 2.42 -16.41
N UNK F 389 -24.47 3.73 -16.19
CA UNK F 389 -25.19 4.42 -15.15
C UNK F 389 -26.69 4.56 -15.40
N UNK F 390 -27.42 4.54 -14.29
CA UNK F 390 -28.86 4.72 -14.30
C UNK F 390 -29.18 6.17 -14.70
N UNK F 391 -30.34 6.33 -15.31
CA UNK F 391 -30.77 7.67 -15.74
C UNK F 391 -30.78 8.59 -14.51
N UNK F 392 -31.18 7.98 -13.40
CA UNK F 392 -31.28 8.71 -12.14
C UNK F 392 -29.89 9.03 -11.64
N UNK F 393 -29.03 8.02 -11.65
CA UNK F 393 -27.68 8.24 -11.20
C UNK F 393 -26.98 9.26 -12.07
N UNK F 394 -27.21 9.21 -13.38
CA UNK F 394 -26.56 10.20 -14.24
C UNK F 394 -27.03 11.61 -13.93
N UNK F 395 -28.19 11.78 -13.30
CA UNK F 395 -28.65 13.15 -13.02
C UNK F 395 -27.93 13.66 -11.78
N UNK F 396 -27.55 12.72 -10.88
CA UNK F 396 -26.83 13.22 -9.69
C UNK F 396 -25.49 13.70 -10.22
N UNK F 397 -24.90 12.82 -11.03
CA UNK F 397 -23.61 13.13 -11.64
C UNK F 397 -23.63 14.48 -12.35
N UNK F 398 -24.65 14.76 -13.16
CA UNK F 398 -24.69 16.03 -13.86
C UNK F 398 -24.69 17.17 -12.84
N UNK F 399 -25.65 17.13 -11.94
CA UNK F 399 -25.84 18.13 -10.90
C UNK F 399 -24.62 18.29 -10.00
N UNK F 400 -24.01 17.16 -9.64
CA UNK F 400 -22.82 17.18 -8.78
C UNK F 400 -21.65 17.89 -9.47
N UNK F 401 -21.46 17.63 -10.77
CA UNK F 401 -20.41 18.24 -11.54
C UNK F 401 -20.68 19.73 -11.79
N UNK F 402 -21.94 20.14 -11.72
CA UNK F 402 -22.32 21.53 -11.90
C UNK F 402 -22.22 22.28 -10.58
N UNK F 403 -22.46 21.54 -9.50
CA UNK F 403 -22.36 22.10 -8.13
C UNK F 403 -20.87 22.26 -7.81
N UNK F 404 -20.10 21.25 -8.20
CA UNK F 404 -18.65 21.25 -8.01
C UNK F 404 -18.04 22.45 -8.73
N UNK F 405 -18.47 22.69 -9.98
CA UNK F 405 -17.94 23.84 -10.70
C UNK F 405 -18.46 25.11 -10.09
N UNK F 406 -19.74 25.20 -9.75
CA UNK F 406 -20.25 26.46 -9.16
C UNK F 406 -19.60 26.82 -7.84
N UNK F 407 -18.90 25.91 -7.16
CA UNK F 407 -18.23 26.18 -5.90
C UNK F 407 -16.90 26.91 -6.10
N UNK F 408 -16.40 26.90 -7.32
CA UNK F 408 -15.15 27.59 -7.64
C UNK F 408 -15.45 29.07 -7.84
N UNK F 409 -14.46 29.94 -7.80
CA UNK F 409 -14.73 31.38 -8.00
C UNK F 409 -13.44 32.16 -8.13
N UNK F 410 -13.41 33.22 -8.91
CA UNK F 410 -12.27 34.08 -9.14
C UNK F 410 -12.07 35.06 -7.98
N UNK F 411 -10.85 35.10 -7.48
CA UNK F 411 -10.44 35.99 -6.39
C UNK F 411 -9.73 37.23 -6.96
N UNK F 412 -9.91 38.41 -6.37
CA UNK F 412 -9.19 39.56 -6.93
C UNK F 412 -7.70 39.16 -6.92
N UNK F 413 -7.29 38.81 -5.73
CA UNK F 413 -5.93 38.36 -5.45
C UNK F 413 -5.42 37.32 -6.43
N UNK F 414 -6.25 36.53 -7.11
CA UNK F 414 -5.75 35.53 -8.06
C UNK F 414 -6.12 35.87 -9.50
N UNK F 415 -6.48 37.13 -9.77
CA UNK F 415 -6.82 37.57 -11.12
C UNK F 415 -5.72 37.28 -12.12
N UNK F 416 -4.46 37.52 -11.77
CA UNK F 416 -3.36 37.28 -12.66
C UNK F 416 -3.29 35.82 -13.13
N UNK F 417 -3.96 34.93 -12.41
CA UNK F 417 -3.88 33.52 -12.78
C UNK F 417 -5.20 33.00 -13.33
N UNK F 418 -6.32 33.54 -12.86
CA UNK F 418 -7.58 32.98 -13.37
C UNK F 418 -7.88 33.57 -14.74
N UNK F 419 -7.29 34.74 -14.97
CA UNK F 419 -7.55 35.42 -16.24
C UNK F 419 -8.95 36.05 -16.14
N UNK F 420 -9.50 36.07 -14.94
CA UNK F 420 -10.81 36.66 -14.77
C UNK F 420 -10.84 37.65 -13.61
N UNK F 421 -11.83 38.54 -13.69
CA UNK F 421 -12.03 39.56 -12.67
C UNK F 421 -12.56 38.98 -11.36
N UNK F 422 -11.94 39.29 -10.23
CA UNK F 422 -12.39 38.77 -8.95
C UNK F 422 -13.85 39.06 -8.65
N UNK F 423 -14.54 38.12 -8.01
CA UNK F 423 -15.94 38.25 -7.64
C UNK F 423 -16.14 38.03 -6.14
N UNK F 424 -17.10 38.73 -5.57
CA UNK F 424 -17.50 38.61 -4.17
C UNK F 424 -18.98 38.28 -4.16
N UNK F 425 -19.42 37.08 -3.80
CA UNK F 425 -20.84 36.77 -3.82
C UNK F 425 -21.47 36.88 -2.44
N UNK F 426 -22.56 37.59 -2.36
CA UNK F 426 -23.33 37.78 -1.15
C UNK F 426 -24.02 36.47 -0.75
N UNK F 427 -24.05 36.20 0.55
CA UNK F 427 -24.62 34.96 1.08
C UNK F 427 -25.95 34.56 0.43
N UNK F 428 -26.96 35.44 0.46
CA UNK F 428 -28.24 35.07 -0.12
C UNK F 428 -28.11 34.68 -1.59
N UNK F 429 -27.10 35.20 -2.27
CA UNK F 429 -26.89 34.88 -3.68
C UNK F 429 -26.35 33.45 -3.82
N UNK F 430 -25.61 33.06 -2.79
CA UNK F 430 -25.02 31.72 -2.72
C UNK F 430 -26.10 30.70 -2.35
N UNK F 431 -26.85 30.99 -1.29
CA UNK F 431 -27.89 30.07 -0.86
C UNK F 431 -28.79 29.78 -2.07
N UNK F 432 -29.21 30.86 -2.73
CA UNK F 432 -30.07 30.79 -3.89
C UNK F 432 -29.49 29.98 -5.04
N UNK F 433 -28.43 30.51 -5.66
CA UNK F 433 -27.78 29.85 -6.80
C UNK F 433 -27.66 28.35 -6.60
N UNK F 434 -27.37 27.94 -5.37
CA UNK F 434 -27.23 26.52 -5.06
C UNK F 434 -28.57 25.84 -4.97
N UNK F 435 -29.60 26.55 -4.47
CA UNK F 435 -30.94 25.95 -4.41
C UNK F 435 -31.33 25.48 -5.83
N UNK F 436 -31.45 26.49 -6.71
CA UNK F 436 -31.82 26.25 -8.10
C UNK F 436 -31.07 25.08 -8.69
N UNK F 437 -29.75 25.06 -8.56
CA UNK F 437 -28.99 23.95 -9.15
C UNK F 437 -29.54 22.63 -8.65
N UNK F 438 -29.72 22.56 -7.34
CA UNK F 438 -30.22 21.37 -6.69
C UNK F 438 -31.59 21.00 -7.23
N UNK F 439 -32.43 22.03 -7.27
CA UNK F 439 -33.79 21.97 -7.72
C UNK F 439 -33.98 21.67 -9.19
N UNK F 440 -32.94 21.45 -9.96
CA UNK F 440 -33.06 21.15 -11.38
C UNK F 440 -33.44 22.31 -12.28
N UNK F 441 -33.27 23.55 -11.82
CA UNK F 441 -33.61 24.70 -12.65
C UNK F 441 -32.53 25.04 -13.67
N UNK F 442 -31.47 24.27 -13.78
CA UNK F 442 -30.41 24.56 -14.73
C UNK F 442 -29.84 23.29 -15.33
N UNK F 443 -30.63 22.21 -15.28
CA UNK F 443 -30.15 20.94 -15.83
C UNK F 443 -29.90 21.03 -17.33
N UNK F 444 -30.34 22.13 -17.93
CA UNK F 444 -30.15 22.33 -19.36
C UNK F 444 -28.81 22.99 -19.63
N UNK F 445 -28.32 23.83 -18.71
CA UNK F 445 -27.04 24.48 -18.97
C UNK F 445 -25.91 23.45 -18.94
N UNK F 446 -24.81 23.78 -19.59
CA UNK F 446 -23.61 22.95 -19.64
C UNK F 446 -22.77 23.22 -18.38
N UNK F 447 -21.94 22.29 -17.95
CA UNK F 447 -21.11 22.43 -16.77
C UNK F 447 -20.24 23.71 -16.86
N UNK F 448 -19.50 23.77 -17.96
CA UNK F 448 -18.59 24.87 -18.21
C UNK F 448 -19.23 26.20 -17.96
N UNK F 449 -20.54 26.29 -17.99
CA UNK F 449 -21.17 27.60 -17.75
C UNK F 449 -20.96 28.02 -16.31
N UNK F 450 -20.94 27.04 -15.42
CA UNK F 450 -20.80 27.28 -13.99
C UNK F 450 -19.38 27.54 -13.54
N UNK F 451 -18.38 27.05 -14.26
CA UNK F 451 -16.99 27.22 -13.86
C UNK F 451 -16.56 28.68 -13.87
N UNK F 452 -15.84 29.02 -12.82
CA UNK F 452 -15.28 30.32 -12.58
C UNK F 452 -16.25 31.47 -12.76
N UNK F 453 -17.23 31.60 -11.88
CA UNK F 453 -18.19 32.69 -11.96
C UNK F 453 -18.56 33.15 -10.54
N UNK F 454 -19.29 34.24 -10.41
CA UNK F 454 -19.72 34.71 -9.07
C UNK F 454 -21.15 34.13 -8.94
N UNK F 455 -22.13 35.01 -8.98
CA UNK F 455 -23.55 34.71 -8.88
C UNK F 455 -24.07 33.79 -9.96
N UNK F 456 -25.18 33.10 -9.71
CA UNK F 456 -25.70 32.17 -10.72
C UNK F 456 -26.04 32.88 -12.02
N UNK F 457 -26.54 34.11 -11.88
CA UNK F 457 -26.93 34.90 -13.04
C UNK F 457 -25.79 34.96 -14.05
N UNK F 458 -24.55 34.94 -13.59
CA UNK F 458 -23.41 34.97 -14.50
C UNK F 458 -23.17 33.62 -15.17
N UNK F 459 -23.68 32.55 -14.56
CA UNK F 459 -23.54 31.18 -15.06
C UNK F 459 -24.46 30.92 -16.25
N UNK F 460 -25.59 31.61 -16.25
CA UNK F 460 -26.61 31.54 -17.31
C UNK F 460 -26.05 32.25 -18.55
N UNK F 461 -25.52 33.44 -18.29
CA UNK F 461 -24.91 34.28 -19.29
C UNK F 461 -23.78 33.49 -19.97
N UNK F 462 -22.80 33.05 -19.17
CA UNK F 462 -21.68 32.30 -19.72
C UNK F 462 -22.18 31.21 -20.66
N UNK F 463 -23.36 30.67 -20.35
CA UNK F 463 -23.96 29.60 -21.14
C UNK F 463 -24.35 30.12 -22.52
N UNK F 464 -24.87 31.35 -22.56
CA UNK F 464 -25.26 31.96 -23.83
C UNK F 464 -23.99 32.18 -24.66
N UNK F 465 -23.01 32.80 -24.01
CA UNK F 465 -21.73 33.05 -24.69
C UNK F 465 -21.15 31.74 -25.20
N UNK F 466 -21.39 30.63 -24.50
CA UNK F 466 -20.85 29.35 -24.94
C UNK F 466 -21.73 28.89 -26.12
N UNK F 467 -22.89 29.52 -26.15
CA UNK F 467 -23.88 29.27 -27.16
C UNK F 467 -24.36 27.82 -27.13
N UNK G 1 -37.34 -24.53 -73.75
CA UNK G 1 -35.87 -24.54 -73.46
C UNK G 1 -35.69 -25.67 -72.47
N UNK G 2 -35.09 -25.49 -71.29
CA UNK G 2 -34.99 -26.64 -70.38
C UNK G 2 -34.45 -26.41 -68.95
N UNK G 3 -33.92 -25.24 -68.66
CA UNK G 3 -33.65 -24.89 -67.26
C UNK G 3 -34.19 -23.51 -66.97
N UNK G 4 -34.53 -23.13 -65.73
CA UNK G 4 -34.79 -21.70 -65.45
C UNK G 4 -34.15 -21.39 -64.08
N UNK G 5 -33.77 -20.13 -63.81
CA UNK G 5 -33.21 -19.84 -62.49
C UNK G 5 -34.25 -19.85 -61.42
N UNK G 6 -34.14 -20.62 -60.32
CA UNK G 6 -35.06 -20.54 -59.17
C UNK G 6 -34.40 -19.86 -57.94
N UNK G 7 -35.04 -18.89 -57.26
CA UNK G 7 -34.66 -18.36 -56.01
C UNK G 7 -35.68 -18.76 -54.95
N UNK G 8 -35.25 -19.36 -53.83
CA UNK G 8 -36.18 -19.68 -52.74
C UNK G 8 -35.66 -18.90 -51.51
N UNK G 9 -36.34 -17.89 -50.99
CA UNK G 9 -35.86 -16.99 -49.95
C UNK G 9 -36.99 -16.61 -49.00
N UNK G 10 -36.66 -16.67 -47.70
CA UNK G 10 -37.58 -16.18 -46.65
C UNK G 10 -37.05 -14.78 -46.27
N UNK G 11 -37.75 -14.00 -45.44
CA UNK G 11 -37.33 -12.76 -44.84
C UNK G 11 -35.98 -12.93 -44.11
N UNK G 12 -35.60 -14.08 -43.59
CA UNK G 12 -34.34 -14.27 -42.89
C UNK G 12 -33.20 -14.82 -43.70
N UNK G 13 -33.51 -15.71 -44.67
CA UNK G 13 -32.41 -16.41 -45.28
C UNK G 13 -32.60 -16.53 -46.82
N UNK G 14 -31.55 -17.13 -47.33
CA UNK G 14 -31.43 -17.51 -48.75
C UNK G 14 -31.44 -19.04 -48.72
N UNK G 15 -32.57 -19.61 -49.06
CA UNK G 15 -32.72 -21.05 -48.96
C UNK G 15 -32.22 -21.80 -50.22
N UNK G 16 -32.47 -21.31 -51.41
CA UNK G 16 -32.04 -22.09 -52.62
C UNK G 16 -31.84 -21.09 -53.73
N UNK G 17 -30.79 -21.25 -54.53
CA UNK G 17 -30.51 -20.43 -55.68
C UNK G 17 -29.76 -21.33 -56.69
N UNK G 18 -30.29 -21.43 -57.92
CA UNK G 18 -29.71 -22.29 -58.94
C UNK G 18 -30.65 -22.63 -60.10
N UNK G 19 -30.05 -23.23 -61.14
CA UNK G 19 -30.82 -23.69 -62.30
C UNK G 19 -31.54 -24.97 -62.04
N UNK G 20 -32.82 -25.03 -62.44
CA UNK G 20 -33.66 -26.18 -62.09
C UNK G 20 -34.47 -26.56 -63.36
N UNK G 21 -34.91 -27.81 -63.42
CA UNK G 21 -35.64 -28.20 -64.64
C UNK G 21 -37.13 -27.91 -64.39
N UNK G 22 -37.49 -28.11 -63.11
CA UNK G 22 -38.84 -27.80 -62.68
C UNK G 22 -39.03 -27.80 -61.18
N UNK G 23 -40.19 -27.29 -60.77
CA UNK G 23 -40.53 -27.37 -59.36
C UNK G 23 -41.96 -27.91 -59.30
N UNK G 24 -42.19 -28.38 -58.10
CA UNK G 24 -43.52 -28.72 -57.68
C UNK G 24 -43.79 -28.18 -56.26
N UNK G 25 -44.93 -27.55 -56.13
CA UNK G 25 -45.44 -26.82 -55.00
C UNK G 25 -46.96 -26.84 -54.96
N UNK G 26 -47.59 -26.84 -53.77
CA UNK G 26 -49.04 -26.75 -53.75
C UNK G 26 -49.46 -25.30 -53.73
N UNK G 27 -50.20 -24.86 -54.75
CA UNK G 27 -50.62 -23.47 -54.82
C UNK G 27 -51.90 -23.25 -54.02
N UNK G 28 -52.41 -22.00 -53.90
CA UNK G 28 -53.62 -21.81 -53.10
C UNK G 28 -54.84 -22.44 -53.81
N UNK G 29 -54.92 -22.55 -55.10
CA UNK G 29 -55.97 -23.06 -55.92
C UNK G 29 -55.76 -24.48 -56.43
N UNK G 30 -54.51 -24.91 -56.54
CA UNK G 30 -54.22 -26.19 -57.17
C UNK G 30 -52.73 -26.49 -57.09
N UNK G 31 -52.43 -27.72 -57.47
CA UNK G 31 -51.04 -28.21 -57.40
C UNK G 31 -50.29 -27.64 -58.58
N UNK G 32 -49.02 -27.26 -58.42
CA UNK G 32 -48.37 -26.58 -59.54
C UNK G 32 -47.04 -27.27 -59.87
N UNK G 33 -46.91 -27.51 -61.17
CA UNK G 33 -45.74 -28.01 -61.83
C UNK G 33 -45.28 -26.86 -62.74
N UNK G 34 -44.09 -26.32 -62.46
CA UNK G 34 -43.62 -25.17 -63.26
C UNK G 34 -42.39 -25.50 -64.10
N UNK G 35 -42.50 -25.56 -65.42
CA UNK G 35 -41.38 -25.95 -66.27
C UNK G 35 -40.88 -24.66 -66.84
N UNK G 36 -39.82 -24.66 -67.57
CA UNK G 36 -39.31 -23.47 -68.23
C UNK G 36 -40.30 -22.85 -69.19
N UNK G 37 -40.41 -21.52 -69.24
CA UNK G 37 -41.35 -20.94 -70.17
C UNK G 37 -42.78 -20.95 -69.68
N UNK G 38 -42.99 -21.19 -68.39
CA UNK G 38 -44.38 -21.04 -67.91
C UNK G 38 -44.68 -19.54 -67.98
N UNK G 39 -45.95 -19.15 -68.08
CA UNK G 39 -46.16 -17.70 -68.22
C UNK G 39 -46.15 -17.01 -66.83
N UNK G 40 -46.10 -15.71 -66.84
CA UNK G 40 -46.04 -14.93 -65.59
C UNK G 40 -47.17 -15.21 -64.63
N UNK G 41 -46.79 -15.52 -63.38
CA UNK G 41 -47.84 -15.97 -62.41
C UNK G 41 -47.54 -15.40 -61.05
N UNK G 42 -48.50 -15.14 -60.22
CA UNK G 42 -48.34 -14.67 -58.86
C UNK G 42 -49.40 -15.38 -58.01
N UNK G 43 -48.99 -16.17 -57.02
CA UNK G 43 -50.04 -16.85 -56.24
C UNK G 43 -49.48 -17.20 -54.87
N UNK G 44 -50.39 -17.38 -53.91
CA UNK G 44 -49.88 -17.81 -52.61
C UNK G 44 -49.70 -19.30 -52.77
N UNK G 45 -48.85 -19.93 -51.97
CA UNK G 45 -48.79 -21.37 -51.91
C UNK G 45 -49.31 -21.81 -50.55
N UNK G 46 -49.23 -23.07 -50.23
CA UNK G 46 -49.60 -23.56 -48.91
C UNK G 46 -48.37 -24.18 -48.26
N UNK G 47 -48.47 -24.41 -46.94
CA UNK G 47 -47.36 -25.00 -46.20
C UNK G 47 -47.24 -26.40 -46.78
N UNK G 48 -46.01 -26.88 -46.85
CA UNK G 48 -45.70 -28.15 -47.44
C UNK G 48 -44.34 -28.03 -48.14
N UNK G 49 -43.93 -29.18 -48.62
CA UNK G 49 -42.68 -29.44 -49.29
C UNK G 49 -42.83 -28.69 -50.61
N UNK G 50 -41.73 -28.27 -51.15
CA UNK G 50 -41.54 -27.84 -52.49
C UNK G 50 -40.56 -28.94 -53.05
N UNK G 51 -40.97 -29.52 -54.17
CA UNK G 51 -40.07 -30.49 -54.84
C UNK G 51 -39.32 -29.77 -55.94
N UNK G 52 -37.99 -29.81 -55.93
CA UNK G 52 -37.23 -29.06 -56.90
C UNK G 52 -36.46 -30.12 -57.72
N UNK G 53 -36.64 -30.20 -59.03
CA UNK G 53 -35.77 -31.00 -59.89
C UNK G 53 -34.65 -30.10 -60.38
N UNK G 54 -33.47 -30.17 -59.80
CA UNK G 54 -32.38 -29.32 -60.14
C UNK G 54 -31.86 -29.54 -61.54
N UNK G 55 -31.02 -28.63 -62.02
CA UNK G 55 -30.33 -28.91 -63.26
C UNK G 55 -29.57 -30.24 -63.11
N UNK G 56 -29.71 -31.10 -64.10
CA UNK G 56 -29.05 -32.38 -64.20
C UNK G 56 -29.87 -33.47 -63.52
N UNK G 57 -31.05 -33.15 -62.95
CA UNK G 57 -31.90 -34.22 -62.49
C UNK G 57 -32.00 -34.66 -61.07
N UNK G 58 -31.11 -34.19 -60.20
CA UNK G 58 -31.15 -34.56 -58.77
C UNK G 58 -32.28 -33.81 -58.06
N UNK G 59 -33.05 -34.54 -57.24
CA UNK G 59 -34.19 -33.91 -56.58
C UNK G 59 -33.86 -33.37 -55.20
N UNK G 60 -34.44 -32.24 -54.83
CA UNK G 60 -34.24 -31.60 -53.56
C UNK G 60 -35.63 -31.20 -53.00
N UNK G 61 -35.95 -31.64 -51.78
CA UNK G 61 -37.20 -31.25 -51.13
C UNK G 61 -36.91 -30.21 -50.06
N UNK G 62 -37.74 -29.19 -49.90
CA UNK G 62 -37.59 -28.16 -48.90
C UNK G 62 -39.01 -27.87 -48.34
N UNK G 63 -39.20 -28.08 -47.06
CA UNK G 63 -40.39 -27.86 -46.34
C UNK G 63 -40.56 -26.34 -46.18
N UNK G 64 -41.72 -25.86 -46.61
CA UNK G 64 -41.96 -24.42 -46.58
C UNK G 64 -43.13 -24.28 -45.62
N UNK G 65 -43.17 -23.20 -44.86
CA UNK G 65 -44.28 -22.88 -44.02
C UNK G 65 -45.40 -22.19 -44.81
N UNK G 66 -45.11 -21.96 -46.09
CA UNK G 66 -46.07 -21.38 -47.03
C UNK G 66 -45.30 -20.19 -47.58
N UNK G 67 -46.08 -19.27 -48.08
CA UNK G 67 -45.69 -17.98 -48.61
C UNK G 67 -46.28 -17.56 -49.92
N UNK G 68 -45.50 -16.96 -50.82
CA UNK G 68 -45.85 -16.46 -52.19
C UNK G 68 -44.96 -16.95 -53.35
N UNK G 69 -45.52 -17.36 -54.49
CA UNK G 69 -44.83 -17.74 -55.71
C UNK G 69 -44.96 -16.78 -56.89
N UNK G 70 -43.80 -16.36 -57.39
CA UNK G 70 -43.75 -15.39 -58.51
C UNK G 70 -43.05 -15.95 -59.76
N UNK G 71 -43.64 -16.10 -60.94
CA UNK G 71 -42.89 -16.72 -62.06
C UNK G 71 -42.81 -15.61 -63.12
N UNK G 72 -41.67 -15.12 -63.53
CA UNK G 72 -41.61 -14.07 -64.55
C UNK G 72 -40.67 -14.54 -65.61
N UNK G 73 -40.59 -13.84 -66.72
CA UNK G 73 -39.74 -14.32 -67.83
C UNK G 73 -38.35 -14.69 -67.39
N UNK G 74 -38.06 -16.00 -67.39
CA UNK G 74 -36.82 -16.59 -67.04
C UNK G 74 -36.45 -16.62 -65.55
N UNK G 75 -37.26 -16.16 -64.59
CA UNK G 75 -36.84 -16.23 -63.18
C UNK G 75 -38.00 -16.60 -62.25
N UNK G 76 -37.82 -17.60 -61.40
CA UNK G 76 -38.91 -18.03 -60.53
C UNK G 76 -38.42 -17.74 -59.09
N UNK G 77 -39.20 -16.95 -58.36
CA UNK G 77 -38.89 -16.75 -56.96
C UNK G 77 -39.96 -17.37 -56.08
N UNK G 78 -39.54 -18.17 -55.07
CA UNK G 78 -40.43 -18.58 -53.98
C UNK G 78 -40.08 -17.70 -52.76
N UNK G 79 -41.01 -16.81 -52.41
CA UNK G 79 -40.86 -15.95 -51.25
C UNK G 79 -41.54 -16.61 -50.05
N UNK G 80 -40.81 -17.37 -49.31
CA UNK G 80 -41.31 -18.23 -48.26
C UNK G 80 -41.52 -17.55 -46.88
N UNK G 81 -42.65 -17.90 -46.31
CA UNK G 81 -42.92 -17.55 -44.91
C UNK G 81 -41.97 -18.23 -43.96
N UNK G 82 -41.51 -17.61 -42.85
CA UNK G 82 -40.68 -18.32 -41.88
C UNK G 82 -41.55 -19.09 -40.92
N UNK G 83 -42.83 -18.80 -40.86
CA UNK G 83 -43.69 -19.56 -39.97
C UNK G 83 -45.10 -19.61 -40.60
N UNK G 84 -45.90 -20.48 -40.07
CA UNK G 84 -47.25 -20.64 -40.63
C UNK G 84 -48.05 -19.37 -40.34
N UNK G 85 -48.43 -18.70 -41.42
CA UNK G 85 -49.16 -17.45 -41.34
C UNK G 85 -50.67 -17.61 -41.51
N UNK G 86 -51.47 -16.74 -40.92
CA UNK G 86 -52.94 -16.86 -41.10
C UNK G 86 -53.60 -15.83 -40.17
N UNK G 87 -54.86 -15.48 -40.46
CA UNK G 87 -55.57 -14.53 -39.61
C UNK G 87 -55.46 -14.90 -38.11
N UNK G 88 -55.92 -16.06 -37.71
CA UNK G 88 -55.99 -16.39 -36.26
C UNK G 88 -54.60 -16.61 -35.66
N UNK G 89 -53.70 -17.29 -36.38
CA UNK G 89 -52.33 -17.50 -35.87
C UNK G 89 -51.67 -16.16 -35.63
N UNK G 90 -51.83 -15.21 -36.57
CA UNK G 90 -51.20 -13.92 -36.35
C UNK G 90 -51.84 -13.14 -35.20
N UNK G 91 -53.16 -13.30 -35.05
CA UNK G 91 -53.93 -12.58 -34.06
C UNK G 91 -53.61 -13.18 -32.71
N UNK G 92 -53.28 -14.49 -32.72
CA UNK G 92 -52.80 -15.07 -31.50
C UNK G 92 -51.46 -14.47 -31.11
N UNK G 93 -50.55 -14.10 -32.00
CA UNK G 93 -49.24 -13.60 -31.58
C UNK G 93 -49.40 -12.11 -31.28
N UNK G 94 -50.39 -11.37 -31.78
CA UNK G 94 -50.61 -9.96 -31.40
C UNK G 94 -51.22 -9.91 -29.99
N UNK G 95 -52.17 -10.73 -29.63
CA UNK G 95 -52.64 -10.82 -28.23
C UNK G 95 -51.50 -10.94 -27.23
N UNK G 96 -50.55 -11.85 -27.51
CA UNK G 96 -49.41 -12.03 -26.63
C UNK G 96 -48.68 -10.71 -26.55
N UNK G 97 -48.36 -10.09 -27.71
CA UNK G 97 -47.58 -8.85 -27.66
C UNK G 97 -48.35 -7.82 -26.83
N UNK G 98 -49.63 -7.66 -27.07
CA UNK G 98 -50.43 -6.78 -26.21
C UNK G 98 -50.52 -7.30 -24.76
N UNK G 99 -50.74 -8.57 -24.47
CA UNK G 99 -50.80 -8.94 -23.02
C UNK G 99 -49.45 -8.66 -22.35
N UNK G 100 -48.33 -8.86 -23.12
CA UNK G 100 -47.08 -8.51 -22.42
C UNK G 100 -46.99 -7.03 -22.07
N UNK G 101 -47.39 -6.18 -23.00
CA UNK G 101 -47.37 -4.74 -22.77
C UNK G 101 -48.44 -4.27 -21.75
N UNK G 102 -49.55 -4.95 -21.50
CA UNK G 102 -50.49 -4.48 -20.49
C UNK G 102 -50.17 -4.97 -19.08
N UNK G 103 -49.16 -5.82 -18.92
CA UNK G 103 -48.81 -6.18 -17.55
C UNK G 103 -47.98 -5.04 -16.96
N UNK G 104 -47.40 -4.20 -17.80
CA UNK G 104 -46.73 -2.97 -17.41
C UNK G 104 -47.81 -1.88 -17.40
N UNK G 105 -48.04 -1.35 -18.60
CA UNK G 105 -49.01 -0.35 -18.97
C UNK G 105 -49.35 0.65 -17.86
N UNK G 110 -53.57 11.43 -21.85
CA UNK G 110 -52.24 11.74 -21.32
C UNK G 110 -51.09 11.53 -22.30
N UNK G 111 -50.26 10.53 -21.92
CA UNK G 111 -49.09 10.09 -22.64
C UNK G 111 -48.04 11.15 -22.36
N UNK G 112 -46.77 10.96 -22.28
CA UNK G 112 -45.44 11.26 -22.06
C UNK G 112 -44.99 12.56 -21.34
N UNK G 113 -44.24 12.40 -20.23
CA UNK G 113 -43.61 13.57 -19.64
C UNK G 113 -42.32 13.94 -20.31
N UNK G 114 -42.39 14.84 -21.31
CA UNK G 114 -41.34 15.30 -22.14
C UNK G 114 -40.21 15.90 -21.31
N UNK G 115 -40.50 16.71 -20.27
CA UNK G 115 -39.50 17.27 -19.36
C UNK G 115 -38.76 16.23 -18.52
N UNK G 116 -39.44 15.32 -17.81
CA UNK G 116 -38.73 14.26 -17.12
C UNK G 116 -37.89 13.50 -18.12
N UNK G 117 -38.46 13.02 -19.24
CA UNK G 117 -37.76 12.13 -20.24
C UNK G 117 -36.46 12.79 -20.64
N UNK G 118 -36.44 14.04 -21.07
CA UNK G 118 -35.23 14.76 -21.36
C UNK G 118 -34.19 14.85 -20.24
N UNK G 119 -34.61 14.82 -19.01
CA UNK G 119 -33.68 14.94 -17.84
C UNK G 119 -33.11 13.61 -17.44
N UNK G 120 -33.98 12.62 -17.80
CA UNK G 120 -33.44 11.27 -17.56
C UNK G 120 -32.36 11.02 -18.58
N UNK G 121 -32.57 11.49 -19.82
CA UNK G 121 -31.49 11.25 -20.80
C UNK G 121 -30.27 12.12 -20.56
N UNK G 122 -30.44 13.41 -20.21
CA UNK G 122 -29.28 14.28 -19.88
C UNK G 122 -28.47 13.57 -18.81
N UNK G 123 -29.07 13.08 -17.74
CA UNK G 123 -28.30 12.34 -16.74
C UNK G 123 -27.49 11.17 -17.24
N UNK G 124 -28.16 10.26 -17.98
CA UNK G 124 -27.48 9.05 -18.46
C UNK G 124 -26.37 9.47 -19.40
N UNK G 125 -26.54 10.52 -20.20
CA UNK G 125 -25.49 11.06 -21.07
C UNK G 125 -24.32 11.50 -20.17
N UNK G 126 -24.69 12.10 -19.04
CA UNK G 126 -23.77 12.50 -17.99
C UNK G 126 -22.91 11.38 -17.47
N UNK G 127 -23.64 10.31 -17.09
CA UNK G 127 -22.88 9.11 -16.63
C UNK G 127 -22.03 8.50 -17.73
N UNK G 128 -22.40 8.63 -19.02
CA UNK G 128 -21.46 8.04 -20.01
C UNK G 128 -20.20 8.90 -19.93
N UNK G 129 -20.42 10.21 -20.02
CA UNK G 129 -19.26 11.09 -19.89
C UNK G 129 -18.36 10.61 -18.73
N UNK G 130 -18.79 10.56 -17.49
CA UNK G 130 -17.93 10.05 -16.43
C UNK G 130 -17.02 8.92 -16.94
N UNK G 131 -17.73 7.84 -17.31
CA UNK G 131 -17.18 6.51 -17.67
C UNK G 131 -16.18 6.76 -18.80
N UNK G 132 -16.51 7.61 -19.77
CA UNK G 132 -15.55 8.07 -20.76
C UNK G 132 -14.29 8.58 -20.09
N UNK G 133 -14.35 9.64 -19.28
CA UNK G 133 -13.25 10.28 -18.60
C UNK G 133 -12.47 9.42 -17.64
N UNK G 134 -12.97 8.26 -17.23
CA UNK G 134 -12.25 7.31 -16.42
C UNK G 134 -13.17 6.19 -15.97
N UNK H 1 -4.04 -0.45 2.32
CA UNK H 1 -3.62 -1.58 3.13
C UNK H 1 -3.12 -2.66 2.16
N UNK H 2 -1.99 -3.28 2.46
CA UNK H 2 -1.53 -4.31 1.52
C UNK H 2 -2.71 -5.24 1.22
N UNK H 3 -3.57 -5.48 2.21
CA UNK H 3 -4.71 -6.38 1.98
C UNK H 3 -5.77 -5.75 1.09
N UNK H 4 -5.85 -4.43 1.16
CA UNK H 4 -6.81 -3.71 0.32
C UNK H 4 -6.31 -3.71 -1.12
N UNK H 5 -5.04 -3.34 -1.27
CA UNK H 5 -4.37 -3.26 -2.55
C UNK H 5 -4.31 -4.63 -3.21
N UNK H 6 -4.17 -5.66 -2.37
CA UNK H 6 -4.11 -6.98 -2.98
C UNK H 6 -5.47 -7.45 -3.45
N UNK H 7 -6.54 -6.79 -2.98
CA UNK H 7 -7.89 -7.18 -3.43
C UNK H 7 -8.08 -6.63 -4.85
N UNK H 8 -7.96 -5.30 -4.94
CA UNK H 8 -8.06 -4.67 -6.27
C UNK H 8 -7.14 -5.42 -7.24
N UNK H 9 -5.82 -5.15 -7.14
CA UNK H 9 -4.92 -5.63 -8.18
C UNK H 9 -5.33 -7.00 -8.70
N UNK H 10 -5.52 -7.94 -7.76
CA UNK H 10 -5.93 -9.28 -8.16
C UNK H 10 -7.15 -9.14 -9.07
N UNK H 11 -8.17 -8.42 -8.62
CA UNK H 11 -9.38 -8.26 -9.39
C UNK H 11 -9.31 -7.33 -10.58
N UNK H 12 -8.61 -6.21 -10.54
CA UNK H 12 -8.59 -5.33 -11.73
C UNK H 12 -7.76 -6.04 -12.79
N UNK H 13 -6.93 -7.00 -12.39
CA UNK H 13 -6.13 -7.72 -13.40
C UNK H 13 -7.09 -8.61 -14.18
N UNK H 14 -8.06 -9.17 -13.49
CA UNK H 14 -9.06 -10.02 -14.12
C UNK H 14 -10.01 -9.23 -15.01
N UNK H 15 -10.61 -8.19 -14.44
CA UNK H 15 -11.52 -7.32 -15.15
C UNK H 15 -10.87 -6.85 -16.44
N UNK H 16 -9.55 -6.64 -16.41
CA UNK H 16 -8.87 -6.15 -17.61
C UNK H 16 -8.78 -7.21 -18.68
N UNK H 17 -8.62 -8.48 -18.31
CA UNK H 17 -8.56 -9.57 -19.26
C UNK H 17 -9.96 -9.95 -19.79
N UNK H 18 -10.97 -9.82 -18.93
CA UNK H 18 -12.36 -10.12 -19.32
C UNK H 18 -12.74 -9.10 -20.41
N UNK H 19 -12.53 -7.90 -19.82
CA UNK H 19 -12.83 -6.88 -20.80
C UNK H 19 -12.22 -7.24 -22.14
N UNK H 20 -10.94 -7.61 -22.15
CA UNK H 20 -10.30 -8.00 -23.41
C UNK H 20 -10.98 -9.21 -24.03
N UNK H 21 -11.36 -10.18 -23.20
CA UNK H 21 -12.03 -11.39 -23.67
C UNK H 21 -13.41 -11.08 -24.26
N UNK H 22 -14.14 -10.17 -23.65
CA UNK H 22 -15.47 -9.78 -24.07
C UNK H 22 -15.51 -9.13 -25.44
N UNK H 23 -14.42 -8.51 -25.85
CA UNK H 23 -14.33 -7.86 -27.16
C UNK H 23 -14.14 -8.92 -28.23
N UNK H 24 -13.23 -9.87 -27.99
CA UNK H 24 -13.00 -10.96 -28.94
C UNK H 24 -14.35 -11.67 -29.20
N UNK H 25 -15.15 -11.72 -28.14
CA UNK H 25 -16.46 -12.36 -28.34
C UNK H 25 -17.30 -11.41 -29.21
N UNK H 26 -17.40 -10.16 -28.77
CA UNK H 26 -18.15 -9.14 -29.45
C UNK H 26 -17.73 -9.01 -30.90
N UNK H 27 -16.47 -9.29 -31.21
CA UNK H 27 -16.04 -9.19 -32.61
C UNK H 27 -16.62 -10.38 -33.39
N UNK H 28 -16.52 -11.55 -32.75
CA UNK H 28 -17.03 -12.79 -33.31
C UNK H 28 -18.47 -12.64 -33.80
N UNK H 29 -19.25 -12.80 -32.74
CA UNK H 29 -20.63 -12.88 -33.19
C UNK H 29 -20.97 -11.74 -34.14
N UNK H 30 -20.49 -10.99 -34.56
CA UNK H 30 -20.74 -9.80 -35.37
C UNK H 30 -20.05 -9.90 -36.72
N UNK H 31 -20.13 -10.52 -37.34
CA UNK H 31 -20.26 -11.10 -38.66
C UNK H 31 -21.65 -11.73 -38.72
N UNK H 32 -21.93 -13.05 -37.83
CA UNK H 32 -23.25 -13.62 -37.81
C UNK H 32 -24.33 -12.56 -38.03
N UNK H 33 -24.24 -11.40 -37.38
CA UNK H 33 -25.21 -10.34 -37.61
C UNK H 33 -25.17 -9.73 -39.01
N UNK H 34 -24.00 -9.65 -39.61
CA UNK H 34 -23.75 -9.19 -40.97
C UNK H 34 -24.28 -10.18 -41.98
N UNK H 35 -24.16 -11.49 -41.65
CA UNK H 35 -24.72 -12.49 -42.56
C UNK H 35 -26.27 -12.40 -42.51
N UNK H 36 -26.85 -12.24 -41.29
CA UNK H 36 -28.29 -12.00 -41.18
C UNK H 36 -28.65 -10.74 -41.92
N UNK H 37 -28.02 -9.59 -41.79
CA UNK H 37 -28.37 -8.47 -42.66
C UNK H 37 -28.41 -8.84 -44.13
N UNK H 38 -27.30 -9.45 -44.65
CA UNK H 38 -27.24 -9.81 -46.05
C UNK H 38 -28.31 -10.81 -46.45
N UNK H 39 -28.53 -11.83 -45.55
CA UNK H 39 -29.49 -12.82 -45.99
C UNK H 39 -30.94 -12.33 -45.96
N UNK H 40 -31.27 -11.22 -45.40
CA UNK H 40 -32.63 -10.72 -45.37
C UNK H 40 -33.00 -9.85 -46.57
N UNK H 41 -32.07 -9.43 -47.40
CA UNK H 41 -32.34 -8.54 -48.51
C UNK H 41 -33.13 -9.03 -49.71
N UNK H 42 -32.81 -10.21 -50.25
CA UNK H 42 -33.51 -10.72 -51.41
C UNK H 42 -35.02 -10.73 -51.19
N UNK H 43 -35.60 -11.29 -50.18
CA UNK H 43 -36.98 -11.37 -49.83
C UNK H 43 -37.55 -9.93 -49.85
N UNK H 44 -36.87 -9.03 -49.16
CA UNK H 44 -37.32 -7.66 -49.06
C UNK H 44 -37.31 -6.94 -50.42
N UNK H 45 -36.21 -7.08 -51.15
CA UNK H 45 -36.15 -6.36 -52.43
C UNK H 45 -37.05 -7.01 -53.49
N UNK H 46 -37.20 -8.31 -53.41
CA UNK H 46 -38.07 -8.93 -54.46
C UNK H 46 -39.50 -8.53 -54.21
N UNK H 47 -39.94 -8.53 -52.92
CA UNK H 47 -41.29 -8.16 -52.57
C UNK H 47 -41.57 -6.72 -52.99
N UNK H 48 -40.60 -5.83 -52.81
CA UNK H 48 -40.77 -4.43 -53.07
C UNK H 48 -40.98 -4.16 -54.54
N UNK H 49 -40.29 -4.96 -55.38
CA UNK H 49 -40.58 -4.86 -56.79
C UNK H 49 -41.90 -5.48 -57.20
N UNK H 50 -42.38 -6.49 -56.47
CA UNK H 50 -43.65 -7.07 -56.89
C UNK H 50 -44.73 -6.08 -56.56
N UNK H 51 -44.58 -5.44 -55.40
CA UNK H 51 -45.52 -4.41 -54.91
C UNK H 51 -45.42 -3.27 -55.91
N UNK H 52 -44.20 -2.92 -56.33
CA UNK H 52 -44.19 -1.88 -57.40
C UNK H 52 -44.99 -2.36 -58.63
N UNK H 53 -44.87 -3.60 -59.09
CA UNK H 53 -45.62 -4.07 -60.27
C UNK H 53 -47.10 -3.78 -60.02
N UNK H 54 -47.58 -4.33 -58.89
CA UNK H 54 -48.95 -4.31 -58.50
C UNK H 54 -49.57 -2.94 -58.10
N UNK H 55 -48.83 -1.98 -57.60
CA UNK H 55 -49.53 -0.73 -57.26
C UNK H 55 -49.40 0.24 -58.43
N UNK H 56 -49.55 -0.25 -59.63
CA UNK H 56 -49.51 0.52 -60.86
C UNK H 56 -50.88 0.50 -61.53
N UNK H 62 -57.55 2.12 -54.54
CA UNK H 62 -56.24 2.02 -53.90
C UNK H 62 -56.24 1.66 -52.40
N UNK H 63 -55.30 0.76 -52.09
CA UNK H 63 -55.07 0.27 -50.71
C UNK H 63 -54.71 1.38 -49.76
N UNK H 64 -55.21 1.39 -48.52
CA UNK H 64 -54.94 2.46 -47.56
C UNK H 64 -53.49 2.64 -47.24
N UNK H 65 -52.68 1.56 -47.41
CA UNK H 65 -51.24 1.76 -47.21
C UNK H 65 -50.44 2.44 -48.28
N UNK H 66 -51.09 2.90 -49.36
CA UNK H 66 -50.40 3.64 -50.45
C UNK H 66 -50.84 5.08 -50.34
N UNK H 67 -51.97 5.32 -49.70
CA UNK H 67 -52.53 6.68 -49.68
C UNK H 67 -52.18 7.44 -48.40
N UNK H 68 -51.91 8.73 -48.54
CA UNK H 68 -51.79 9.63 -47.40
C UNK H 68 -53.23 10.00 -47.01
N UNK H 69 -53.52 10.13 -45.75
CA UNK H 69 -54.81 10.62 -45.27
C UNK H 69 -54.50 11.57 -44.11
N UNK H 70 -55.53 12.26 -43.60
CA UNK H 70 -55.27 13.23 -42.51
C UNK H 70 -54.73 12.56 -41.26
N UNK H 71 -53.66 13.01 -40.65
CA UNK H 71 -53.06 12.40 -39.47
C UNK H 71 -53.71 12.70 -38.12
N UNK H 72 -54.36 11.75 -37.47
CA UNK H 72 -54.86 12.06 -36.11
C UNK H 72 -53.97 11.41 -35.06
N UNK H 73 -53.58 10.16 -35.33
CA UNK H 73 -52.81 9.32 -34.39
C UNK H 73 -51.66 8.71 -35.18
N UNK H 74 -50.47 8.58 -34.65
CA UNK H 74 -49.22 8.12 -35.19
C UNK H 74 -48.64 6.93 -34.42
N UNK H 75 -48.03 5.98 -35.17
CA UNK H 75 -47.47 4.77 -34.59
C UNK H 75 -45.97 4.56 -34.71
N UNK H 76 -45.30 4.14 -33.64
CA UNK H 76 -43.90 3.73 -33.71
C UNK H 76 -43.56 2.30 -33.28
N UNK H 77 -42.75 1.62 -34.13
CA UNK H 77 -42.10 0.37 -33.82
C UNK H 77 -40.69 0.79 -33.39
N UNK H 78 -40.36 0.55 -32.10
CA UNK H 78 -39.12 1.01 -31.53
C UNK H 78 -38.21 -0.13 -31.11
N UNK H 79 -37.05 -0.05 -31.76
CA UNK H 79 -35.96 -0.97 -31.59
C UNK H 79 -34.94 -0.31 -30.58
N UNK H 80 -34.90 -1.04 -29.47
CA UNK H 80 -33.85 -0.86 -28.49
C UNK H 80 -33.22 -2.19 -28.20
N UNK H 81 -32.03 -2.22 -27.65
CA UNK H 81 -31.36 -3.46 -27.27
C UNK H 81 -32.04 -4.10 -26.05
N UNK H 82 -31.64 -5.34 -25.84
CA UNK H 82 -32.01 -6.00 -24.57
C UNK H 82 -30.92 -5.80 -23.50
N UNK H 83 -29.67 -5.50 -23.85
CA UNK H 83 -28.57 -5.60 -22.89
C UNK H 83 -27.78 -4.29 -22.78
N UNK H 84 -27.13 -4.00 -21.66
CA UNK H 84 -26.48 -2.67 -21.53
C UNK H 84 -25.11 -2.66 -22.18
N UNK H 85 -24.19 -1.89 -21.59
CA UNK H 85 -22.84 -1.73 -22.11
C UNK H 85 -22.76 -1.55 -23.63
N UNK H 86 -23.52 -0.59 -24.18
CA UNK H 86 -23.56 -0.32 -25.60
C UNK H 86 -23.52 1.19 -25.74
N UNK H 87 -22.74 1.84 -24.80
CA UNK H 87 -22.63 3.31 -24.87
C UNK H 87 -24.04 3.90 -24.92
N UNK H 88 -24.16 4.90 -25.76
CA UNK H 88 -25.24 5.75 -26.10
C UNK H 88 -26.09 5.22 -27.28
N UNK H 89 -25.97 3.91 -27.63
CA UNK H 89 -26.84 3.50 -28.79
C UNK H 89 -28.34 3.66 -28.52
N UNK H 90 -28.87 3.23 -27.33
CA UNK H 90 -30.28 3.48 -27.10
C UNK H 90 -30.58 4.96 -26.80
N UNK H 91 -29.73 5.60 -26.01
CA UNK H 91 -29.98 7.00 -25.58
C UNK H 91 -30.15 7.91 -26.75
N UNK H 92 -29.18 7.92 -27.65
CA UNK H 92 -29.30 8.78 -28.84
C UNK H 92 -30.53 8.44 -29.65
N UNK H 93 -30.99 7.20 -29.69
CA UNK H 93 -32.17 6.92 -30.53
C UNK H 93 -33.43 7.42 -29.85
N UNK H 94 -33.47 7.18 -28.52
CA UNK H 94 -34.59 7.63 -27.73
C UNK H 94 -34.75 9.18 -27.66
N UNK H 95 -33.67 9.91 -27.74
CA UNK H 95 -33.70 11.37 -27.82
C UNK H 95 -34.33 11.84 -29.12
N UNK H 96 -33.86 11.18 -30.22
CA UNK H 96 -34.42 11.52 -31.51
C UNK H 96 -35.90 11.18 -31.66
N UNK H 97 -36.48 10.18 -31.01
CA UNK H 97 -37.89 9.80 -31.08
C UNK H 97 -38.76 10.63 -30.13
N UNK H 98 -38.22 11.04 -28.99
CA UNK H 98 -39.03 11.91 -28.09
C UNK H 98 -39.26 13.29 -28.71
N UNK H 99 -38.24 13.80 -29.39
CA UNK H 99 -38.33 15.06 -30.14
C UNK H 99 -39.37 14.94 -31.27
N UNK H 100 -39.55 13.77 -31.95
CA UNK H 100 -40.64 13.70 -32.93
C UNK H 100 -41.96 13.50 -32.23
N UNK H 101 -42.06 12.70 -31.17
CA UNK H 101 -43.34 12.46 -30.50
C UNK H 101 -44.01 13.79 -30.03
N UNK H 102 -43.18 14.63 -29.48
CA UNK H 102 -43.63 15.88 -28.84
C UNK H 102 -44.02 16.86 -29.92
N UNK H 103 -43.36 16.83 -31.08
CA UNK H 103 -43.85 17.55 -32.26
C UNK H 103 -45.27 17.11 -32.56
N UNK H 104 -45.64 15.81 -32.48
CA UNK H 104 -47.00 15.41 -32.84
C UNK H 104 -48.02 15.80 -31.74
N UNK H 105 -47.63 15.41 -30.50
CA UNK H 105 -48.57 15.62 -29.38
C UNK H 105 -48.76 17.10 -29.12
N UNK H 106 -47.82 18.02 -29.41
CA UNK H 106 -48.07 19.45 -29.31
C UNK H 106 -49.28 19.95 -30.08
N UNK H 107 -49.52 19.22 -31.18
CA UNK H 107 -50.62 19.32 -32.10
C UNK H 107 -51.83 18.43 -31.91
N UNK H 108 -52.07 17.75 -30.78
CA UNK H 108 -53.23 16.91 -30.68
C UNK H 108 -53.06 15.54 -31.34
N UNK H 109 -51.91 15.15 -31.88
CA UNK H 109 -51.73 13.82 -32.54
C UNK H 109 -51.18 12.81 -31.54
N UNK H 110 -51.96 11.78 -31.19
CA UNK H 110 -51.58 10.77 -30.22
C UNK H 110 -50.58 9.79 -30.85
N UNK H 111 -49.67 9.24 -30.03
CA UNK H 111 -48.63 8.30 -30.50
C UNK H 111 -48.71 7.00 -29.72
N UNK H 112 -48.77 5.90 -30.45
CA UNK H 112 -48.71 4.55 -29.92
C UNK H 112 -47.32 3.97 -30.15
N UNK H 113 -46.79 3.13 -29.26
CA UNK H 113 -45.45 2.65 -29.40
C UNK H 113 -45.53 1.12 -29.36
N UNK H 114 -44.78 0.51 -30.26
CA UNK H 114 -44.75 -0.99 -30.14
C UNK H 114 -43.25 -1.20 -29.83
N UNK H 115 -42.92 -1.70 -28.65
CA UNK H 115 -41.54 -1.69 -28.20
C UNK H 115 -40.77 -2.98 -28.47
N UNK H 116 -39.58 -2.90 -29.03
CA UNK H 116 -38.79 -4.15 -29.23
C UNK H 116 -37.56 -4.03 -28.34
N UNK H 117 -37.29 -4.86 -27.35
CA UNK H 117 -36.08 -4.75 -26.56
C UNK H 117 -36.43 -4.20 -25.13
N UNK H 118 -35.76 -4.92 -24.24
CA UNK H 118 -35.88 -4.73 -22.81
C UNK H 118 -35.41 -3.34 -22.47
N UNK H 119 -34.35 -2.69 -22.90
CA UNK H 119 -34.03 -1.33 -22.55
C UNK H 119 -35.14 -0.31 -22.76
N UNK H 120 -35.72 -0.33 -23.94
CA UNK H 120 -36.78 0.48 -24.47
C UNK H 120 -38.01 0.39 -23.58
N UNK H 121 -38.36 -0.84 -23.21
CA UNK H 121 -39.50 -1.11 -22.37
C UNK H 121 -39.34 -0.49 -20.97
N UNK H 122 -38.15 -0.62 -20.43
CA UNK H 122 -37.82 -0.08 -19.12
C UNK H 122 -37.58 1.41 -19.21
N UNK H 123 -37.42 1.98 -20.41
CA UNK H 123 -37.33 3.46 -20.44
C UNK H 123 -38.72 4.09 -20.58
N UNK H 124 -39.53 3.55 -21.49
CA UNK H 124 -40.86 4.09 -21.65
C UNK H 124 -41.75 3.85 -20.47
N UNK H 125 -41.60 2.73 -19.79
CA UNK H 125 -42.38 2.52 -18.60
C UNK H 125 -42.09 3.72 -17.64
N UNK H 126 -40.83 4.10 -17.49
CA UNK H 126 -40.41 5.12 -16.53
C UNK H 126 -40.95 6.52 -16.90
N UNK H 127 -40.79 6.90 -18.17
CA UNK H 127 -41.14 8.25 -18.60
C UNK H 127 -42.57 8.35 -19.09
N UNK H 128 -43.33 7.27 -19.17
CA UNK H 128 -44.69 7.40 -19.70
C UNK H 128 -44.64 7.11 -21.22
N UNK H 129 -45.81 7.06 -21.87
CA UNK H 129 -45.65 6.67 -23.33
C UNK H 129 -46.64 5.52 -23.44
N UNK H 130 -47.40 5.49 -24.49
CA UNK H 130 -48.42 4.45 -24.64
C UNK H 130 -47.77 3.28 -25.43
N UNK H 131 -47.31 2.30 -24.66
CA UNK H 131 -46.72 1.09 -25.18
C UNK H 131 -47.88 0.11 -25.31
N UNK H 132 -48.32 -0.10 -26.53
CA UNK H 132 -49.45 -1.02 -26.72
C UNK H 132 -49.06 -2.47 -26.98
N UNK H 133 -47.76 -2.73 -27.20
CA UNK H 133 -47.32 -4.10 -27.44
C UNK H 133 -45.80 -4.11 -27.38
N UNK H 134 -45.16 -5.24 -27.03
CA UNK H 134 -43.76 -5.34 -26.95
C UNK H 134 -43.24 -6.77 -27.22
N UNK H 135 -41.93 -6.85 -27.56
CA UNK H 135 -41.31 -8.19 -27.52
C UNK H 135 -39.91 -7.85 -26.93
N UNK H 136 -39.40 -8.65 -26.02
CA UNK H 136 -38.06 -8.41 -25.50
C UNK H 136 -37.34 -9.78 -25.44
N UNK H 137 -36.07 -9.75 -25.05
CA UNK H 137 -35.28 -10.93 -24.84
C UNK H 137 -34.87 -11.80 -26.07
N UNK H 138 -34.87 -11.11 -27.21
CA UNK H 138 -34.48 -11.85 -28.45
C UNK H 138 -32.97 -11.74 -28.62
N UNK H 139 -32.29 -10.74 -28.05
CA UNK H 139 -30.83 -10.81 -27.97
C UNK H 139 -30.13 -11.05 -29.30
N UNK H 140 -29.14 -11.95 -29.31
CA UNK H 140 -28.40 -12.19 -30.55
C UNK H 140 -29.22 -12.98 -31.55
N UNK H 141 -30.36 -13.57 -31.28
CA UNK H 141 -31.15 -14.37 -32.22
C UNK H 141 -32.57 -13.91 -32.49
N UNK H 142 -32.76 -12.73 -33.06
CA UNK H 142 -34.07 -12.11 -33.27
C UNK H 142 -34.63 -12.98 -34.43
N UNK H 143 -35.94 -12.91 -34.64
CA UNK H 143 -36.60 -13.73 -35.62
C UNK H 143 -37.83 -13.00 -36.12
N UNK H 144 -38.21 -13.26 -37.36
CA UNK H 144 -39.44 -12.69 -37.89
C UNK H 144 -40.58 -13.17 -37.00
N UNK H 145 -40.64 -14.43 -36.56
CA UNK H 145 -41.81 -14.96 -35.92
C UNK H 145 -42.11 -14.22 -34.58
N UNK H 146 -41.13 -13.74 -33.87
CA UNK H 146 -41.38 -12.96 -32.64
C UNK H 146 -41.83 -11.54 -32.89
N UNK H 147 -41.65 -11.02 -34.11
CA UNK H 147 -42.13 -9.73 -34.59
C UNK H 147 -43.53 -9.73 -35.21
N UNK H 148 -44.10 -10.87 -35.60
CA UNK H 148 -45.43 -10.92 -36.23
C UNK H 148 -46.45 -10.20 -35.37
N UNK H 149 -46.58 -10.58 -34.11
CA UNK H 149 -47.46 -10.05 -33.11
C UNK H 149 -47.43 -8.55 -32.90
N UNK H 150 -46.30 -8.03 -32.44
CA UNK H 150 -46.05 -6.63 -32.32
C UNK H 150 -46.46 -5.92 -33.60
N UNK H 151 -45.94 -6.40 -34.74
CA UNK H 151 -46.23 -5.73 -35.99
C UNK H 151 -47.74 -5.75 -36.27
N UNK H 152 -48.38 -6.89 -36.12
CA UNK H 152 -49.77 -7.09 -36.31
C UNK H 152 -50.61 -6.20 -35.40
N UNK H 153 -50.17 -5.82 -34.21
CA UNK H 153 -50.93 -4.80 -33.46
C UNK H 153 -50.98 -3.46 -34.20
N UNK H 154 -49.86 -3.05 -34.76
CA UNK H 154 -49.79 -1.75 -35.39
C UNK H 154 -50.48 -1.75 -36.73
N UNK H 155 -50.54 -2.86 -37.44
CA UNK H 155 -51.11 -2.85 -38.81
C UNK H 155 -52.63 -2.93 -38.76
N UNK H 156 -53.17 -3.63 -37.81
CA UNK H 156 -54.58 -3.72 -37.54
C UNK H 156 -55.12 -2.35 -37.06
N UNK H 157 -54.35 -1.59 -36.36
CA UNK H 157 -54.68 -0.23 -35.96
C UNK H 157 -54.69 0.68 -37.17
N UNK H 158 -53.78 0.52 -38.11
CA UNK H 158 -53.80 1.32 -39.34
C UNK H 158 -55.04 0.88 -40.13
N UNK H 159 -55.37 -0.42 -40.18
CA UNK H 159 -56.49 -0.90 -40.94
C UNK H 159 -57.79 -0.31 -40.35
N UNK H 160 -57.89 -0.26 -39.03
CA UNK H 160 -59.05 0.28 -38.37
C UNK H 160 -59.14 1.78 -38.37
N UNK H 161 -58.25 2.59 -38.87
CA UNK H 161 -58.33 4.05 -38.79
C UNK H 161 -57.83 4.64 -37.45
N UNK H 162 -57.25 3.77 -36.61
CA UNK H 162 -56.59 4.08 -35.38
C UNK H 162 -55.15 4.52 -35.46
N UNK H 163 -54.43 4.37 -36.60
CA UNK H 163 -53.12 4.94 -36.76
C UNK H 163 -53.07 5.60 -38.15
N UNK H 164 -52.38 6.75 -38.24
CA UNK H 164 -52.38 7.19 -39.62
C UNK H 164 -50.99 7.22 -40.22
N UNK H 165 -49.99 6.84 -39.50
CA UNK H 165 -48.62 6.76 -39.95
C UNK H 165 -48.08 5.64 -39.02
N UNK H 166 -47.11 4.95 -39.57
CA UNK H 166 -46.42 3.89 -38.91
C UNK H 166 -44.96 4.06 -39.29
N UNK H 167 -44.14 4.22 -38.21
CA UNK H 167 -42.72 4.44 -38.44
C UNK H 167 -41.93 3.32 -37.79
N UNK H 168 -40.67 3.26 -38.25
CA UNK H 168 -39.73 2.32 -37.68
C UNK H 168 -38.62 3.20 -37.08
N UNK H 169 -38.31 2.93 -35.78
CA UNK H 169 -37.23 3.63 -35.10
C UNK H 169 -36.06 2.73 -34.74
N UNK H 170 -34.88 2.81 -35.36
CA UNK H 170 -33.79 1.88 -35.14
C UNK H 170 -32.41 2.43 -35.46
N UNK H 171 -31.30 1.78 -35.09
CA UNK H 171 -30.01 2.27 -35.55
C UNK H 171 -29.61 1.58 -36.88
N UNK H 172 -29.31 2.41 -37.83
CA UNK H 172 -28.73 2.01 -39.13
C UNK H 172 -27.23 1.81 -38.96
N UNK H 173 -26.80 0.61 -39.40
CA UNK H 173 -25.46 0.10 -39.23
C UNK H 173 -24.49 0.65 -40.27
N UNK H 174 -23.35 1.28 -39.93
CA UNK H 174 -22.45 1.68 -41.02
C UNK H 174 -21.14 0.91 -41.02
N UNK H 175 -20.51 0.78 -39.88
CA UNK H 175 -19.21 0.13 -39.74
C UNK H 175 -18.92 -0.06 -38.26
N UNK H 176 -17.86 -0.70 -37.84
CA UNK H 176 -17.58 -0.91 -36.44
C UNK H 176 -17.53 0.36 -35.60
N UNK H 177 -17.39 1.58 -36.09
CA UNK H 177 -17.32 2.74 -35.21
C UNK H 177 -18.42 3.77 -35.46
N UNK H 178 -19.38 3.51 -36.35
CA UNK H 178 -20.43 4.42 -36.76
C UNK H 178 -21.82 3.80 -37.00
N UNK H 179 -22.80 4.13 -36.16
CA UNK H 179 -24.19 3.66 -36.25
C UNK H 179 -25.14 4.86 -36.32
N UNK H 180 -26.18 4.92 -37.14
CA UNK H 180 -26.98 6.16 -37.15
C UNK H 180 -28.39 5.92 -36.64
N UNK H 181 -28.85 6.70 -35.66
CA UNK H 181 -30.22 6.65 -35.17
C UNK H 181 -31.21 7.09 -36.22
N UNK H 182 -32.21 6.33 -36.64
CA UNK H 182 -33.09 6.64 -37.77
C UNK H 182 -34.54 6.30 -37.60
N UNK H 183 -35.36 7.23 -38.08
CA UNK H 183 -36.80 7.08 -38.00
C UNK H 183 -37.33 7.02 -39.44
N UNK H 184 -37.86 5.88 -39.88
CA UNK H 184 -38.31 5.92 -41.31
C UNK H 184 -39.82 5.71 -41.36
N UNK H 185 -40.49 6.19 -42.38
CA UNK H 185 -41.92 5.88 -42.51
C UNK H 185 -42.18 4.53 -43.20
N UNK H 186 -43.00 3.69 -42.57
CA UNK H 186 -43.26 2.40 -43.22
C UNK H 186 -44.63 2.52 -43.88
N UNK H 187 -45.55 3.19 -43.11
CA UNK H 187 -46.84 3.44 -43.65
C UNK H 187 -47.51 4.82 -43.49
N UNK H 188 -47.73 5.45 -44.62
CA UNK H 188 -48.23 4.80 -45.83
C UNK H 188 -46.91 4.59 -46.63
N UNK H 189 -46.85 3.57 -47.46
CA UNK H 189 -45.65 3.22 -48.23
C UNK H 189 -45.01 4.43 -48.90
N UNK H 190 -43.72 4.61 -48.67
CA UNK H 190 -42.98 5.73 -49.17
C UNK H 190 -42.86 6.04 -50.63
N UNK H 191 -42.01 5.35 -51.38
CA UNK H 191 -41.55 5.91 -52.65
C UNK H 191 -42.34 5.62 -53.91
N UNK H 198 -40.37 0.54 -64.25
CA UNK H 198 -40.84 0.94 -65.56
C UNK H 198 -41.40 -0.23 -66.38
N UNK H 199 -42.71 -0.35 -66.40
CA UNK H 199 -43.42 -1.32 -67.22
C UNK H 199 -43.23 -2.79 -66.90
N UNK H 200 -43.14 -3.57 -67.93
CA UNK H 200 -42.97 -4.95 -68.19
C UNK H 200 -43.50 -5.29 -69.59
N UNK H 201 -44.74 -5.00 -69.91
CA UNK H 201 -45.45 -5.35 -71.12
C UNK H 201 -46.44 -6.48 -70.78
N UNK H 202 -45.92 -7.42 -70.04
CA UNK H 202 -46.55 -8.62 -69.47
C UNK H 202 -47.21 -8.38 -68.11
N UNK H 203 -48.25 -9.17 -67.79
CA UNK H 203 -48.79 -9.00 -66.42
C UNK H 203 -48.99 -10.40 -65.85
N UNK H 204 -48.88 -10.52 -64.52
CA UNK H 204 -49.18 -11.77 -63.87
C UNK H 204 -50.58 -12.31 -64.17
N UNK H 205 -50.70 -13.64 -64.15
CA UNK H 205 -51.93 -14.30 -63.79
C UNK H 205 -52.01 -14.23 -62.26
N UNK H 206 -53.04 -13.66 -61.69
CA UNK H 206 -53.27 -13.47 -60.31
C UNK H 206 -54.14 -14.60 -59.73
N UNK H 207 -53.63 -15.32 -58.74
CA UNK H 207 -54.47 -16.41 -58.19
C UNK H 207 -54.85 -16.28 -56.74
N UNK H 208 -55.78 -15.45 -56.29
CA UNK H 208 -57.18 -15.46 -56.56
C UNK H 208 -57.45 -14.20 -57.43
N UNK H 209 -56.91 -13.09 -56.98
CA UNK H 209 -56.96 -11.81 -57.64
C UNK H 209 -55.83 -10.97 -57.08
N UNK H 210 -55.54 -9.88 -57.77
CA UNK H 210 -54.44 -9.02 -57.39
C UNK H 210 -54.68 -8.21 -56.12
N UNK H 211 -55.92 -7.94 -55.74
CA UNK H 211 -56.22 -7.17 -54.54
C UNK H 211 -55.90 -7.95 -53.26
N UNK H 212 -56.42 -9.19 -53.15
CA UNK H 212 -55.97 -10.01 -52.01
C UNK H 212 -54.43 -10.14 -51.93
N UNK H 213 -53.82 -10.50 -53.07
CA UNK H 213 -52.36 -10.67 -53.11
C UNK H 213 -51.64 -9.40 -52.70
N UNK H 214 -52.00 -8.22 -53.23
CA UNK H 214 -51.26 -7.04 -52.86
C UNK H 214 -51.41 -6.68 -51.37
N UNK H 215 -52.55 -6.92 -50.76
CA UNK H 215 -52.79 -6.78 -49.35
C UNK H 215 -51.75 -7.61 -48.55
N UNK H 216 -51.62 -8.88 -48.94
CA UNK H 216 -50.63 -9.68 -48.22
C UNK H 216 -49.19 -9.32 -48.54
N UNK H 217 -48.77 -8.77 -49.67
CA UNK H 217 -47.33 -8.50 -49.81
C UNK H 217 -46.89 -7.30 -49.00
N UNK H 218 -47.71 -6.23 -48.98
CA UNK H 218 -47.34 -5.05 -48.18
C UNK H 218 -47.34 -5.32 -46.68
N UNK H 219 -48.15 -6.25 -46.23
CA UNK H 219 -48.02 -6.87 -44.87
C UNK H 219 -46.67 -7.59 -44.69
N UNK H 220 -46.30 -8.53 -45.52
CA UNK H 220 -45.02 -9.18 -45.63
C UNK H 220 -43.84 -8.23 -45.80
N UNK H 221 -44.07 -7.25 -46.65
CA UNK H 221 -42.95 -6.28 -46.81
C UNK H 221 -42.75 -5.41 -45.58
N UNK H 222 -43.86 -5.01 -44.95
CA UNK H 222 -43.69 -4.16 -43.75
C UNK H 222 -42.95 -4.95 -42.66
N UNK H 223 -43.38 -6.18 -42.39
CA UNK H 223 -42.78 -7.08 -41.45
C UNK H 223 -41.29 -7.37 -41.73
N UNK H 224 -40.99 -7.50 -43.04
CA UNK H 224 -39.59 -7.72 -43.40
C UNK H 224 -38.71 -6.54 -43.00
N UNK H 225 -39.21 -5.35 -43.20
CA UNK H 225 -38.54 -4.10 -42.93
C UNK H 225 -38.41 -3.86 -41.41
N UNK H 226 -39.35 -4.38 -40.67
CA UNK H 226 -39.17 -4.31 -39.20
C UNK H 226 -38.07 -5.30 -38.83
N UNK H 227 -38.06 -6.52 -39.38
CA UNK H 227 -36.98 -7.48 -39.14
C UNK H 227 -35.63 -6.97 -39.53
N UNK H 228 -35.58 -6.24 -40.69
CA UNK H 228 -34.27 -5.75 -41.10
C UNK H 228 -33.80 -4.67 -40.12
N UNK H 229 -34.71 -3.89 -39.54
CA UNK H 229 -34.33 -2.88 -38.56
C UNK H 229 -33.79 -3.36 -37.23
N UNK H 230 -34.29 -4.50 -36.78
CA UNK H 230 -33.81 -5.31 -35.67
C UNK H 230 -32.41 -5.86 -35.75
N UNK H 231 -32.21 -6.60 -36.89
CA UNK H 231 -30.94 -7.22 -37.23
C UNK H 231 -29.90 -6.11 -37.39
N UNK H 232 -30.26 -4.99 -38.02
CA UNK H 232 -29.35 -3.89 -38.13
C UNK H 232 -28.95 -3.25 -36.78
N UNK H 233 -29.98 -2.97 -35.99
CA UNK H 233 -29.84 -2.52 -34.62
C UNK H 233 -28.89 -3.39 -33.86
N UNK H 234 -29.06 -4.71 -33.98
CA UNK H 234 -28.33 -5.73 -33.33
C UNK H 234 -26.86 -5.70 -33.80
N UNK H 235 -26.65 -5.51 -35.13
CA UNK H 235 -25.24 -5.38 -35.56
C UNK H 235 -24.65 -4.10 -34.90
N UNK H 236 -25.45 -3.04 -34.85
CA UNK H 236 -25.09 -1.81 -34.11
C UNK H 236 -24.77 -2.05 -32.63
N UNK H 237 -25.57 -2.80 -31.93
CA UNK H 237 -25.42 -3.21 -30.57
C UNK H 237 -24.12 -3.98 -30.34
N UNK H 238 -23.75 -5.01 -31.08
CA UNK H 238 -22.51 -5.75 -30.95
C UNK H 238 -21.27 -4.91 -31.16
N UNK H 239 -21.25 -4.09 -32.20
CA UNK H 239 -20.16 -3.16 -32.42
C UNK H 239 -20.05 -2.12 -31.27
N UNK H 240 -21.22 -1.55 -30.86
CA UNK H 240 -21.20 -0.57 -29.74
C UNK H 240 -20.70 -1.21 -28.45
N UNK H 241 -20.96 -2.51 -28.23
CA UNK H 241 -20.50 -3.24 -27.07
C UNK H 241 -19.00 -3.52 -27.12
N UNK H 242 -18.57 -3.75 -28.37
CA UNK H 242 -17.12 -4.05 -28.49
C UNK H 242 -16.40 -2.75 -28.17
N UNK H 243 -16.76 -1.64 -28.81
CA UNK H 243 -16.12 -0.36 -28.45
C UNK H 243 -16.15 -0.22 -26.93
N UNK H 244 -17.20 -0.50 -26.16
CA UNK H 244 -17.23 -0.50 -24.70
C UNK H 244 -16.47 -1.59 -23.92
N UNK H 245 -16.42 -2.81 -24.42
CA UNK H 245 -15.49 -3.79 -23.83
C UNK H 245 -14.11 -3.13 -23.96
N UNK H 246 -13.78 -2.57 -25.09
CA UNK H 246 -12.56 -1.83 -25.35
C UNK H 246 -11.42 -2.66 -25.89
N UNK H 247 -13.20 0.32 -25.05
CA UNK H 247 -12.65 1.48 -24.35
C UNK H 247 -12.80 1.37 -22.84
N UNK H 248 -13.75 0.58 -22.34
CA UNK H 248 -13.92 0.45 -20.90
C UNK H 248 -12.68 -0.23 -20.33
N UNK H 249 -12.17 -1.25 -21.02
CA UNK H 249 -10.96 -1.91 -20.46
C UNK H 249 -9.76 -1.04 -20.78
N UNK H 250 -9.99 -0.19 -21.79
CA UNK H 250 -8.84 0.70 -22.13
C UNK H 250 -8.72 1.68 -20.98
N UNK H 251 -9.85 2.05 -20.39
CA UNK H 251 -9.91 2.93 -19.26
C UNK H 251 -9.49 2.25 -17.95
N UNK H 252 -9.93 1.00 -17.80
CA UNK H 252 -9.60 0.24 -16.60
C UNK H 252 -8.10 0.02 -16.56
N UNK H 253 -7.67 -0.29 -17.78
CA UNK H 253 -6.23 -0.50 -17.90
C UNK H 253 -5.49 0.71 -17.37
N UNK H 254 -5.93 1.93 -17.68
CA UNK H 254 -5.18 3.07 -17.15
C UNK H 254 -5.17 3.04 -15.63
N UNK H 255 -6.19 2.43 -15.07
CA UNK H 255 -6.35 2.31 -13.63
C UNK H 255 -5.51 1.19 -13.03
N UNK H 256 -5.48 0.04 -13.68
CA UNK H 256 -4.68 -1.07 -13.16
C UNK H 256 -3.22 -0.62 -13.20
N UNK H 257 -2.90 0.27 -14.14
CA UNK H 257 -1.48 0.70 -14.19
C UNK H 257 -1.31 1.76 -13.15
N UNK H 258 -2.32 2.59 -12.95
CA UNK H 258 -2.28 3.64 -11.94
C UNK H 258 -2.28 3.09 -10.52
N UNK H 259 -3.09 2.08 -10.19
CA UNK H 259 -3.18 1.55 -8.82
C UNK H 259 -1.96 0.75 -8.42
N UNK H 260 -1.40 0.02 -9.40
CA UNK H 260 -0.22 -0.77 -9.07
C UNK H 260 0.90 0.12 -8.56
N UNK H 261 1.00 1.32 -9.12
CA UNK H 261 2.05 2.25 -8.69
C UNK H 261 1.76 2.71 -7.28
N UNK H 262 0.48 2.94 -6.96
CA UNK H 262 0.17 3.35 -5.59
C UNK H 262 0.43 2.21 -4.64
N UNK H 263 0.13 1.01 -5.11
CA UNK H 263 0.37 -0.18 -4.30
C UNK H 263 1.85 -0.30 -3.97
N UNK H 264 2.74 -0.24 -4.96
CA UNK H 264 4.18 -0.37 -4.68
C UNK H 264 4.81 0.80 -3.94
N UNK H 265 4.27 2.01 -4.06
CA UNK H 265 4.82 3.12 -3.28
C UNK H 265 4.50 2.83 -1.80
N UNK H 266 3.28 2.39 -1.54
CA UNK H 266 2.81 2.07 -0.19
C UNK H 266 3.52 0.85 0.36
N UNK H 267 3.60 -0.16 -0.49
CA UNK H 267 4.27 -1.41 -0.05
C UNK H 267 5.65 -1.09 0.52
N UNK H 268 6.39 -0.32 -0.27
CA UNK H 268 7.74 0.10 0.09
C UNK H 268 7.71 0.95 1.33
N UNK H 269 6.90 2.01 1.24
CA UNK H 269 6.75 2.91 2.39
C UNK H 269 6.43 2.14 3.67
N UNK H 270 5.48 1.17 3.62
CA UNK H 270 5.22 0.48 4.86
C UNK H 270 6.48 -0.20 5.38
N UNK H 271 7.27 -0.86 4.54
CA UNK H 271 8.45 -1.53 5.08
C UNK H 271 9.49 -0.60 5.70
N UNK H 272 9.67 0.58 5.08
CA UNK H 272 10.69 1.49 5.61
C UNK H 272 10.23 2.02 6.94
N UNK H 273 9.15 2.82 6.81
CA UNK H 273 8.59 3.38 8.05
C UNK H 273 8.62 2.39 9.21
N UNK H 274 8.25 1.14 8.96
CA UNK H 274 8.27 0.12 9.99
C UNK H 274 9.69 -0.12 10.47
N UNK H 275 10.55 -0.57 9.57
CA UNK H 275 11.96 -0.81 9.93
C UNK H 275 12.54 0.35 10.73
N UNK H 276 12.24 1.59 10.33
CA UNK H 276 12.80 2.73 11.06
C UNK H 276 12.24 2.72 12.46
N UNK H 277 11.02 2.20 12.60
CA UNK H 277 10.46 2.17 13.96
C UNK H 277 11.21 1.13 14.82
N UNK H 278 11.45 -0.02 14.22
CA UNK H 278 12.15 -1.10 14.95
C UNK H 278 13.53 -0.59 15.35
N UNK H 279 14.29 -0.24 14.34
CA UNK H 279 15.65 0.30 14.57
C UNK H 279 15.58 1.38 15.63
N UNK H 280 14.58 2.28 15.52
CA UNK H 280 14.55 3.30 16.57
C UNK H 280 14.40 2.68 17.94
N UNK H 281 13.52 1.71 18.15
CA UNK H 281 13.40 1.15 19.48
C UNK H 281 14.57 0.32 19.95
N UNK H 282 15.20 -0.39 19.02
CA UNK H 282 16.33 -1.25 19.40
C UNK H 282 17.47 -0.38 19.92
N UNK H 283 17.68 0.72 19.20
CA UNK H 283 18.77 1.62 19.51
C UNK H 283 18.64 2.36 20.80
N UNK H 284 17.45 2.40 21.39
CA UNK H 284 17.26 3.14 22.63
C UNK H 284 17.47 2.28 23.86
#